data_9R3O
#
_entry.id   9R3O
#
_cell.length_a   206.883
_cell.length_b   112.002
_cell.length_c   188.129
_cell.angle_alpha   90
_cell.angle_beta   91.9
_cell.angle_gamma   90
#
_symmetry.space_group_name_H-M   'C 1 2 1'
#
loop_
_entity.id
_entity.type
_entity.pdbx_description
1 polymer 'Isoform L-type of Pyruvate kinase PKLR'
2 non-polymer 1,6-di-O-phosphono-beta-D-fructofuranose
3 non-polymer 'OXALATE ION'
4 non-polymer 'MAGNESIUM ION'
5 non-polymer 'POTASSIUM ION'
6 non-polymer 4-[4-[[7-(dimethylamino)-2,1,3-benzoxadiazol-4-yl]sulfonyl]piperazin-1-yl]sulfonylbenzene-1,2-diol
7 water water
#
_entity_poly.entity_id   1
_entity_poly.type   'polypeptide(L)'
_entity_poly.pdbx_seq_one_letter_code
;GSMEGPAGYLRRADVAQLTQELGTAFFQQQQLPAAMADTFLEHLCLLDIDSEPVAARSTSIIATIGPASRSVERLKEMIK
AGMNIARLNFSHGSHEYHAESIANVREAVESFAGSPLSYRPVAIALDTKGPGSGPGLSEQDVRDLRFGVEHGVDIVFASF
VRKASDVAAVRAALGPEGHGIKIISKIENHEGVKRFDEILEVSDGIMVARGDLGIEIPAEKVFLAQKMMIGRCNLAGKPV
VCATQMLESMITKPRPTRAETSDVANAVLDGADCIMLSGETAKGNFPVEAVKMQHAIAREAEAAVYHRQLFEELRRAAPL
SRDPTEVTAIGAVEAAFKCCAAAIIVLTTTGRSAQLLSRYRPRAAVIAVTRSAQAARQVHLCRGVFPLLYREPPEAIWAD
DVDRRVQFGIESGKLRGFLRVGDLVIVVTGWRPGSGYTNIMRVLSIS
;
_entity_poly.pdbx_strand_id   A,B,C,D,E,F,G,H
#
# COMPACT_ATOMS: atom_id res chain seq x y z
N ALA A 25 -7.92 -23.16 24.51
CA ALA A 25 -7.67 -24.47 23.92
C ALA A 25 -8.97 -25.25 23.70
N PHE A 26 -9.93 -25.16 24.64
CA PHE A 26 -11.24 -25.81 24.53
C PHE A 26 -11.95 -25.37 23.27
N PHE A 27 -11.93 -24.05 22.99
CA PHE A 27 -12.60 -23.48 21.83
C PHE A 27 -11.85 -23.65 20.51
N GLN A 28 -10.62 -24.18 20.52
CA GLN A 28 -9.89 -24.43 19.27
C GLN A 28 -10.18 -25.87 18.76
N GLN A 29 -10.47 -26.81 19.68
CA GLN A 29 -10.78 -28.20 19.37
C GLN A 29 -12.23 -28.37 18.85
N GLN A 30 -12.55 -29.59 18.38
CA GLN A 30 -13.83 -30.05 17.86
C GLN A 30 -14.57 -29.05 16.95
N GLN A 31 -13.80 -28.37 16.08
CA GLN A 31 -14.29 -27.38 15.12
C GLN A 31 -15.12 -26.29 15.74
N LEU A 32 -14.81 -25.91 17.00
CA LEU A 32 -15.61 -24.88 17.67
C LEU A 32 -15.53 -23.49 16.99
N PRO A 33 -14.39 -23.04 16.40
CA PRO A 33 -14.44 -21.79 15.62
C PRO A 33 -15.44 -21.90 14.45
N ALA A 34 -15.49 -23.04 13.74
CA ALA A 34 -16.44 -23.24 12.65
C ALA A 34 -17.89 -23.34 13.17
N ALA A 35 -18.06 -23.89 14.39
CA ALA A 35 -19.37 -24.04 15.01
C ALA A 35 -19.98 -22.70 15.42
N MET A 36 -19.13 -21.70 15.73
CA MET A 36 -19.60 -20.37 16.11
C MET A 36 -19.93 -19.46 14.91
N ALA A 37 -19.66 -19.90 13.68
CA ALA A 37 -19.88 -19.06 12.50
C ALA A 37 -21.33 -18.65 12.30
N ASP A 38 -21.54 -17.46 11.73
CA ASP A 38 -22.89 -16.91 11.54
C ASP A 38 -23.59 -17.37 10.27
N THR A 39 -22.84 -17.92 9.31
CA THR A 39 -23.40 -18.50 8.08
C THR A 39 -22.75 -19.87 7.84
N PHE A 40 -23.41 -20.71 7.05
CA PHE A 40 -22.88 -22.00 6.68
C PHE A 40 -21.62 -21.83 5.82
N LEU A 41 -21.57 -20.80 4.96
CA LEU A 41 -20.41 -20.52 4.14
C LEU A 41 -19.19 -20.19 5.01
N GLU A 42 -19.37 -19.36 6.04
CA GLU A 42 -18.30 -19.01 6.97
C GLU A 42 -17.88 -20.22 7.82
N HIS A 43 -18.85 -21.10 8.14
CA HIS A 43 -18.63 -22.35 8.86
C HIS A 43 -17.68 -23.21 8.07
N LEU A 44 -17.92 -23.35 6.75
CA LEU A 44 -17.04 -24.13 5.87
C LEU A 44 -15.64 -23.53 5.85
N CYS A 45 -15.54 -22.21 5.73
CA CYS A 45 -14.28 -21.50 5.67
C CYS A 45 -13.43 -21.69 6.92
N LEU A 46 -14.08 -21.88 8.08
CA LEU A 46 -13.40 -22.05 9.35
C LEU A 46 -13.04 -23.48 9.71
N LEU A 47 -13.39 -24.48 8.88
CA LEU A 47 -13.03 -25.88 9.16
C LEU A 47 -11.50 -26.03 9.18
N ASP A 48 -10.98 -26.69 10.21
CA ASP A 48 -9.56 -26.78 10.41
C ASP A 48 -9.12 -28.22 10.57
N ILE A 49 -8.19 -28.68 9.70
CA ILE A 49 -7.67 -30.04 9.81
C ILE A 49 -6.86 -30.25 11.12
N ASP A 50 -6.39 -29.17 11.77
CA ASP A 50 -5.67 -29.24 13.04
C ASP A 50 -6.58 -29.15 14.27
N SER A 51 -7.89 -28.92 14.09
CA SER A 51 -8.83 -28.88 15.20
C SER A 51 -9.25 -30.31 15.48
N GLU A 52 -8.68 -30.91 16.53
CA GLU A 52 -8.92 -32.33 16.84
C GLU A 52 -10.26 -32.63 17.45
N PRO A 53 -10.90 -33.74 17.01
CA PRO A 53 -12.19 -34.11 17.62
C PRO A 53 -11.97 -34.59 19.06
N VAL A 54 -12.85 -34.18 19.98
CA VAL A 54 -12.73 -34.59 21.37
C VAL A 54 -13.94 -35.42 21.81
N ALA A 55 -15.12 -35.13 21.26
CA ALA A 55 -16.33 -35.88 21.61
C ALA A 55 -16.28 -37.33 21.14
N ALA A 56 -17.02 -38.19 21.82
CA ALA A 56 -17.10 -39.59 21.46
C ALA A 56 -17.86 -39.71 20.14
N ARG A 57 -17.53 -40.73 19.33
CA ARG A 57 -18.17 -40.99 18.06
C ARG A 57 -19.64 -41.36 18.27
N SER A 58 -20.55 -40.55 17.69
CA SER A 58 -22.01 -40.62 17.80
C SER A 58 -22.72 -41.51 16.79
N THR A 59 -22.19 -41.60 15.56
CA THR A 59 -22.84 -42.36 14.51
C THR A 59 -22.45 -43.81 14.66
N SER A 60 -23.42 -44.71 14.85
CA SER A 60 -23.11 -46.12 15.04
C SER A 60 -22.62 -46.81 13.80
N ILE A 61 -21.75 -47.80 13.98
CA ILE A 61 -21.20 -48.59 12.89
C ILE A 61 -21.86 -49.96 12.89
N ILE A 62 -22.47 -50.32 11.77
CA ILE A 62 -23.06 -51.64 11.61
C ILE A 62 -22.07 -52.44 10.76
N ALA A 63 -21.60 -53.60 11.27
CA ALA A 63 -20.65 -54.41 10.52
C ALA A 63 -21.32 -55.72 10.18
N THR A 64 -21.22 -56.13 8.91
CA THR A 64 -21.81 -57.39 8.48
C THR A 64 -20.88 -58.52 8.85
N ILE A 65 -21.41 -59.54 9.53
CA ILE A 65 -20.64 -60.69 9.97
C ILE A 65 -20.61 -61.75 8.86
N GLY A 66 -19.41 -62.24 8.57
CA GLY A 66 -19.19 -63.29 7.58
C GLY A 66 -17.88 -64.03 7.84
N PRO A 67 -17.38 -64.77 6.83
CA PRO A 67 -16.12 -65.53 7.04
C PRO A 67 -14.92 -64.74 7.55
N ALA A 68 -14.80 -63.46 7.15
CA ALA A 68 -13.69 -62.62 7.59
C ALA A 68 -13.85 -62.03 8.99
N SER A 69 -15.06 -62.14 9.58
CA SER A 69 -15.31 -61.52 10.87
C SER A 69 -16.13 -62.41 11.82
N ARG A 70 -16.05 -63.74 11.65
CA ARG A 70 -16.86 -64.64 12.48
C ARG A 70 -16.18 -65.16 13.77
N SER A 71 -14.84 -65.21 13.81
CA SER A 71 -14.14 -65.73 15.00
C SER A 71 -14.26 -64.83 16.22
N VAL A 72 -14.43 -65.41 17.42
CA VAL A 72 -14.57 -64.68 18.68
C VAL A 72 -13.42 -63.67 18.87
N GLU A 73 -12.20 -64.05 18.50
CA GLU A 73 -11.03 -63.18 18.63
C GLU A 73 -11.13 -61.99 17.67
N ARG A 74 -11.58 -62.24 16.41
CA ARG A 74 -11.77 -61.22 15.37
C ARG A 74 -12.87 -60.23 15.83
N LEU A 75 -13.98 -60.78 16.34
CA LEU A 75 -15.12 -60.02 16.86
C LEU A 75 -14.75 -59.14 18.05
N LYS A 76 -13.84 -59.58 18.92
CA LYS A 76 -13.36 -58.75 20.03
C LYS A 76 -12.61 -57.54 19.50
N GLU A 77 -11.78 -57.75 18.46
CA GLU A 77 -11.05 -56.65 17.84
C GLU A 77 -11.99 -55.67 17.18
N MET A 78 -13.09 -56.15 16.57
CA MET A 78 -14.08 -55.30 15.91
CA MET A 78 -14.08 -55.30 15.91
C MET A 78 -14.90 -54.50 16.92
N ILE A 79 -15.15 -55.06 18.10
CA ILE A 79 -15.87 -54.34 19.15
C ILE A 79 -14.96 -53.20 19.64
N LYS A 80 -13.66 -53.49 19.84
CA LYS A 80 -12.69 -52.48 20.28
C LYS A 80 -12.50 -51.38 19.22
N ALA A 81 -12.55 -51.76 17.93
CA ALA A 81 -12.44 -50.82 16.82
C ALA A 81 -13.69 -49.90 16.69
N GLY A 82 -14.84 -50.33 17.21
CA GLY A 82 -16.05 -49.50 17.19
C GLY A 82 -17.34 -50.10 16.69
N MET A 83 -17.41 -51.40 16.39
CA MET A 83 -18.65 -52.01 15.91
C MET A 83 -19.73 -51.93 17.00
N ASN A 84 -20.91 -51.43 16.64
CA ASN A 84 -22.03 -51.28 17.59
C ASN A 84 -23.16 -52.23 17.29
N ILE A 85 -23.33 -52.60 15.99
CA ILE A 85 -24.38 -53.49 15.55
C ILE A 85 -23.78 -54.54 14.63
N ALA A 86 -24.10 -55.81 14.88
CA ALA A 86 -23.62 -56.91 14.06
C ALA A 86 -24.75 -57.30 13.10
N ARG A 87 -24.52 -57.22 11.80
CA ARG A 87 -25.51 -57.58 10.79
C ARG A 87 -25.34 -59.01 10.29
N LEU A 88 -26.41 -59.82 10.30
CA LEU A 88 -26.38 -61.19 9.76
C LEU A 88 -27.14 -61.18 8.45
N ASN A 89 -26.44 -61.34 7.34
CA ASN A 89 -27.07 -61.32 6.04
C ASN A 89 -27.66 -62.69 5.73
N PHE A 90 -29.00 -62.79 5.86
CA PHE A 90 -29.69 -64.06 5.61
C PHE A 90 -29.84 -64.41 4.13
N SER A 91 -29.21 -63.65 3.23
CA SER A 91 -29.16 -63.99 1.83
C SER A 91 -28.14 -65.15 1.60
N HIS A 92 -27.18 -65.33 2.54
CA HIS A 92 -26.13 -66.34 2.48
C HIS A 92 -26.06 -67.08 3.82
N GLY A 93 -25.71 -68.35 3.77
CA GLY A 93 -25.57 -69.16 4.98
C GLY A 93 -26.85 -69.80 5.49
N SER A 94 -26.69 -70.86 6.28
CA SER A 94 -27.82 -71.58 6.86
C SER A 94 -28.16 -71.03 8.26
N HIS A 95 -29.27 -71.51 8.86
CA HIS A 95 -29.64 -71.12 10.21
C HIS A 95 -28.56 -71.55 11.22
N GLU A 96 -27.94 -72.71 10.99
CA GLU A 96 -26.87 -73.19 11.85
C GLU A 96 -25.66 -72.26 11.79
N TYR A 97 -25.35 -71.75 10.58
CA TYR A 97 -24.24 -70.82 10.38
C TYR A 97 -24.51 -69.51 11.14
N HIS A 98 -25.73 -68.97 11.02
CA HIS A 98 -26.10 -67.72 11.68
C HIS A 98 -26.20 -67.86 13.18
N ALA A 99 -26.68 -69.01 13.69
CA ALA A 99 -26.73 -69.24 15.14
C ALA A 99 -25.32 -69.26 15.73
N GLU A 100 -24.35 -69.80 14.99
CA GLU A 100 -22.97 -69.82 15.42
C GLU A 100 -22.37 -68.40 15.43
N SER A 101 -22.74 -67.59 14.42
CA SER A 101 -22.31 -66.19 14.32
C SER A 101 -22.83 -65.42 15.54
N ILE A 102 -24.14 -65.57 15.86
CA ILE A 102 -24.79 -64.94 17.01
C ILE A 102 -24.07 -65.31 18.30
N ALA A 103 -23.77 -66.61 18.48
CA ALA A 103 -23.11 -67.09 19.68
C ALA A 103 -21.71 -66.52 19.82
N ASN A 104 -21.00 -66.36 18.69
CA ASN A 104 -19.64 -65.81 18.71
C ASN A 104 -19.67 -64.33 19.02
N VAL A 105 -20.69 -63.59 18.51
CA VAL A 105 -20.85 -62.17 18.80
C VAL A 105 -21.08 -62.01 20.30
N ARG A 106 -22.07 -62.74 20.85
CA ARG A 106 -22.39 -62.70 22.28
C ARG A 106 -21.22 -63.08 23.17
N GLU A 107 -20.41 -64.06 22.75
CA GLU A 107 -19.24 -64.46 23.52
C GLU A 107 -18.20 -63.33 23.54
N ALA A 108 -17.94 -62.72 22.37
CA ALA A 108 -17.00 -61.60 22.28
C ALA A 108 -17.51 -60.39 23.10
N VAL A 109 -18.81 -60.10 23.05
CA VAL A 109 -19.39 -58.99 23.80
C VAL A 109 -19.28 -59.21 25.32
N GLU A 110 -19.64 -60.44 25.77
CA GLU A 110 -19.59 -60.73 27.19
C GLU A 110 -18.19 -60.90 27.76
N SER A 111 -17.17 -61.05 26.91
CA SER A 111 -15.78 -61.12 27.39
C SER A 111 -15.33 -59.80 28.07
N PHE A 112 -16.06 -58.69 27.87
CA PHE A 112 -15.75 -57.38 28.46
C PHE A 112 -16.65 -57.00 29.64
N ALA A 113 -17.61 -57.90 30.02
CA ALA A 113 -18.55 -57.69 31.13
C ALA A 113 -17.89 -57.62 32.52
N GLY A 114 -16.59 -57.90 32.60
CA GLY A 114 -15.82 -57.80 33.83
C GLY A 114 -15.60 -56.37 34.30
N SER A 115 -15.71 -55.39 33.38
CA SER A 115 -15.56 -53.97 33.71
C SER A 115 -16.90 -53.28 33.36
N PRO A 116 -17.89 -53.31 34.28
CA PRO A 116 -19.22 -52.77 33.94
C PRO A 116 -19.31 -51.30 33.55
N LEU A 117 -18.38 -50.48 34.07
CA LEU A 117 -18.38 -49.06 33.72
C LEU A 117 -17.89 -48.81 32.29
N SER A 118 -17.23 -49.80 31.62
CA SER A 118 -16.78 -49.62 30.24
C SER A 118 -17.35 -50.65 29.24
N TYR A 119 -18.22 -51.58 29.71
CA TYR A 119 -18.87 -52.62 28.88
C TYR A 119 -19.66 -51.97 27.75
N ARG A 120 -19.48 -52.49 26.53
CA ARG A 120 -20.20 -51.97 25.38
C ARG A 120 -21.21 -52.95 24.82
N PRO A 121 -22.53 -52.66 24.94
CA PRO A 121 -23.53 -53.55 24.34
C PRO A 121 -23.42 -53.56 22.80
N VAL A 122 -23.71 -54.68 22.14
CA VAL A 122 -23.67 -54.75 20.68
C VAL A 122 -24.98 -55.35 20.21
N ALA A 123 -25.73 -54.64 19.38
CA ALA A 123 -27.01 -55.15 18.87
C ALA A 123 -26.80 -56.22 17.80
N ILE A 124 -27.79 -57.08 17.61
CA ILE A 124 -27.74 -58.10 16.57
C ILE A 124 -28.89 -57.86 15.64
N ALA A 125 -28.58 -57.60 14.36
CA ALA A 125 -29.58 -57.32 13.35
C ALA A 125 -29.65 -58.43 12.33
N LEU A 126 -30.86 -58.83 11.95
CA LEU A 126 -31.05 -59.87 10.95
C LEU A 126 -31.48 -59.18 9.65
N ASP A 127 -30.68 -59.30 8.59
CA ASP A 127 -31.03 -58.72 7.30
C ASP A 127 -31.69 -59.82 6.47
N THR A 128 -32.98 -59.65 6.12
CA THR A 128 -33.72 -60.68 5.40
C THR A 128 -33.28 -60.85 3.94
N LYS A 129 -33.56 -62.04 3.38
CA LYS A 129 -33.23 -62.37 1.99
C LYS A 129 -34.07 -61.53 1.03
N GLY A 130 -35.35 -61.38 1.32
CA GLY A 130 -36.23 -60.57 0.50
C GLY A 130 -37.30 -61.34 -0.24
N PRO A 131 -38.24 -60.61 -0.85
CA PRO A 131 -39.35 -61.28 -1.55
C PRO A 131 -39.00 -61.86 -2.92
N GLY A 132 -37.95 -61.34 -3.54
CA GLY A 132 -37.57 -61.75 -4.88
C GLY A 132 -38.65 -61.36 -5.88
N SER A 133 -39.14 -62.34 -6.66
CA SER A 133 -40.22 -62.10 -7.61
C SER A 133 -41.63 -62.07 -6.96
N GLY A 134 -41.73 -62.54 -5.71
CA GLY A 134 -42.97 -62.66 -4.95
C GLY A 134 -43.69 -61.38 -4.55
N PRO A 135 -45.03 -61.47 -4.41
CA PRO A 135 -45.82 -60.28 -4.03
C PRO A 135 -45.64 -59.81 -2.59
N GLY A 136 -45.59 -60.74 -1.64
CA GLY A 136 -45.43 -60.42 -0.24
C GLY A 136 -44.27 -61.15 0.43
N LEU A 137 -44.49 -61.61 1.65
CA LEU A 137 -43.47 -62.29 2.41
C LEU A 137 -43.21 -63.69 1.91
N SER A 138 -41.96 -63.97 1.53
CA SER A 138 -41.58 -65.30 1.06
C SER A 138 -41.61 -66.30 2.22
N GLU A 139 -41.68 -67.60 1.91
CA GLU A 139 -41.70 -68.61 2.96
C GLU A 139 -40.35 -68.69 3.68
N GLN A 140 -39.24 -68.39 2.99
CA GLN A 140 -37.94 -68.37 3.64
C GLN A 140 -37.83 -67.20 4.61
N ASP A 141 -38.44 -66.05 4.26
CA ASP A 141 -38.43 -64.90 5.17
C ASP A 141 -39.23 -65.22 6.42
N VAL A 142 -40.36 -65.93 6.31
CA VAL A 142 -41.15 -66.31 7.49
C VAL A 142 -40.31 -67.21 8.42
N ARG A 143 -39.58 -68.16 7.86
CA ARG A 143 -38.73 -69.07 8.63
C ARG A 143 -37.56 -68.32 9.28
N ASP A 144 -36.92 -67.42 8.53
CA ASP A 144 -35.80 -66.62 9.02
C ASP A 144 -36.22 -65.63 10.10
N LEU A 145 -37.41 -65.04 9.97
CA LEU A 145 -37.95 -64.12 10.97
C LEU A 145 -38.23 -64.87 12.27
N ARG A 146 -38.80 -66.09 12.17
CA ARG A 146 -39.04 -66.91 13.36
C ARG A 146 -37.72 -67.29 14.01
N PHE A 147 -36.67 -67.56 13.21
CA PHE A 147 -35.32 -67.85 13.73
C PHE A 147 -34.81 -66.65 14.56
N GLY A 148 -35.00 -65.44 14.03
CA GLY A 148 -34.59 -64.21 14.69
C GLY A 148 -35.24 -64.02 16.04
N VAL A 149 -36.55 -64.28 16.13
CA VAL A 149 -37.28 -64.18 17.38
C VAL A 149 -36.74 -65.20 18.39
N GLU A 150 -36.55 -66.46 17.93
CA GLU A 150 -36.03 -67.55 18.76
C GLU A 150 -34.62 -67.31 19.25
N HIS A 151 -33.81 -66.58 18.47
CA HIS A 151 -32.44 -66.28 18.86
C HIS A 151 -32.25 -64.90 19.49
N GLY A 152 -33.36 -64.21 19.79
CA GLY A 152 -33.34 -62.90 20.45
C GLY A 152 -32.65 -61.77 19.71
N VAL A 153 -32.88 -61.65 18.38
CA VAL A 153 -32.30 -60.55 17.62
C VAL A 153 -32.97 -59.24 18.03
N ASP A 154 -32.23 -58.14 17.93
CA ASP A 154 -32.75 -56.84 18.34
C ASP A 154 -33.44 -56.10 17.21
N ILE A 155 -32.94 -56.26 15.99
CA ILE A 155 -33.40 -55.51 14.82
C ILE A 155 -33.58 -56.43 13.62
N VAL A 156 -34.54 -56.10 12.77
CA VAL A 156 -34.73 -56.73 11.49
C VAL A 156 -34.52 -55.66 10.42
N PHE A 157 -33.60 -55.90 9.47
CA PHE A 157 -33.43 -55.01 8.32
C PHE A 157 -34.28 -55.70 7.26
N ALA A 158 -35.51 -55.23 7.06
CA ALA A 158 -36.42 -55.85 6.10
C ALA A 158 -36.11 -55.48 4.66
N SER A 159 -35.66 -56.45 3.86
CA SER A 159 -35.31 -56.21 2.46
C SER A 159 -36.48 -55.91 1.57
N PHE A 160 -36.24 -55.05 0.57
CA PHE A 160 -37.17 -54.66 -0.48
C PHE A 160 -38.56 -54.28 0.02
N VAL A 161 -38.64 -53.35 0.99
CA VAL A 161 -39.93 -52.86 1.47
C VAL A 161 -40.45 -51.89 0.41
N ARG A 162 -41.65 -52.18 -0.14
CA ARG A 162 -42.25 -51.38 -1.20
C ARG A 162 -43.50 -50.63 -0.78
N LYS A 163 -44.10 -50.97 0.38
CA LYS A 163 -45.34 -50.36 0.86
C LYS A 163 -45.56 -50.69 2.35
N ALA A 164 -46.50 -49.99 3.01
CA ALA A 164 -46.80 -50.22 4.43
C ALA A 164 -47.22 -51.68 4.74
N SER A 165 -47.93 -52.34 3.81
CA SER A 165 -48.36 -53.72 4.03
C SER A 165 -47.19 -54.71 4.10
N ASP A 166 -46.04 -54.38 3.47
CA ASP A 166 -44.84 -55.20 3.56
C ASP A 166 -44.30 -55.19 5.00
N VAL A 167 -44.34 -54.01 5.66
CA VAL A 167 -43.90 -53.86 7.04
C VAL A 167 -44.85 -54.62 7.98
N ALA A 168 -46.17 -54.55 7.71
CA ALA A 168 -47.17 -55.27 8.50
C ALA A 168 -46.97 -56.79 8.41
N ALA A 169 -46.59 -57.31 7.23
CA ALA A 169 -46.32 -58.72 7.05
C ALA A 169 -45.08 -59.16 7.84
N VAL A 170 -44.03 -58.33 7.89
CA VAL A 170 -42.82 -58.63 8.67
C VAL A 170 -43.17 -58.65 10.16
N ARG A 171 -43.96 -57.66 10.58
CA ARG A 171 -44.39 -57.53 11.96
C ARG A 171 -45.22 -58.76 12.40
N ALA A 172 -46.14 -59.23 11.53
CA ALA A 172 -46.95 -60.40 11.83
C ALA A 172 -46.11 -61.67 11.91
N ALA A 173 -45.12 -61.82 11.01
CA ALA A 173 -44.22 -63.00 11.02
C ALA A 173 -43.32 -63.05 12.27
N LEU A 174 -43.08 -61.90 12.91
CA LEU A 174 -42.32 -61.88 14.17
C LEU A 174 -43.18 -62.39 15.36
N GLY A 175 -44.52 -62.33 15.22
CA GLY A 175 -45.46 -62.82 16.21
C GLY A 175 -45.52 -62.03 17.51
N PRO A 176 -46.15 -62.60 18.55
CA PRO A 176 -46.22 -61.89 19.84
C PRO A 176 -44.90 -61.82 20.60
N GLU A 177 -44.00 -62.79 20.38
CA GLU A 177 -42.70 -62.80 21.06
C GLU A 177 -41.72 -61.74 20.47
N GLY A 178 -41.94 -61.36 19.20
CA GLY A 178 -41.13 -60.37 18.51
C GLY A 178 -41.76 -58.99 18.44
N HIS A 179 -42.50 -58.62 19.48
CA HIS A 179 -43.14 -57.30 19.60
C HIS A 179 -42.07 -56.20 19.74
N GLY A 180 -41.02 -56.50 20.50
CA GLY A 180 -39.95 -55.56 20.84
C GLY A 180 -38.84 -55.39 19.83
N ILE A 181 -38.80 -56.24 18.80
CA ILE A 181 -37.80 -56.14 17.75
C ILE A 181 -38.05 -54.93 16.86
N LYS A 182 -37.02 -54.13 16.58
CA LYS A 182 -37.16 -52.96 15.73
C LYS A 182 -37.15 -53.36 14.27
N ILE A 183 -38.08 -52.82 13.48
CA ILE A 183 -38.11 -53.09 12.04
C ILE A 183 -37.57 -51.89 11.27
N ILE A 184 -36.40 -52.06 10.66
CA ILE A 184 -35.77 -51.02 9.84
C ILE A 184 -36.05 -51.40 8.39
N SER A 185 -36.88 -50.62 7.71
CA SER A 185 -37.25 -50.92 6.33
C SER A 185 -36.17 -50.51 5.33
N LYS A 186 -35.72 -51.47 4.52
CA LYS A 186 -34.73 -51.21 3.49
C LYS A 186 -35.43 -50.71 2.24
N ILE A 187 -35.07 -49.51 1.79
CA ILE A 187 -35.65 -48.92 0.59
C ILE A 187 -34.66 -49.23 -0.52
N GLU A 188 -35.04 -50.11 -1.45
CA GLU A 188 -34.11 -50.56 -2.49
C GLU A 188 -34.63 -50.42 -3.91
N ASN A 189 -35.79 -49.81 -4.12
CA ASN A 189 -36.33 -49.69 -5.48
C ASN A 189 -37.18 -48.41 -5.64
N HIS A 190 -37.64 -48.14 -6.87
CA HIS A 190 -38.43 -46.96 -7.18
C HIS A 190 -39.69 -46.86 -6.32
N GLU A 191 -40.44 -47.96 -6.17
CA GLU A 191 -41.69 -47.96 -5.40
C GLU A 191 -41.47 -47.61 -3.94
N GLY A 192 -40.42 -48.15 -3.34
CA GLY A 192 -40.07 -47.87 -1.95
C GLY A 192 -39.81 -46.39 -1.73
N VAL A 193 -39.12 -45.74 -2.70
CA VAL A 193 -38.83 -44.30 -2.64
C VAL A 193 -40.11 -43.50 -2.79
N LYS A 194 -40.98 -43.88 -3.73
CA LYS A 194 -42.23 -43.16 -3.97
C LYS A 194 -43.23 -43.30 -2.84
N ARG A 195 -43.31 -44.47 -2.25
CA ARG A 195 -44.20 -44.71 -1.12
C ARG A 195 -43.51 -44.57 0.23
N PHE A 196 -42.38 -43.81 0.27
CA PHE A 196 -41.57 -43.58 1.46
C PHE A 196 -42.33 -43.15 2.71
N ASP A 197 -43.16 -42.12 2.60
CA ASP A 197 -43.91 -41.62 3.76
C ASP A 197 -44.76 -42.67 4.43
N GLU A 198 -45.46 -43.49 3.64
CA GLU A 198 -46.30 -44.54 4.19
C GLU A 198 -45.47 -45.63 4.84
N ILE A 199 -44.27 -45.91 4.32
CA ILE A 199 -43.36 -46.90 4.86
C ILE A 199 -42.76 -46.41 6.17
N LEU A 200 -42.25 -45.18 6.19
CA LEU A 200 -41.64 -44.59 7.38
C LEU A 200 -42.65 -44.51 8.53
N GLU A 201 -43.90 -44.17 8.24
CA GLU A 201 -44.96 -44.04 9.24
C GLU A 201 -45.12 -45.30 10.09
N VAL A 202 -45.07 -46.50 9.46
CA VAL A 202 -45.24 -47.77 10.17
C VAL A 202 -43.92 -48.47 10.52
N SER A 203 -42.77 -47.93 10.13
CA SER A 203 -41.49 -48.56 10.42
C SER A 203 -40.84 -47.90 11.62
N ASP A 204 -39.90 -48.58 12.26
CA ASP A 204 -39.13 -48.00 13.34
C ASP A 204 -37.98 -47.12 12.79
N GLY A 205 -37.56 -47.38 11.57
CA GLY A 205 -36.49 -46.66 10.91
C GLY A 205 -36.31 -47.12 9.48
N ILE A 206 -35.31 -46.54 8.80
CA ILE A 206 -35.08 -46.80 7.38
C ILE A 206 -33.62 -47.10 7.08
N MET A 207 -33.39 -47.93 6.08
CA MET A 207 -32.06 -48.16 5.58
C MET A 207 -32.06 -47.76 4.10
N VAL A 208 -31.15 -46.86 3.71
CA VAL A 208 -30.97 -46.47 2.33
C VAL A 208 -30.05 -47.54 1.76
N ALA A 209 -30.65 -48.58 1.16
CA ALA A 209 -29.92 -49.74 0.63
C ALA A 209 -29.47 -49.40 -0.79
N ARG A 210 -28.36 -48.69 -0.90
CA ARG A 210 -27.83 -48.12 -2.14
C ARG A 210 -27.41 -49.12 -3.22
N GLY A 211 -27.05 -50.34 -2.83
CA GLY A 211 -26.66 -51.39 -3.76
C GLY A 211 -27.77 -51.70 -4.75
N ASP A 212 -28.91 -52.20 -4.26
CA ASP A 212 -30.06 -52.48 -5.12
C ASP A 212 -30.66 -51.22 -5.66
N LEU A 213 -30.74 -50.16 -4.83
CA LEU A 213 -31.32 -48.88 -5.26
C LEU A 213 -30.60 -48.32 -6.49
N GLY A 214 -29.28 -48.47 -6.55
CA GLY A 214 -28.45 -48.03 -7.66
C GLY A 214 -28.62 -48.82 -8.96
N ILE A 215 -29.29 -49.97 -8.89
CA ILE A 215 -29.61 -50.82 -10.03
C ILE A 215 -31.09 -50.61 -10.43
N GLU A 216 -31.97 -50.34 -9.45
CA GLU A 216 -33.40 -50.14 -9.66
C GLU A 216 -33.75 -48.76 -10.21
N ILE A 217 -32.96 -47.75 -9.84
CA ILE A 217 -33.10 -46.37 -10.33
C ILE A 217 -31.75 -45.95 -10.94
N PRO A 218 -31.69 -44.92 -11.80
CA PRO A 218 -30.38 -44.51 -12.35
C PRO A 218 -29.37 -44.20 -11.24
N ALA A 219 -28.13 -44.68 -11.39
CA ALA A 219 -27.07 -44.49 -10.40
C ALA A 219 -26.85 -43.04 -9.99
N GLU A 220 -26.96 -42.12 -10.95
CA GLU A 220 -26.80 -40.69 -10.71
C GLU A 220 -27.94 -40.05 -9.89
N LYS A 221 -29.01 -40.80 -9.58
CA LYS A 221 -30.12 -40.31 -8.79
C LYS A 221 -30.13 -40.86 -7.35
N VAL A 222 -29.27 -41.83 -7.03
CA VAL A 222 -29.24 -42.42 -5.68
C VAL A 222 -28.96 -41.39 -4.59
N PHE A 223 -28.04 -40.43 -4.82
CA PHE A 223 -27.75 -39.42 -3.82
C PHE A 223 -28.99 -38.57 -3.47
N LEU A 224 -29.91 -38.38 -4.43
CA LEU A 224 -31.14 -37.62 -4.19
C LEU A 224 -32.05 -38.42 -3.24
N ALA A 225 -32.16 -39.73 -3.48
CA ALA A 225 -32.97 -40.60 -2.66
C ALA A 225 -32.38 -40.66 -1.24
N GLN A 226 -31.04 -40.77 -1.11
CA GLN A 226 -30.38 -40.83 0.18
C GLN A 226 -30.63 -39.56 0.98
N LYS A 227 -30.36 -38.38 0.39
CA LYS A 227 -30.53 -37.11 1.08
C LYS A 227 -32.00 -36.83 1.46
N MET A 228 -32.95 -37.20 0.59
CA MET A 228 -34.37 -37.03 0.87
C MET A 228 -34.78 -37.90 2.06
N MET A 229 -34.35 -39.18 2.05
CA MET A 229 -34.73 -40.13 3.10
C MET A 229 -34.11 -39.79 4.42
N ILE A 230 -32.85 -39.33 4.42
CA ILE A 230 -32.19 -38.94 5.65
C ILE A 230 -32.89 -37.73 6.25
N GLY A 231 -33.17 -36.72 5.43
CA GLY A 231 -33.90 -35.54 5.85
C GLY A 231 -35.28 -35.85 6.44
N ARG A 232 -36.07 -36.70 5.76
CA ARG A 232 -37.38 -37.08 6.27
C ARG A 232 -37.32 -37.89 7.57
N CYS A 233 -36.29 -38.73 7.71
CA CYS A 233 -36.12 -39.51 8.94
C CYS A 233 -35.71 -38.60 10.08
N ASN A 234 -34.85 -37.59 9.82
CA ASN A 234 -34.43 -36.63 10.85
C ASN A 234 -35.66 -35.80 11.31
N LEU A 235 -36.52 -35.44 10.37
CA LEU A 235 -37.75 -34.71 10.63
CA LEU A 235 -37.75 -34.71 10.63
C LEU A 235 -38.68 -35.57 11.50
N ALA A 236 -38.81 -36.86 11.17
CA ALA A 236 -39.66 -37.77 11.92
C ALA A 236 -39.05 -38.26 13.26
N GLY A 237 -37.77 -38.04 13.47
CA GLY A 237 -37.08 -38.52 14.67
C GLY A 237 -36.90 -40.03 14.64
N LYS A 238 -36.73 -40.63 13.44
CA LYS A 238 -36.57 -42.09 13.34
C LYS A 238 -35.22 -42.44 12.78
N PRO A 239 -34.58 -43.52 13.28
CA PRO A 239 -33.25 -43.88 12.77
C PRO A 239 -33.16 -44.08 11.26
N VAL A 240 -32.06 -43.61 10.66
CA VAL A 240 -31.78 -43.83 9.25
C VAL A 240 -30.36 -44.35 9.10
N VAL A 241 -30.20 -45.43 8.35
CA VAL A 241 -28.90 -46.07 8.11
C VAL A 241 -28.47 -45.80 6.68
N CYS A 242 -27.20 -45.38 6.49
CA CYS A 242 -26.66 -45.26 5.15
C CYS A 242 -25.86 -46.52 4.89
N ALA A 243 -26.16 -47.20 3.80
CA ALA A 243 -25.56 -48.50 3.52
C ALA A 243 -25.03 -48.67 2.10
N THR A 244 -24.07 -49.62 1.95
CA THR A 244 -23.48 -50.21 0.74
C THR A 244 -22.40 -49.38 0.04
N GLN A 245 -21.24 -50.04 -0.16
CA GLN A 245 -20.05 -49.58 -0.87
C GLN A 245 -19.44 -48.34 -0.29
N MET A 246 -19.65 -48.09 1.02
CA MET A 246 -19.10 -46.91 1.67
C MET A 246 -17.58 -46.95 1.67
N LEU A 247 -16.97 -48.14 1.89
CA LEU A 247 -15.51 -48.31 1.85
C LEU A 247 -15.17 -49.54 0.99
N GLU A 248 -15.90 -49.75 -0.12
CA GLU A 248 -15.78 -50.92 -1.00
C GLU A 248 -14.35 -51.37 -1.30
N SER A 249 -13.47 -50.45 -1.72
CA SER A 249 -12.10 -50.79 -2.06
C SER A 249 -11.32 -51.45 -0.92
N MET A 250 -11.73 -51.20 0.33
CA MET A 250 -11.08 -51.82 1.48
C MET A 250 -11.33 -53.34 1.59
N ILE A 251 -12.16 -53.93 0.70
CA ILE A 251 -12.33 -55.37 0.66
C ILE A 251 -10.96 -56.03 0.31
N THR A 252 -10.18 -55.40 -0.60
CA THR A 252 -8.86 -55.93 -0.96
C THR A 252 -7.69 -54.99 -0.59
N LYS A 253 -7.95 -53.69 -0.35
CA LYS A 253 -6.87 -52.74 -0.04
C LYS A 253 -6.90 -52.20 1.39
N PRO A 254 -5.73 -51.94 2.01
CA PRO A 254 -5.74 -51.46 3.42
C PRO A 254 -6.17 -50.02 3.63
N ARG A 255 -6.25 -49.23 2.55
CA ARG A 255 -6.65 -47.83 2.64
C ARG A 255 -7.79 -47.59 1.64
N PRO A 256 -8.78 -46.76 2.02
CA PRO A 256 -9.88 -46.48 1.08
C PRO A 256 -9.52 -45.40 0.05
N THR A 257 -10.37 -45.24 -0.97
CA THR A 257 -10.18 -44.20 -1.97
C THR A 257 -10.67 -42.84 -1.40
N ARG A 258 -10.36 -41.74 -2.09
CA ARG A 258 -10.79 -40.42 -1.65
C ARG A 258 -12.32 -40.27 -1.73
N ALA A 259 -12.97 -40.97 -2.68
CA ALA A 259 -14.44 -40.93 -2.81
C ALA A 259 -15.12 -41.63 -1.64
N GLU A 260 -14.49 -42.70 -1.13
CA GLU A 260 -15.00 -43.50 -0.02
C GLU A 260 -14.97 -42.77 1.32
N THR A 261 -13.86 -42.09 1.66
CA THR A 261 -13.82 -41.33 2.91
C THR A 261 -14.81 -40.15 2.86
N SER A 262 -14.93 -39.53 1.68
CA SER A 262 -15.84 -38.44 1.43
C SER A 262 -17.29 -38.93 1.62
N ASP A 263 -17.61 -40.13 1.09
CA ASP A 263 -18.92 -40.73 1.21
C ASP A 263 -19.32 -40.97 2.67
N VAL A 264 -18.39 -41.50 3.49
CA VAL A 264 -18.67 -41.73 4.90
C VAL A 264 -18.91 -40.39 5.62
N ALA A 265 -18.05 -39.40 5.36
CA ALA A 265 -18.19 -38.09 5.99
C ALA A 265 -19.50 -37.44 5.58
N ASN A 266 -19.87 -37.53 4.30
CA ASN A 266 -21.09 -36.93 3.81
C ASN A 266 -22.34 -37.62 4.29
N ALA A 267 -22.31 -38.93 4.54
CA ALA A 267 -23.47 -39.63 5.11
C ALA A 267 -23.76 -39.07 6.52
N VAL A 268 -22.71 -38.84 7.33
CA VAL A 268 -22.80 -38.26 8.66
C VAL A 268 -23.29 -36.81 8.57
N LEU A 269 -22.69 -36.02 7.66
CA LEU A 269 -23.10 -34.63 7.47
C LEU A 269 -24.53 -34.53 6.94
N ASP A 270 -25.00 -35.51 6.17
CA ASP A 270 -26.38 -35.56 5.66
C ASP A 270 -27.37 -35.75 6.82
N GLY A 271 -26.96 -36.43 7.89
CA GLY A 271 -27.78 -36.68 9.07
C GLY A 271 -28.03 -38.14 9.38
N ALA A 272 -27.25 -39.06 8.77
CA ALA A 272 -27.41 -40.50 9.06
C ALA A 272 -27.15 -40.86 10.52
N ASP A 273 -28.00 -41.71 11.08
CA ASP A 273 -27.80 -42.19 12.44
C ASP A 273 -26.75 -43.28 12.47
N CYS A 274 -26.74 -44.15 11.45
CA CYS A 274 -25.83 -45.28 11.34
C CYS A 274 -25.18 -45.32 9.98
N ILE A 275 -23.98 -45.89 9.94
CA ILE A 275 -23.24 -46.16 8.71
C ILE A 275 -22.93 -47.67 8.71
N MET A 276 -22.95 -48.28 7.54
CA MET A 276 -22.79 -49.72 7.44
C MET A 276 -21.58 -50.18 6.63
N LEU A 277 -21.12 -51.39 6.93
CA LEU A 277 -20.06 -52.07 6.20
C LEU A 277 -20.64 -53.44 5.82
N SER A 278 -20.57 -53.81 4.52
CA SER A 278 -21.08 -55.10 4.06
C SER A 278 -19.89 -56.05 3.78
N GLY A 279 -19.47 -56.17 2.51
CA GLY A 279 -18.35 -56.99 2.12
C GLY A 279 -17.05 -56.61 2.80
N GLU A 280 -16.89 -55.31 3.16
CA GLU A 280 -15.71 -54.80 3.84
C GLU A 280 -15.43 -55.55 5.12
N THR A 281 -16.48 -55.99 5.84
CA THR A 281 -16.30 -56.76 7.08
C THR A 281 -16.67 -58.23 6.94
N ALA A 282 -17.64 -58.55 6.05
CA ALA A 282 -18.09 -59.92 5.87
C ALA A 282 -17.06 -60.81 5.15
N LYS A 283 -16.44 -60.32 4.08
CA LYS A 283 -15.51 -61.14 3.31
C LYS A 283 -14.15 -60.52 3.03
N GLY A 284 -13.95 -59.27 3.39
CA GLY A 284 -12.72 -58.56 3.06
C GLY A 284 -11.48 -58.92 3.85
N ASN A 285 -10.34 -58.45 3.38
CA ASN A 285 -9.06 -58.71 4.03
C ASN A 285 -8.74 -57.77 5.19
N PHE A 286 -9.51 -56.68 5.37
CA PHE A 286 -9.26 -55.71 6.42
C PHE A 286 -10.55 -55.33 7.18
N PRO A 287 -11.28 -56.30 7.79
CA PRO A 287 -12.53 -55.95 8.48
C PRO A 287 -12.37 -54.99 9.66
N VAL A 288 -11.30 -55.18 10.45
CA VAL A 288 -11.02 -54.33 11.60
C VAL A 288 -10.61 -52.94 11.14
N GLU A 289 -9.79 -52.87 10.09
CA GLU A 289 -9.34 -51.59 9.56
C GLU A 289 -10.50 -50.80 8.94
N ALA A 290 -11.50 -51.49 8.37
CA ALA A 290 -12.67 -50.84 7.80
C ALA A 290 -13.50 -50.20 8.92
N VAL A 291 -13.63 -50.89 10.07
CA VAL A 291 -14.34 -50.36 11.23
C VAL A 291 -13.58 -49.16 11.79
N LYS A 292 -12.25 -49.25 11.91
CA LYS A 292 -11.43 -48.15 12.40
C LYS A 292 -11.53 -46.93 11.49
N MET A 293 -11.58 -47.15 10.19
CA MET A 293 -11.67 -46.06 9.23
C MET A 293 -13.03 -45.33 9.38
N GLN A 294 -14.13 -46.09 9.48
CA GLN A 294 -15.45 -45.49 9.67
C GLN A 294 -15.52 -44.74 10.97
N HIS A 295 -14.90 -45.27 12.04
CA HIS A 295 -14.86 -44.61 13.34
C HIS A 295 -14.13 -43.27 13.22
N ALA A 296 -12.95 -43.27 12.60
CA ALA A 296 -12.11 -42.06 12.48
C ALA A 296 -12.81 -40.98 11.65
N ILE A 297 -13.43 -41.35 10.52
CA ILE A 297 -14.14 -40.38 9.67
C ILE A 297 -15.37 -39.85 10.37
N ALA A 298 -16.20 -40.71 10.97
CA ALA A 298 -17.41 -40.26 11.66
C ALA A 298 -17.11 -39.26 12.76
N ARG A 299 -16.04 -39.47 13.55
CA ARG A 299 -15.64 -38.54 14.61
C ARG A 299 -15.29 -37.17 14.03
N GLU A 300 -14.54 -37.16 12.92
CA GLU A 300 -14.17 -35.91 12.26
C GLU A 300 -15.41 -35.21 11.69
N ALA A 301 -16.32 -35.98 11.05
CA ALA A 301 -17.53 -35.43 10.43
C ALA A 301 -18.52 -34.91 11.43
N GLU A 302 -18.65 -35.54 12.58
CA GLU A 302 -19.57 -35.07 13.64
C GLU A 302 -19.14 -33.72 14.21
N ALA A 303 -17.83 -33.47 14.35
CA ALA A 303 -17.35 -32.18 14.84
C ALA A 303 -17.60 -31.08 13.78
N ALA A 304 -17.59 -31.44 12.48
CA ALA A 304 -17.83 -30.53 11.36
C ALA A 304 -19.32 -30.25 11.12
N VAL A 305 -20.24 -30.84 11.90
CA VAL A 305 -21.67 -30.58 11.76
C VAL A 305 -21.95 -29.12 12.19
N TYR A 306 -22.70 -28.37 11.39
CA TYR A 306 -23.04 -26.99 11.71
C TYR A 306 -24.30 -26.99 12.62
N HIS A 307 -24.11 -27.27 13.91
CA HIS A 307 -25.19 -27.35 14.90
C HIS A 307 -26.06 -26.13 14.99
N ARG A 308 -25.52 -24.93 14.77
CA ARG A 308 -26.30 -23.71 14.86
C ARG A 308 -27.50 -23.73 13.92
N GLN A 309 -27.28 -24.17 12.67
CA GLN A 309 -28.38 -24.26 11.72
C GLN A 309 -29.20 -25.51 11.92
N LEU A 310 -28.53 -26.63 12.16
CA LEU A 310 -29.20 -27.92 12.35
C LEU A 310 -30.16 -27.91 13.53
N PHE A 311 -29.74 -27.41 14.70
CA PHE A 311 -30.61 -27.33 15.86
C PHE A 311 -31.77 -26.43 15.60
N GLU A 312 -31.54 -25.22 15.03
CA GLU A 312 -32.62 -24.30 14.72
C GLU A 312 -33.63 -24.89 13.76
N GLU A 313 -33.19 -25.57 12.72
CA GLU A 313 -34.08 -26.19 11.75
C GLU A 313 -34.85 -27.37 12.33
N LEU A 314 -34.20 -28.22 13.17
CA LEU A 314 -34.89 -29.35 13.82
C LEU A 314 -35.88 -28.81 14.87
N ARG A 315 -35.50 -27.73 15.55
CA ARG A 315 -36.34 -27.10 16.54
C ARG A 315 -37.57 -26.49 15.83
N ARG A 316 -37.37 -25.76 14.74
CA ARG A 316 -38.45 -25.13 13.97
C ARG A 316 -39.41 -26.17 13.38
N ALA A 317 -38.85 -27.25 12.80
CA ALA A 317 -39.62 -28.31 12.17
C ALA A 317 -40.35 -29.30 13.12
N ALA A 318 -39.84 -29.48 14.36
CA ALA A 318 -40.48 -30.40 15.30
C ALA A 318 -41.82 -29.79 15.70
N PRO A 319 -42.94 -30.51 15.49
CA PRO A 319 -44.23 -29.90 15.79
C PRO A 319 -44.41 -29.63 17.26
N LEU A 320 -45.37 -28.75 17.60
CA LEU A 320 -45.73 -28.46 18.99
C LEU A 320 -46.26 -29.76 19.62
N SER A 321 -46.01 -29.95 20.91
CA SER A 321 -46.37 -31.21 21.54
C SER A 321 -46.80 -31.04 22.94
N ARG A 322 -47.74 -31.87 23.37
CA ARG A 322 -48.19 -31.88 24.75
CA ARG A 322 -48.16 -31.87 24.77
C ARG A 322 -47.76 -33.17 25.48
N ASP A 323 -46.78 -33.90 24.91
CA ASP A 323 -46.23 -35.11 25.47
C ASP A 323 -45.10 -34.60 26.35
N PRO A 324 -45.16 -34.85 27.67
CA PRO A 324 -44.10 -34.35 28.56
C PRO A 324 -42.70 -34.83 28.21
N THR A 325 -42.54 -36.02 27.64
CA THR A 325 -41.20 -36.51 27.27
C THR A 325 -40.63 -35.64 26.16
N GLU A 326 -41.47 -35.30 25.16
CA GLU A 326 -41.12 -34.43 24.04
C GLU A 326 -40.77 -33.03 24.53
N VAL A 327 -41.61 -32.47 25.41
CA VAL A 327 -41.39 -31.15 26.00
C VAL A 327 -40.09 -31.11 26.85
N THR A 328 -39.81 -32.16 27.62
CA THR A 328 -38.62 -32.21 28.43
C THR A 328 -37.40 -32.34 27.53
N ALA A 329 -37.48 -33.15 26.45
CA ALA A 329 -36.36 -33.34 25.51
C ALA A 329 -35.84 -32.05 24.90
N ILE A 330 -36.75 -31.15 24.43
CA ILE A 330 -36.36 -29.89 23.82
C ILE A 330 -35.79 -28.94 24.86
N GLY A 331 -36.38 -28.93 26.05
CA GLY A 331 -35.86 -28.10 27.13
C GLY A 331 -34.46 -28.54 27.53
N ALA A 332 -34.22 -29.85 27.60
CA ALA A 332 -32.93 -30.43 27.94
C ALA A 332 -31.86 -30.16 26.90
N VAL A 333 -32.20 -30.27 25.61
CA VAL A 333 -31.22 -30.01 24.55
C VAL A 333 -30.89 -28.50 24.48
N GLU A 334 -31.90 -27.65 24.69
CA GLU A 334 -31.71 -26.21 24.72
C GLU A 334 -30.78 -25.84 25.88
N ALA A 335 -31.03 -26.44 27.06
CA ALA A 335 -30.23 -26.24 28.28
C ALA A 335 -28.80 -26.72 28.09
N ALA A 336 -28.62 -27.88 27.41
CA ALA A 336 -27.28 -28.42 27.13
C ALA A 336 -26.45 -27.48 26.27
N PHE A 337 -27.05 -26.91 25.21
CA PHE A 337 -26.36 -25.96 24.34
C PHE A 337 -26.05 -24.66 25.08
N LYS A 338 -26.96 -24.19 25.96
CA LYS A 338 -26.75 -22.96 26.70
C LYS A 338 -25.49 -22.99 27.60
N CYS A 339 -25.19 -24.16 28.20
CA CYS A 339 -24.05 -24.28 29.10
C CYS A 339 -22.91 -25.12 28.55
N CYS A 340 -22.92 -25.52 27.26
CA CYS A 340 -21.89 -26.40 26.70
C CYS A 340 -21.79 -27.69 27.53
N ALA A 341 -22.94 -28.26 27.93
CA ALA A 341 -22.99 -29.47 28.75
C ALA A 341 -22.23 -30.59 28.06
N ALA A 342 -21.39 -31.29 28.82
CA ALA A 342 -20.61 -32.42 28.32
C ALA A 342 -21.52 -33.57 27.92
N ALA A 343 -22.65 -33.72 28.65
CA ALA A 343 -23.57 -34.82 28.40
C ALA A 343 -24.97 -34.51 28.92
N ILE A 344 -25.95 -35.27 28.41
CA ILE A 344 -27.30 -35.31 28.88
C ILE A 344 -27.43 -36.76 29.37
N ILE A 345 -27.65 -36.96 30.67
CA ILE A 345 -27.81 -38.30 31.22
C ILE A 345 -29.28 -38.57 31.35
N VAL A 346 -29.78 -39.60 30.68
CA VAL A 346 -31.22 -39.89 30.69
C VAL A 346 -31.50 -41.31 31.20
N LEU A 347 -32.59 -41.50 31.93
CA LEU A 347 -32.99 -42.83 32.42
C LEU A 347 -34.09 -43.25 31.49
N THR A 348 -33.92 -44.43 30.91
CA THR A 348 -34.88 -44.95 29.98
C THR A 348 -35.12 -46.47 30.14
N THR A 349 -36.38 -46.91 29.93
CA THR A 349 -36.74 -48.30 30.01
C THR A 349 -36.74 -48.89 28.61
N THR A 350 -37.43 -48.23 27.65
CA THR A 350 -37.56 -48.65 26.26
C THR A 350 -36.55 -47.97 25.31
N GLY A 351 -35.88 -46.92 25.76
CA GLY A 351 -34.98 -46.16 24.90
C GLY A 351 -35.63 -44.91 24.33
N ARG A 352 -36.97 -44.76 24.45
CA ARG A 352 -37.71 -43.64 23.87
C ARG A 352 -37.26 -42.25 24.34
N SER A 353 -37.02 -42.05 25.63
CA SER A 353 -36.58 -40.76 26.14
C SER A 353 -35.22 -40.36 25.53
N ALA A 354 -34.34 -41.33 25.31
CA ALA A 354 -33.03 -41.08 24.70
C ALA A 354 -33.20 -40.74 23.20
N GLN A 355 -34.13 -41.42 22.51
CA GLN A 355 -34.45 -41.18 21.13
C GLN A 355 -35.01 -39.75 20.91
N LEU A 356 -35.91 -39.29 21.77
CA LEU A 356 -36.47 -37.93 21.66
C LEU A 356 -35.40 -36.87 21.90
N LEU A 357 -34.39 -37.16 22.72
CA LEU A 357 -33.29 -36.22 22.93
C LEU A 357 -32.41 -36.19 21.65
N SER A 358 -32.11 -37.39 21.10
CA SER A 358 -31.30 -37.62 19.90
C SER A 358 -31.82 -36.91 18.65
N ARG A 359 -33.14 -36.78 18.54
CA ARG A 359 -33.75 -36.15 17.36
C ARG A 359 -33.39 -34.65 17.24
N TYR A 360 -32.98 -34.00 18.34
CA TYR A 360 -32.59 -32.60 18.27
C TYR A 360 -31.10 -32.39 18.01
N ARG A 361 -30.38 -33.51 17.77
CA ARG A 361 -28.96 -33.54 17.49
C ARG A 361 -28.11 -32.68 18.42
N PRO A 362 -28.20 -32.92 19.74
CA PRO A 362 -27.35 -32.13 20.67
C PRO A 362 -25.85 -32.42 20.42
N ARG A 363 -24.99 -31.43 20.71
CA ARG A 363 -23.55 -31.66 20.66
C ARG A 363 -23.17 -32.55 21.90
N ALA A 364 -23.89 -32.40 23.02
CA ALA A 364 -23.70 -33.17 24.24
C ALA A 364 -24.03 -34.64 24.01
N ALA A 365 -23.25 -35.54 24.61
CA ALA A 365 -23.50 -36.99 24.45
C ALA A 365 -24.75 -37.34 25.22
N VAL A 366 -25.60 -38.21 24.67
CA VAL A 366 -26.79 -38.66 25.40
C VAL A 366 -26.44 -40.00 26.07
N ILE A 367 -26.11 -39.95 27.36
CA ILE A 367 -25.78 -41.17 28.11
C ILE A 367 -27.07 -41.79 28.62
N ALA A 368 -27.51 -42.91 28.02
CA ALA A 368 -28.78 -43.53 28.40
C ALA A 368 -28.55 -44.69 29.35
N VAL A 369 -28.97 -44.52 30.63
CA VAL A 369 -28.79 -45.54 31.66
C VAL A 369 -30.03 -46.42 31.68
N THR A 370 -29.89 -47.73 31.35
CA THR A 370 -31.06 -48.60 31.29
C THR A 370 -30.84 -49.95 31.95
N ARG A 371 -31.91 -50.52 32.50
CA ARG A 371 -31.86 -51.87 33.03
C ARG A 371 -32.16 -52.88 31.91
N SER A 372 -32.82 -52.47 30.81
CA SER A 372 -33.13 -53.39 29.74
C SER A 372 -31.91 -53.62 28.86
N ALA A 373 -31.51 -54.89 28.69
CA ALA A 373 -30.39 -55.26 27.83
C ALA A 373 -30.76 -55.02 26.35
N GLN A 374 -32.00 -55.34 25.98
CA GLN A 374 -32.47 -55.12 24.62
C GLN A 374 -32.50 -53.63 24.25
N ALA A 375 -33.01 -52.76 25.15
CA ALA A 375 -33.02 -51.31 24.89
C ALA A 375 -31.60 -50.79 24.74
N ALA A 376 -30.67 -51.25 25.58
CA ALA A 376 -29.27 -50.82 25.50
C ALA A 376 -28.67 -51.16 24.13
N ARG A 377 -29.04 -52.31 23.58
CA ARG A 377 -28.57 -52.71 22.26
C ARG A 377 -29.26 -51.89 21.17
N GLN A 378 -30.57 -51.74 21.25
CA GLN A 378 -31.34 -51.05 20.22
C GLN A 378 -31.10 -49.53 20.12
N VAL A 379 -30.71 -48.86 21.23
CA VAL A 379 -30.50 -47.41 21.15
C VAL A 379 -29.28 -47.03 20.33
N HIS A 380 -28.46 -48.03 19.89
CA HIS A 380 -27.35 -47.80 18.97
C HIS A 380 -27.90 -47.26 17.62
N LEU A 381 -29.19 -47.48 17.31
CA LEU A 381 -29.80 -46.97 16.09
C LEU A 381 -29.93 -45.43 16.13
N CYS A 382 -29.93 -44.80 17.32
CA CYS A 382 -30.08 -43.36 17.47
C CYS A 382 -28.75 -42.69 17.64
N ARG A 383 -28.44 -41.74 16.72
CA ARG A 383 -27.18 -41.03 16.80
C ARG A 383 -26.97 -40.29 18.13
N GLY A 384 -25.76 -40.41 18.68
CA GLY A 384 -25.41 -39.72 19.91
C GLY A 384 -25.90 -40.33 21.20
N VAL A 385 -26.49 -41.53 21.13
CA VAL A 385 -26.95 -42.23 22.34
C VAL A 385 -25.92 -43.28 22.69
N PHE A 386 -25.37 -43.16 23.90
CA PHE A 386 -24.36 -44.04 24.49
C PHE A 386 -25.06 -44.85 25.55
N PRO A 387 -25.38 -46.13 25.24
CA PRO A 387 -26.10 -46.95 26.23
C PRO A 387 -25.25 -47.53 27.37
N LEU A 388 -25.77 -47.46 28.59
CA LEU A 388 -25.12 -48.03 29.76
C LEU A 388 -26.08 -49.04 30.33
N LEU A 389 -25.68 -50.33 30.33
CA LEU A 389 -26.56 -51.34 30.90
C LEU A 389 -26.33 -51.38 32.42
N TYR A 390 -27.35 -50.98 33.19
CA TYR A 390 -27.30 -50.89 34.64
C TYR A 390 -27.43 -52.26 35.30
N ARG A 391 -26.36 -52.70 35.97
CA ARG A 391 -26.34 -53.98 36.69
C ARG A 391 -25.94 -53.82 38.17
N GLU A 392 -26.01 -52.58 38.72
CA GLU A 392 -25.66 -52.37 40.12
CA GLU A 392 -25.70 -52.30 40.12
C GLU A 392 -26.90 -52.70 40.99
N PRO A 393 -26.68 -53.08 42.29
CA PRO A 393 -27.81 -53.48 43.14
C PRO A 393 -28.85 -52.40 43.34
N PRO A 394 -30.14 -52.82 43.41
CA PRO A 394 -31.21 -51.81 43.55
C PRO A 394 -31.22 -51.12 44.90
N GLU A 395 -31.76 -49.93 44.91
CA GLU A 395 -31.95 -49.18 46.12
C GLU A 395 -33.41 -49.41 46.57
N ALA A 396 -33.65 -49.43 47.88
CA ALA A 396 -34.97 -49.67 48.48
C ALA A 396 -35.94 -48.52 48.14
N ILE A 397 -35.48 -47.26 48.30
CA ILE A 397 -36.28 -46.08 47.99
C ILE A 397 -36.14 -45.74 46.50
N TRP A 398 -37.26 -45.71 45.73
CA TRP A 398 -37.22 -45.38 44.28
C TRP A 398 -36.44 -44.11 43.98
N ALA A 399 -36.65 -43.04 44.76
CA ALA A 399 -35.92 -41.79 44.59
C ALA A 399 -34.39 -41.98 44.67
N ASP A 400 -33.91 -42.79 45.65
CA ASP A 400 -32.49 -43.13 45.83
C ASP A 400 -31.99 -43.99 44.65
N ASP A 401 -32.84 -44.86 44.14
CA ASP A 401 -32.49 -45.75 43.05
C ASP A 401 -32.19 -44.94 41.78
N VAL A 402 -33.04 -43.92 41.51
CA VAL A 402 -32.95 -43.01 40.37
C VAL A 402 -31.64 -42.24 40.47
N ASP A 403 -31.37 -41.64 41.65
CA ASP A 403 -30.16 -40.86 41.91
CA ASP A 403 -30.15 -40.86 41.90
C ASP A 403 -28.89 -41.71 41.73
N ARG A 404 -28.98 -43.01 42.04
CA ARG A 404 -27.87 -43.93 41.92
C ARG A 404 -27.57 -44.23 40.44
N ARG A 405 -28.62 -44.46 39.63
CA ARG A 405 -28.45 -44.65 38.18
C ARG A 405 -27.86 -43.37 37.53
N VAL A 406 -28.20 -42.20 38.07
CA VAL A 406 -27.66 -40.93 37.60
C VAL A 406 -26.15 -40.86 37.89
N GLN A 407 -25.73 -41.22 39.15
CA GLN A 407 -24.30 -41.27 39.53
C GLN A 407 -23.55 -42.34 38.74
N PHE A 408 -24.22 -43.43 38.39
CA PHE A 408 -23.63 -44.47 37.58
C PHE A 408 -23.26 -43.90 36.17
N GLY A 409 -24.17 -43.12 35.57
CA GLY A 409 -23.94 -42.47 34.28
C GLY A 409 -22.78 -41.49 34.35
N ILE A 410 -22.69 -40.76 35.47
CA ILE A 410 -21.63 -39.80 35.74
C ILE A 410 -20.27 -40.48 35.91
N GLU A 411 -20.18 -41.62 36.63
CA GLU A 411 -18.91 -42.34 36.84
C GLU A 411 -18.48 -43.04 35.56
N SER A 412 -19.45 -43.64 34.82
CA SER A 412 -19.16 -44.24 33.53
C SER A 412 -18.67 -43.17 32.55
N GLY A 413 -19.29 -42.00 32.58
CA GLY A 413 -18.90 -40.89 31.74
C GLY A 413 -17.52 -40.39 32.11
N LYS A 414 -17.21 -40.36 33.41
CA LYS A 414 -15.90 -39.93 33.90
C LYS A 414 -14.81 -40.92 33.47
N LEU A 415 -15.06 -42.24 33.60
CA LEU A 415 -14.12 -43.29 33.20
C LEU A 415 -13.85 -43.30 31.68
N ARG A 416 -14.92 -43.17 30.88
CA ARG A 416 -14.82 -43.25 29.43
C ARG A 416 -14.28 -42.01 28.73
N GLY A 417 -14.06 -40.94 29.48
CA GLY A 417 -13.54 -39.71 28.89
C GLY A 417 -14.56 -38.60 28.68
N PHE A 418 -15.88 -38.95 28.61
CA PHE A 418 -16.99 -38.02 28.39
C PHE A 418 -17.00 -36.80 29.32
N LEU A 419 -16.76 -37.01 30.63
CA LEU A 419 -16.94 -35.96 31.63
C LEU A 419 -15.72 -35.77 32.51
N ARG A 420 -15.58 -34.58 33.04
CA ARG A 420 -14.55 -34.22 33.99
C ARG A 420 -15.18 -33.42 35.12
N VAL A 421 -14.49 -33.34 36.27
CA VAL A 421 -14.93 -32.57 37.42
C VAL A 421 -15.04 -31.09 37.00
N GLY A 422 -16.14 -30.45 37.37
CA GLY A 422 -16.37 -29.07 36.95
C GLY A 422 -17.29 -28.92 35.75
N ASP A 423 -17.52 -29.99 34.99
CA ASP A 423 -18.44 -29.95 33.84
C ASP A 423 -19.90 -29.79 34.31
N LEU A 424 -20.76 -29.31 33.41
CA LEU A 424 -22.19 -29.27 33.68
C LEU A 424 -22.85 -30.39 32.86
N VAL A 425 -23.85 -31.04 33.44
CA VAL A 425 -24.62 -32.09 32.78
C VAL A 425 -26.09 -31.81 32.96
N ILE A 426 -26.87 -32.25 32.00
CA ILE A 426 -28.30 -32.15 32.10
C ILE A 426 -28.78 -33.55 32.42
N VAL A 427 -29.64 -33.69 33.44
CA VAL A 427 -30.14 -35.01 33.84
C VAL A 427 -31.62 -35.09 33.54
N VAL A 428 -32.05 -36.14 32.85
CA VAL A 428 -33.44 -36.28 32.45
C VAL A 428 -34.01 -37.53 33.10
N THR A 429 -34.96 -37.35 34.01
CA THR A 429 -35.58 -38.47 34.75
C THR A 429 -37.14 -38.29 34.72
N GLY A 430 -37.88 -39.23 35.31
CA GLY A 430 -39.33 -39.16 35.37
C GLY A 430 -39.84 -39.00 36.78
N TRP A 431 -41.16 -38.83 36.94
CA TRP A 431 -41.73 -38.60 38.27
C TRP A 431 -42.22 -39.88 38.98
N ARG A 432 -42.35 -41.00 38.26
CA ARG A 432 -42.76 -42.28 38.82
C ARG A 432 -42.08 -43.44 38.03
N PRO A 433 -41.94 -44.63 38.63
CA PRO A 433 -41.31 -45.76 37.87
C PRO A 433 -42.13 -46.17 36.65
N GLY A 434 -41.49 -46.87 35.73
CA GLY A 434 -42.16 -47.33 34.52
C GLY A 434 -41.94 -46.38 33.34
N SER A 435 -42.01 -46.94 32.15
CA SER A 435 -41.82 -46.23 30.91
C SER A 435 -42.95 -45.19 30.65
N GLY A 436 -42.59 -44.07 30.02
CA GLY A 436 -43.55 -43.05 29.61
C GLY A 436 -43.79 -41.87 30.53
N TYR A 437 -43.05 -41.78 31.64
CA TYR A 437 -43.27 -40.68 32.60
C TYR A 437 -42.14 -39.68 32.72
N THR A 438 -41.23 -39.58 31.72
CA THR A 438 -40.17 -38.55 31.75
C THR A 438 -40.80 -37.15 31.75
N ASN A 439 -40.36 -36.27 32.63
CA ASN A 439 -40.94 -34.92 32.74
C ASN A 439 -40.02 -33.95 33.48
N ILE A 440 -38.78 -34.34 33.81
CA ILE A 440 -37.87 -33.53 34.62
C ILE A 440 -36.52 -33.38 33.98
N MET A 441 -36.03 -32.14 33.93
CA MET A 441 -34.69 -31.85 33.46
CA MET A 441 -34.71 -31.78 33.42
C MET A 441 -33.97 -31.10 34.58
N ARG A 442 -32.75 -31.53 34.92
CA ARG A 442 -32.00 -30.91 36.01
C ARG A 442 -30.61 -30.53 35.56
N VAL A 443 -30.09 -29.43 36.09
CA VAL A 443 -28.73 -29.00 35.77
C VAL A 443 -27.83 -29.44 36.94
N LEU A 444 -26.87 -30.30 36.65
CA LEU A 444 -25.99 -30.85 37.68
C LEU A 444 -24.53 -30.52 37.40
N SER A 445 -23.81 -30.12 38.44
CA SER A 445 -22.37 -29.85 38.34
C SER A 445 -21.63 -31.14 38.68
N ILE A 446 -20.62 -31.51 37.87
CA ILE A 446 -19.86 -32.73 38.11
C ILE A 446 -18.85 -32.59 39.23
N SER A 447 -19.04 -33.50 40.23
CA SER A 447 -18.23 -33.75 41.44
C SER A 447 -18.12 -32.55 42.34
N ARG B 12 -48.01 -25.35 8.89
CA ARG B 12 -49.20 -26.10 9.31
C ARG B 12 -48.85 -27.46 9.95
N ALA B 13 -47.94 -28.25 9.37
CA ALA B 13 -47.61 -29.55 9.94
C ALA B 13 -46.94 -29.41 11.33
N ASP B 14 -46.24 -28.28 11.57
CA ASP B 14 -45.61 -27.99 12.87
C ASP B 14 -46.65 -27.61 13.97
N VAL B 15 -47.91 -27.33 13.59
CA VAL B 15 -48.96 -27.02 14.55
C VAL B 15 -50.21 -27.91 14.36
N ALA B 16 -50.20 -28.89 13.42
CA ALA B 16 -51.36 -29.71 13.07
C ALA B 16 -51.91 -30.58 14.22
N GLN B 17 -51.06 -31.39 14.88
CA GLN B 17 -51.53 -32.21 15.99
C GLN B 17 -52.05 -31.36 17.14
N LEU B 18 -51.37 -30.27 17.46
CA LEU B 18 -51.85 -29.38 18.52
C LEU B 18 -53.09 -28.60 18.12
N THR B 19 -53.31 -28.39 16.80
CA THR B 19 -54.52 -27.71 16.32
C THR B 19 -55.70 -28.67 16.50
N GLN B 20 -55.52 -29.96 16.20
CA GLN B 20 -56.57 -30.97 16.39
C GLN B 20 -56.89 -31.13 17.88
N GLU B 21 -55.86 -31.05 18.75
CA GLU B 21 -56.01 -31.20 20.19
C GLU B 21 -56.64 -30.01 20.88
N LEU B 22 -56.08 -28.81 20.68
CA LEU B 22 -56.57 -27.61 21.31
C LEU B 22 -57.73 -26.93 20.57
N GLY B 23 -57.88 -27.23 19.29
CA GLY B 23 -58.92 -26.67 18.44
C GLY B 23 -58.50 -25.45 17.67
N THR B 24 -59.22 -25.14 16.59
CA THR B 24 -58.93 -24.00 15.74
C THR B 24 -59.22 -22.71 16.48
N ALA B 25 -60.27 -22.66 17.34
CA ALA B 25 -60.56 -21.45 18.10
C ALA B 25 -59.38 -21.04 19.00
N PHE B 26 -58.69 -21.99 19.61
CA PHE B 26 -57.51 -21.70 20.44
C PHE B 26 -56.44 -20.96 19.62
N PHE B 27 -56.19 -21.44 18.40
CA PHE B 27 -55.17 -20.87 17.54
C PHE B 27 -55.62 -19.59 16.79
N GLN B 28 -56.90 -19.18 16.90
CA GLN B 28 -57.35 -17.93 16.30
C GLN B 28 -57.15 -16.78 17.29
N GLN B 29 -57.22 -17.05 18.62
CA GLN B 29 -57.08 -16.06 19.67
C GLN B 29 -55.61 -15.68 19.89
N GLN B 30 -55.39 -14.63 20.73
CA GLN B 30 -54.11 -14.05 21.16
C GLN B 30 -53.08 -13.92 20.05
N GLN B 31 -53.53 -13.51 18.85
CA GLN B 31 -52.70 -13.32 17.66
C GLN B 31 -51.82 -14.52 17.34
N LEU B 32 -52.32 -15.74 17.61
CA LEU B 32 -51.54 -16.95 17.32
C LEU B 32 -51.27 -17.14 15.84
N PRO B 33 -52.17 -16.81 14.86
CA PRO B 33 -51.78 -16.91 13.46
C PRO B 33 -50.60 -15.99 13.16
N ALA B 34 -50.59 -14.77 13.71
CA ALA B 34 -49.47 -13.83 13.51
C ALA B 34 -48.19 -14.32 14.22
N ALA B 35 -48.35 -15.01 15.34
CA ALA B 35 -47.23 -15.55 16.12
C ALA B 35 -46.52 -16.70 15.37
N MET B 36 -47.26 -17.47 14.57
CA MET B 36 -46.69 -18.58 13.82
C MET B 36 -46.04 -18.16 12.48
N ALA B 37 -46.12 -16.88 12.10
CA ALA B 37 -45.58 -16.41 10.83
C ALA B 37 -44.09 -16.61 10.70
N ASP B 38 -43.60 -16.84 9.47
CA ASP B 38 -42.19 -17.10 9.21
C ASP B 38 -41.34 -15.85 9.06
N THR B 39 -41.97 -14.70 8.80
CA THR B 39 -41.25 -13.41 8.73
C THR B 39 -42.01 -12.36 9.56
N PHE B 40 -41.31 -11.28 9.95
CA PHE B 40 -41.92 -10.18 10.68
C PHE B 40 -42.98 -9.48 9.82
N LEU B 41 -42.71 -9.35 8.50
CA LEU B 41 -43.65 -8.75 7.57
C LEU B 41 -44.95 -9.56 7.53
N GLU B 42 -44.85 -10.87 7.44
CA GLU B 42 -46.04 -11.76 7.44
C GLU B 42 -46.75 -11.71 8.80
N HIS B 43 -45.99 -11.55 9.90
CA HIS B 43 -46.51 -11.42 11.25
C HIS B 43 -47.41 -10.19 11.31
N LEU B 44 -46.94 -9.05 10.74
CA LEU B 44 -47.73 -7.82 10.70
C LEU B 44 -48.99 -8.04 9.90
N CYS B 45 -48.88 -8.65 8.71
CA CYS B 45 -50.00 -8.93 7.82
C CYS B 45 -51.08 -9.77 8.48
N LEU B 46 -50.69 -10.67 9.40
CA LEU B 46 -51.63 -11.57 10.05
C LEU B 46 -52.27 -11.02 11.33
N LEU B 47 -51.93 -9.79 11.76
CA LEU B 47 -52.53 -9.20 12.96
C LEU B 47 -54.03 -9.02 12.73
N ASP B 48 -54.84 -9.46 13.67
CA ASP B 48 -56.29 -9.46 13.50
C ASP B 48 -56.97 -8.75 14.66
N ILE B 49 -57.76 -7.72 14.37
CA ILE B 49 -58.51 -7.01 15.40
C ILE B 49 -59.57 -7.92 16.09
N ASP B 50 -59.98 -9.00 15.44
CA ASP B 50 -60.93 -9.95 16.01
C ASP B 50 -60.26 -11.09 16.80
N SER B 51 -58.94 -11.14 16.84
CA SER B 51 -58.21 -12.14 17.61
C SER B 51 -58.08 -11.61 19.03
N GLU B 52 -58.92 -12.08 19.94
CA GLU B 52 -58.98 -11.56 21.29
C GLU B 52 -57.84 -12.01 22.20
N PRO B 53 -57.29 -11.09 23.00
CA PRO B 53 -56.26 -11.48 23.96
C PRO B 53 -56.85 -12.38 25.06
N VAL B 54 -56.13 -13.41 25.45
CA VAL B 54 -56.58 -14.38 26.45
C VAL B 54 -55.67 -14.32 27.70
N ALA B 55 -54.36 -14.14 27.49
CA ALA B 55 -53.40 -14.12 28.60
C ALA B 55 -53.59 -12.91 29.49
N ALA B 56 -53.27 -13.05 30.78
CA ALA B 56 -53.26 -12.00 31.79
C ALA B 56 -52.25 -10.92 31.38
N ARG B 57 -52.54 -9.66 31.71
CA ARG B 57 -51.67 -8.54 31.34
C ARG B 57 -50.35 -8.65 32.06
N SER B 58 -49.28 -8.72 31.28
CA SER B 58 -47.96 -8.92 31.83
C SER B 58 -47.10 -7.63 32.04
N THR B 59 -47.37 -6.52 31.35
CA THR B 59 -46.60 -5.29 31.53
C THR B 59 -47.21 -4.57 32.72
N SER B 60 -46.41 -4.26 33.75
CA SER B 60 -46.93 -3.59 34.93
C SER B 60 -47.27 -2.13 34.71
N ILE B 61 -48.26 -1.63 35.43
CA ILE B 61 -48.71 -0.27 35.36
C ILE B 61 -48.26 0.44 36.62
N ILE B 62 -47.51 1.53 36.45
CA ILE B 62 -47.09 2.36 37.56
C ILE B 62 -48.01 3.58 37.55
N ALA B 63 -48.71 3.84 38.65
CA ALA B 63 -49.60 5.00 38.70
C ALA B 63 -49.06 5.98 39.73
N THR B 64 -48.96 7.27 39.35
CA THR B 64 -48.47 8.29 40.28
C THR B 64 -49.60 8.70 41.19
N ILE B 65 -49.35 8.67 42.51
CA ILE B 65 -50.36 9.01 43.51
C ILE B 65 -50.33 10.51 43.75
N GLY B 66 -51.51 11.11 43.74
CA GLY B 66 -51.69 12.53 44.01
C GLY B 66 -53.09 12.84 44.47
N PRO B 67 -53.49 14.12 44.44
CA PRO B 67 -54.85 14.48 44.89
C PRO B 67 -56.01 13.74 44.23
N ALA B 68 -55.87 13.36 42.96
CA ALA B 68 -56.92 12.62 42.25
C ALA B 68 -56.96 11.11 42.58
N SER B 69 -55.92 10.59 43.24
CA SER B 69 -55.82 9.15 43.47
C SER B 69 -55.34 8.77 44.89
N ARG B 70 -55.60 9.62 45.89
CA ARG B 70 -55.07 9.40 47.24
C ARG B 70 -56.00 8.73 48.19
N SER B 71 -57.33 8.86 47.99
CA SER B 71 -58.29 8.27 48.91
C SER B 71 -58.22 6.74 48.88
N VAL B 72 -58.43 6.11 50.03
CA VAL B 72 -58.42 4.65 50.16
C VAL B 72 -59.43 4.01 49.20
N GLU B 73 -60.61 4.61 49.05
CA GLU B 73 -61.65 4.10 48.17
C GLU B 73 -61.22 4.17 46.70
N ARG B 74 -60.58 5.29 46.30
CA ARG B 74 -60.10 5.50 44.95
C ARG B 74 -58.95 4.54 44.66
N LEU B 75 -58.04 4.36 45.62
CA LEU B 75 -56.92 3.43 45.52
C LEU B 75 -57.38 1.98 45.35
N LYS B 76 -58.49 1.60 45.99
CA LYS B 76 -59.05 0.26 45.81
C LYS B 76 -59.51 0.09 44.36
N GLU B 77 -60.16 1.13 43.79
CA GLU B 77 -60.60 1.08 42.41
C GLU B 77 -59.43 0.98 41.44
N MET B 78 -58.31 1.66 41.76
CA MET B 78 -57.11 1.63 40.93
CA MET B 78 -57.11 1.62 40.92
C MET B 78 -56.39 0.29 40.98
N ILE B 79 -56.45 -0.39 42.12
CA ILE B 79 -55.84 -1.71 42.26
C ILE B 79 -56.68 -2.69 41.42
N LYS B 80 -58.02 -2.58 41.48
CA LYS B 80 -58.93 -3.42 40.69
C LYS B 80 -58.77 -3.16 39.19
N ALA B 81 -58.51 -1.89 38.79
CA ALA B 81 -58.27 -1.51 37.41
C ALA B 81 -56.93 -2.05 36.84
N GLY B 82 -55.96 -2.36 37.74
CA GLY B 82 -54.68 -2.88 37.31
C GLY B 82 -53.39 -2.23 37.78
N MET B 83 -53.45 -1.25 38.69
CA MET B 83 -52.24 -0.62 39.22
C MET B 83 -51.39 -1.67 39.97
N ASN B 84 -50.09 -1.75 39.65
CA ASN B 84 -49.17 -2.69 40.29
C ASN B 84 -48.15 -1.98 41.15
N ILE B 85 -47.78 -0.74 40.76
CA ILE B 85 -46.80 0.06 41.47
C ILE B 85 -47.36 1.46 41.72
N ALA B 86 -47.25 1.95 42.94
CA ALA B 86 -47.70 3.28 43.29
C ALA B 86 -46.48 4.18 43.36
N ARG B 87 -46.45 5.25 42.56
CA ARG B 87 -45.34 6.18 42.51
C ARG B 87 -45.61 7.43 43.36
N LEU B 88 -44.67 7.77 44.25
CA LEU B 88 -44.78 8.97 45.06
C LEU B 88 -43.77 9.96 44.51
N ASN B 89 -44.23 11.07 43.92
CA ASN B 89 -43.33 12.04 43.32
C ASN B 89 -42.88 13.02 44.38
N PHE B 90 -41.62 12.87 44.85
CA PHE B 90 -41.07 13.73 45.89
C PHE B 90 -40.66 15.11 45.41
N SER B 91 -40.97 15.46 44.16
CA SER B 91 -40.79 16.82 43.67
C SER B 91 -41.89 17.74 44.25
N HIS B 92 -43.04 17.16 44.69
CA HIS B 92 -44.18 17.88 45.25
C HIS B 92 -44.62 17.22 46.56
N GLY B 93 -45.13 18.02 47.49
CA GLY B 93 -45.63 17.49 48.75
C GLY B 93 -44.59 17.33 49.84
N SER B 94 -45.04 17.27 51.08
CA SER B 94 -44.17 17.11 52.24
C SER B 94 -44.03 15.63 52.62
N HIS B 95 -43.13 15.31 53.56
CA HIS B 95 -42.99 13.95 54.08
C HIS B 95 -44.30 13.47 54.73
N GLU B 96 -45.01 14.37 55.40
CA GLU B 96 -46.30 14.05 56.03
C GLU B 96 -47.32 13.66 54.96
N TYR B 97 -47.33 14.39 53.83
CA TYR B 97 -48.24 14.12 52.72
C TYR B 97 -47.95 12.73 52.13
N HIS B 98 -46.67 12.41 51.90
CA HIS B 98 -46.27 11.13 51.32
C HIS B 98 -46.48 9.97 52.27
N ALA B 99 -46.27 10.16 53.59
CA ALA B 99 -46.53 9.12 54.57
C ALA B 99 -48.02 8.78 54.60
N GLU B 100 -48.89 9.77 54.42
CA GLU B 100 -50.33 9.54 54.38
C GLU B 100 -50.72 8.78 53.12
N SER B 101 -50.07 9.10 51.98
CA SER B 101 -50.27 8.43 50.69
C SER B 101 -49.89 6.94 50.85
N ILE B 102 -48.70 6.66 51.44
CA ILE B 102 -48.20 5.31 51.68
C ILE B 102 -49.19 4.51 52.54
N ALA B 103 -49.68 5.11 53.63
CA ALA B 103 -50.62 4.48 54.54
C ALA B 103 -51.94 4.16 53.83
N ASN B 104 -52.41 5.06 52.94
CA ASN B 104 -53.64 4.84 52.20
C ASN B 104 -53.47 3.73 51.16
N VAL B 105 -52.29 3.66 50.51
CA VAL B 105 -52.00 2.59 49.55
C VAL B 105 -52.03 1.25 50.29
N ARG B 106 -51.27 1.12 51.38
CA ARG B 106 -51.25 -0.07 52.23
C ARG B 106 -52.62 -0.48 52.77
N GLU B 107 -53.46 0.49 53.11
CA GLU B 107 -54.82 0.18 53.58
C GLU B 107 -55.66 -0.39 52.44
N ALA B 108 -55.57 0.18 51.21
CA ALA B 108 -56.29 -0.38 50.05
C ALA B 108 -55.74 -1.78 49.69
N VAL B 109 -54.43 -1.94 49.75
CA VAL B 109 -53.80 -3.22 49.47
C VAL B 109 -54.25 -4.30 50.46
N GLU B 110 -54.27 -3.98 51.76
CA GLU B 110 -54.65 -4.94 52.77
C GLU B 110 -56.15 -5.19 52.82
N SER B 111 -56.99 -4.35 52.20
CA SER B 111 -58.43 -4.63 52.14
C SER B 111 -58.75 -5.89 51.29
N PHE B 112 -57.78 -6.36 50.46
CA PHE B 112 -57.95 -7.54 49.61
C PHE B 112 -57.20 -8.78 50.14
N ALA B 113 -56.61 -8.70 51.36
CA ALA B 113 -55.76 -9.75 51.96
C ALA B 113 -56.44 -10.98 52.59
N GLY B 114 -57.70 -11.26 52.28
CA GLY B 114 -58.37 -12.44 52.82
C GLY B 114 -57.94 -13.77 52.21
N SER B 115 -57.29 -13.72 51.03
CA SER B 115 -56.93 -14.91 50.30
C SER B 115 -55.92 -14.61 49.21
N PRO B 116 -55.08 -15.58 48.77
CA PRO B 116 -54.22 -15.33 47.59
C PRO B 116 -55.07 -15.07 46.33
N LEU B 117 -56.34 -15.50 46.29
CA LEU B 117 -57.20 -15.29 45.13
C LEU B 117 -57.65 -13.84 44.95
N SER B 118 -57.69 -13.08 46.04
CA SER B 118 -58.07 -11.68 45.99
C SER B 118 -56.87 -10.75 46.21
N TYR B 119 -55.85 -11.21 46.97
CA TYR B 119 -54.71 -10.38 47.29
C TYR B 119 -53.86 -10.03 46.09
N ARG B 120 -53.50 -8.75 45.99
CA ARG B 120 -52.62 -8.30 44.95
C ARG B 120 -51.56 -7.42 45.61
N PRO B 121 -50.29 -7.88 45.64
CA PRO B 121 -49.26 -7.00 46.21
C PRO B 121 -49.08 -5.76 45.33
N VAL B 122 -48.86 -4.58 45.93
CA VAL B 122 -48.62 -3.37 45.17
C VAL B 122 -47.33 -2.77 45.67
N ALA B 123 -46.34 -2.56 44.78
CA ALA B 123 -45.07 -1.98 45.20
C ALA B 123 -45.21 -0.48 45.43
N ILE B 124 -44.34 0.09 46.26
CA ILE B 124 -44.34 1.52 46.52
C ILE B 124 -43.01 2.07 46.10
N ALA B 125 -43.03 2.99 45.12
CA ALA B 125 -41.83 3.58 44.55
C ALA B 125 -41.71 5.04 44.92
N LEU B 126 -40.52 5.48 45.32
CA LEU B 126 -40.27 6.86 45.67
C LEU B 126 -39.51 7.49 44.51
N ASP B 127 -40.08 8.51 43.86
CA ASP B 127 -39.41 9.19 42.77
C ASP B 127 -38.75 10.44 43.35
N THR B 128 -37.41 10.51 43.32
CA THR B 128 -36.70 11.63 43.93
C THR B 128 -36.84 12.96 43.18
N LYS B 129 -36.61 14.07 43.91
CA LYS B 129 -36.68 15.41 43.36
C LYS B 129 -35.56 15.65 42.34
N GLY B 130 -34.36 15.17 42.64
CA GLY B 130 -33.23 15.30 41.74
C GLY B 130 -32.13 16.20 42.22
N PRO B 131 -31.02 16.23 41.46
CA PRO B 131 -29.86 17.04 41.87
C PRO B 131 -29.99 18.55 41.67
N GLY B 132 -30.90 18.97 40.80
CA GLY B 132 -31.07 20.39 40.49
C GLY B 132 -29.84 20.90 39.75
N SER B 133 -29.36 22.09 40.12
CA SER B 133 -28.15 22.63 39.48
C SER B 133 -26.85 22.01 40.03
N GLY B 134 -26.92 21.41 41.23
CA GLY B 134 -25.78 20.80 41.91
C GLY B 134 -25.19 19.61 41.19
N PRO B 135 -23.94 19.26 41.55
CA PRO B 135 -23.23 18.15 40.88
C PRO B 135 -23.71 16.74 41.22
N GLY B 136 -23.96 16.48 42.51
CA GLY B 136 -24.38 15.17 42.95
C GLY B 136 -25.67 15.17 43.75
N LEU B 137 -25.74 14.29 44.76
CA LEU B 137 -26.93 14.15 45.59
C LEU B 137 -27.21 15.38 46.44
N SER B 138 -28.42 15.91 46.30
CA SER B 138 -28.84 17.07 47.07
C SER B 138 -29.16 16.69 48.51
N GLU B 139 -29.18 17.68 49.42
CA GLU B 139 -29.52 17.41 50.81
C GLU B 139 -30.96 16.97 50.98
N GLN B 140 -31.87 17.48 50.12
CA GLN B 140 -33.26 17.06 50.18
C GLN B 140 -33.41 15.60 49.72
N ASP B 141 -32.62 15.17 48.73
CA ASP B 141 -32.64 13.79 48.29
C ASP B 141 -32.16 12.86 49.39
N VAL B 142 -31.13 13.27 50.16
CA VAL B 142 -30.66 12.45 51.29
C VAL B 142 -31.77 12.27 52.33
N ARG B 143 -32.49 13.34 52.64
CA ARG B 143 -33.58 13.28 53.59
C ARG B 143 -34.75 12.44 53.10
N ASP B 144 -35.11 12.60 51.81
CA ASP B 144 -36.19 11.84 51.18
C ASP B 144 -35.86 10.35 51.05
N LEU B 145 -34.59 10.02 50.74
CA LEU B 145 -34.16 8.64 50.66
C LEU B 145 -34.20 7.98 52.04
N ARG B 146 -33.82 8.72 53.09
CA ARG B 146 -33.91 8.19 54.46
C ARG B 146 -35.39 8.00 54.87
N PHE B 147 -36.30 8.86 54.38
CA PHE B 147 -37.74 8.71 54.61
C PHE B 147 -38.22 7.41 53.96
N GLY B 148 -37.76 7.12 52.74
CA GLY B 148 -38.12 5.93 52.00
C GLY B 148 -37.71 4.65 52.72
N VAL B 149 -36.50 4.63 53.27
CA VAL B 149 -36.02 3.48 54.04
C VAL B 149 -36.88 3.29 55.30
N GLU B 150 -37.17 4.39 56.01
CA GLU B 150 -37.97 4.37 57.22
C GLU B 150 -39.42 3.97 56.99
N HIS B 151 -39.94 4.25 55.79
CA HIS B 151 -41.30 3.87 55.44
C HIS B 151 -41.41 2.57 54.62
N GLY B 152 -40.28 1.86 54.46
CA GLY B 152 -40.24 0.58 53.76
C GLY B 152 -40.62 0.60 52.29
N VAL B 153 -40.13 1.60 51.55
CA VAL B 153 -40.43 1.65 50.11
C VAL B 153 -39.68 0.51 49.40
N ASP B 154 -40.24 0.03 48.30
CA ASP B 154 -39.66 -1.09 47.56
C ASP B 154 -38.68 -0.65 46.51
N ILE B 155 -38.95 0.50 45.87
CA ILE B 155 -38.19 1.00 44.73
C ILE B 155 -37.89 2.48 44.87
N VAL B 156 -36.75 2.90 44.31
CA VAL B 156 -36.40 4.30 44.21
C VAL B 156 -36.27 4.59 42.71
N PHE B 157 -36.99 5.61 42.20
CA PHE B 157 -36.83 6.05 40.83
C PHE B 157 -35.87 7.24 41.00
N ALA B 158 -34.59 7.04 40.75
CA ALA B 158 -33.59 8.10 40.96
C ALA B 158 -33.56 9.07 39.81
N SER B 159 -33.98 10.33 40.06
CA SER B 159 -34.00 11.36 39.02
C SER B 159 -32.62 11.80 38.55
N PHE B 160 -32.54 12.15 37.27
CA PHE B 160 -31.37 12.68 36.60
C PHE B 160 -30.07 11.93 36.89
N VAL B 161 -30.07 10.59 36.67
CA VAL B 161 -28.84 9.83 36.83
C VAL B 161 -28.00 10.09 35.60
N ARG B 162 -26.75 10.58 35.80
CA ARG B 162 -25.85 10.91 34.68
C ARG B 162 -24.61 10.05 34.59
N LYS B 163 -24.29 9.31 35.66
CA LYS B 163 -23.11 8.45 35.72
C LYS B 163 -23.25 7.39 36.83
N ALA B 164 -22.36 6.40 36.83
CA ALA B 164 -22.39 5.34 37.86
C ALA B 164 -22.26 5.88 39.29
N SER B 165 -21.46 6.95 39.49
CA SER B 165 -21.28 7.51 40.83
C SER B 165 -22.58 8.12 41.40
N ASP B 166 -23.52 8.52 40.52
CA ASP B 166 -24.81 9.04 40.98
C ASP B 166 -25.62 7.92 41.63
N VAL B 167 -25.56 6.70 41.08
CA VAL B 167 -26.31 5.59 41.64
C VAL B 167 -25.58 5.08 42.94
N ALA B 168 -24.24 5.18 43.00
CA ALA B 168 -23.51 4.82 44.23
C ALA B 168 -23.91 5.78 45.38
N ALA B 169 -24.12 7.07 45.06
CA ALA B 169 -24.54 8.04 46.06
C ALA B 169 -25.95 7.75 46.57
N VAL B 170 -26.86 7.32 45.67
CA VAL B 170 -28.23 6.96 46.09
C VAL B 170 -28.18 5.72 46.97
N ARG B 171 -27.35 4.74 46.59
CA ARG B 171 -27.18 3.50 47.33
CA ARG B 171 -27.20 3.49 47.34
C ARG B 171 -26.65 3.79 48.74
N ALA B 172 -25.63 4.67 48.86
CA ALA B 172 -25.05 5.07 50.15
C ALA B 172 -26.08 5.80 51.03
N ALA B 173 -26.89 6.70 50.44
CA ALA B 173 -27.92 7.41 51.20
C ALA B 173 -29.04 6.50 51.72
N LEU B 174 -29.25 5.34 51.06
CA LEU B 174 -30.22 4.36 51.55
C LEU B 174 -29.70 3.60 52.80
N GLY B 175 -28.37 3.59 53.00
CA GLY B 175 -27.75 2.99 54.17
C GLY B 175 -27.78 1.47 54.22
N PRO B 176 -27.41 0.90 55.38
CA PRO B 176 -27.39 -0.56 55.50
C PRO B 176 -28.78 -1.19 55.54
N GLU B 177 -29.80 -0.44 56.03
CA GLU B 177 -31.16 -0.98 56.08
C GLU B 177 -31.89 -0.99 54.72
N GLY B 178 -31.43 -0.17 53.77
CA GLY B 178 -32.05 -0.10 52.46
C GLY B 178 -31.30 -0.82 51.36
N HIS B 179 -30.61 -1.92 51.71
CA HIS B 179 -29.87 -2.70 50.71
C HIS B 179 -30.81 -3.50 49.78
N GLY B 180 -32.03 -3.80 50.24
CA GLY B 180 -33.03 -4.53 49.48
C GLY B 180 -33.84 -3.71 48.51
N ILE B 181 -33.81 -2.37 48.65
CA ILE B 181 -34.55 -1.45 47.78
C ILE B 181 -33.98 -1.44 46.38
N LYS B 182 -34.85 -1.55 45.36
CA LYS B 182 -34.38 -1.53 43.97
C LYS B 182 -34.17 -0.12 43.50
N ILE B 183 -33.03 0.15 42.85
CA ILE B 183 -32.76 1.48 42.32
C ILE B 183 -32.97 1.48 40.80
N ILE B 184 -34.00 2.19 40.35
CA ILE B 184 -34.32 2.33 38.93
C ILE B 184 -33.80 3.71 38.50
N SER B 185 -32.76 3.75 37.69
CA SER B 185 -32.17 5.01 37.29
C SER B 185 -32.96 5.69 36.17
N LYS B 186 -33.36 6.95 36.40
CA LYS B 186 -34.07 7.73 35.40
C LYS B 186 -33.09 8.39 34.48
N ILE B 187 -33.18 8.10 33.17
CA ILE B 187 -32.30 8.72 32.16
C ILE B 187 -33.08 9.87 31.60
N GLU B 188 -32.63 11.11 31.89
CA GLU B 188 -33.38 12.30 31.50
C GLU B 188 -32.58 13.32 30.73
N ASN B 189 -31.33 13.04 30.35
CA ASN B 189 -30.52 14.03 29.63
C ASN B 189 -29.48 13.37 28.70
N HIS B 190 -28.76 14.18 27.94
CA HIS B 190 -27.75 13.67 27.01
C HIS B 190 -26.67 12.82 27.68
N GLU B 191 -26.13 13.28 28.80
CA GLU B 191 -25.08 12.55 29.51
C GLU B 191 -25.53 11.16 29.98
N GLY B 192 -26.74 11.07 30.54
CA GLY B 192 -27.33 9.80 30.95
C GLY B 192 -27.40 8.81 29.80
N VAL B 193 -27.78 9.28 28.59
CA VAL B 193 -27.88 8.43 27.40
C VAL B 193 -26.49 7.98 26.95
N LYS B 194 -25.52 8.89 26.96
CA LYS B 194 -24.15 8.57 26.54
C LYS B 194 -23.41 7.64 27.50
N ARG B 195 -23.64 7.82 28.79
CA ARG B 195 -23.03 6.97 29.80
C ARG B 195 -23.98 5.83 30.26
N PHE B 196 -24.98 5.48 29.41
CA PHE B 196 -25.99 4.46 29.68
C PHE B 196 -25.43 3.13 30.20
N ASP B 197 -24.45 2.54 29.50
CA ASP B 197 -23.89 1.24 29.88
C ASP B 197 -23.34 1.21 31.29
N GLU B 198 -22.61 2.27 31.68
CA GLU B 198 -22.05 2.34 33.03
C GLU B 198 -23.15 2.51 34.09
N ILE B 199 -24.24 3.19 33.74
CA ILE B 199 -25.37 3.40 34.63
C ILE B 199 -26.15 2.11 34.81
N LEU B 200 -26.45 1.42 33.69
CA LEU B 200 -27.22 0.17 33.73
C LEU B 200 -26.48 -0.88 34.52
N GLU B 201 -25.14 -0.95 34.39
CA GLU B 201 -24.31 -1.94 35.09
C GLU B 201 -24.51 -1.92 36.60
N VAL B 202 -24.60 -0.74 37.20
CA VAL B 202 -24.76 -0.60 38.64
C VAL B 202 -26.21 -0.38 39.12
N SER B 203 -27.16 -0.25 38.18
CA SER B 203 -28.57 -0.04 38.55
C SER B 203 -29.34 -1.35 38.51
N ASP B 204 -30.48 -1.39 39.19
CA ASP B 204 -31.36 -2.56 39.11
C ASP B 204 -32.24 -2.52 37.85
N GLY B 205 -32.46 -1.32 37.31
CA GLY B 205 -33.26 -1.09 36.13
C GLY B 205 -33.20 0.35 35.70
N ILE B 206 -33.94 0.67 34.63
CA ILE B 206 -33.89 1.99 34.04
C ILE B 206 -35.30 2.53 33.79
N MET B 207 -35.43 3.86 33.84
CA MET B 207 -36.66 4.52 33.45
C MET B 207 -36.30 5.48 32.34
N VAL B 208 -36.98 5.37 31.18
CA VAL B 208 -36.85 6.32 30.08
C VAL B 208 -37.79 7.47 30.46
N ALA B 209 -37.24 8.51 31.09
CA ALA B 209 -37.98 9.65 31.60
C ALA B 209 -38.10 10.66 30.46
N ARG B 210 -39.08 10.45 29.57
CA ARG B 210 -39.27 11.19 28.33
C ARG B 210 -39.58 12.69 28.46
N GLY B 211 -40.20 13.10 29.56
CA GLY B 211 -40.52 14.49 29.82
C GLY B 211 -39.29 15.38 29.80
N ASP B 212 -38.33 15.12 30.72
CA ASP B 212 -37.10 15.88 30.74
C ASP B 212 -36.23 15.56 29.56
N LEU B 213 -36.18 14.28 29.16
CA LEU B 213 -35.36 13.86 28.03
C LEU B 213 -35.72 14.61 26.75
N GLY B 214 -37.03 14.86 26.54
CA GLY B 214 -37.54 15.58 25.38
C GLY B 214 -37.21 17.07 25.36
N ILE B 215 -36.74 17.61 26.48
CA ILE B 215 -36.32 19.01 26.62
C ILE B 215 -34.77 19.07 26.57
N GLU B 216 -34.08 18.04 27.07
CA GLU B 216 -32.62 17.99 27.11
C GLU B 216 -31.98 17.64 25.77
N ILE B 217 -32.68 16.83 24.97
CA ILE B 217 -32.25 16.42 23.63
C ILE B 217 -33.38 16.79 22.65
N PRO B 218 -33.12 16.88 21.32
CA PRO B 218 -34.21 17.24 20.39
C PRO B 218 -35.37 16.27 20.50
N ALA B 219 -36.60 16.78 20.53
CA ALA B 219 -37.80 15.98 20.69
C ALA B 219 -37.92 14.84 19.66
N GLU B 220 -37.48 15.10 18.43
CA GLU B 220 -37.52 14.09 17.37
C GLU B 220 -36.54 12.93 17.58
N LYS B 221 -35.64 13.01 18.57
CA LYS B 221 -34.66 11.96 18.86
C LYS B 221 -35.03 11.11 20.07
N VAL B 222 -36.05 11.49 20.86
CA VAL B 222 -36.43 10.72 22.06
C VAL B 222 -36.78 9.26 21.76
N PHE B 223 -37.48 8.97 20.65
CA PHE B 223 -37.82 7.60 20.30
C PHE B 223 -36.57 6.74 20.08
N LEU B 224 -35.46 7.34 19.60
CA LEU B 224 -34.22 6.59 19.39
C LEU B 224 -33.62 6.20 20.74
N ALA B 225 -33.64 7.13 21.72
CA ALA B 225 -33.15 6.89 23.06
C ALA B 225 -34.01 5.83 23.76
N GLN B 226 -35.34 5.90 23.59
CA GLN B 226 -36.25 4.93 24.21
C GLN B 226 -35.99 3.53 23.67
N LYS B 227 -35.98 3.38 22.34
CA LYS B 227 -35.76 2.08 21.72
C LYS B 227 -34.38 1.48 22.04
N MET B 228 -33.32 2.33 22.09
CA MET B 228 -31.97 1.88 22.42
C MET B 228 -31.92 1.40 23.88
N MET B 229 -32.51 2.15 24.81
CA MET B 229 -32.48 1.80 26.22
C MET B 229 -33.31 0.59 26.54
N ILE B 230 -34.46 0.43 25.89
CA ILE B 230 -35.29 -0.75 26.09
C ILE B 230 -34.57 -1.98 25.57
N GLY B 231 -33.99 -1.90 24.38
CA GLY B 231 -33.21 -2.96 23.78
C GLY B 231 -32.04 -3.38 24.65
N ARG B 232 -31.26 -2.42 25.16
CA ARG B 232 -30.12 -2.76 26.03
C ARG B 232 -30.55 -3.36 27.36
N CYS B 233 -31.67 -2.90 27.93
CA CYS B 233 -32.20 -3.46 29.16
C CYS B 233 -32.70 -4.89 28.94
N ASN B 234 -33.35 -5.15 27.80
CA ASN B 234 -33.83 -6.48 27.47
C ASN B 234 -32.65 -7.44 27.30
N LEU B 235 -31.58 -6.98 26.66
CA LEU B 235 -30.39 -7.77 26.46
C LEU B 235 -29.73 -8.05 27.81
N ALA B 236 -29.69 -7.07 28.73
CA ALA B 236 -29.12 -7.23 30.07
C ALA B 236 -30.02 -7.99 31.05
N GLY B 237 -31.29 -8.16 30.73
CA GLY B 237 -32.22 -8.82 31.62
C GLY B 237 -32.60 -7.93 32.79
N LYS B 238 -32.62 -6.60 32.60
CA LYS B 238 -32.98 -5.68 33.68
C LYS B 238 -34.26 -4.91 33.39
N PRO B 239 -35.12 -4.65 34.39
CA PRO B 239 -36.36 -3.92 34.12
C PRO B 239 -36.19 -2.55 33.47
N VAL B 240 -37.07 -2.22 32.53
CA VAL B 240 -37.07 -0.92 31.90
C VAL B 240 -38.51 -0.37 31.94
N VAL B 241 -38.66 0.86 32.37
CA VAL B 241 -39.93 1.54 32.47
C VAL B 241 -40.05 2.59 31.36
N CYS B 242 -41.18 2.63 30.64
CA CYS B 242 -41.43 3.70 29.70
C CYS B 242 -42.32 4.71 30.43
N ALA B 243 -41.92 5.98 30.44
CA ALA B 243 -42.65 6.98 31.21
C ALA B 243 -42.92 8.27 30.48
N THR B 244 -43.96 9.00 30.95
CA THR B 244 -44.34 10.39 30.64
C THR B 244 -45.14 10.61 29.35
N GLN B 245 -46.31 11.24 29.52
CA GLN B 245 -47.26 11.65 28.49
C GLN B 245 -47.80 10.51 27.66
N MET B 246 -47.82 9.30 28.21
CA MET B 246 -48.32 8.14 27.48
C MET B 246 -49.80 8.31 27.12
N LEU B 247 -50.61 8.82 28.07
CA LEU B 247 -52.03 9.07 27.83
C LEU B 247 -52.36 10.50 28.31
N GLU B 248 -51.45 11.47 28.07
CA GLU B 248 -51.56 12.86 28.53
C GLU B 248 -52.94 13.48 28.39
N SER B 249 -53.59 13.37 27.23
CA SER B 249 -54.91 13.95 27.01
C SER B 249 -55.96 13.43 27.99
N MET B 250 -55.75 12.24 28.57
CA MET B 250 -56.70 11.69 29.55
C MET B 250 -56.69 12.44 30.91
N ILE B 251 -55.80 13.44 31.08
CA ILE B 251 -55.83 14.29 32.26
C ILE B 251 -57.17 15.06 32.30
N THR B 252 -57.69 15.44 31.11
CA THR B 252 -58.96 16.16 30.96
C THR B 252 -60.03 15.30 30.28
N LYS B 253 -59.66 14.53 29.25
CA LYS B 253 -60.65 13.76 28.48
C LYS B 253 -60.81 12.31 28.92
N PRO B 254 -62.00 11.71 28.73
CA PRO B 254 -62.18 10.31 29.14
C PRO B 254 -61.59 9.31 28.14
N ARG B 255 -61.28 9.74 26.89
CA ARG B 255 -60.71 8.85 25.88
C ARG B 255 -59.38 9.45 25.39
N PRO B 256 -58.37 8.59 25.13
CA PRO B 256 -57.09 9.14 24.64
C PRO B 256 -57.09 9.45 23.12
N THR B 257 -56.05 10.12 22.65
CA THR B 257 -55.88 10.37 21.22
C THR B 257 -55.33 9.10 20.54
N ARG B 258 -55.35 9.06 19.21
CA ARG B 258 -54.82 7.91 18.47
C ARG B 258 -53.31 7.75 18.67
N ALA B 259 -52.58 8.87 18.86
CA ALA B 259 -51.14 8.81 19.09
C ALA B 259 -50.83 8.20 20.46
N GLU B 260 -51.69 8.44 21.44
CA GLU B 260 -51.51 7.95 22.80
C GLU B 260 -51.70 6.45 22.93
N THR B 261 -52.74 5.88 22.29
CA THR B 261 -52.91 4.43 22.34
C THR B 261 -51.75 3.72 21.59
N SER B 262 -51.34 4.32 20.48
CA SER B 262 -50.23 3.85 19.68
C SER B 262 -48.93 3.88 20.50
N ASP B 263 -48.69 4.95 21.25
CA ASP B 263 -47.52 5.11 22.11
C ASP B 263 -47.44 4.00 23.17
N VAL B 264 -48.56 3.69 23.84
CA VAL B 264 -48.61 2.65 24.86
C VAL B 264 -48.33 1.30 24.21
N ALA B 265 -48.96 1.03 23.06
CA ALA B 265 -48.78 -0.24 22.39
C ALA B 265 -47.33 -0.41 21.93
N ASN B 266 -46.74 0.66 21.40
CA ASN B 266 -45.38 0.61 20.91
C ASN B 266 -44.37 0.53 22.03
N ALA B 267 -44.66 1.03 23.23
CA ALA B 267 -43.73 0.88 24.36
C ALA B 267 -43.63 -0.61 24.74
N VAL B 268 -44.79 -1.31 24.76
CA VAL B 268 -44.87 -2.73 25.04
C VAL B 268 -44.17 -3.51 23.91
N LEU B 269 -44.46 -3.19 22.64
CA LEU B 269 -43.81 -3.86 21.52
C LEU B 269 -42.30 -3.60 21.49
N ASP B 270 -41.85 -2.45 21.97
CA ASP B 270 -40.42 -2.13 22.04
C ASP B 270 -39.72 -3.04 23.05
N GLY B 271 -40.43 -3.50 24.08
CA GLY B 271 -39.89 -4.38 25.10
C GLY B 271 -39.94 -3.86 26.51
N ALA B 272 -40.72 -2.80 26.77
CA ALA B 272 -40.81 -2.24 28.12
C ALA B 272 -41.40 -3.23 29.11
N ASP B 273 -40.82 -3.29 30.31
CA ASP B 273 -41.36 -4.12 31.39
C ASP B 273 -42.54 -3.41 32.05
N CYS B 274 -42.46 -2.09 32.18
CA CYS B 274 -43.47 -1.27 32.86
C CYS B 274 -43.84 -0.08 32.02
N ILE B 275 -45.07 0.36 32.19
CA ILE B 275 -45.57 1.59 31.58
C ILE B 275 -46.07 2.49 32.74
N MET B 276 -45.92 3.79 32.62
CA MET B 276 -46.27 4.71 33.70
C MET B 276 -47.35 5.73 33.37
N LEU B 277 -48.03 6.21 34.40
CA LEU B 277 -49.03 7.28 34.34
C LEU B 277 -48.58 8.32 35.38
N SER B 278 -48.43 9.59 34.97
CA SER B 278 -48.02 10.65 35.90
C SER B 278 -49.26 11.52 36.24
N GLY B 279 -49.43 12.66 35.54
CA GLY B 279 -50.57 13.55 35.72
C GLY B 279 -51.89 12.88 35.50
N GLU B 280 -51.93 11.85 34.61
CA GLU B 280 -53.14 11.10 34.30
C GLU B 280 -53.78 10.50 35.55
N THR B 281 -52.96 10.10 36.53
CA THR B 281 -53.49 9.53 37.78
C THR B 281 -53.29 10.44 38.99
N ALA B 282 -52.23 11.25 38.98
CA ALA B 282 -51.96 12.14 40.11
C ALA B 282 -52.94 13.32 40.22
N LYS B 283 -53.23 13.99 39.09
CA LYS B 283 -54.10 15.16 39.12
C LYS B 283 -55.27 15.14 38.16
N GLY B 284 -55.36 14.14 37.29
CA GLY B 284 -56.38 14.13 36.26
C GLY B 284 -57.79 13.83 36.68
N ASN B 285 -58.73 13.99 35.77
CA ASN B 285 -60.14 13.73 36.03
C ASN B 285 -60.54 12.29 35.87
N PHE B 286 -59.70 11.45 35.25
CA PHE B 286 -60.05 10.04 35.01
C PHE B 286 -58.89 9.11 35.41
N PRO B 287 -58.44 9.10 36.69
CA PRO B 287 -57.30 8.22 37.06
C PRO B 287 -57.55 6.73 36.87
N VAL B 288 -58.75 6.27 37.22
CA VAL B 288 -59.11 4.87 37.08
C VAL B 288 -59.24 4.49 35.61
N GLU B 289 -59.84 5.37 34.81
CA GLU B 289 -60.00 5.13 33.39
C GLU B 289 -58.65 5.11 32.66
N ALA B 290 -57.67 5.90 33.12
CA ALA B 290 -56.34 5.91 32.54
C ALA B 290 -55.65 4.56 32.79
N VAL B 291 -55.84 3.98 34.00
CA VAL B 291 -55.30 2.66 34.36
C VAL B 291 -55.98 1.60 33.52
N LYS B 292 -57.30 1.67 33.38
CA LYS B 292 -58.04 0.70 32.54
C LYS B 292 -57.61 0.77 31.08
N MET B 293 -57.30 1.96 30.56
CA MET B 293 -56.87 2.13 29.18
C MET B 293 -55.51 1.49 28.97
N GLN B 294 -54.56 1.76 29.87
CA GLN B 294 -53.23 1.14 29.79
C GLN B 294 -53.31 -0.37 29.89
N HIS B 295 -54.21 -0.89 30.74
CA HIS B 295 -54.40 -2.33 30.93
C HIS B 295 -54.92 -2.94 29.60
N ALA B 296 -55.94 -2.31 28.99
CA ALA B 296 -56.53 -2.79 27.75
C ALA B 296 -55.53 -2.81 26.58
N ILE B 297 -54.74 -1.73 26.44
CA ILE B 297 -53.77 -1.64 25.35
C ILE B 297 -52.61 -2.60 25.57
N ALA B 298 -52.10 -2.71 26.82
CA ALA B 298 -50.99 -3.62 27.09
C ALA B 298 -51.35 -5.05 26.79
N ARG B 299 -52.57 -5.51 27.18
CA ARG B 299 -53.00 -6.87 26.85
C ARG B 299 -53.06 -7.12 25.32
N GLU B 300 -53.53 -6.14 24.54
CA GLU B 300 -53.56 -6.26 23.08
C GLU B 300 -52.14 -6.30 22.48
N ALA B 301 -51.26 -5.42 22.98
CA ALA B 301 -49.89 -5.30 22.49
C ALA B 301 -49.03 -6.49 22.82
N GLU B 302 -49.24 -7.11 24.00
CA GLU B 302 -48.47 -8.28 24.38
C GLU B 302 -48.75 -9.49 23.47
N ALA B 303 -50.02 -9.65 23.04
CA ALA B 303 -50.37 -10.74 22.14
C ALA B 303 -49.74 -10.50 20.75
N ALA B 304 -49.55 -9.23 20.35
CA ALA B 304 -48.97 -8.85 19.05
C ALA B 304 -47.44 -8.94 19.03
N VAL B 305 -46.79 -9.28 20.15
CA VAL B 305 -45.33 -9.40 20.17
C VAL B 305 -44.94 -10.64 19.26
N TYR B 306 -43.93 -10.48 18.41
CA TYR B 306 -43.49 -11.54 17.51
C TYR B 306 -42.47 -12.39 18.27
N HIS B 307 -42.96 -13.28 19.15
CA HIS B 307 -42.12 -14.12 20.03
C HIS B 307 -41.12 -14.97 19.28
N ARG B 308 -41.44 -15.44 18.06
CA ARG B 308 -40.52 -16.27 17.29
C ARG B 308 -39.19 -15.58 17.07
N GLN B 309 -39.20 -14.29 16.66
CA GLN B 309 -37.96 -13.58 16.45
C GLN B 309 -37.36 -13.11 17.74
N LEU B 310 -38.20 -12.61 18.66
CA LEU B 310 -37.76 -12.11 19.95
C LEU B 310 -37.00 -13.19 20.75
N PHE B 311 -37.58 -14.39 20.86
CA PHE B 311 -36.95 -15.49 21.60
C PHE B 311 -35.65 -15.92 20.95
N GLU B 312 -35.61 -16.08 19.63
CA GLU B 312 -34.39 -16.45 18.91
C GLU B 312 -33.29 -15.41 19.06
N GLU B 313 -33.64 -14.13 18.99
CA GLU B 313 -32.68 -13.06 19.14
C GLU B 313 -32.15 -12.94 20.55
N LEU B 314 -33.01 -13.13 21.57
CA LEU B 314 -32.57 -13.11 22.97
C LEU B 314 -31.60 -14.27 23.20
N ARG B 315 -31.84 -15.43 22.57
CA ARG B 315 -30.94 -16.57 22.67
C ARG B 315 -29.63 -16.37 21.95
N ARG B 316 -29.67 -15.82 20.74
CA ARG B 316 -28.47 -15.58 19.96
C ARG B 316 -27.59 -14.52 20.64
N ALA B 317 -28.21 -13.46 21.17
CA ALA B 317 -27.47 -12.36 21.78
C ALA B 317 -26.92 -12.70 23.15
N ALA B 318 -27.59 -13.61 23.87
CA ALA B 318 -27.15 -13.93 25.23
C ALA B 318 -25.93 -14.84 25.17
N PRO B 319 -24.93 -14.56 26.02
CA PRO B 319 -23.74 -15.43 26.04
C PRO B 319 -24.05 -16.77 26.71
N LEU B 320 -23.17 -17.76 26.49
CA LEU B 320 -23.32 -19.06 27.14
C LEU B 320 -23.22 -18.87 28.65
N SER B 321 -23.89 -19.72 29.42
CA SER B 321 -23.89 -19.53 30.86
C SER B 321 -23.67 -20.78 31.63
N ARG B 322 -22.93 -20.65 32.72
CA ARG B 322 -22.72 -21.78 33.62
C ARG B 322 -23.52 -21.61 34.92
N ASP B 323 -24.45 -20.64 34.98
CA ASP B 323 -25.28 -20.41 36.14
C ASP B 323 -26.48 -21.30 35.95
N PRO B 324 -26.70 -22.26 36.85
CA PRO B 324 -27.84 -23.17 36.69
C PRO B 324 -29.21 -22.48 36.64
N THR B 325 -29.38 -21.31 37.29
CA THR B 325 -30.67 -20.61 37.23
C THR B 325 -30.91 -20.13 35.80
N GLU B 326 -29.88 -19.57 35.17
CA GLU B 326 -29.91 -19.09 33.80
C GLU B 326 -30.14 -20.25 32.81
N VAL B 327 -29.48 -21.38 33.02
CA VAL B 327 -29.64 -22.55 32.19
C VAL B 327 -31.03 -23.13 32.32
N THR B 328 -31.57 -23.19 33.55
CA THR B 328 -32.90 -23.73 33.79
C THR B 328 -33.95 -22.82 33.19
N ALA B 329 -33.78 -21.49 33.32
CA ALA B 329 -34.71 -20.50 32.80
C ALA B 329 -34.93 -20.62 31.28
N ILE B 330 -33.85 -20.80 30.50
CA ILE B 330 -34.00 -20.92 29.06
C ILE B 330 -34.62 -22.27 28.69
N GLY B 331 -34.29 -23.33 29.43
CA GLY B 331 -34.88 -24.65 29.20
C GLY B 331 -36.37 -24.62 29.49
N ALA B 332 -36.77 -23.95 30.58
CA ALA B 332 -38.17 -23.81 30.98
C ALA B 332 -39.00 -22.98 29.99
N VAL B 333 -38.43 -21.89 29.48
CA VAL B 333 -39.11 -21.06 28.50
C VAL B 333 -39.24 -21.79 27.17
N GLU B 334 -38.21 -22.54 26.76
CA GLU B 334 -38.24 -23.34 25.55
C GLU B 334 -39.33 -24.42 25.68
N ALA B 335 -39.41 -25.07 26.85
CA ALA B 335 -40.41 -26.10 27.11
C ALA B 335 -41.82 -25.52 27.09
N ALA B 336 -42.01 -24.32 27.68
CA ALA B 336 -43.29 -23.65 27.69
C ALA B 336 -43.78 -23.35 26.25
N PHE B 337 -42.89 -22.86 25.36
CA PHE B 337 -43.26 -22.59 23.98
C PHE B 337 -43.59 -23.89 23.23
N LYS B 338 -42.86 -24.98 23.50
CA LYS B 338 -43.07 -26.26 22.82
C LYS B 338 -44.48 -26.82 23.01
N CYS B 339 -45.06 -26.63 24.21
CA CYS B 339 -46.38 -27.17 24.50
C CYS B 339 -47.47 -26.14 24.68
N CYS B 340 -47.19 -24.85 24.39
CA CYS B 340 -48.14 -23.75 24.64
C CYS B 340 -48.56 -23.75 26.11
N ALA B 341 -47.58 -23.81 27.02
CA ALA B 341 -47.84 -23.89 28.44
C ALA B 341 -48.59 -22.68 28.92
N ALA B 342 -49.58 -22.92 29.78
CA ALA B 342 -50.38 -21.84 30.32
C ALA B 342 -49.54 -20.97 31.31
N ALA B 343 -48.66 -21.62 32.09
CA ALA B 343 -47.87 -20.93 33.08
C ALA B 343 -46.53 -21.63 33.38
N ILE B 344 -45.59 -20.87 33.90
CA ILE B 344 -44.33 -21.33 34.42
C ILE B 344 -44.43 -20.96 35.91
N ILE B 345 -44.47 -21.94 36.81
CA ILE B 345 -44.57 -21.69 38.23
C ILE B 345 -43.16 -21.76 38.78
N VAL B 346 -42.66 -20.69 39.36
CA VAL B 346 -41.32 -20.68 39.91
C VAL B 346 -41.32 -20.35 41.44
N LEU B 347 -40.41 -20.98 42.19
CA LEU B 347 -40.24 -20.70 43.61
C LEU B 347 -39.10 -19.75 43.70
N THR B 348 -39.31 -18.61 44.40
CA THR B 348 -38.26 -17.63 44.47
C THR B 348 -38.16 -16.93 45.82
N THR B 349 -36.94 -16.68 46.30
CA THR B 349 -36.75 -16.00 47.57
C THR B 349 -36.60 -14.51 47.31
N THR B 350 -35.71 -14.15 46.39
CA THR B 350 -35.43 -12.75 46.03
C THR B 350 -36.14 -12.24 44.79
N GLY B 351 -36.75 -13.12 44.01
CA GLY B 351 -37.38 -12.78 42.75
C GLY B 351 -36.48 -13.08 41.55
N ARG B 352 -35.16 -13.35 41.77
CA ARG B 352 -34.20 -13.56 40.69
C ARG B 352 -34.54 -14.69 39.69
N SER B 353 -35.00 -15.85 40.15
CA SER B 353 -35.37 -16.95 39.25
C SER B 353 -36.53 -16.54 38.34
N ALA B 354 -37.48 -15.73 38.85
CA ALA B 354 -38.60 -15.25 38.06
C ALA B 354 -38.10 -14.21 37.01
N GLN B 355 -37.13 -13.37 37.41
CA GLN B 355 -36.52 -12.38 36.55
C GLN B 355 -35.77 -13.04 35.39
N LEU B 356 -35.04 -14.13 35.64
CA LEU B 356 -34.33 -14.82 34.56
C LEU B 356 -35.28 -15.50 33.58
N LEU B 357 -36.46 -15.92 34.06
CA LEU B 357 -37.47 -16.49 33.18
C LEU B 357 -38.04 -15.36 32.30
N SER B 358 -38.37 -14.22 32.93
CA SER B 358 -38.94 -13.04 32.32
C SER B 358 -38.05 -12.47 31.20
N ARG B 359 -36.71 -12.56 31.30
CA ARG B 359 -35.82 -12.03 30.29
C ARG B 359 -35.96 -12.76 28.92
N TYR B 360 -36.44 -14.00 28.90
CA TYR B 360 -36.65 -14.70 27.63
C TYR B 360 -38.02 -14.44 27.02
N ARG B 361 -38.82 -13.58 27.65
CA ARG B 361 -40.14 -13.15 27.23
C ARG B 361 -41.07 -14.30 26.86
N PRO B 362 -41.35 -15.22 27.80
CA PRO B 362 -42.28 -16.31 27.48
C PRO B 362 -43.68 -15.80 27.27
N ARG B 363 -44.43 -16.52 26.44
CA ARG B 363 -45.84 -16.21 26.28
C ARG B 363 -46.60 -16.73 27.55
N ALA B 364 -46.10 -17.79 28.21
CA ALA B 364 -46.68 -18.34 29.45
C ALA B 364 -46.52 -17.36 30.61
N ALA B 365 -47.53 -17.27 31.50
CA ALA B 365 -47.42 -16.40 32.68
C ALA B 365 -46.38 -16.96 33.64
N VAL B 366 -45.56 -16.11 34.27
CA VAL B 366 -44.58 -16.59 35.25
C VAL B 366 -45.18 -16.37 36.62
N ILE B 367 -45.73 -17.43 37.22
CA ILE B 367 -46.31 -17.34 38.57
C ILE B 367 -45.21 -17.53 39.60
N ALA B 368 -44.83 -16.46 40.29
CA ALA B 368 -43.71 -16.53 41.23
C ALA B 368 -44.19 -16.66 42.66
N VAL B 369 -43.87 -17.81 43.28
CA VAL B 369 -44.23 -18.18 44.64
C VAL B 369 -43.10 -17.81 45.59
N THR B 370 -43.38 -16.91 46.52
CA THR B 370 -42.36 -16.43 47.44
C THR B 370 -42.93 -16.20 48.84
N ARG B 371 -42.05 -16.23 49.84
CA ARG B 371 -42.40 -15.91 51.22
C ARG B 371 -42.06 -14.44 51.53
N SER B 372 -41.20 -13.81 50.73
CA SER B 372 -40.80 -12.44 50.89
C SER B 372 -41.88 -11.49 50.35
N ALA B 373 -42.51 -10.70 51.24
CA ALA B 373 -43.50 -9.69 50.86
C ALA B 373 -42.86 -8.62 49.96
N GLN B 374 -41.62 -8.23 50.26
CA GLN B 374 -40.88 -7.26 49.48
C GLN B 374 -40.59 -7.78 48.07
N ALA B 375 -40.16 -9.06 47.94
CA ALA B 375 -39.90 -9.65 46.61
C ALA B 375 -41.21 -9.72 45.82
N ALA B 376 -42.33 -10.07 46.46
CA ALA B 376 -43.63 -10.12 45.77
C ALA B 376 -44.00 -8.75 45.21
N ARG B 377 -43.67 -7.66 45.94
CA ARG B 377 -43.94 -6.32 45.44
C ARG B 377 -42.95 -5.95 44.32
N GLN B 378 -41.67 -6.22 44.51
CA GLN B 378 -40.64 -5.83 43.55
C GLN B 378 -40.68 -6.59 42.22
N VAL B 379 -41.18 -7.83 42.18
CA VAL B 379 -41.19 -8.59 40.91
C VAL B 379 -42.15 -7.99 39.88
N HIS B 380 -43.01 -7.02 40.28
CA HIS B 380 -43.85 -6.26 39.37
C HIS B 380 -42.96 -5.49 38.33
N LEU B 381 -41.67 -5.25 38.64
CA LEU B 381 -40.77 -4.60 37.70
C LEU B 381 -40.45 -5.49 36.49
N CYS B 382 -40.63 -6.82 36.60
CA CYS B 382 -40.33 -7.79 35.54
C CYS B 382 -41.55 -8.18 34.79
N ARG B 383 -41.55 -7.93 33.46
CA ARG B 383 -42.71 -8.25 32.65
C ARG B 383 -43.10 -9.75 32.72
N GLY B 384 -44.39 -9.99 32.91
CA GLY B 384 -44.94 -11.33 32.93
C GLY B 384 -44.79 -12.11 34.21
N VAL B 385 -44.36 -11.44 35.28
CA VAL B 385 -44.23 -12.08 36.58
C VAL B 385 -45.43 -11.72 37.45
N PHE B 386 -46.18 -12.75 37.89
CA PHE B 386 -47.35 -12.63 38.72
C PHE B 386 -46.98 -13.14 40.11
N PRO B 387 -46.81 -12.23 41.07
CA PRO B 387 -46.39 -12.67 42.43
C PRO B 387 -47.47 -13.25 43.33
N LEU B 388 -47.15 -14.37 44.00
CA LEU B 388 -48.03 -14.98 45.00
C LEU B 388 -47.28 -15.00 46.31
N LEU B 389 -47.81 -14.33 47.32
CA LEU B 389 -47.20 -14.30 48.64
C LEU B 389 -47.72 -15.50 49.42
N TYR B 390 -46.82 -16.42 49.79
CA TYR B 390 -47.18 -17.65 50.49
C TYR B 390 -47.15 -17.46 51.99
N ARG B 391 -48.31 -17.63 52.63
CA ARG B 391 -48.45 -17.49 54.07
C ARG B 391 -48.87 -18.78 54.80
N GLU B 392 -48.83 -19.92 54.11
CA GLU B 392 -49.17 -21.20 54.73
C GLU B 392 -48.09 -21.68 55.70
N PRO B 393 -48.49 -22.44 56.74
CA PRO B 393 -47.50 -22.91 57.72
C PRO B 393 -46.46 -23.85 57.12
N PRO B 394 -45.21 -23.76 57.61
CA PRO B 394 -44.14 -24.57 57.02
C PRO B 394 -44.32 -26.06 57.25
N GLU B 395 -43.81 -26.87 56.33
CA GLU B 395 -43.76 -28.32 56.51
C GLU B 395 -42.44 -28.67 57.18
N ALA B 396 -42.41 -29.79 57.91
CA ALA B 396 -41.21 -30.25 58.61
C ALA B 396 -40.14 -30.67 57.59
N ILE B 397 -40.56 -31.39 56.55
CA ILE B 397 -39.64 -31.84 55.53
C ILE B 397 -39.59 -30.81 54.38
N TRP B 398 -38.38 -30.32 54.06
CA TRP B 398 -38.13 -29.34 53.01
C TRP B 398 -38.74 -29.72 51.65
N ALA B 399 -38.58 -30.98 51.22
CA ALA B 399 -39.11 -31.45 49.96
C ALA B 399 -40.65 -31.35 49.94
N ASP B 400 -41.29 -31.65 51.07
CA ASP B 400 -42.74 -31.56 51.17
C ASP B 400 -43.21 -30.11 51.16
N ASP B 401 -42.39 -29.21 51.71
CA ASP B 401 -42.67 -27.77 51.77
C ASP B 401 -42.65 -27.15 50.36
N VAL B 402 -41.69 -27.59 49.52
CA VAL B 402 -41.50 -27.18 48.13
C VAL B 402 -42.73 -27.64 47.38
N ASP B 403 -43.09 -28.94 47.51
CA ASP B 403 -44.26 -29.50 46.84
C ASP B 403 -45.53 -28.77 47.20
N ARG B 404 -45.65 -28.37 48.46
CA ARG B 404 -46.81 -27.61 48.91
C ARG B 404 -46.91 -26.24 48.27
N ARG B 405 -45.77 -25.53 48.13
CA ARG B 405 -45.70 -24.22 47.50
C ARG B 405 -46.04 -24.37 45.99
N VAL B 406 -45.57 -25.46 45.34
CA VAL B 406 -45.88 -25.71 43.95
C VAL B 406 -47.39 -25.92 43.77
N GLN B 407 -47.99 -26.74 44.65
CA GLN B 407 -49.43 -26.99 44.62
C GLN B 407 -50.23 -25.75 44.93
N PHE B 408 -49.74 -24.90 45.83
CA PHE B 408 -50.38 -23.63 46.15
C PHE B 408 -50.43 -22.76 44.88
N GLY B 409 -49.34 -22.77 44.10
CA GLY B 409 -49.18 -22.06 42.83
C GLY B 409 -50.17 -22.54 41.79
N ILE B 410 -50.38 -23.87 41.74
CA ILE B 410 -51.31 -24.52 40.82
C ILE B 410 -52.75 -24.25 41.21
N GLU B 411 -53.03 -24.30 42.51
CA GLU B 411 -54.39 -24.09 43.03
C GLU B 411 -54.80 -22.67 42.84
N SER B 412 -53.94 -21.74 43.21
CA SER B 412 -54.20 -20.31 43.03
C SER B 412 -54.29 -19.98 41.55
N GLY B 413 -53.50 -20.66 40.70
CA GLY B 413 -53.54 -20.48 39.26
C GLY B 413 -54.87 -20.90 38.66
N LYS B 414 -55.37 -22.09 39.05
CA LYS B 414 -56.63 -22.67 38.59
C LYS B 414 -57.83 -21.83 39.01
N LEU B 415 -57.91 -21.45 40.27
CA LEU B 415 -59.00 -20.64 40.82
C LEU B 415 -58.98 -19.20 40.30
N ARG B 416 -57.86 -18.74 39.72
CA ARG B 416 -57.73 -17.41 39.14
C ARG B 416 -57.86 -17.41 37.61
N GLY B 417 -58.04 -18.57 36.98
CA GLY B 417 -58.20 -18.64 35.55
C GLY B 417 -56.94 -18.75 34.74
N PHE B 418 -55.75 -18.62 35.37
CA PHE B 418 -54.49 -18.77 34.65
C PHE B 418 -54.32 -20.22 34.14
N LEU B 419 -54.78 -21.18 34.91
CA LEU B 419 -54.62 -22.58 34.58
C LEU B 419 -55.96 -23.24 34.51
N ARG B 420 -56.04 -24.23 33.65
CA ARG B 420 -57.24 -25.01 33.46
C ARG B 420 -56.88 -26.49 33.53
N VAL B 421 -57.85 -27.35 33.88
CA VAL B 421 -57.63 -28.80 33.83
C VAL B 421 -57.27 -29.20 32.37
N GLY B 422 -56.23 -30.00 32.20
CA GLY B 422 -55.75 -30.37 30.88
C GLY B 422 -54.55 -29.57 30.41
N ASP B 423 -54.30 -28.42 31.03
CA ASP B 423 -53.15 -27.59 30.67
C ASP B 423 -51.82 -28.22 31.06
N LEU B 424 -50.76 -27.81 30.39
CA LEU B 424 -49.42 -28.19 30.78
C LEU B 424 -48.79 -26.96 31.46
N VAL B 425 -48.09 -27.22 32.55
CA VAL B 425 -47.45 -26.16 33.31
C VAL B 425 -45.97 -26.55 33.53
N ILE B 426 -45.07 -25.57 33.50
CA ILE B 426 -43.65 -25.83 33.72
C ILE B 426 -43.36 -25.38 35.14
N VAL B 427 -42.73 -26.22 35.95
CA VAL B 427 -42.43 -25.87 37.36
C VAL B 427 -40.94 -25.74 37.54
N VAL B 428 -40.49 -24.61 38.08
CA VAL B 428 -39.08 -24.34 38.27
C VAL B 428 -38.74 -24.22 39.76
N THR B 429 -37.85 -25.10 40.24
CA THR B 429 -37.43 -25.19 41.64
C THR B 429 -35.88 -25.38 41.73
N GLY B 430 -35.36 -25.47 42.95
CA GLY B 430 -33.95 -25.70 43.22
C GLY B 430 -33.73 -26.99 43.99
N TRP B 431 -32.47 -27.36 44.17
CA TRP B 431 -32.11 -28.63 44.80
C TRP B 431 -31.86 -28.55 46.32
N ARG B 432 -31.73 -27.32 46.85
CA ARG B 432 -31.52 -27.10 48.29
C ARG B 432 -32.16 -25.77 48.69
N PRO B 433 -32.50 -25.59 49.98
CA PRO B 433 -33.09 -24.31 50.42
C PRO B 433 -32.15 -23.12 50.22
N GLY B 434 -32.70 -21.92 50.27
CA GLY B 434 -31.93 -20.70 50.09
C GLY B 434 -31.91 -20.22 48.66
N SER B 435 -31.71 -18.93 48.50
CA SER B 435 -31.65 -18.26 47.23
C SER B 435 -30.40 -18.70 46.40
N GLY B 436 -30.54 -18.77 45.08
CA GLY B 436 -29.44 -19.07 44.17
C GLY B 436 -29.23 -20.50 43.71
N TYR B 437 -30.13 -21.43 44.10
CA TYR B 437 -29.94 -22.84 43.76
C TYR B 437 -30.96 -23.43 42.80
N THR B 438 -31.73 -22.59 42.06
CA THR B 438 -32.67 -23.07 41.06
C THR B 438 -31.91 -23.88 39.99
N ASN B 439 -32.38 -25.10 39.70
CA ASN B 439 -31.71 -25.96 38.72
C ASN B 439 -32.67 -27.03 38.15
N ILE B 440 -33.96 -27.00 38.50
CA ILE B 440 -34.91 -28.02 38.07
C ILE B 440 -36.07 -27.45 37.28
N MET B 441 -36.45 -28.13 36.21
CA MET B 441 -37.60 -27.77 35.43
CA MET B 441 -37.57 -27.78 35.35
C MET B 441 -38.45 -29.05 35.26
N ARG B 442 -39.73 -28.97 35.57
CA ARG B 442 -40.62 -30.14 35.46
C ARG B 442 -41.83 -29.82 34.62
N VAL B 443 -42.29 -30.80 33.85
CA VAL B 443 -43.48 -30.65 33.02
C VAL B 443 -44.61 -31.35 33.76
N LEU B 444 -45.64 -30.58 34.15
CA LEU B 444 -46.76 -31.16 34.89
CA LEU B 444 -46.75 -31.15 34.89
C LEU B 444 -48.08 -30.98 34.15
N SER B 445 -48.93 -32.01 34.18
CA SER B 445 -50.23 -31.92 33.55
C SER B 445 -51.26 -31.51 34.63
N ILE B 446 -52.09 -30.51 34.35
CA ILE B 446 -53.07 -30.03 35.32
C ILE B 446 -54.28 -30.95 35.44
N SER B 447 -54.54 -31.45 36.64
CA SER B 447 -55.69 -32.31 36.88
C SER B 447 -56.69 -31.61 37.83
N GLU C 21 -48.68 -19.48 -17.58
CA GLU C 21 -47.65 -18.86 -18.42
C GLU C 21 -46.44 -19.79 -18.61
N LEU C 22 -46.07 -20.55 -17.56
CA LEU C 22 -44.98 -21.52 -17.63
C LEU C 22 -45.50 -22.97 -17.45
N GLY C 23 -46.59 -23.14 -16.71
CA GLY C 23 -47.20 -24.43 -16.46
C GLY C 23 -46.73 -25.09 -15.18
N THR C 24 -47.54 -26.03 -14.68
CA THR C 24 -47.21 -26.79 -13.47
C THR C 24 -46.02 -27.74 -13.73
N ALA C 25 -45.92 -28.29 -14.95
CA ALA C 25 -44.81 -29.17 -15.32
C ALA C 25 -43.47 -28.47 -15.16
N PHE C 26 -43.39 -27.16 -15.51
CA PHE C 26 -42.16 -26.38 -15.37
C PHE C 26 -41.68 -26.38 -13.92
N PHE C 27 -42.60 -26.20 -12.97
CA PHE C 27 -42.27 -26.13 -11.55
C PHE C 27 -42.07 -27.51 -10.88
N GLN C 28 -42.31 -28.62 -11.59
CA GLN C 28 -42.06 -29.94 -11.05
C GLN C 28 -40.63 -30.43 -11.40
N GLN C 29 -40.06 -29.94 -12.53
CA GLN C 29 -38.72 -30.27 -13.00
C GLN C 29 -37.66 -29.50 -12.23
N GLN C 30 -36.37 -29.87 -12.48
CA GLN C 30 -35.13 -29.30 -11.92
C GLN C 30 -35.19 -28.98 -10.42
N GLN C 31 -35.81 -29.89 -9.64
CA GLN C 31 -35.98 -29.78 -8.19
C GLN C 31 -36.57 -28.44 -7.75
N LEU C 32 -37.46 -27.85 -8.56
CA LEU C 32 -38.06 -26.57 -8.20
C LEU C 32 -38.89 -26.64 -6.91
N PRO C 33 -39.64 -27.71 -6.59
CA PRO C 33 -40.29 -27.77 -5.26
C PRO C 33 -39.26 -27.70 -4.12
N ALA C 34 -38.12 -28.40 -4.23
CA ALA C 34 -37.05 -28.35 -3.23
C ALA C 34 -36.35 -26.98 -3.19
N ALA C 35 -36.27 -26.31 -4.33
CA ALA C 35 -35.67 -24.98 -4.45
C ALA C 35 -36.48 -23.91 -3.77
N MET C 36 -37.81 -24.07 -3.73
CA MET C 36 -38.70 -23.11 -3.09
C MET C 36 -38.80 -23.30 -1.57
N ALA C 37 -38.18 -24.34 -0.99
CA ALA C 37 -38.30 -24.61 0.44
C ALA C 37 -37.77 -23.52 1.33
N ASP C 38 -38.37 -23.35 2.51
CA ASP C 38 -38.00 -22.27 3.44
C ASP C 38 -36.84 -22.63 4.36
N THR C 39 -36.51 -23.92 4.50
CA THR C 39 -35.34 -24.35 5.28
C THR C 39 -34.53 -25.35 4.46
N PHE C 40 -33.24 -25.53 4.81
CA PHE C 40 -32.39 -26.53 4.15
C PHE C 40 -32.92 -27.95 4.42
N LEU C 41 -33.42 -28.20 5.63
CA LEU C 41 -34.00 -29.49 6.00
C LEU C 41 -35.20 -29.81 5.13
N GLU C 42 -36.10 -28.84 4.93
CA GLU C 42 -37.28 -29.01 4.06
C GLU C 42 -36.86 -29.18 2.59
N HIS C 43 -35.76 -28.51 2.19
CA HIS C 43 -35.20 -28.59 0.85
C HIS C 43 -34.77 -30.04 0.60
N LEU C 44 -34.09 -30.67 1.58
CA LEU C 44 -33.67 -32.06 1.47
C LEU C 44 -34.88 -32.98 1.36
N CYS C 45 -35.89 -32.76 2.20
CA CYS C 45 -37.11 -33.55 2.22
C CYS C 45 -37.88 -33.51 0.91
N LEU C 46 -37.76 -32.42 0.16
CA LEU C 46 -38.46 -32.24 -1.11
C LEU C 46 -37.69 -32.72 -2.33
N LEU C 47 -36.46 -33.24 -2.18
CA LEU C 47 -35.70 -33.73 -3.33
C LEU C 47 -36.42 -34.92 -3.95
N ASP C 48 -36.59 -34.92 -5.27
CA ASP C 48 -37.38 -35.92 -5.95
C ASP C 48 -36.58 -36.58 -7.05
N ILE C 49 -36.45 -37.91 -6.99
CA ILE C 49 -35.74 -38.66 -8.03
C ILE C 49 -36.46 -38.59 -9.39
N ASP C 50 -37.76 -38.26 -9.41
CA ASP C 50 -38.53 -38.11 -10.63
C ASP C 50 -38.51 -36.69 -11.20
N SER C 51 -37.93 -35.72 -10.49
CA SER C 51 -37.84 -34.34 -10.95
C SER C 51 -36.60 -34.27 -11.85
N GLU C 52 -36.81 -34.28 -13.17
CA GLU C 52 -35.73 -34.31 -14.13
C GLU C 52 -34.98 -33.01 -14.31
N PRO C 53 -33.65 -33.08 -14.45
CA PRO C 53 -32.88 -31.85 -14.68
C PRO C 53 -33.12 -31.33 -16.10
N VAL C 54 -33.27 -30.01 -16.26
CA VAL C 54 -33.49 -29.43 -17.58
C VAL C 54 -32.34 -28.50 -17.98
N ALA C 55 -31.75 -27.80 -17.01
CA ALA C 55 -30.65 -26.87 -17.27
C ALA C 55 -29.42 -27.58 -17.78
N ALA C 56 -28.62 -26.86 -18.57
CA ALA C 56 -27.37 -27.39 -19.10
C ALA C 56 -26.40 -27.62 -17.89
N ARG C 57 -25.53 -28.64 -18.00
CA ARG C 57 -24.56 -28.96 -16.96
C ARG C 57 -23.55 -27.81 -16.82
N SER C 58 -23.47 -27.25 -15.64
CA SER C 58 -22.67 -26.09 -15.36
C SER C 58 -21.28 -26.37 -14.74
N THR C 59 -21.07 -27.51 -14.07
CA THR C 59 -19.76 -27.83 -13.48
C THR C 59 -18.92 -28.44 -14.57
N SER C 60 -17.78 -27.85 -14.88
CA SER C 60 -16.92 -28.37 -15.95
C SER C 60 -16.25 -29.66 -15.61
N ILE C 61 -16.03 -30.49 -16.63
CA ILE C 61 -15.35 -31.77 -16.47
C ILE C 61 -13.94 -31.64 -17.04
N ILE C 62 -12.94 -31.93 -16.21
CA ILE C 62 -11.56 -31.94 -16.67
C ILE C 62 -11.21 -33.41 -16.86
N ALA C 63 -10.74 -33.77 -18.05
CA ALA C 63 -10.36 -35.17 -18.29
C ALA C 63 -8.86 -35.24 -18.59
N THR C 64 -8.17 -36.15 -17.90
CA THR C 64 -6.73 -36.30 -18.11
C THR C 64 -6.49 -37.12 -19.37
N ILE C 65 -5.67 -36.58 -20.29
CA ILE C 65 -5.35 -37.22 -21.55
C ILE C 65 -4.18 -38.18 -21.36
N GLY C 66 -4.33 -39.41 -21.81
CA GLY C 66 -3.30 -40.44 -21.75
C GLY C 66 -3.50 -41.49 -22.83
N PRO C 67 -2.84 -42.65 -22.71
CA PRO C 67 -2.99 -43.69 -23.74
C PRO C 67 -4.43 -44.12 -24.06
N ALA C 68 -5.32 -44.10 -23.07
CA ALA C 68 -6.72 -44.47 -23.26
C ALA C 68 -7.58 -43.37 -23.92
N SER C 69 -7.06 -42.15 -24.04
CA SER C 69 -7.86 -41.04 -24.52
C SER C 69 -7.09 -40.09 -25.45
N ARG C 70 -6.09 -40.59 -26.17
CA ARG C 70 -5.26 -39.73 -27.01
C ARG C 70 -5.65 -39.62 -28.47
N SER C 71 -6.29 -40.66 -29.01
CA SER C 71 -6.67 -40.65 -30.42
C SER C 71 -7.72 -39.58 -30.70
N VAL C 72 -7.63 -38.96 -31.89
CA VAL C 72 -8.54 -37.91 -32.33
C VAL C 72 -9.99 -38.41 -32.29
N GLU C 73 -10.23 -39.66 -32.68
CA GLU C 73 -11.57 -40.23 -32.66
C GLU C 73 -12.12 -40.42 -31.25
N ARG C 74 -11.26 -40.85 -30.31
CA ARG C 74 -11.63 -41.03 -28.92
C ARG C 74 -11.89 -39.65 -28.27
N LEU C 75 -11.05 -38.66 -28.59
CA LEU C 75 -11.18 -37.28 -28.12
C LEU C 75 -12.49 -36.65 -28.60
N LYS C 76 -12.95 -36.97 -29.81
CA LYS C 76 -14.23 -36.46 -30.31
C LYS C 76 -15.36 -37.02 -29.47
N GLU C 77 -15.29 -38.31 -29.12
CA GLU C 77 -16.29 -38.94 -28.27
C GLU C 77 -16.31 -38.33 -26.87
N MET C 78 -15.14 -37.95 -26.35
CA MET C 78 -15.03 -37.33 -25.03
CA MET C 78 -15.03 -37.34 -25.03
C MET C 78 -15.55 -35.91 -25.01
N ILE C 79 -15.41 -35.18 -26.13
CA ILE C 79 -15.93 -33.83 -26.23
C ILE C 79 -17.46 -33.93 -26.25
N LYS C 80 -18.03 -34.90 -27.03
CA LYS C 80 -19.46 -35.11 -27.10
C LYS C 80 -20.03 -35.55 -25.74
N ALA C 81 -19.28 -36.36 -25.00
CA ALA C 81 -19.68 -36.82 -23.67
C ALA C 81 -19.68 -35.68 -22.62
N GLY C 82 -18.94 -34.61 -22.86
CA GLY C 82 -18.89 -33.47 -21.95
C GLY C 82 -17.56 -32.94 -21.46
N MET C 83 -16.41 -33.45 -21.95
CA MET C 83 -15.11 -32.93 -21.54
C MET C 83 -14.98 -31.43 -21.94
N ASN C 84 -14.64 -30.57 -20.97
CA ASN C 84 -14.47 -29.12 -21.21
C ASN C 84 -13.02 -28.71 -21.15
N ILE C 85 -12.20 -29.41 -20.34
CA ILE C 85 -10.80 -29.13 -20.15
C ILE C 85 -10.01 -30.40 -20.31
N ALA C 86 -8.95 -30.35 -21.12
CA ALA C 86 -8.07 -31.50 -21.32
C ALA C 86 -6.83 -31.30 -20.45
N ARG C 87 -6.57 -32.24 -19.54
CA ARG C 87 -5.41 -32.17 -18.64
C ARG C 87 -4.23 -32.98 -19.16
N LEU C 88 -3.06 -32.35 -19.25
CA LEU C 88 -1.84 -33.04 -19.65
C LEU C 88 -0.99 -33.20 -18.41
N ASN C 89 -0.81 -34.45 -17.94
CA ASN C 89 -0.03 -34.70 -16.73
C ASN C 89 1.43 -34.78 -17.07
N PHE C 90 2.18 -33.74 -16.74
CA PHE C 90 3.61 -33.70 -17.05
C PHE C 90 4.47 -34.54 -16.09
N SER C 91 3.86 -35.32 -15.21
CA SER C 91 4.57 -36.29 -14.40
C SER C 91 4.95 -37.52 -15.27
N HIS C 92 4.29 -37.74 -16.42
CA HIS C 92 4.52 -38.85 -17.34
C HIS C 92 4.62 -38.32 -18.76
N GLY C 93 5.45 -38.95 -19.58
CA GLY C 93 5.57 -38.58 -20.98
C GLY C 93 6.55 -37.47 -21.28
N SER C 94 6.98 -37.40 -22.53
CA SER C 94 7.92 -36.39 -22.97
C SER C 94 7.20 -35.17 -23.53
N HIS C 95 7.96 -34.09 -23.87
CA HIS C 95 7.38 -32.93 -24.50
C HIS C 95 6.77 -33.31 -25.87
N GLU C 96 7.43 -34.22 -26.59
CA GLU C 96 6.96 -34.68 -27.89
C GLU C 96 5.61 -35.40 -27.74
N TYR C 97 5.46 -36.21 -26.67
CA TYR C 97 4.23 -36.92 -26.39
C TYR C 97 3.10 -35.93 -26.10
N HIS C 98 3.36 -34.91 -25.26
CA HIS C 98 2.36 -33.92 -24.91
C HIS C 98 1.99 -33.00 -26.05
N ALA C 99 2.96 -32.65 -26.91
CA ALA C 99 2.67 -31.81 -28.09
C ALA C 99 1.73 -32.57 -29.04
N GLU C 100 1.89 -33.91 -29.14
CA GLU C 100 1.03 -34.72 -29.99
C GLU C 100 -0.38 -34.78 -29.38
N SER C 101 -0.48 -34.89 -28.04
CA SER C 101 -1.74 -34.89 -27.31
C SER C 101 -2.48 -33.55 -27.57
N ILE C 102 -1.77 -32.41 -27.45
CA ILE C 102 -2.31 -31.08 -27.71
C ILE C 102 -2.86 -30.98 -29.13
N ALA C 103 -2.08 -31.44 -30.10
CA ALA C 103 -2.48 -31.39 -31.52
C ALA C 103 -3.72 -32.25 -31.77
N ASN C 104 -3.83 -33.41 -31.11
CA ASN C 104 -4.98 -34.27 -31.26
C ASN C 104 -6.22 -33.66 -30.62
N VAL C 105 -6.06 -32.97 -29.46
CA VAL C 105 -7.18 -32.30 -28.81
C VAL C 105 -7.69 -31.20 -29.73
N ARG C 106 -6.79 -30.33 -30.21
CA ARG C 106 -7.16 -29.25 -31.14
C ARG C 106 -7.81 -29.75 -32.44
N GLU C 107 -7.34 -30.89 -32.96
CA GLU C 107 -7.92 -31.48 -34.17
C GLU C 107 -9.34 -31.97 -33.87
N ALA C 108 -9.55 -32.65 -32.74
CA ALA C 108 -10.88 -33.13 -32.35
C ALA C 108 -11.82 -31.95 -32.09
N VAL C 109 -11.34 -30.87 -31.46
CA VAL C 109 -12.14 -29.68 -31.19
C VAL C 109 -12.54 -28.98 -32.49
N GLU C 110 -11.58 -28.83 -33.42
CA GLU C 110 -11.88 -28.12 -34.67
C GLU C 110 -12.69 -28.95 -35.66
N SER C 111 -12.84 -30.27 -35.44
CA SER C 111 -13.68 -31.10 -36.29
C SER C 111 -15.18 -30.73 -36.20
N PHE C 112 -15.58 -29.95 -35.19
CA PHE C 112 -16.94 -29.49 -34.98
C PHE C 112 -17.13 -28.04 -35.45
N ALA C 113 -16.15 -27.43 -36.16
CA ALA C 113 -16.33 -26.06 -36.66
C ALA C 113 -17.48 -25.96 -37.71
N GLY C 114 -17.87 -27.08 -38.33
CA GLY C 114 -18.95 -27.15 -39.31
C GLY C 114 -20.35 -27.30 -38.74
N SER C 115 -20.47 -27.40 -37.40
CA SER C 115 -21.74 -27.52 -36.71
C SER C 115 -21.81 -26.57 -35.50
N PRO C 116 -22.57 -25.47 -35.59
CA PRO C 116 -22.67 -24.55 -34.44
C PRO C 116 -23.22 -25.19 -33.16
N LEU C 117 -24.10 -26.20 -33.33
CA LEU C 117 -24.73 -27.00 -32.27
C LEU C 117 -23.71 -27.90 -31.51
N SER C 118 -22.51 -28.10 -32.08
CA SER C 118 -21.46 -28.91 -31.46
C SER C 118 -20.11 -28.20 -31.25
N TYR C 119 -19.73 -27.12 -32.03
CA TYR C 119 -18.45 -26.45 -31.75
C TYR C 119 -18.51 -25.79 -30.37
N ARG C 120 -17.81 -26.43 -29.43
CA ARG C 120 -17.59 -26.05 -28.06
C ARG C 120 -16.08 -25.93 -27.84
N PRO C 121 -15.61 -24.78 -27.31
CA PRO C 121 -14.17 -24.64 -27.01
C PRO C 121 -13.73 -25.60 -25.90
N VAL C 122 -12.49 -26.10 -25.95
CA VAL C 122 -11.97 -27.01 -24.92
C VAL C 122 -10.64 -26.43 -24.46
N ALA C 123 -10.51 -26.14 -23.16
CA ALA C 123 -9.27 -25.59 -22.64
C ALA C 123 -8.19 -26.68 -22.54
N ILE C 124 -6.92 -26.26 -22.58
CA ILE C 124 -5.82 -27.19 -22.39
C ILE C 124 -5.06 -26.80 -21.15
N ALA C 125 -4.99 -27.70 -20.18
CA ALA C 125 -4.32 -27.45 -18.91
C ALA C 125 -3.06 -28.29 -18.78
N LEU C 126 -1.97 -27.68 -18.31
CA LEU C 126 -0.72 -28.39 -18.09
C LEU C 126 -0.58 -28.63 -16.60
N ASP C 127 -0.52 -29.90 -16.16
CA ASP C 127 -0.34 -30.22 -14.75
C ASP C 127 1.17 -30.50 -14.53
N THR C 128 1.86 -29.69 -13.70
CA THR C 128 3.30 -29.83 -13.46
C THR C 128 3.71 -31.04 -12.62
N LYS C 129 4.94 -31.51 -12.84
CA LYS C 129 5.49 -32.65 -12.12
C LYS C 129 5.64 -32.34 -10.64
N GLY C 130 6.12 -31.15 -10.33
CA GLY C 130 6.26 -30.73 -8.94
C GLY C 130 7.69 -30.49 -8.51
N PRO C 131 7.83 -29.89 -7.32
CA PRO C 131 9.18 -29.56 -6.79
C PRO C 131 10.02 -30.75 -6.31
N GLY C 132 9.36 -31.86 -5.98
CA GLY C 132 9.99 -33.05 -5.44
C GLY C 132 10.63 -32.73 -4.10
N SER C 133 11.89 -33.19 -3.92
CA SER C 133 12.65 -32.95 -2.71
C SER C 133 13.17 -31.49 -2.57
N GLY C 134 13.28 -30.78 -3.70
CA GLY C 134 13.78 -29.41 -3.71
C GLY C 134 12.87 -28.39 -3.06
N PRO C 135 13.45 -27.22 -2.76
CA PRO C 135 12.67 -26.16 -2.08
C PRO C 135 11.64 -25.42 -2.95
N GLY C 136 12.04 -25.01 -4.15
CA GLY C 136 11.18 -24.25 -5.05
C GLY C 136 10.89 -24.90 -6.38
N LEU C 137 10.76 -24.07 -7.44
CA LEU C 137 10.49 -24.59 -8.77
C LEU C 137 11.63 -25.44 -9.34
N SER C 138 11.32 -26.66 -9.77
CA SER C 138 12.32 -27.55 -10.34
C SER C 138 12.63 -27.20 -11.76
N GLU C 139 13.86 -27.53 -12.20
CA GLU C 139 14.39 -27.33 -13.55
C GLU C 139 13.43 -27.89 -14.59
N GLN C 140 12.87 -29.06 -14.31
CA GLN C 140 11.90 -29.68 -15.19
C GLN C 140 10.58 -28.90 -15.24
N ASP C 141 10.07 -28.37 -14.11
CA ASP C 141 8.86 -27.55 -14.13
C ASP C 141 9.12 -26.27 -14.93
N VAL C 142 10.33 -25.65 -14.76
CA VAL C 142 10.67 -24.45 -15.55
C VAL C 142 10.58 -24.75 -17.07
N ARG C 143 11.15 -25.88 -17.51
CA ARG C 143 11.13 -26.29 -18.92
C ARG C 143 9.76 -26.64 -19.42
N ASP C 144 8.97 -27.32 -18.59
CA ASP C 144 7.60 -27.71 -18.90
C ASP C 144 6.68 -26.49 -18.97
N LEU C 145 6.87 -25.51 -18.08
CA LEU C 145 6.10 -24.25 -18.12
C LEU C 145 6.41 -23.50 -19.40
N ARG C 146 7.68 -23.50 -19.83
CA ARG C 146 8.10 -22.86 -21.08
C ARG C 146 7.43 -23.54 -22.27
N PHE C 147 7.32 -24.87 -22.21
CA PHE C 147 6.66 -25.66 -23.26
C PHE C 147 5.17 -25.24 -23.35
N GLY C 148 4.52 -25.07 -22.20
CA GLY C 148 3.13 -24.67 -22.12
C GLY C 148 2.87 -23.31 -22.74
N VAL C 149 3.76 -22.35 -22.50
CA VAL C 149 3.66 -21.03 -23.11
C VAL C 149 3.79 -21.15 -24.63
N GLU C 150 4.79 -21.90 -25.09
CA GLU C 150 5.06 -22.08 -26.51
C GLU C 150 3.94 -22.82 -27.24
N HIS C 151 3.23 -23.69 -26.55
CA HIS C 151 2.13 -24.43 -27.14
C HIS C 151 0.75 -23.81 -26.86
N GLY C 152 0.72 -22.63 -26.27
CA GLY C 152 -0.51 -21.89 -26.01
C GLY C 152 -1.49 -22.54 -25.06
N VAL C 153 -0.99 -23.13 -23.95
CA VAL C 153 -1.88 -23.72 -22.95
C VAL C 153 -2.66 -22.60 -22.26
N ASP C 154 -3.85 -22.94 -21.78
CA ASP C 154 -4.72 -21.96 -21.15
C ASP C 154 -4.51 -21.89 -19.66
N ILE C 155 -4.25 -23.04 -19.04
CA ILE C 155 -4.18 -23.19 -17.58
C ILE C 155 -2.97 -23.99 -17.15
N VAL C 156 -2.43 -23.68 -15.97
CA VAL C 156 -1.37 -24.42 -15.33
C VAL C 156 -1.93 -24.92 -14.02
N PHE C 157 -1.87 -26.25 -13.79
CA PHE C 157 -2.25 -26.81 -12.50
C PHE C 157 -0.88 -26.96 -11.81
N ALA C 158 -0.52 -26.00 -10.95
CA ALA C 158 0.79 -26.04 -10.29
C ALA C 158 0.84 -27.02 -9.13
N SER C 159 1.64 -28.08 -9.26
CA SER C 159 1.74 -29.10 -8.22
C SER C 159 2.46 -28.62 -6.98
N PHE C 160 2.02 -29.15 -5.84
CA PHE C 160 2.60 -28.94 -4.52
C PHE C 160 2.88 -27.48 -4.18
N VAL C 161 1.86 -26.61 -4.31
CA VAL C 161 2.01 -25.22 -3.93
C VAL C 161 1.91 -25.17 -2.43
N ARG C 162 2.93 -24.61 -1.80
CA ARG C 162 3.04 -24.58 -0.33
C ARG C 162 2.95 -23.19 0.27
N LYS C 163 3.27 -22.16 -0.52
CA LYS C 163 3.29 -20.77 -0.09
C LYS C 163 3.13 -19.80 -1.26
N ALA C 164 2.89 -18.50 -0.99
CA ALA C 164 2.73 -17.50 -2.04
C ALA C 164 3.93 -17.40 -2.97
N SER C 165 5.16 -17.57 -2.45
CA SER C 165 6.35 -17.48 -3.29
C SER C 165 6.42 -18.60 -4.34
N ASP C 166 5.80 -19.76 -4.08
CA ASP C 166 5.73 -20.85 -5.05
C ASP C 166 4.92 -20.41 -6.26
N VAL C 167 3.80 -19.68 -6.03
CA VAL C 167 2.97 -19.16 -7.10
C VAL C 167 3.71 -18.10 -7.88
N ALA C 168 4.43 -17.20 -7.17
CA ALA C 168 5.21 -16.15 -7.82
C ALA C 168 6.29 -16.77 -8.73
N ALA C 169 6.87 -17.90 -8.32
CA ALA C 169 7.88 -18.59 -9.09
C ALA C 169 7.27 -19.12 -10.39
N VAL C 170 6.07 -19.76 -10.32
CA VAL C 170 5.34 -20.26 -11.49
C VAL C 170 4.98 -19.11 -12.42
N ARG C 171 4.49 -18.01 -11.87
CA ARG C 171 4.08 -16.82 -12.58
C ARG C 171 5.29 -16.21 -13.31
N ALA C 172 6.44 -16.12 -12.62
CA ALA C 172 7.69 -15.61 -13.19
C ALA C 172 8.15 -16.52 -14.34
N ALA C 173 7.98 -17.84 -14.17
CA ALA C 173 8.35 -18.80 -15.18
C ALA C 173 7.42 -18.75 -16.42
N LEU C 174 6.21 -18.12 -16.31
CA LEU C 174 5.34 -18.01 -17.48
C LEU C 174 5.84 -16.90 -18.49
N GLY C 175 7.16 -16.69 -18.51
CA GLY C 175 7.96 -15.84 -19.41
C GLY C 175 7.33 -14.53 -19.70
N PRO C 176 7.75 -13.83 -20.77
CA PRO C 176 7.07 -12.56 -21.10
C PRO C 176 5.71 -12.80 -21.80
N GLU C 177 5.52 -13.96 -22.45
CA GLU C 177 4.33 -14.30 -23.25
C GLU C 177 3.14 -14.91 -22.53
N GLY C 178 3.33 -15.53 -21.37
CA GLY C 178 2.26 -16.26 -20.71
C GLY C 178 1.61 -15.69 -19.48
N HIS C 179 1.54 -14.36 -19.34
CA HIS C 179 0.88 -13.77 -18.16
C HIS C 179 -0.64 -13.96 -18.15
N GLY C 180 -1.24 -14.30 -19.29
CA GLY C 180 -2.68 -14.56 -19.35
C GLY C 180 -3.08 -15.97 -18.99
N ILE C 181 -2.11 -16.88 -18.89
CA ILE C 181 -2.37 -18.27 -18.52
C ILE C 181 -2.83 -18.27 -17.05
N LYS C 182 -3.91 -19.02 -16.76
CA LYS C 182 -4.44 -19.09 -15.42
C LYS C 182 -3.62 -20.06 -14.57
N ILE C 183 -3.26 -19.67 -13.33
CA ILE C 183 -2.53 -20.56 -12.46
C ILE C 183 -3.46 -21.08 -11.39
N ILE C 184 -3.76 -22.36 -11.43
CA ILE C 184 -4.59 -23.05 -10.46
C ILE C 184 -3.64 -23.79 -9.51
N SER C 185 -3.54 -23.33 -8.27
CA SER C 185 -2.62 -23.94 -7.30
C SER C 185 -3.15 -25.22 -6.73
N LYS C 186 -2.36 -26.30 -6.82
CA LYS C 186 -2.74 -27.59 -6.27
C LYS C 186 -2.32 -27.66 -4.82
N ILE C 187 -3.28 -27.84 -3.91
CA ILE C 187 -3.00 -27.94 -2.48
C ILE C 187 -2.93 -29.43 -2.20
N GLU C 188 -1.72 -29.93 -1.90
CA GLU C 188 -1.50 -31.35 -1.72
C GLU C 188 -0.84 -31.74 -0.40
N ASN C 189 -0.61 -30.80 0.53
CA ASN C 189 0.06 -31.15 1.78
C ASN C 189 -0.39 -30.26 2.95
N HIS C 190 0.06 -30.57 4.18
CA HIS C 190 -0.30 -29.80 5.38
C HIS C 190 0.03 -28.31 5.25
N GLU C 191 1.24 -27.97 4.77
CA GLU C 191 1.65 -26.56 4.64
C GLU C 191 0.75 -25.78 3.66
N GLY C 192 0.38 -26.39 2.53
CA GLY C 192 -0.51 -25.77 1.55
C GLY C 192 -1.86 -25.44 2.17
N VAL C 193 -2.39 -26.35 3.01
CA VAL C 193 -3.67 -26.15 3.70
C VAL C 193 -3.55 -25.02 4.72
N LYS C 194 -2.45 -25.02 5.52
CA LYS C 194 -2.25 -24.00 6.53
C LYS C 194 -1.98 -22.62 5.96
N ARG C 195 -1.25 -22.54 4.87
CA ARG C 195 -0.97 -21.26 4.22
C ARG C 195 -1.94 -20.97 3.06
N PHE C 196 -3.14 -21.61 3.07
CA PHE C 196 -4.16 -21.48 2.05
C PHE C 196 -4.50 -20.05 1.65
N ASP C 197 -4.81 -19.17 2.62
CA ASP C 197 -5.19 -17.80 2.32
C ASP C 197 -4.16 -17.04 1.53
N GLU C 198 -2.89 -17.18 1.90
CA GLU C 198 -1.82 -16.49 1.18
C GLU C 198 -1.64 -17.06 -0.24
N ILE C 199 -1.91 -18.36 -0.43
CA ILE C 199 -1.81 -19.00 -1.72
C ILE C 199 -2.98 -18.56 -2.62
N LEU C 200 -4.21 -18.59 -2.09
CA LEU C 200 -5.40 -18.21 -2.84
C LEU C 200 -5.33 -16.76 -3.29
N GLU C 201 -4.80 -15.88 -2.43
CA GLU C 201 -4.68 -14.46 -2.73
C GLU C 201 -3.93 -14.17 -4.03
N VAL C 202 -2.84 -14.91 -4.29
CA VAL C 202 -2.03 -14.70 -5.48
C VAL C 202 -2.32 -15.69 -6.62
N SER C 203 -3.20 -16.67 -6.42
CA SER C 203 -3.52 -17.65 -7.45
C SER C 203 -4.81 -17.26 -8.18
N ASP C 204 -5.02 -17.83 -9.37
CA ASP C 204 -6.27 -17.61 -10.08
C ASP C 204 -7.37 -18.56 -9.55
N GLY C 205 -6.97 -19.68 -8.97
CA GLY C 205 -7.88 -20.67 -8.44
C GLY C 205 -7.13 -21.77 -7.72
N ILE C 206 -7.86 -22.77 -7.26
CA ILE C 206 -7.30 -23.85 -6.46
C ILE C 206 -7.74 -25.23 -6.94
N MET C 207 -6.87 -26.22 -6.78
CA MET C 207 -7.24 -27.61 -7.01
C MET C 207 -7.05 -28.34 -5.68
N VAL C 208 -8.08 -29.03 -5.19
CA VAL C 208 -8.01 -29.87 -4.00
C VAL C 208 -7.48 -31.19 -4.55
N ALA C 209 -6.16 -31.36 -4.51
CA ALA C 209 -5.47 -32.54 -5.05
C ALA C 209 -5.48 -33.62 -3.95
N ARG C 210 -6.60 -34.35 -3.87
CA ARG C 210 -6.88 -35.33 -2.82
C ARG C 210 -5.95 -36.53 -2.75
N GLY C 211 -5.34 -36.91 -3.87
CA GLY C 211 -4.40 -38.02 -3.93
C GLY C 211 -3.23 -37.84 -3.00
N ASP C 212 -2.41 -36.82 -3.24
CA ASP C 212 -1.28 -36.53 -2.37
C ASP C 212 -1.75 -36.03 -1.02
N LEU C 213 -2.82 -35.21 -0.99
CA LEU C 213 -3.31 -34.67 0.27
C LEU C 213 -3.70 -35.79 1.25
N GLY C 214 -4.30 -36.86 0.75
CA GLY C 214 -4.69 -38.02 1.54
C GLY C 214 -3.54 -38.87 2.06
N ILE C 215 -2.31 -38.64 1.57
CA ILE C 215 -1.07 -39.28 2.02
C ILE C 215 -0.30 -38.31 2.96
N GLU C 216 -0.37 -37.00 2.71
CA GLU C 216 0.32 -35.98 3.49
C GLU C 216 -0.35 -35.65 4.83
N ILE C 217 -1.68 -35.77 4.88
CA ILE C 217 -2.48 -35.57 6.09
C ILE C 217 -3.31 -36.87 6.31
N PRO C 218 -3.83 -37.11 7.53
CA PRO C 218 -4.67 -38.31 7.73
C PRO C 218 -5.84 -38.34 6.75
N ALA C 219 -6.08 -39.50 6.15
CA ALA C 219 -7.12 -39.70 5.14
C ALA C 219 -8.51 -39.22 5.62
N GLU C 220 -8.82 -39.44 6.89
CA GLU C 220 -10.11 -39.04 7.46
C GLU C 220 -10.28 -37.52 7.60
N LYS C 221 -9.22 -36.72 7.33
CA LYS C 221 -9.29 -35.27 7.43
C LYS C 221 -9.39 -34.58 6.05
N VAL C 222 -9.22 -35.32 4.94
CA VAL C 222 -9.26 -34.73 3.61
C VAL C 222 -10.59 -34.02 3.30
N PHE C 223 -11.73 -34.58 3.71
CA PHE C 223 -13.03 -33.95 3.46
C PHE C 223 -13.12 -32.56 4.13
N LEU C 224 -12.42 -32.37 5.28
CA LEU C 224 -12.44 -31.07 5.96
C LEU C 224 -11.68 -30.05 5.12
N ALA C 225 -10.53 -30.46 4.56
CA ALA C 225 -9.69 -29.61 3.72
C ALA C 225 -10.45 -29.27 2.44
N GLN C 226 -11.14 -30.25 1.84
CA GLN C 226 -11.91 -30.02 0.62
C GLN C 226 -13.03 -28.99 0.85
N LYS C 227 -13.86 -29.21 1.87
CA LYS C 227 -14.97 -28.32 2.16
C LYS C 227 -14.52 -26.90 2.54
N MET C 228 -13.41 -26.79 3.29
CA MET C 228 -12.86 -25.49 3.68
C MET C 228 -12.36 -24.73 2.46
N MET C 229 -11.62 -25.40 1.59
CA MET C 229 -11.05 -24.76 0.41
C MET C 229 -12.10 -24.37 -0.61
N ILE C 230 -13.13 -25.21 -0.78
CA ILE C 230 -14.20 -24.89 -1.72
C ILE C 230 -14.96 -23.66 -1.19
N GLY C 231 -15.29 -23.67 0.10
CA GLY C 231 -15.95 -22.53 0.72
C GLY C 231 -15.16 -21.22 0.60
N ARG C 232 -13.84 -21.25 0.85
CA ARG C 232 -13.03 -20.04 0.75
C ARG C 232 -12.90 -19.55 -0.68
N CYS C 233 -12.85 -20.48 -1.65
CA CYS C 233 -12.80 -20.13 -3.07
C CYS C 233 -14.10 -19.51 -3.51
N ASN C 234 -15.23 -20.05 -3.05
CA ASN C 234 -16.56 -19.51 -3.38
C ASN C 234 -16.70 -18.11 -2.82
N LEU C 235 -16.20 -17.87 -1.60
CA LEU C 235 -16.25 -16.57 -0.95
C LEU C 235 -15.37 -15.58 -1.73
N ALA C 236 -14.19 -16.02 -2.20
CA ALA C 236 -13.30 -15.17 -2.98
C ALA C 236 -13.71 -14.98 -4.45
N GLY C 237 -14.63 -15.81 -4.94
CA GLY C 237 -15.04 -15.75 -6.35
C GLY C 237 -13.98 -16.33 -7.27
N LYS C 238 -13.19 -17.31 -6.81
CA LYS C 238 -12.13 -17.91 -7.63
C LYS C 238 -12.41 -19.38 -7.89
N PRO C 239 -12.11 -19.86 -9.11
CA PRO C 239 -12.38 -21.28 -9.43
C PRO C 239 -11.75 -22.31 -8.48
N VAL C 240 -12.48 -23.37 -8.16
CA VAL C 240 -11.98 -24.44 -7.33
C VAL C 240 -12.29 -25.78 -8.01
N VAL C 241 -11.29 -26.65 -8.12
CA VAL C 241 -11.42 -27.94 -8.76
C VAL C 241 -11.38 -29.03 -7.71
N CYS C 242 -12.30 -30.00 -7.80
CA CYS C 242 -12.23 -31.16 -6.93
C CYS C 242 -11.59 -32.27 -7.75
N ALA C 243 -10.52 -32.88 -7.24
CA ALA C 243 -9.78 -33.86 -8.02
C ALA C 243 -9.45 -35.14 -7.26
N THR C 244 -9.19 -36.22 -8.04
CA THR C 244 -8.63 -37.52 -7.70
C THR C 244 -9.59 -38.53 -7.07
N GLN C 245 -9.65 -39.72 -7.70
CA GLN C 245 -10.41 -40.90 -7.30
C GLN C 245 -11.91 -40.69 -7.21
N MET C 246 -12.44 -39.71 -7.95
CA MET C 246 -13.86 -39.44 -7.94
C MET C 246 -14.67 -40.61 -8.47
N LEU C 247 -14.17 -41.27 -9.55
CA LEU C 247 -14.81 -42.47 -10.11
C LEU C 247 -13.74 -43.56 -10.31
N GLU C 248 -12.81 -43.70 -9.37
CA GLU C 248 -11.67 -44.62 -9.45
C GLU C 248 -12.00 -46.03 -9.97
N SER C 249 -13.02 -46.68 -9.42
CA SER C 249 -13.40 -48.03 -9.83
C SER C 249 -13.71 -48.12 -11.35
N MET C 250 -14.09 -47.01 -11.99
CA MET C 250 -14.36 -47.02 -13.41
C MET C 250 -13.09 -47.17 -14.29
N ILE C 251 -11.89 -47.26 -13.68
CA ILE C 251 -10.68 -47.52 -14.44
C ILE C 251 -10.79 -48.96 -15.03
N THR C 252 -11.38 -49.92 -14.28
CA THR C 252 -11.57 -51.29 -14.75
C THR C 252 -13.05 -51.70 -14.89
N LYS C 253 -13.99 -51.01 -14.25
CA LYS C 253 -15.40 -51.38 -14.30
C LYS C 253 -16.28 -50.37 -15.06
N PRO C 254 -17.33 -50.83 -15.78
CA PRO C 254 -18.16 -49.88 -16.55
C PRO C 254 -19.11 -49.03 -15.72
N ARG C 255 -19.31 -49.37 -14.43
CA ARG C 255 -20.19 -48.62 -13.54
C ARG C 255 -19.44 -48.27 -12.26
N PRO C 256 -19.68 -47.08 -11.71
CA PRO C 256 -19.01 -46.71 -10.45
C PRO C 256 -19.69 -47.27 -9.20
N THR C 257 -18.99 -47.18 -8.06
CA THR C 257 -19.57 -47.60 -6.78
C THR C 257 -20.54 -46.50 -6.26
N ARG C 258 -21.33 -46.83 -5.23
CA ARG C 258 -22.24 -45.87 -4.61
C ARG C 258 -21.49 -44.72 -3.94
N ALA C 259 -20.28 -44.96 -3.43
CA ALA C 259 -19.47 -43.91 -2.82
C ALA C 259 -18.94 -42.93 -3.87
N GLU C 260 -18.65 -43.41 -5.05
CA GLU C 260 -18.14 -42.60 -6.15
C GLU C 260 -19.16 -41.64 -6.73
N THR C 261 -20.41 -42.08 -6.96
CA THR C 261 -21.44 -41.17 -7.46
C THR C 261 -21.78 -40.12 -6.39
N SER C 262 -21.80 -40.55 -5.12
CA SER C 262 -22.02 -39.70 -3.98
C SER C 262 -20.94 -38.61 -3.90
N ASP C 263 -19.68 -39.02 -4.10
CA ASP C 263 -18.54 -38.11 -4.06
C ASP C 263 -18.66 -37.02 -5.16
N VAL C 264 -19.04 -37.42 -6.39
CA VAL C 264 -19.18 -36.44 -7.47
C VAL C 264 -20.31 -35.45 -7.15
N ALA C 265 -21.45 -35.98 -6.68
CA ALA C 265 -22.59 -35.14 -6.33
C ALA C 265 -22.25 -34.17 -5.21
N ASN C 266 -21.54 -34.67 -4.17
CA ASN C 266 -21.16 -33.85 -3.03
C ASN C 266 -20.10 -32.82 -3.38
N ALA C 267 -19.23 -33.06 -4.35
CA ALA C 267 -18.24 -32.05 -4.78
C ALA C 267 -18.99 -30.84 -5.38
N VAL C 268 -20.01 -31.11 -6.22
CA VAL C 268 -20.88 -30.09 -6.82
C VAL C 268 -21.67 -29.37 -5.73
N LEU C 269 -22.30 -30.13 -4.83
CA LEU C 269 -23.07 -29.52 -3.74
C LEU C 269 -22.17 -28.73 -2.77
N ASP C 270 -20.91 -29.10 -2.62
CA ASP C 270 -19.94 -28.37 -1.77
C ASP C 270 -19.65 -27.00 -2.36
N GLY C 271 -19.73 -26.86 -3.70
CA GLY C 271 -19.47 -25.63 -4.39
C GLY C 271 -18.35 -25.67 -5.41
N ALA C 272 -17.88 -26.86 -5.80
CA ALA C 272 -16.80 -26.96 -6.79
C ALA C 272 -17.19 -26.43 -8.16
N ASP C 273 -16.27 -25.70 -8.78
CA ASP C 273 -16.49 -25.19 -10.12
C ASP C 273 -16.24 -26.28 -11.14
N CYS C 274 -15.23 -27.14 -10.88
CA CYS C 274 -14.82 -28.21 -11.78
C CYS C 274 -14.67 -29.50 -11.03
N ILE C 275 -14.87 -30.61 -11.74
CA ILE C 275 -14.63 -31.95 -11.24
C ILE C 275 -13.64 -32.59 -12.24
N MET C 276 -12.75 -33.45 -11.75
CA MET C 276 -11.70 -34.01 -12.58
C MET C 276 -11.73 -35.54 -12.67
N LEU C 277 -11.16 -36.07 -13.75
CA LEU C 277 -10.95 -37.49 -13.96
C LEU C 277 -9.45 -37.65 -14.27
N SER C 278 -8.76 -38.55 -13.57
CA SER C 278 -7.33 -38.77 -13.80
C SER C 278 -7.13 -40.12 -14.51
N GLY C 279 -6.86 -41.20 -13.77
CA GLY C 279 -6.69 -42.54 -14.31
C GLY C 279 -7.90 -43.03 -15.07
N GLU C 280 -9.11 -42.58 -14.66
CA GLU C 280 -10.38 -42.94 -15.28
C GLU C 280 -10.38 -42.64 -16.76
N THR C 281 -9.72 -41.55 -17.18
CA THR C 281 -9.67 -41.19 -18.61
C THR C 281 -8.28 -41.37 -19.21
N ALA C 282 -7.21 -41.24 -18.42
CA ALA C 282 -5.86 -41.36 -18.92
C ALA C 282 -5.46 -42.80 -19.26
N LYS C 283 -5.79 -43.75 -18.37
CA LYS C 283 -5.38 -45.15 -18.60
C LYS C 283 -6.48 -46.20 -18.49
N GLY C 284 -7.69 -45.79 -18.11
CA GLY C 284 -8.77 -46.74 -17.90
C GLY C 284 -9.42 -47.34 -19.13
N ASN C 285 -10.24 -48.35 -18.91
CA ASN C 285 -10.96 -49.03 -19.97
C ASN C 285 -12.24 -48.36 -20.39
N PHE C 286 -12.73 -47.35 -19.64
CA PHE C 286 -13.99 -46.67 -19.94
C PHE C 286 -13.85 -45.13 -19.84
N PRO C 287 -12.94 -44.49 -20.61
CA PRO C 287 -12.77 -43.03 -20.49
C PRO C 287 -14.02 -42.22 -20.85
N VAL C 288 -14.72 -42.61 -21.92
CA VAL C 288 -15.91 -41.90 -22.35
C VAL C 288 -17.05 -42.11 -21.36
N GLU C 289 -17.19 -43.34 -20.85
CA GLU C 289 -18.23 -43.65 -19.88
C GLU C 289 -18.02 -42.91 -18.56
N ALA C 290 -16.73 -42.68 -18.18
CA ALA C 290 -16.40 -41.94 -16.97
C ALA C 290 -16.84 -40.48 -17.12
N VAL C 291 -16.65 -39.90 -18.33
CA VAL C 291 -17.07 -38.52 -18.64
C VAL C 291 -18.60 -38.44 -18.59
N LYS C 292 -19.27 -39.41 -19.21
CA LYS C 292 -20.74 -39.45 -19.22
C LYS C 292 -21.31 -39.55 -17.83
N MET C 293 -20.65 -40.32 -16.95
CA MET C 293 -21.11 -40.48 -15.58
C MET C 293 -20.99 -39.17 -14.81
N GLN C 294 -19.84 -38.48 -14.94
CA GLN C 294 -19.67 -37.19 -14.28
C GLN C 294 -20.66 -36.16 -14.79
N HIS C 295 -20.96 -36.18 -16.11
CA HIS C 295 -21.93 -35.29 -16.69
C HIS C 295 -23.33 -35.53 -16.08
N ALA C 296 -23.74 -36.79 -16.02
CA ALA C 296 -25.06 -37.17 -15.52
C ALA C 296 -25.24 -36.78 -14.05
N ILE C 297 -24.23 -37.05 -13.22
CA ILE C 297 -24.28 -36.73 -11.80
C ILE C 297 -24.27 -35.24 -11.56
N ALA C 298 -23.37 -34.49 -12.27
CA ALA C 298 -23.28 -33.05 -12.06
C ALA C 298 -24.60 -32.36 -12.39
N ARG C 299 -25.29 -32.77 -13.48
CA ARG C 299 -26.60 -32.21 -13.86
C ARG C 299 -27.63 -32.42 -12.74
N GLU C 300 -27.68 -33.63 -12.17
CA GLU C 300 -28.59 -33.94 -11.10
C GLU C 300 -28.24 -33.12 -9.85
N ALA C 301 -26.95 -33.02 -9.49
CA ALA C 301 -26.50 -32.31 -8.30
C ALA C 301 -26.69 -30.81 -8.39
N GLU C 302 -26.52 -30.22 -9.57
CA GLU C 302 -26.72 -28.79 -9.75
C GLU C 302 -28.19 -28.38 -9.52
N ALA C 303 -29.15 -29.21 -9.93
CA ALA C 303 -30.56 -28.91 -9.71
C ALA C 303 -30.89 -29.02 -8.20
N ALA C 304 -30.17 -29.88 -7.46
CA ALA C 304 -30.35 -30.06 -6.02
C ALA C 304 -29.66 -28.99 -5.17
N VAL C 305 -28.96 -28.01 -5.79
CA VAL C 305 -28.32 -26.94 -5.02
C VAL C 305 -29.41 -26.06 -4.39
N TYR C 306 -29.28 -25.70 -3.10
CA TYR C 306 -30.24 -24.86 -2.39
C TYR C 306 -29.84 -23.40 -2.59
N HIS C 307 -30.17 -22.87 -3.77
CA HIS C 307 -29.84 -21.50 -4.19
C HIS C 307 -30.34 -20.43 -3.23
N ARG C 308 -31.51 -20.62 -2.60
CA ARG C 308 -32.05 -19.63 -1.70
C ARG C 308 -31.08 -19.28 -0.58
N GLN C 309 -30.45 -20.29 0.04
CA GLN C 309 -29.50 -20.02 1.11
C GLN C 309 -28.14 -19.62 0.55
N LEU C 310 -27.69 -20.31 -0.52
CA LEU C 310 -26.43 -20.05 -1.17
C LEU C 310 -26.31 -18.60 -1.63
N PHE C 311 -27.30 -18.11 -2.35
CA PHE C 311 -27.31 -16.73 -2.84
C PHE C 311 -27.30 -15.73 -1.69
N GLU C 312 -28.16 -15.93 -0.69
CA GLU C 312 -28.21 -15.04 0.48
C GLU C 312 -26.87 -14.98 1.22
N GLU C 313 -26.25 -16.14 1.42
CA GLU C 313 -24.96 -16.21 2.11
C GLU C 313 -23.83 -15.61 1.31
N LEU C 314 -23.80 -15.81 -0.02
CA LEU C 314 -22.77 -15.21 -0.88
C LEU C 314 -22.92 -13.70 -0.87
N ARG C 315 -24.18 -13.21 -0.94
CA ARG C 315 -24.55 -11.81 -0.90
C ARG C 315 -24.11 -11.18 0.44
N ARG C 316 -24.45 -11.83 1.56
CA ARG C 316 -24.13 -11.33 2.90
C ARG C 316 -22.61 -11.34 3.17
N ALA C 317 -21.92 -12.41 2.78
CA ALA C 317 -20.48 -12.51 3.02
C ALA C 317 -19.65 -11.59 2.13
N ALA C 318 -20.15 -11.25 0.93
CA ALA C 318 -19.40 -10.40 0.02
C ALA C 318 -19.41 -8.96 0.53
N PRO C 319 -18.26 -8.29 0.48
CA PRO C 319 -18.23 -6.88 0.95
C PRO C 319 -18.86 -5.93 -0.06
N LEU C 320 -19.16 -4.71 0.39
CA LEU C 320 -19.66 -3.65 -0.48
C LEU C 320 -18.63 -3.36 -1.57
N SER C 321 -19.12 -2.94 -2.74
CA SER C 321 -18.20 -2.69 -3.82
C SER C 321 -18.54 -1.47 -4.61
N ARG C 322 -17.51 -0.77 -5.04
CA ARG C 322 -17.69 0.38 -5.91
C ARG C 322 -17.27 0.05 -7.36
N ASP C 323 -17.03 -1.23 -7.67
CA ASP C 323 -16.66 -1.68 -9.00
C ASP C 323 -17.96 -1.94 -9.74
N PRO C 324 -18.22 -1.20 -10.81
CA PRO C 324 -19.48 -1.39 -11.53
C PRO C 324 -19.70 -2.80 -12.05
N THR C 325 -18.64 -3.57 -12.39
CA THR C 325 -18.82 -4.93 -12.88
C THR C 325 -19.40 -5.80 -11.76
N GLU C 326 -18.85 -5.66 -10.55
CA GLU C 326 -19.31 -6.38 -9.37
CA GLU C 326 -19.31 -6.39 -9.38
C GLU C 326 -20.77 -5.99 -9.00
N VAL C 327 -21.08 -4.69 -9.05
CA VAL C 327 -22.42 -4.18 -8.77
C VAL C 327 -23.44 -4.67 -9.83
N THR C 328 -23.03 -4.66 -11.12
CA THR C 328 -23.91 -5.11 -12.21
C THR C 328 -24.20 -6.59 -12.07
N ALA C 329 -23.15 -7.39 -11.75
CA ALA C 329 -23.25 -8.83 -11.59
C ALA C 329 -24.27 -9.26 -10.56
N ILE C 330 -24.29 -8.61 -9.38
CA ILE C 330 -25.25 -8.99 -8.34
C ILE C 330 -26.68 -8.56 -8.71
N GLY C 331 -26.82 -7.41 -9.37
CA GLY C 331 -28.10 -6.93 -9.86
C GLY C 331 -28.67 -7.88 -10.89
N ALA C 332 -27.81 -8.36 -11.84
CA ALA C 332 -28.18 -9.28 -12.90
C ALA C 332 -28.57 -10.65 -12.37
N VAL C 333 -27.88 -11.15 -11.35
CA VAL C 333 -28.19 -12.45 -10.76
C VAL C 333 -29.52 -12.36 -9.97
N GLU C 334 -29.74 -11.25 -9.26
CA GLU C 334 -30.99 -10.99 -8.54
CA GLU C 334 -30.98 -10.98 -8.53
C GLU C 334 -32.15 -10.94 -9.54
N ALA C 335 -31.97 -10.25 -10.67
CA ALA C 335 -32.95 -10.13 -11.74
C ALA C 335 -33.26 -11.51 -12.36
N ALA C 336 -32.22 -12.34 -12.58
CA ALA C 336 -32.39 -13.65 -13.16
C ALA C 336 -33.26 -14.55 -12.27
N PHE C 337 -33.01 -14.52 -10.93
CA PHE C 337 -33.80 -15.30 -9.98
C PHE C 337 -35.26 -14.79 -9.96
N LYS C 338 -35.47 -13.47 -10.02
CA LYS C 338 -36.81 -12.90 -9.95
C LYS C 338 -37.73 -13.38 -11.08
N CYS C 339 -37.20 -13.59 -12.31
CA CYS C 339 -38.02 -14.01 -13.43
C CYS C 339 -37.77 -15.41 -13.90
N CYS C 340 -36.96 -16.22 -13.18
CA CYS C 340 -36.56 -17.57 -13.63
C CYS C 340 -35.94 -17.50 -15.04
N ALA C 341 -35.02 -16.52 -15.24
CA ALA C 341 -34.39 -16.26 -16.53
C ALA C 341 -33.76 -17.51 -17.07
N ALA C 342 -33.97 -17.78 -18.35
CA ALA C 342 -33.36 -18.95 -18.98
C ALA C 342 -31.82 -18.80 -18.97
N ALA C 343 -31.34 -17.56 -19.08
CA ALA C 343 -29.94 -17.29 -19.19
C ALA C 343 -29.60 -15.82 -18.86
N ILE C 344 -28.31 -15.55 -18.60
CA ILE C 344 -27.70 -14.26 -18.47
C ILE C 344 -26.68 -14.26 -19.60
N ILE C 345 -26.85 -13.42 -20.61
CA ILE C 345 -25.91 -13.32 -21.70
C ILE C 345 -24.96 -12.20 -21.34
N VAL C 346 -23.66 -12.50 -21.26
CA VAL C 346 -22.66 -11.48 -20.92
C VAL C 346 -21.60 -11.29 -22.01
N LEU C 347 -21.30 -10.03 -22.35
CA LEU C 347 -20.23 -9.75 -23.29
C LEU C 347 -18.96 -9.60 -22.43
N THR C 348 -17.93 -10.38 -22.76
CA THR C 348 -16.70 -10.36 -21.99
C THR C 348 -15.50 -10.60 -22.87
N THR C 349 -14.42 -9.85 -22.67
CA THR C 349 -13.19 -10.06 -23.46
C THR C 349 -12.15 -10.86 -22.68
N THR C 350 -12.05 -10.59 -21.38
CA THR C 350 -11.13 -11.35 -20.54
C THR C 350 -11.85 -12.51 -19.79
N GLY C 351 -13.18 -12.47 -19.74
CA GLY C 351 -13.96 -13.44 -18.99
C GLY C 351 -14.33 -12.93 -17.60
N ARG C 352 -13.79 -11.78 -17.19
CA ARG C 352 -14.03 -11.28 -15.84
C ARG C 352 -15.51 -11.00 -15.50
N SER C 353 -16.24 -10.47 -16.45
CA SER C 353 -17.66 -10.16 -16.23
C SER C 353 -18.47 -11.46 -16.02
N ALA C 354 -18.08 -12.55 -16.72
CA ALA C 354 -18.75 -13.82 -16.59
C ALA C 354 -18.37 -14.45 -15.23
N GLN C 355 -17.12 -14.29 -14.81
CA GLN C 355 -16.63 -14.79 -13.54
C GLN C 355 -17.36 -14.13 -12.34
N LEU C 356 -17.54 -12.81 -12.37
CA LEU C 356 -18.27 -12.12 -11.30
C LEU C 356 -19.74 -12.52 -11.27
N LEU C 357 -20.33 -12.91 -12.40
CA LEU C 357 -21.71 -13.39 -12.43
C LEU C 357 -21.75 -14.77 -11.78
N SER C 358 -20.81 -15.64 -12.17
CA SER C 358 -20.63 -17.01 -11.70
C SER C 358 -20.46 -17.11 -10.19
N ARG C 359 -19.78 -16.14 -9.55
CA ARG C 359 -19.56 -16.16 -8.12
C ARG C 359 -20.87 -16.08 -7.30
N TYR C 360 -21.97 -15.53 -7.89
CA TYR C 360 -23.25 -15.50 -7.16
C TYR C 360 -24.10 -16.75 -7.39
N ARG C 361 -23.56 -17.74 -8.10
CA ARG C 361 -24.18 -19.02 -8.40
C ARG C 361 -25.62 -18.92 -8.93
N PRO C 362 -25.85 -18.23 -10.05
CA PRO C 362 -27.19 -18.15 -10.58
C PRO C 362 -27.69 -19.50 -11.07
N ARG C 363 -28.99 -19.72 -11.00
CA ARG C 363 -29.58 -20.92 -11.59
C ARG C 363 -29.56 -20.75 -13.13
N ALA C 364 -29.67 -19.49 -13.66
CA ALA C 364 -29.61 -19.21 -15.09
C ALA C 364 -28.21 -19.50 -15.65
N ALA C 365 -28.14 -20.03 -16.86
CA ALA C 365 -26.86 -20.28 -17.53
C ALA C 365 -26.23 -18.94 -17.88
N VAL C 366 -24.91 -18.81 -17.72
CA VAL C 366 -24.21 -17.57 -18.04
C VAL C 366 -23.60 -17.78 -19.42
N ILE C 367 -24.24 -17.26 -20.46
CA ILE C 367 -23.73 -17.39 -21.83
C ILE C 367 -22.74 -16.27 -22.08
N ALA C 368 -21.44 -16.59 -22.14
CA ALA C 368 -20.41 -15.57 -22.28
C ALA C 368 -19.98 -15.43 -23.72
N VAL C 369 -20.26 -14.25 -24.31
CA VAL C 369 -19.92 -14.01 -25.71
C VAL C 369 -18.62 -13.24 -25.77
N THR C 370 -17.61 -13.85 -26.42
CA THR C 370 -16.31 -13.22 -26.49
C THR C 370 -15.65 -13.36 -27.84
N ARG C 371 -14.86 -12.35 -28.23
CA ARG C 371 -14.02 -12.49 -29.42
C ARG C 371 -12.69 -13.19 -29.06
N SER C 372 -12.39 -13.42 -27.77
CA SER C 372 -11.16 -14.06 -27.36
C SER C 372 -11.26 -15.57 -27.24
N ALA C 373 -10.53 -16.29 -28.11
CA ALA C 373 -10.48 -17.74 -28.06
C ALA C 373 -9.92 -18.23 -26.70
N GLN C 374 -8.91 -17.53 -26.14
CA GLN C 374 -8.33 -17.92 -24.85
C GLN C 374 -9.35 -17.74 -23.72
N ALA C 375 -10.06 -16.60 -23.69
CA ALA C 375 -11.06 -16.37 -22.66
C ALA C 375 -12.18 -17.40 -22.79
N ALA C 376 -12.60 -17.72 -24.03
CA ALA C 376 -13.62 -18.76 -24.25
C ALA C 376 -13.22 -20.09 -23.64
N ARG C 377 -11.94 -20.48 -23.77
CA ARG C 377 -11.46 -21.71 -23.20
C ARG C 377 -11.34 -21.62 -21.68
N GLN C 378 -10.79 -20.49 -21.18
CA GLN C 378 -10.53 -20.34 -19.75
C GLN C 378 -11.76 -20.18 -18.89
N VAL C 379 -12.87 -19.66 -19.44
CA VAL C 379 -14.07 -19.47 -18.61
C VAL C 379 -14.72 -20.79 -18.21
N HIS C 380 -14.27 -21.95 -18.77
CA HIS C 380 -14.71 -23.27 -18.34
C HIS C 380 -14.35 -23.49 -16.85
N LEU C 381 -13.38 -22.73 -16.30
CA LEU C 381 -13.01 -22.83 -14.90
C LEU C 381 -14.13 -22.31 -13.98
N CYS C 382 -15.03 -21.45 -14.48
CA CYS C 382 -16.11 -20.85 -13.70
C CYS C 382 -17.40 -21.57 -13.89
N ARG C 383 -17.97 -22.09 -12.80
CA ARG C 383 -19.22 -22.81 -12.86
C ARG C 383 -20.37 -22.02 -13.50
N GLY C 384 -21.05 -22.67 -14.43
CA GLY C 384 -22.20 -22.10 -15.09
C GLY C 384 -21.92 -21.15 -16.23
N VAL C 385 -20.66 -21.04 -16.65
CA VAL C 385 -20.31 -20.15 -17.76
C VAL C 385 -20.17 -21.00 -19.02
N PHE C 386 -20.97 -20.67 -20.05
CA PHE C 386 -21.01 -21.35 -21.33
C PHE C 386 -20.42 -20.40 -22.33
N PRO C 387 -19.14 -20.62 -22.73
CA PRO C 387 -18.52 -19.69 -23.69
C PRO C 387 -18.99 -19.86 -25.12
N LEU C 388 -19.02 -18.75 -25.85
CA LEU C 388 -19.35 -18.65 -27.27
C LEU C 388 -18.27 -17.77 -27.84
N LEU C 389 -17.46 -18.33 -28.72
CA LEU C 389 -16.42 -17.56 -29.38
C LEU C 389 -17.08 -16.93 -30.63
N TYR C 390 -16.97 -15.61 -30.74
CA TYR C 390 -17.60 -14.80 -31.78
C TYR C 390 -16.53 -14.33 -32.74
N ARG C 391 -16.71 -14.60 -34.03
CA ARG C 391 -15.67 -14.30 -35.01
C ARG C 391 -16.12 -13.45 -36.17
N GLU C 392 -17.25 -12.77 -36.04
CA GLU C 392 -17.70 -11.84 -37.05
C GLU C 392 -16.79 -10.62 -37.08
N PRO C 393 -16.59 -9.99 -38.26
CA PRO C 393 -15.79 -8.76 -38.31
C PRO C 393 -16.49 -7.61 -37.57
N PRO C 394 -15.72 -6.75 -36.88
CA PRO C 394 -16.35 -5.68 -36.10
C PRO C 394 -17.15 -4.72 -36.94
N GLU C 395 -18.27 -4.24 -36.38
CA GLU C 395 -19.12 -3.23 -37.02
C GLU C 395 -18.50 -1.85 -36.81
N ALA C 396 -18.80 -0.90 -37.71
CA ALA C 396 -18.31 0.48 -37.59
C ALA C 396 -18.95 1.16 -36.38
N ILE C 397 -20.26 0.94 -36.16
CA ILE C 397 -20.98 1.49 -35.03
C ILE C 397 -20.92 0.48 -33.85
N TRP C 398 -20.29 0.88 -32.76
CA TRP C 398 -20.10 0.04 -31.61
C TRP C 398 -21.39 -0.56 -31.01
N ALA C 399 -22.44 0.27 -30.86
CA ALA C 399 -23.71 -0.21 -30.33
C ALA C 399 -24.32 -1.29 -31.24
N ASP C 400 -24.03 -1.26 -32.57
CA ASP C 400 -24.51 -2.30 -33.50
C ASP C 400 -23.78 -3.59 -33.26
N ASP C 401 -22.44 -3.49 -33.07
CA ASP C 401 -21.59 -4.63 -32.78
C ASP C 401 -22.01 -5.29 -31.45
N VAL C 402 -22.42 -4.48 -30.46
CA VAL C 402 -22.90 -5.00 -29.20
C VAL C 402 -24.18 -5.79 -29.42
N ASP C 403 -25.13 -5.19 -30.19
CA ASP C 403 -26.42 -5.83 -30.50
C ASP C 403 -26.24 -7.11 -31.25
N ARG C 404 -25.31 -7.14 -32.17
CA ARG C 404 -24.97 -8.31 -32.93
C ARG C 404 -24.47 -9.48 -32.03
N ARG C 405 -23.56 -9.21 -31.08
CA ARG C 405 -23.09 -10.27 -30.18
C ARG C 405 -24.17 -10.70 -29.25
N VAL C 406 -25.01 -9.76 -28.76
CA VAL C 406 -26.15 -10.15 -27.90
C VAL C 406 -27.08 -11.13 -28.67
N GLN C 407 -27.41 -10.78 -29.93
CA GLN C 407 -28.26 -11.64 -30.78
C GLN C 407 -27.63 -12.96 -31.08
N PHE C 408 -26.30 -12.98 -31.23
CA PHE C 408 -25.53 -14.22 -31.42
C PHE C 408 -25.68 -15.17 -30.22
N GLY C 409 -25.67 -14.61 -29.02
CA GLY C 409 -25.86 -15.37 -27.81
C GLY C 409 -27.26 -15.88 -27.70
N ILE C 410 -28.25 -15.07 -28.06
CA ILE C 410 -29.65 -15.50 -28.06
C ILE C 410 -29.84 -16.65 -29.07
N GLU C 411 -29.31 -16.53 -30.33
CA GLU C 411 -29.54 -17.54 -31.36
C GLU C 411 -28.84 -18.85 -31.08
N SER C 412 -27.62 -18.83 -30.54
CA SER C 412 -26.94 -20.10 -30.15
C SER C 412 -27.72 -20.73 -29.00
N GLY C 413 -28.24 -19.90 -28.08
CA GLY C 413 -29.06 -20.36 -26.97
C GLY C 413 -30.26 -21.14 -27.47
N LYS C 414 -30.94 -20.58 -28.49
CA LYS C 414 -32.09 -21.22 -29.13
C LYS C 414 -31.68 -22.53 -29.81
N LEU C 415 -30.61 -22.49 -30.61
CA LEU C 415 -30.06 -23.63 -31.29
C LEU C 415 -29.67 -24.79 -30.33
N ARG C 416 -28.95 -24.51 -29.20
CA ARG C 416 -28.53 -25.51 -28.24
C ARG C 416 -29.61 -25.95 -27.24
N GLY C 417 -30.74 -25.25 -27.19
CA GLY C 417 -31.83 -25.64 -26.30
C GLY C 417 -31.94 -24.87 -25.00
N PHE C 418 -30.99 -23.93 -24.75
CA PHE C 418 -31.02 -23.07 -23.56
C PHE C 418 -32.28 -22.17 -23.53
N LEU C 419 -32.66 -21.59 -24.70
CA LEU C 419 -33.70 -20.57 -24.82
C LEU C 419 -34.78 -20.90 -25.85
N ARG C 420 -35.97 -20.34 -25.66
CA ARG C 420 -37.10 -20.46 -26.56
C ARG C 420 -37.74 -19.07 -26.70
N VAL C 421 -38.56 -18.85 -27.76
CA VAL C 421 -39.28 -17.60 -27.96
C VAL C 421 -40.25 -17.40 -26.76
N GLY C 422 -40.28 -16.22 -26.19
CA GLY C 422 -41.10 -15.95 -25.01
C GLY C 422 -40.31 -15.99 -23.71
N ASP C 423 -39.09 -16.56 -23.71
CA ASP C 423 -38.26 -16.58 -22.51
C ASP C 423 -37.74 -15.19 -22.17
N LEU C 424 -37.34 -14.99 -20.90
CA LEU C 424 -36.69 -13.74 -20.51
C LEU C 424 -35.19 -14.05 -20.34
N VAL C 425 -34.33 -13.18 -20.83
CA VAL C 425 -32.88 -13.30 -20.64
C VAL C 425 -32.37 -11.99 -20.05
N ILE C 426 -31.44 -12.07 -19.12
CA ILE C 426 -30.78 -10.89 -18.57
C ILE C 426 -29.54 -10.69 -19.46
N VAL C 427 -29.20 -9.47 -19.82
CA VAL C 427 -28.07 -9.17 -20.70
C VAL C 427 -27.17 -8.25 -19.98
N VAL C 428 -25.88 -8.59 -19.86
CA VAL C 428 -24.91 -7.73 -19.19
C VAL C 428 -23.87 -7.23 -20.18
N THR C 429 -23.74 -5.91 -20.29
CA THR C 429 -22.78 -5.26 -21.18
C THR C 429 -22.14 -4.06 -20.41
N GLY C 430 -21.25 -3.32 -21.06
CA GLY C 430 -20.67 -2.08 -20.58
C GLY C 430 -21.08 -0.91 -21.44
N TRP C 431 -20.72 0.29 -21.02
CA TRP C 431 -21.12 1.55 -21.68
C TRP C 431 -20.19 2.04 -22.80
N ARG C 432 -19.04 1.40 -22.94
CA ARG C 432 -18.06 1.77 -23.93
C ARG C 432 -17.20 0.54 -24.19
N PRO C 433 -16.51 0.50 -25.36
CA PRO C 433 -15.70 -0.70 -25.70
C PRO C 433 -14.47 -0.87 -24.83
N GLY C 434 -13.98 -2.10 -24.80
CA GLY C 434 -12.81 -2.42 -24.01
C GLY C 434 -13.20 -3.07 -22.70
N SER C 435 -12.30 -3.85 -22.18
CA SER C 435 -12.49 -4.56 -20.93
C SER C 435 -12.53 -3.60 -19.71
N GLY C 436 -13.30 -3.95 -18.69
CA GLY C 436 -13.36 -3.15 -17.46
C GLY C 436 -14.49 -2.15 -17.29
N TYR C 437 -15.39 -2.04 -18.27
CA TYR C 437 -16.48 -1.05 -18.23
C TYR C 437 -17.86 -1.61 -18.10
N THR C 438 -18.02 -2.88 -17.69
CA THR C 438 -19.34 -3.47 -17.51
C THR C 438 -20.10 -2.67 -16.44
N ASN C 439 -21.30 -2.23 -16.80
CA ASN C 439 -22.12 -1.44 -15.90
C ASN C 439 -23.61 -1.50 -16.27
N ILE C 440 -24.00 -2.30 -17.28
CA ILE C 440 -25.37 -2.33 -17.73
C ILE C 440 -25.98 -3.69 -17.54
N MET C 441 -27.25 -3.73 -17.13
CA MET C 441 -28.01 -4.94 -17.02
C MET C 441 -29.35 -4.67 -17.73
N ARG C 442 -29.75 -5.49 -18.70
CA ARG C 442 -31.04 -5.31 -19.39
C ARG C 442 -31.84 -6.60 -19.29
N VAL C 443 -33.17 -6.47 -19.29
CA VAL C 443 -34.11 -7.57 -19.32
C VAL C 443 -34.65 -7.60 -20.73
N LEU C 444 -34.37 -8.69 -21.45
CA LEU C 444 -34.87 -8.83 -22.81
C LEU C 444 -35.80 -10.02 -22.94
N SER C 445 -36.82 -9.84 -23.75
CA SER C 445 -37.79 -10.89 -24.05
CA SER C 445 -37.78 -10.90 -24.04
C SER C 445 -37.30 -11.55 -25.35
N ILE C 446 -37.22 -12.87 -25.39
CA ILE C 446 -36.76 -13.57 -26.58
C ILE C 446 -37.82 -13.58 -27.67
N SER C 447 -37.48 -13.01 -28.83
CA SER C 447 -38.36 -12.96 -29.99
C SER C 447 -37.86 -13.90 -31.09
N GLY D 23 -14.82 6.77 4.08
CA GLY D 23 -14.40 7.34 5.35
C GLY D 23 -15.16 6.82 6.55
N THR D 24 -14.54 6.95 7.74
CA THR D 24 -15.14 6.50 8.99
C THR D 24 -16.37 7.34 9.35
N ALA D 25 -16.31 8.66 9.09
CA ALA D 25 -17.41 9.57 9.38
C ALA D 25 -18.67 9.14 8.64
N PHE D 26 -18.56 8.68 7.38
CA PHE D 26 -19.71 8.22 6.58
C PHE D 26 -20.45 7.10 7.31
N PHE D 27 -19.70 6.14 7.86
CA PHE D 27 -20.29 4.99 8.54
C PHE D 27 -20.74 5.26 10.00
N GLN D 28 -20.50 6.46 10.53
CA GLN D 28 -20.98 6.81 11.87
C GLN D 28 -22.37 7.49 11.80
N GLN D 29 -22.65 8.19 10.66
CA GLN D 29 -23.91 8.89 10.40
C GLN D 29 -25.01 7.90 9.98
N GLN D 30 -26.26 8.42 9.86
CA GLN D 30 -27.48 7.75 9.43
C GLN D 30 -27.67 6.34 9.99
N GLN D 31 -27.33 6.18 11.29
CA GLN D 31 -27.46 4.93 12.04
C GLN D 31 -26.82 3.76 11.33
N LEU D 32 -25.68 3.99 10.63
CA LEU D 32 -25.02 2.90 9.91
C LEU D 32 -24.47 1.81 10.85
N PRO D 33 -23.95 2.10 12.06
CA PRO D 33 -23.60 1.01 12.99
C PRO D 33 -24.83 0.12 13.31
N ALA D 34 -26.01 0.74 13.56
CA ALA D 34 -27.25 -0.01 13.82
C ALA D 34 -27.75 -0.77 12.58
N ALA D 35 -27.48 -0.22 11.38
CA ALA D 35 -27.87 -0.83 10.12
C ALA D 35 -27.08 -2.10 9.81
N MET D 36 -25.83 -2.16 10.29
CA MET D 36 -24.97 -3.33 10.07
C MET D 36 -25.19 -4.47 11.08
N ALA D 37 -26.06 -4.27 12.09
CA ALA D 37 -26.29 -5.28 13.12
C ALA D 37 -26.86 -6.58 12.56
N ASP D 38 -26.52 -7.69 13.21
CA ASP D 38 -26.92 -9.03 12.78
C ASP D 38 -28.30 -9.45 13.26
N THR D 39 -28.83 -8.79 14.29
CA THR D 39 -30.17 -9.05 14.78
C THR D 39 -30.89 -7.71 14.95
N PHE D 40 -32.22 -7.74 14.96
CA PHE D 40 -33.05 -6.57 15.22
C PHE D 40 -32.80 -6.04 16.63
N LEU D 41 -32.60 -6.93 17.61
CA LEU D 41 -32.31 -6.55 18.99
C LEU D 41 -30.99 -5.77 19.06
N GLU D 42 -29.96 -6.24 18.39
CA GLU D 42 -28.66 -5.55 18.35
C GLU D 42 -28.76 -4.22 17.60
N HIS D 43 -29.64 -4.18 16.58
CA HIS D 43 -29.92 -2.98 15.79
C HIS D 43 -30.47 -1.91 16.73
N LEU D 44 -31.43 -2.27 17.58
CA LEU D 44 -32.01 -1.35 18.54
C LEU D 44 -30.95 -0.86 19.50
N CYS D 45 -30.13 -1.77 20.03
CA CYS D 45 -29.08 -1.45 20.98
C CYS D 45 -28.07 -0.44 20.42
N LEU D 46 -27.84 -0.47 19.10
CA LEU D 46 -26.88 0.40 18.44
C LEU D 46 -27.42 1.75 17.98
N LEU D 47 -28.73 2.03 18.17
CA LEU D 47 -29.30 3.32 17.78
C LEU D 47 -28.64 4.43 18.61
N ASP D 48 -28.22 5.50 17.95
CA ASP D 48 -27.44 6.55 18.57
C ASP D 48 -28.11 7.90 18.29
N ILE D 49 -28.47 8.63 19.36
CA ILE D 49 -29.04 9.95 19.19
C ILE D 49 -28.04 10.95 18.56
N ASP D 50 -26.73 10.66 18.61
CA ASP D 50 -25.70 11.51 18.01
C ASP D 50 -25.39 11.14 16.55
N SER D 51 -25.95 10.07 16.02
CA SER D 51 -25.73 9.65 14.63
C SER D 51 -26.74 10.45 13.80
N GLU D 52 -26.27 11.51 13.13
CA GLU D 52 -27.16 12.39 12.39
C GLU D 52 -27.68 11.84 11.06
N PRO D 53 -28.98 12.09 10.77
CA PRO D 53 -29.51 11.62 9.48
C PRO D 53 -28.92 12.44 8.33
N VAL D 54 -28.61 11.80 7.22
CA VAL D 54 -28.00 12.48 6.05
C VAL D 54 -28.91 12.37 4.83
N ALA D 55 -29.61 11.23 4.69
CA ALA D 55 -30.50 11.03 3.56
C ALA D 55 -31.69 12.01 3.58
N ALA D 56 -32.24 12.28 2.42
CA ALA D 56 -33.40 13.13 2.27
C ALA D 56 -34.60 12.40 2.87
N ARG D 57 -35.55 13.16 3.42
CA ARG D 57 -36.76 12.60 4.01
C ARG D 57 -37.62 11.93 2.94
N SER D 58 -37.86 10.66 3.10
CA SER D 58 -38.55 9.85 2.12
C SER D 58 -40.06 9.63 2.37
N THR D 59 -40.55 9.74 3.60
CA THR D 59 -41.99 9.61 3.88
C THR D 59 -42.68 10.92 3.56
N SER D 60 -43.66 10.92 2.66
CA SER D 60 -44.35 12.14 2.28
CA SER D 60 -44.35 12.14 2.26
C SER D 60 -45.22 12.70 3.38
N ILE D 61 -45.37 14.03 3.40
CA ILE D 61 -46.21 14.69 4.36
C ILE D 61 -47.46 15.20 3.65
N ILE D 62 -48.63 14.78 4.09
CA ILE D 62 -49.87 15.27 3.54
C ILE D 62 -50.37 16.32 4.54
N ALA D 63 -50.62 17.54 4.09
CA ALA D 63 -51.13 18.60 4.97
C ALA D 63 -52.53 18.97 4.52
N THR D 64 -53.48 18.98 5.46
CA THR D 64 -54.86 19.37 5.15
C THR D 64 -54.95 20.86 5.08
N ILE D 65 -55.60 21.38 4.04
CA ILE D 65 -55.74 22.80 3.80
C ILE D 65 -57.00 23.33 4.48
N GLY D 66 -56.84 24.45 5.14
CA GLY D 66 -57.95 25.12 5.81
C GLY D 66 -57.63 26.57 6.04
N PRO D 67 -58.44 27.25 6.89
CA PRO D 67 -58.18 28.67 7.20
C PRO D 67 -56.76 29.01 7.70
N ALA D 68 -56.09 28.10 8.40
CA ALA D 68 -54.72 28.35 8.88
C ALA D 68 -53.63 28.16 7.80
N SER D 69 -53.99 27.54 6.66
CA SER D 69 -52.98 27.24 5.65
C SER D 69 -53.36 27.60 4.23
N ARG D 70 -54.34 28.46 4.05
CA ARG D 70 -54.87 28.77 2.72
C ARG D 70 -54.18 29.91 2.01
N SER D 71 -53.51 30.82 2.73
CA SER D 71 -52.87 31.94 2.07
C SER D 71 -51.71 31.47 1.21
N VAL D 72 -51.53 32.08 0.04
CA VAL D 72 -50.44 31.76 -0.88
C VAL D 72 -49.07 31.88 -0.19
N GLU D 73 -48.88 32.88 0.65
CA GLU D 73 -47.62 33.07 1.38
C GLU D 73 -47.37 31.99 2.40
N ARG D 74 -48.43 31.57 3.11
CA ARG D 74 -48.33 30.51 4.11
C ARG D 74 -48.06 29.16 3.38
N LEU D 75 -48.72 28.91 2.26
CA LEU D 75 -48.55 27.71 1.45
C LEU D 75 -47.10 27.61 0.91
N LYS D 76 -46.45 28.73 0.60
CA LYS D 76 -45.05 28.72 0.17
C LYS D 76 -44.18 28.27 1.32
N GLU D 77 -44.47 28.74 2.53
CA GLU D 77 -43.71 28.33 3.72
C GLU D 77 -43.88 26.84 4.00
N MET D 78 -45.08 26.30 3.76
CA MET D 78 -45.38 24.88 3.98
CA MET D 78 -45.37 24.89 3.99
C MET D 78 -44.70 24.00 2.95
N ILE D 79 -44.54 24.49 1.71
CA ILE D 79 -43.87 23.74 0.67
C ILE D 79 -42.38 23.66 1.05
N LYS D 80 -41.80 24.79 1.52
CA LYS D 80 -40.40 24.84 1.96
C LYS D 80 -40.15 23.95 3.19
N ALA D 81 -41.13 23.87 4.11
CA ALA D 81 -41.07 23.03 5.30
C ALA D 81 -41.14 21.53 4.98
N GLY D 82 -41.70 21.18 3.82
CA GLY D 82 -41.81 19.78 3.45
C GLY D 82 -43.17 19.21 3.04
N MET D 83 -44.22 20.01 2.91
CA MET D 83 -45.53 19.50 2.46
C MET D 83 -45.41 18.98 1.03
N ASN D 84 -45.90 17.75 0.81
CA ASN D 84 -45.84 17.14 -0.52
C ASN D 84 -47.20 16.97 -1.14
N ILE D 85 -48.23 16.79 -0.33
CA ILE D 85 -49.60 16.61 -0.78
C ILE D 85 -50.51 17.55 -0.01
N ALA D 86 -51.39 18.25 -0.72
CA ALA D 86 -52.33 19.15 -0.10
C ALA D 86 -53.69 18.43 -0.10
N ARG D 87 -54.24 18.20 1.10
CA ARG D 87 -55.51 17.53 1.24
C ARG D 87 -56.68 18.56 1.35
N LEU D 88 -57.73 18.38 0.51
CA LEU D 88 -58.92 19.22 0.56
C LEU D 88 -60.00 18.38 1.18
N ASN D 89 -60.41 18.71 2.40
CA ASN D 89 -61.43 17.91 3.09
C ASN D 89 -62.80 18.38 2.65
N PHE D 90 -63.49 17.59 1.81
CA PHE D 90 -64.82 17.95 1.32
C PHE D 90 -65.94 17.75 2.33
N SER D 91 -65.59 17.42 3.60
CA SER D 91 -66.57 17.38 4.69
C SER D 91 -66.89 18.84 5.15
N HIS D 92 -66.02 19.82 4.83
CA HIS D 92 -66.16 21.23 5.18
C HIS D 92 -65.99 22.07 3.94
N GLY D 93 -66.78 23.12 3.82
CA GLY D 93 -66.64 24.06 2.73
C GLY D 93 -67.37 23.71 1.46
N SER D 94 -67.59 24.73 0.66
CA SER D 94 -68.30 24.62 -0.61
C SER D 94 -67.30 24.36 -1.75
N HIS D 95 -67.83 24.10 -2.97
CA HIS D 95 -66.98 23.93 -4.15
C HIS D 95 -66.19 25.21 -4.42
N GLU D 96 -66.77 26.37 -4.17
CA GLU D 96 -66.12 27.66 -4.35
C GLU D 96 -64.94 27.79 -3.41
N TYR D 97 -65.11 27.32 -2.16
CA TYR D 97 -64.04 27.37 -1.17
C TYR D 97 -62.87 26.47 -1.62
N HIS D 98 -63.19 25.25 -2.08
CA HIS D 98 -62.15 24.31 -2.51
C HIS D 98 -61.45 24.72 -3.80
N ALA D 99 -62.17 25.34 -4.74
CA ALA D 99 -61.58 25.86 -5.98
C ALA D 99 -60.58 26.97 -5.66
N GLU D 100 -60.88 27.82 -4.67
CA GLU D 100 -59.97 28.86 -4.23
C GLU D 100 -58.71 28.25 -3.57
N SER D 101 -58.90 27.18 -2.77
CA SER D 101 -57.80 26.45 -2.11
C SER D 101 -56.87 25.88 -3.18
N ILE D 102 -57.43 25.21 -4.20
CA ILE D 102 -56.70 24.65 -5.32
C ILE D 102 -55.87 25.72 -6.02
N ALA D 103 -56.49 26.87 -6.31
CA ALA D 103 -55.83 27.97 -6.99
C ALA D 103 -54.69 28.55 -6.15
N ASN D 104 -54.86 28.61 -4.84
CA ASN D 104 -53.80 29.11 -3.96
C ASN D 104 -52.64 28.14 -3.87
N VAL D 105 -52.95 26.83 -3.84
CA VAL D 105 -51.92 25.82 -3.81
C VAL D 105 -51.08 25.91 -5.09
N ARG D 106 -51.75 25.86 -6.25
CA ARG D 106 -51.11 25.98 -7.54
C ARG D 106 -50.29 27.26 -7.69
N GLU D 107 -50.79 28.41 -7.17
CA GLU D 107 -50.04 29.66 -7.23
C GLU D 107 -48.77 29.55 -6.39
N ALA D 108 -48.86 29.01 -5.15
CA ALA D 108 -47.69 28.84 -4.29
C ALA D 108 -46.68 27.86 -4.90
N VAL D 109 -47.17 26.75 -5.48
CA VAL D 109 -46.31 25.77 -6.13
C VAL D 109 -45.60 26.36 -7.36
N GLU D 110 -46.32 27.05 -8.20
CA GLU D 110 -45.74 27.63 -9.42
C GLU D 110 -44.86 28.84 -9.15
N SER D 111 -44.89 29.43 -7.96
CA SER D 111 -44.00 30.55 -7.63
C SER D 111 -42.53 30.14 -7.63
N PHE D 112 -42.24 28.82 -7.52
CA PHE D 112 -40.89 28.28 -7.55
C PHE D 112 -40.50 27.69 -8.91
N ALA D 113 -41.42 27.66 -9.89
CA ALA D 113 -41.16 27.06 -11.21
C ALA D 113 -40.05 27.74 -12.02
N GLY D 114 -39.69 28.96 -11.64
CA GLY D 114 -38.62 29.73 -12.28
C GLY D 114 -37.25 29.09 -12.13
N SER D 115 -37.09 28.18 -11.14
CA SER D 115 -35.85 27.46 -10.89
C SER D 115 -36.17 25.96 -11.07
N PRO D 116 -36.10 25.45 -12.31
CA PRO D 116 -36.51 24.04 -12.53
C PRO D 116 -35.72 22.99 -11.77
N LEU D 117 -34.46 23.28 -11.42
CA LEU D 117 -33.64 22.33 -10.68
C LEU D 117 -34.09 22.17 -9.22
N SER D 118 -34.86 23.13 -8.66
CA SER D 118 -35.34 23.01 -7.28
C SER D 118 -36.88 22.99 -7.15
N TYR D 119 -37.61 23.08 -8.27
CA TYR D 119 -39.08 23.06 -8.26
C TYR D 119 -39.62 21.79 -7.59
N ARG D 120 -40.55 21.96 -6.67
CA ARG D 120 -41.17 20.86 -5.96
C ARG D 120 -42.62 20.71 -6.32
N PRO D 121 -43.00 19.65 -7.04
CA PRO D 121 -44.44 19.45 -7.33
C PRO D 121 -45.19 19.12 -6.04
N VAL D 122 -46.45 19.54 -5.95
CA VAL D 122 -47.27 19.24 -4.78
C VAL D 122 -48.58 18.64 -5.28
N ALA D 123 -48.95 17.44 -4.83
CA ALA D 123 -50.18 16.81 -5.29
C ALA D 123 -51.40 17.44 -4.60
N ILE D 124 -52.58 17.31 -5.22
CA ILE D 124 -53.81 17.82 -4.65
C ILE D 124 -54.75 16.66 -4.51
N ALA D 125 -55.12 16.35 -3.28
CA ALA D 125 -55.98 15.23 -2.97
C ALA D 125 -57.32 15.70 -2.48
N LEU D 126 -58.39 15.10 -2.98
CA LEU D 126 -59.76 15.42 -2.58
C LEU D 126 -60.22 14.33 -1.60
N ASP D 127 -60.50 14.69 -0.33
CA ASP D 127 -60.99 13.73 0.64
C ASP D 127 -62.52 13.86 0.65
N THR D 128 -63.23 12.80 0.30
CA THR D 128 -64.68 12.85 0.19
C THR D 128 -65.40 12.92 1.54
N LYS D 129 -66.65 13.42 1.53
CA LYS D 129 -67.49 13.54 2.71
C LYS D 129 -67.89 12.16 3.22
N GLY D 130 -68.24 11.25 2.31
CA GLY D 130 -68.59 9.89 2.69
C GLY D 130 -70.03 9.49 2.45
N PRO D 131 -70.32 8.20 2.64
CA PRO D 131 -71.68 7.70 2.39
C PRO D 131 -72.73 8.02 3.45
N GLY D 132 -72.29 8.32 4.68
CA GLY D 132 -73.19 8.60 5.79
C GLY D 132 -74.04 7.39 6.12
N SER D 133 -75.36 7.61 6.28
CA SER D 133 -76.30 6.50 6.57
C SER D 133 -76.65 5.65 5.33
N GLY D 134 -76.39 6.17 4.13
CA GLY D 134 -76.70 5.46 2.89
C GLY D 134 -75.81 4.25 2.62
N PRO D 135 -76.28 3.38 1.71
CA PRO D 135 -75.50 2.16 1.41
C PRO D 135 -74.24 2.35 0.56
N GLY D 136 -74.34 3.17 -0.49
CA GLY D 136 -73.22 3.41 -1.39
C GLY D 136 -72.86 4.87 -1.56
N LEU D 137 -72.54 5.25 -2.79
CA LEU D 137 -72.12 6.61 -3.10
C LEU D 137 -73.25 7.63 -2.95
N SER D 138 -73.04 8.63 -2.11
CA SER D 138 -74.03 9.68 -1.91
C SER D 138 -74.08 10.62 -3.13
N GLU D 139 -75.16 11.40 -3.26
CA GLU D 139 -75.26 12.33 -4.38
C GLU D 139 -74.26 13.48 -4.24
N GLN D 140 -73.91 13.87 -3.01
CA GLN D 140 -72.89 14.90 -2.81
C GLN D 140 -71.51 14.39 -3.22
N ASP D 141 -71.22 13.10 -2.97
CA ASP D 141 -69.96 12.52 -3.38
C ASP D 141 -69.86 12.49 -4.90
N VAL D 142 -70.95 12.17 -5.62
CA VAL D 142 -70.95 12.22 -7.09
C VAL D 142 -70.63 13.62 -7.62
N ARG D 143 -71.23 14.65 -7.00
CA ARG D 143 -70.98 16.04 -7.40
C ARG D 143 -69.54 16.46 -7.09
N ASP D 144 -69.05 16.10 -5.90
CA ASP D 144 -67.68 16.43 -5.48
C ASP D 144 -66.64 15.73 -6.32
N LEU D 145 -66.91 14.48 -6.71
CA LEU D 145 -65.98 13.73 -7.55
C LEU D 145 -65.90 14.36 -8.92
N ARG D 146 -67.05 14.81 -9.47
CA ARG D 146 -67.01 15.47 -10.78
CA ARG D 146 -67.04 15.48 -10.77
C ARG D 146 -66.27 16.80 -10.67
N PHE D 147 -66.39 17.52 -9.52
CA PHE D 147 -65.65 18.76 -9.29
C PHE D 147 -64.13 18.46 -9.34
N GLY D 148 -63.72 17.36 -8.72
CA GLY D 148 -62.32 16.95 -8.68
C GLY D 148 -61.75 16.72 -10.06
N VAL D 149 -62.50 16.01 -10.91
CA VAL D 149 -62.09 15.77 -12.28
C VAL D 149 -61.95 17.10 -13.04
N GLU D 150 -62.97 17.99 -12.90
CA GLU D 150 -62.98 19.29 -13.56
C GLU D 150 -61.88 20.20 -13.10
N HIS D 151 -61.41 20.05 -11.86
CA HIS D 151 -60.32 20.87 -11.34
C HIS D 151 -58.95 20.19 -11.38
N GLY D 152 -58.86 19.03 -12.01
CA GLY D 152 -57.60 18.31 -12.15
C GLY D 152 -56.95 17.82 -10.88
N VAL D 153 -57.72 17.25 -9.94
CA VAL D 153 -57.12 16.70 -8.71
C VAL D 153 -56.34 15.44 -9.07
N ASP D 154 -55.30 15.15 -8.28
CA ASP D 154 -54.46 14.01 -8.55
C ASP D 154 -54.93 12.74 -7.85
N ILE D 155 -55.46 12.89 -6.65
CA ILE D 155 -55.82 11.78 -5.78
C ILE D 155 -57.19 11.99 -5.17
N VAL D 156 -57.90 10.89 -4.91
CA VAL D 156 -59.14 10.90 -4.18
C VAL D 156 -58.89 10.05 -2.90
N PHE D 157 -59.17 10.58 -1.73
CA PHE D 157 -59.11 9.82 -0.50
C PHE D 157 -60.59 9.46 -0.29
N ALA D 158 -61.00 8.25 -0.68
CA ALA D 158 -62.41 7.86 -0.59
C ALA D 158 -62.82 7.46 0.81
N SER D 159 -63.69 8.25 1.45
CA SER D 159 -64.14 7.97 2.81
C SER D 159 -65.01 6.73 2.96
N PHE D 160 -64.87 6.05 4.11
CA PHE D 160 -65.65 4.89 4.52
C PHE D 160 -65.80 3.82 3.45
N VAL D 161 -64.69 3.37 2.87
CA VAL D 161 -64.74 2.29 1.88
C VAL D 161 -64.93 0.98 2.68
N ARG D 162 -65.98 0.24 2.34
CA ARG D 162 -66.32 -1.00 3.05
C ARG D 162 -66.20 -2.27 2.20
N LYS D 163 -66.13 -2.12 0.88
CA LYS D 163 -66.05 -3.24 -0.04
C LYS D 163 -65.52 -2.79 -1.41
N ALA D 164 -65.16 -3.74 -2.28
CA ALA D 164 -64.66 -3.42 -3.61
C ALA D 164 -65.65 -2.63 -4.46
N SER D 165 -66.97 -2.88 -4.31
CA SER D 165 -67.96 -2.14 -5.10
C SER D 165 -68.00 -0.63 -4.75
N ASP D 166 -67.57 -0.25 -3.54
CA ASP D 166 -67.48 1.16 -3.14
C ASP D 166 -66.40 1.85 -3.97
N VAL D 167 -65.26 1.16 -4.21
CA VAL D 167 -64.17 1.68 -5.02
C VAL D 167 -64.61 1.80 -6.49
N ALA D 168 -65.37 0.80 -6.98
CA ALA D 168 -65.87 0.82 -8.36
C ALA D 168 -66.82 2.00 -8.56
N ALA D 169 -67.66 2.30 -7.57
CA ALA D 169 -68.59 3.43 -7.65
C ALA D 169 -67.85 4.76 -7.71
N VAL D 170 -66.74 4.91 -6.93
CA VAL D 170 -65.91 6.12 -6.96
C VAL D 170 -65.27 6.26 -8.35
N ARG D 171 -64.75 5.14 -8.87
CA ARG D 171 -64.11 5.10 -10.16
C ARG D 171 -65.10 5.50 -11.28
N ALA D 172 -66.34 4.99 -11.22
CA ALA D 172 -67.35 5.31 -12.22
C ALA D 172 -67.78 6.79 -12.13
N ALA D 173 -67.87 7.34 -10.91
CA ALA D 173 -68.21 8.78 -10.73
C ALA D 173 -67.10 9.71 -11.26
N LEU D 174 -65.85 9.23 -11.33
CA LEU D 174 -64.77 10.03 -11.92
C LEU D 174 -64.88 10.07 -13.47
N GLY D 175 -65.58 9.09 -14.06
CA GLY D 175 -65.82 9.03 -15.50
C GLY D 175 -64.60 8.72 -16.33
N PRO D 176 -64.73 8.89 -17.67
CA PRO D 176 -63.61 8.58 -18.56
C PRO D 176 -62.46 9.58 -18.51
N GLU D 177 -62.73 10.83 -18.13
CA GLU D 177 -61.67 11.84 -18.00
C GLU D 177 -60.82 11.68 -16.72
N GLY D 178 -61.35 11.02 -15.70
CA GLY D 178 -60.65 10.83 -14.43
C GLY D 178 -60.03 9.45 -14.25
N HIS D 179 -59.61 8.81 -15.36
CA HIS D 179 -58.99 7.48 -15.28
CA HIS D 179 -58.98 7.49 -15.31
C HIS D 179 -57.60 7.53 -14.62
N GLY D 180 -56.90 8.66 -14.75
CA GLY D 180 -55.58 8.84 -14.18
C GLY D 180 -55.54 9.22 -12.71
N ILE D 181 -56.67 9.59 -12.11
CA ILE D 181 -56.73 9.96 -10.70
C ILE D 181 -56.53 8.71 -9.82
N LYS D 182 -55.64 8.79 -8.81
CA LYS D 182 -55.40 7.69 -7.90
C LYS D 182 -56.48 7.63 -6.81
N ILE D 183 -57.04 6.45 -6.58
CA ILE D 183 -58.03 6.27 -5.54
C ILE D 183 -57.39 5.60 -4.32
N ILE D 184 -57.28 6.33 -3.21
CA ILE D 184 -56.73 5.83 -1.96
C ILE D 184 -57.95 5.55 -1.07
N SER D 185 -58.21 4.29 -0.77
CA SER D 185 -59.37 3.93 0.03
C SER D 185 -59.14 4.14 1.52
N LYS D 186 -60.02 4.89 2.17
CA LYS D 186 -59.94 5.12 3.61
C LYS D 186 -60.64 4.01 4.32
N ILE D 187 -59.93 3.30 5.21
CA ILE D 187 -60.49 2.22 6.00
C ILE D 187 -60.82 2.84 7.34
N GLU D 188 -62.11 2.94 7.65
CA GLU D 188 -62.54 3.63 8.88
C GLU D 188 -63.48 2.84 9.76
N ASN D 189 -63.78 1.58 9.43
CA ASN D 189 -64.71 0.80 10.23
C ASN D 189 -64.39 -0.69 10.21
N HIS D 190 -65.11 -1.49 11.02
CA HIS D 190 -64.87 -2.91 11.11
C HIS D 190 -64.94 -3.64 9.75
N GLU D 191 -65.98 -3.37 8.95
CA GLU D 191 -66.17 -4.03 7.65
C GLU D 191 -65.02 -3.75 6.70
N GLY D 192 -64.53 -2.50 6.66
CA GLY D 192 -63.39 -2.13 5.84
C GLY D 192 -62.15 -2.92 6.18
N VAL D 193 -61.90 -3.14 7.51
CA VAL D 193 -60.77 -3.94 8.00
C VAL D 193 -60.95 -5.42 7.61
N LYS D 194 -62.16 -5.96 7.76
CA LYS D 194 -62.43 -7.36 7.42
C LYS D 194 -62.38 -7.64 5.91
N ARG D 195 -62.86 -6.72 5.10
CA ARG D 195 -62.83 -6.85 3.65
C ARG D 195 -61.64 -6.13 3.02
N PHE D 196 -60.56 -5.91 3.82
CA PHE D 196 -59.35 -5.21 3.41
C PHE D 196 -58.75 -5.71 2.11
N ASP D 197 -58.50 -7.01 1.98
CA ASP D 197 -57.86 -7.59 0.79
C ASP D 197 -58.60 -7.27 -0.49
N GLU D 198 -59.95 -7.38 -0.47
CA GLU D 198 -60.75 -7.09 -1.67
C GLU D 198 -60.73 -5.60 -2.01
N ILE D 199 -60.63 -4.73 -0.97
CA ILE D 199 -60.55 -3.29 -1.17
C ILE D 199 -59.18 -2.91 -1.74
N LEU D 200 -58.10 -3.43 -1.15
CA LEU D 200 -56.74 -3.13 -1.60
C LEU D 200 -56.52 -3.57 -3.03
N GLU D 201 -57.07 -4.72 -3.41
CA GLU D 201 -56.93 -5.26 -4.75
C GLU D 201 -57.35 -4.31 -5.84
N VAL D 202 -58.49 -3.61 -5.65
CA VAL D 202 -59.01 -2.66 -6.64
C VAL D 202 -58.65 -1.19 -6.38
N SER D 203 -57.95 -0.89 -5.28
CA SER D 203 -57.57 0.49 -4.96
C SER D 203 -56.13 0.75 -5.38
N ASP D 204 -55.76 1.99 -5.54
CA ASP D 204 -54.37 2.36 -5.79
C ASP D 204 -53.54 2.37 -4.47
N GLY D 205 -54.21 2.52 -3.34
CA GLY D 205 -53.59 2.57 -2.04
C GLY D 205 -54.61 2.66 -0.93
N ILE D 206 -54.13 2.80 0.31
CA ILE D 206 -54.99 2.80 1.48
C ILE D 206 -54.64 3.92 2.45
N MET D 207 -55.66 4.43 3.15
CA MET D 207 -55.43 5.34 4.23
C MET D 207 -55.99 4.69 5.51
N VAL D 208 -55.15 4.60 6.57
CA VAL D 208 -55.59 4.12 7.86
C VAL D 208 -56.17 5.38 8.51
N ALA D 209 -57.50 5.54 8.41
CA ALA D 209 -58.21 6.69 8.92
C ALA D 209 -58.55 6.43 10.38
N ARG D 210 -57.58 6.69 11.27
CA ARG D 210 -57.63 6.34 12.71
C ARG D 210 -58.70 7.05 13.53
N GLY D 211 -59.14 8.23 13.09
CA GLY D 211 -60.18 8.98 13.76
C GLY D 211 -61.47 8.18 13.87
N ASP D 212 -62.06 7.86 12.71
CA ASP D 212 -63.28 7.08 12.69
C ASP D 212 -63.04 5.67 13.13
N LEU D 213 -61.92 5.08 12.70
CA LEU D 213 -61.59 3.71 13.07
C LEU D 213 -61.54 3.52 14.60
N GLY D 214 -61.02 4.49 15.32
CA GLY D 214 -60.96 4.46 16.78
C GLY D 214 -62.29 4.58 17.52
N ILE D 215 -63.36 4.95 16.77
CA ILE D 215 -64.73 5.06 17.26
C ILE D 215 -65.53 3.82 16.82
N GLU D 216 -65.22 3.26 15.63
CA GLU D 216 -65.91 2.10 15.07
C GLU D 216 -65.47 0.77 15.68
N ILE D 217 -64.21 0.68 16.10
CA ILE D 217 -63.62 -0.48 16.74
C ILE D 217 -63.03 -0.02 18.09
N PRO D 218 -62.76 -0.92 19.06
CA PRO D 218 -62.17 -0.47 20.34
C PRO D 218 -60.86 0.28 20.11
N ALA D 219 -60.66 1.40 20.78
CA ALA D 219 -59.49 2.25 20.66
C ALA D 219 -58.17 1.50 20.83
N GLU D 220 -58.14 0.54 21.77
CA GLU D 220 -56.96 -0.25 22.03
C GLU D 220 -56.60 -1.24 20.91
N LYS D 221 -57.46 -1.40 19.89
CA LYS D 221 -57.21 -2.29 18.75
C LYS D 221 -56.77 -1.54 17.50
N VAL D 222 -56.82 -0.19 17.46
CA VAL D 222 -56.46 0.56 16.27
C VAL D 222 -55.02 0.29 15.81
N PHE D 223 -54.06 0.18 16.75
CA PHE D 223 -52.67 -0.09 16.38
C PHE D 223 -52.51 -1.43 15.62
N LEU D 224 -53.37 -2.44 15.93
CA LEU D 224 -53.33 -3.72 15.24
C LEU D 224 -53.80 -3.53 13.81
N ALA D 225 -54.87 -2.76 13.60
CA ALA D 225 -55.39 -2.48 12.26
C ALA D 225 -54.36 -1.67 11.45
N GLN D 226 -53.72 -0.68 12.06
CA GLN D 226 -52.71 0.12 11.39
C GLN D 226 -51.53 -0.74 10.92
N LYS D 227 -50.94 -1.54 11.84
CA LYS D 227 -49.81 -2.38 11.52
C LYS D 227 -50.13 -3.44 10.47
N MET D 228 -51.34 -4.05 10.56
CA MET D 228 -51.77 -5.05 9.59
C MET D 228 -51.91 -4.42 8.19
N MET D 229 -52.54 -3.24 8.10
CA MET D 229 -52.78 -2.59 6.83
C MET D 229 -51.50 -2.09 6.20
N ILE D 230 -50.58 -1.55 7.02
CA ILE D 230 -49.29 -1.09 6.50
C ILE D 230 -48.50 -2.28 5.95
N GLY D 231 -48.44 -3.38 6.72
CA GLY D 231 -47.78 -4.61 6.29
C GLY D 231 -48.34 -5.15 4.98
N ARG D 232 -49.68 -5.24 4.85
CA ARG D 232 -50.29 -5.75 3.63
C ARG D 232 -50.08 -4.84 2.42
N CYS D 233 -50.06 -3.50 2.65
CA CYS D 233 -49.79 -2.56 1.58
C CYS D 233 -48.35 -2.67 1.13
N ASN D 234 -47.42 -2.85 2.07
CA ASN D 234 -46.00 -3.00 1.74
C ASN D 234 -45.78 -4.28 0.90
N LEU D 235 -46.47 -5.35 1.27
CA LEU D 235 -46.38 -6.63 0.58
C LEU D 235 -46.95 -6.46 -0.85
N ALA D 236 -48.08 -5.74 -0.99
CA ALA D 236 -48.69 -5.49 -2.30
C ALA D 236 -47.98 -4.42 -3.14
N GLY D 237 -47.08 -3.64 -2.54
CA GLY D 237 -46.39 -2.55 -3.21
C GLY D 237 -47.31 -1.37 -3.51
N LYS D 238 -48.28 -1.13 -2.62
CA LYS D 238 -49.23 -0.03 -2.81
C LYS D 238 -49.11 1.00 -1.70
N PRO D 239 -49.23 2.30 -2.02
CA PRO D 239 -49.10 3.32 -0.96
C PRO D 239 -50.06 3.16 0.22
N VAL D 240 -49.54 3.43 1.41
CA VAL D 240 -50.34 3.42 2.62
C VAL D 240 -50.09 4.73 3.38
N VAL D 241 -51.16 5.37 3.82
CA VAL D 241 -51.09 6.63 4.53
C VAL D 241 -51.49 6.41 5.99
N CYS D 242 -50.69 6.91 6.94
CA CYS D 242 -51.09 6.86 8.33
C CYS D 242 -51.69 8.24 8.63
N ALA D 243 -52.94 8.26 9.16
CA ALA D 243 -53.62 9.51 9.37
C ALA D 243 -54.25 9.64 10.73
N THR D 244 -54.48 10.92 11.16
CA THR D 244 -55.27 11.42 12.28
C THR D 244 -54.59 11.41 13.66
N GLN D 245 -54.58 12.61 14.27
CA GLN D 245 -54.08 12.93 15.60
C GLN D 245 -52.63 12.61 15.81
N MET D 246 -51.84 12.59 14.72
CA MET D 246 -50.42 12.29 14.82
C MET D 246 -49.69 13.32 15.67
N LEU D 247 -50.02 14.62 15.50
CA LEU D 247 -49.42 15.70 16.31
C LEU D 247 -50.55 16.60 16.83
N GLU D 248 -51.68 16.02 17.24
CA GLU D 248 -52.88 16.74 17.68
C GLU D 248 -52.65 17.94 18.59
N SER D 249 -51.85 17.76 19.66
CA SER D 249 -51.56 18.82 20.59
C SER D 249 -50.96 20.07 19.94
N MET D 250 -50.30 19.92 18.77
CA MET D 250 -49.74 21.06 18.06
C MET D 250 -50.77 21.97 17.41
N ILE D 251 -52.07 21.64 17.52
CA ILE D 251 -53.12 22.54 17.05
C ILE D 251 -53.07 23.85 17.88
N THR D 252 -52.77 23.75 19.18
CA THR D 252 -52.67 24.89 20.07
C THR D 252 -51.29 25.06 20.71
N LYS D 253 -50.45 24.01 20.77
CA LYS D 253 -49.14 24.10 21.42
C LYS D 253 -47.97 24.05 20.43
N PRO D 254 -46.90 24.81 20.74
CA PRO D 254 -45.75 24.88 19.81
C PRO D 254 -44.92 23.59 19.70
N ARG D 255 -44.99 22.72 20.69
CA ARG D 255 -44.25 21.47 20.71
C ARG D 255 -45.21 20.30 20.95
N PRO D 256 -44.96 19.13 20.31
CA PRO D 256 -45.85 17.99 20.51
C PRO D 256 -45.55 17.21 21.82
N THR D 257 -46.44 16.31 22.22
CA THR D 257 -46.23 15.45 23.37
C THR D 257 -45.25 14.31 23.02
N ARG D 258 -44.73 13.60 24.02
CA ARG D 258 -43.83 12.48 23.77
C ARG D 258 -44.54 11.32 23.06
N ALA D 259 -45.85 11.15 23.26
CA ALA D 259 -46.61 10.12 22.57
C ALA D 259 -46.75 10.43 21.08
N GLU D 260 -46.88 11.74 20.73
CA GLU D 260 -47.04 12.22 19.37
C GLU D 260 -45.81 12.04 18.52
N THR D 261 -44.62 12.38 19.05
CA THR D 261 -43.38 12.16 18.26
C THR D 261 -43.14 10.66 18.07
N SER D 262 -43.43 9.87 19.11
CA SER D 262 -43.31 8.43 19.10
C SER D 262 -44.25 7.84 18.03
N ASP D 263 -45.50 8.32 17.95
CA ASP D 263 -46.50 7.90 16.97
C ASP D 263 -46.01 8.15 15.54
N VAL D 264 -45.47 9.34 15.26
CA VAL D 264 -44.95 9.65 13.93
C VAL D 264 -43.76 8.72 13.59
N ALA D 265 -42.81 8.55 14.52
CA ALA D 265 -41.66 7.70 14.29
C ALA D 265 -42.08 6.25 14.05
N ASN D 266 -43.04 5.76 14.82
CA ASN D 266 -43.50 4.41 14.70
C ASN D 266 -44.30 4.17 13.45
N ALA D 267 -45.03 5.18 12.92
CA ALA D 267 -45.76 5.04 11.65
C ALA D 267 -44.74 4.80 10.49
N VAL D 268 -43.62 5.55 10.50
CA VAL D 268 -42.53 5.38 9.54
C VAL D 268 -41.85 4.02 9.72
N LEU D 269 -41.54 3.63 10.96
CA LEU D 269 -40.93 2.34 11.24
C LEU D 269 -41.87 1.20 10.86
N ASP D 270 -43.19 1.38 11.00
CA ASP D 270 -44.19 0.38 10.60
C ASP D 270 -44.15 0.11 9.07
N GLY D 271 -43.79 1.13 8.29
CA GLY D 271 -43.73 1.05 6.84
C GLY D 271 -44.65 1.99 6.07
N ALA D 272 -45.20 3.01 6.74
CA ALA D 272 -46.08 3.96 6.06
C ALA D 272 -45.37 4.72 4.98
N ASP D 273 -46.03 4.91 3.83
CA ASP D 273 -45.49 5.72 2.75
C ASP D 273 -45.69 7.19 3.04
N CYS D 274 -46.85 7.54 3.65
CA CYS D 274 -47.22 8.91 3.93
C CYS D 274 -47.67 9.06 5.35
N ILE D 275 -47.46 10.25 5.89
CA ILE D 275 -47.98 10.64 7.20
C ILE D 275 -48.82 11.91 6.97
N MET D 276 -49.90 12.06 7.72
CA MET D 276 -50.83 13.15 7.50
C MET D 276 -50.99 14.09 8.68
N LEU D 277 -51.37 15.33 8.37
CA LEU D 277 -51.71 16.36 9.34
C LEU D 277 -53.13 16.84 8.96
N SER D 278 -54.06 16.84 9.91
CA SER D 278 -55.44 17.30 9.64
C SER D 278 -55.62 18.71 10.28
N GLY D 279 -56.15 18.79 11.49
CA GLY D 279 -56.35 20.02 12.22
C GLY D 279 -55.07 20.78 12.46
N GLU D 280 -53.96 20.07 12.57
CA GLU D 280 -52.62 20.66 12.82
C GLU D 280 -52.26 21.66 11.73
N THR D 281 -52.69 21.43 10.48
CA THR D 281 -52.43 22.37 9.40
C THR D 281 -53.68 23.10 8.93
N ALA D 282 -54.88 22.49 9.08
CA ALA D 282 -56.08 23.13 8.57
C ALA D 282 -56.56 24.28 9.45
N LYS D 283 -56.55 24.09 10.76
CA LYS D 283 -57.06 25.10 11.66
C LYS D 283 -56.13 25.51 12.80
N GLY D 284 -54.98 24.87 12.93
CA GLY D 284 -54.10 25.13 14.06
C GLY D 284 -53.27 26.38 14.03
N ASN D 285 -52.57 26.64 15.13
CA ASN D 285 -51.72 27.80 15.27
C ASN D 285 -50.30 27.55 14.72
N PHE D 286 -49.94 26.30 14.44
CA PHE D 286 -48.58 25.97 14.05
C PHE D 286 -48.56 25.13 12.79
N PRO D 287 -49.21 25.55 11.67
CA PRO D 287 -49.23 24.66 10.50
C PRO D 287 -47.84 24.37 9.94
N VAL D 288 -46.99 25.39 9.85
CA VAL D 288 -45.64 25.24 9.31
C VAL D 288 -44.77 24.46 10.28
N GLU D 289 -44.91 24.72 11.58
CA GLU D 289 -44.13 24.00 12.57
C GLU D 289 -44.57 22.53 12.65
N ALA D 290 -45.85 22.23 12.40
CA ALA D 290 -46.32 20.85 12.41
C ALA D 290 -45.68 20.07 11.26
N VAL D 291 -45.54 20.71 10.06
CA VAL D 291 -44.88 20.12 8.90
C VAL D 291 -43.40 19.91 9.20
N LYS D 292 -42.73 20.93 9.79
CA LYS D 292 -41.33 20.80 10.15
C LYS D 292 -41.09 19.68 11.17
N MET D 293 -42.02 19.50 12.12
CA MET D 293 -41.91 18.44 13.13
C MET D 293 -42.01 17.07 12.47
N GLN D 294 -43.00 16.86 11.61
CA GLN D 294 -43.14 15.59 10.90
C GLN D 294 -41.93 15.32 10.02
N HIS D 295 -41.38 16.35 9.37
CA HIS D 295 -40.17 16.23 8.56
C HIS D 295 -38.99 15.76 9.42
N ALA D 296 -38.76 16.41 10.56
CA ALA D 296 -37.66 16.06 11.45
C ALA D 296 -37.76 14.65 12.00
N ILE D 297 -38.96 14.22 12.42
CA ILE D 297 -39.14 12.90 12.99
C ILE D 297 -38.99 11.84 11.93
N ALA D 298 -39.63 12.04 10.75
CA ALA D 298 -39.53 11.08 9.66
C ALA D 298 -38.08 10.86 9.23
N ARG D 299 -37.26 11.90 9.13
CA ARG D 299 -35.84 11.76 8.77
C ARG D 299 -35.09 10.90 9.78
N GLU D 300 -35.32 11.15 11.10
CA GLU D 300 -34.69 10.34 12.13
C GLU D 300 -35.14 8.87 12.06
N ALA D 301 -36.48 8.65 11.87
CA ALA D 301 -37.06 7.31 11.85
C ALA D 301 -36.64 6.51 10.64
N GLU D 302 -36.47 7.16 9.48
CA GLU D 302 -36.05 6.46 8.27
C GLU D 302 -34.60 5.93 8.39
N ALA D 303 -33.71 6.66 9.06
CA ALA D 303 -32.33 6.17 9.26
C ALA D 303 -32.32 5.00 10.23
N ALA D 304 -33.29 4.92 11.16
CA ALA D 304 -33.43 3.84 12.13
C ALA D 304 -34.15 2.61 11.55
N VAL D 305 -34.54 2.62 10.27
CA VAL D 305 -35.16 1.45 9.65
C VAL D 305 -34.07 0.36 9.49
N TYR D 306 -34.38 -0.87 9.89
CA TYR D 306 -33.47 -1.99 9.80
C TYR D 306 -33.60 -2.62 8.40
N HIS D 307 -32.96 -1.97 7.39
CA HIS D 307 -33.03 -2.38 5.97
C HIS D 307 -32.59 -3.82 5.73
N ARG D 308 -31.65 -4.34 6.54
CA ARG D 308 -31.19 -5.72 6.36
C ARG D 308 -32.33 -6.71 6.41
N GLN D 309 -33.21 -6.58 7.40
CA GLN D 309 -34.34 -7.47 7.51
C GLN D 309 -35.46 -7.09 6.54
N LEU D 310 -35.74 -5.78 6.45
CA LEU D 310 -36.80 -5.29 5.59
C LEU D 310 -36.60 -5.67 4.11
N PHE D 311 -35.40 -5.46 3.55
CA PHE D 311 -35.15 -5.80 2.16
C PHE D 311 -35.26 -7.29 1.94
N GLU D 312 -34.67 -8.10 2.84
CA GLU D 312 -34.73 -9.56 2.73
C GLU D 312 -36.17 -10.07 2.76
N GLU D 313 -36.99 -9.54 3.68
CA GLU D 313 -38.38 -9.94 3.80
C GLU D 313 -39.22 -9.50 2.63
N LEU D 314 -39.00 -8.29 2.09
CA LEU D 314 -39.74 -7.82 0.92
C LEU D 314 -39.39 -8.66 -0.29
N ARG D 315 -38.09 -8.99 -0.46
CA ARG D 315 -37.58 -9.87 -1.53
C ARG D 315 -38.23 -11.26 -1.43
N ARG D 316 -38.21 -11.86 -0.22
CA ARG D 316 -38.75 -13.19 0.01
C ARG D 316 -40.26 -13.24 -0.24
N ALA D 317 -40.98 -12.25 0.26
CA ALA D 317 -42.44 -12.21 0.13
C ALA D 317 -42.92 -11.91 -1.28
N ALA D 318 -42.12 -11.19 -2.07
CA ALA D 318 -42.52 -10.84 -3.42
C ALA D 318 -42.48 -12.06 -4.35
N PRO D 319 -43.57 -12.23 -5.15
CA PRO D 319 -43.61 -13.38 -6.06
C PRO D 319 -42.70 -13.20 -7.26
N LEU D 320 -42.43 -14.31 -7.97
CA LEU D 320 -41.67 -14.26 -9.21
C LEU D 320 -42.43 -13.42 -10.23
N SER D 321 -41.73 -12.78 -11.16
CA SER D 321 -42.37 -11.91 -12.12
C SER D 321 -41.74 -11.99 -13.48
N ARG D 322 -42.55 -11.91 -14.50
CA ARG D 322 -42.07 -11.85 -15.87
C ARG D 322 -42.21 -10.43 -16.48
N ASP D 323 -42.49 -9.41 -15.63
CA ASP D 323 -42.63 -8.05 -16.08
C ASP D 323 -41.26 -7.43 -15.99
N PRO D 324 -40.72 -6.94 -17.11
CA PRO D 324 -39.36 -6.39 -17.09
C PRO D 324 -39.18 -5.20 -16.16
N THR D 325 -40.23 -4.42 -15.89
CA THR D 325 -40.12 -3.29 -14.97
C THR D 325 -39.86 -3.80 -13.56
N GLU D 326 -40.61 -4.81 -13.15
CA GLU D 326 -40.49 -5.46 -11.86
C GLU D 326 -39.12 -6.16 -11.69
N VAL D 327 -38.67 -6.84 -12.74
CA VAL D 327 -37.37 -7.49 -12.74
C VAL D 327 -36.22 -6.46 -12.66
N THR D 328 -36.31 -5.37 -13.43
CA THR D 328 -35.29 -4.32 -13.42
C THR D 328 -35.24 -3.64 -12.05
N ALA D 329 -36.42 -3.37 -11.45
CA ALA D 329 -36.53 -2.70 -10.16
C ALA D 329 -35.79 -3.44 -9.04
N ILE D 330 -35.94 -4.77 -8.95
CA ILE D 330 -35.27 -5.52 -7.90
C ILE D 330 -33.77 -5.63 -8.16
N GLY D 331 -33.35 -5.73 -9.42
CA GLY D 331 -31.95 -5.76 -9.79
C GLY D 331 -31.28 -4.43 -9.44
N ALA D 332 -31.99 -3.30 -9.72
CA ALA D 332 -31.51 -1.95 -9.44
C ALA D 332 -31.41 -1.69 -7.93
N VAL D 333 -32.38 -2.19 -7.14
CA VAL D 333 -32.33 -1.98 -5.68
C VAL D 333 -31.20 -2.79 -5.09
N GLU D 334 -31.00 -4.02 -5.57
CA GLU D 334 -29.90 -4.87 -5.13
CA GLU D 334 -29.90 -4.87 -5.13
C GLU D 334 -28.56 -4.20 -5.46
N ALA D 335 -28.43 -3.65 -6.67
CA ALA D 335 -27.22 -2.94 -7.12
C ALA D 335 -27.00 -1.68 -6.26
N ALA D 336 -28.06 -0.93 -5.93
CA ALA D 336 -27.94 0.26 -5.10
C ALA D 336 -27.39 -0.08 -3.68
N PHE D 337 -27.86 -1.17 -3.07
CA PHE D 337 -27.37 -1.62 -1.78
C PHE D 337 -25.92 -2.13 -1.85
N LYS D 338 -25.56 -2.79 -2.94
CA LYS D 338 -24.19 -3.30 -3.13
C LYS D 338 -23.11 -2.22 -3.10
N CYS D 339 -23.42 -1.03 -3.66
CA CYS D 339 -22.46 0.05 -3.72
C CYS D 339 -22.79 1.23 -2.85
N CYS D 340 -23.83 1.17 -1.98
CA CYS D 340 -24.28 2.34 -1.20
C CYS D 340 -24.55 3.53 -2.14
N ALA D 341 -25.28 3.27 -3.27
CA ALA D 341 -25.63 4.34 -4.21
C ALA D 341 -26.37 5.45 -3.47
N ALA D 342 -26.05 6.71 -3.79
CA ALA D 342 -26.71 7.88 -3.23
C ALA D 342 -28.14 7.95 -3.77
N ALA D 343 -28.38 7.49 -5.03
CA ALA D 343 -29.69 7.56 -5.62
C ALA D 343 -29.89 6.55 -6.75
N ILE D 344 -31.14 6.27 -7.07
CA ILE D 344 -31.58 5.53 -8.23
C ILE D 344 -32.34 6.57 -9.05
N ILE D 345 -31.85 6.93 -10.24
CA ILE D 345 -32.49 7.91 -11.09
C ILE D 345 -33.34 7.16 -12.10
N VAL D 346 -34.66 7.36 -12.11
CA VAL D 346 -35.55 6.62 -12.99
C VAL D 346 -36.37 7.54 -13.88
N LEU D 347 -36.51 7.20 -15.16
CA LEU D 347 -37.34 7.95 -16.08
C LEU D 347 -38.71 7.28 -16.00
N THR D 348 -39.78 8.06 -15.83
CA THR D 348 -41.11 7.49 -15.70
C THR D 348 -42.16 8.37 -16.34
N THR D 349 -43.19 7.76 -16.95
CA THR D 349 -44.27 8.51 -17.61
C THR D 349 -45.48 8.53 -16.69
N THR D 350 -45.86 7.36 -16.13
CA THR D 350 -46.99 7.21 -15.23
C THR D 350 -46.58 7.21 -13.77
N GLY D 351 -45.27 7.07 -13.45
CA GLY D 351 -44.79 6.92 -12.09
C GLY D 351 -44.57 5.46 -11.70
N ARG D 352 -45.08 4.52 -12.49
CA ARG D 352 -45.01 3.09 -12.15
C ARG D 352 -43.60 2.53 -11.95
N SER D 353 -42.63 2.92 -12.79
CA SER D 353 -41.26 2.41 -12.60
C SER D 353 -40.67 2.86 -11.27
N ALA D 354 -41.01 4.08 -10.83
CA ALA D 354 -40.54 4.62 -9.55
C ALA D 354 -41.22 3.89 -8.38
N GLN D 355 -42.51 3.56 -8.55
CA GLN D 355 -43.28 2.83 -7.56
C GLN D 355 -42.73 1.41 -7.35
N LEU D 356 -42.37 0.70 -8.43
CA LEU D 356 -41.81 -0.64 -8.31
C LEU D 356 -40.42 -0.61 -7.65
N LEU D 357 -39.67 0.49 -7.80
CA LEU D 357 -38.39 0.61 -7.12
C LEU D 357 -38.65 0.82 -5.61
N SER D 358 -39.59 1.71 -5.27
CA SER D 358 -40.01 2.12 -3.95
C SER D 358 -40.52 0.95 -3.09
N ARG D 359 -41.17 -0.05 -3.72
CA ARG D 359 -41.69 -1.19 -2.98
C ARG D 359 -40.58 -2.04 -2.33
N TYR D 360 -39.33 -1.96 -2.84
CA TYR D 360 -38.22 -2.70 -2.22
C TYR D 360 -37.50 -1.89 -1.13
N ARG D 361 -38.01 -0.71 -0.81
CA ARG D 361 -37.50 0.18 0.23
C ARG D 361 -35.98 0.40 0.17
N PRO D 362 -35.45 0.90 -0.95
CA PRO D 362 -34.02 1.15 -1.00
C PRO D 362 -33.60 2.25 -0.02
N ARG D 363 -32.36 2.18 0.48
CA ARG D 363 -31.82 3.29 1.28
C ARG D 363 -31.54 4.47 0.32
N ALA D 364 -31.16 4.19 -0.97
CA ALA D 364 -30.92 5.22 -1.99
C ALA D 364 -32.18 5.98 -2.33
N ALA D 365 -32.08 7.31 -2.56
CA ALA D 365 -33.26 8.09 -2.96
C ALA D 365 -33.70 7.70 -4.36
N VAL D 366 -34.99 7.60 -4.62
CA VAL D 366 -35.47 7.31 -5.99
C VAL D 366 -35.82 8.64 -6.66
N ILE D 367 -34.91 9.17 -7.48
CA ILE D 367 -35.15 10.43 -8.17
C ILE D 367 -35.91 10.12 -9.45
N ALA D 368 -37.19 10.49 -9.51
CA ALA D 368 -38.01 10.15 -10.66
C ALA D 368 -38.14 11.35 -11.60
N VAL D 369 -37.61 11.23 -12.81
CA VAL D 369 -37.68 12.31 -13.79
C VAL D 369 -38.83 12.05 -14.73
N THR D 370 -39.75 13.00 -14.79
CA THR D 370 -40.93 12.84 -15.63
C THR D 370 -41.32 14.10 -16.37
N ARG D 371 -42.00 13.94 -17.53
CA ARG D 371 -42.59 15.10 -18.22
C ARG D 371 -44.05 15.27 -17.78
N SER D 372 -44.68 14.25 -17.19
CA SER D 372 -46.07 14.32 -16.78
C SER D 372 -46.16 15.04 -15.43
N ALA D 373 -46.80 16.22 -15.40
CA ALA D 373 -47.00 17.00 -14.19
C ALA D 373 -47.85 16.20 -13.20
N GLN D 374 -48.88 15.49 -13.69
CA GLN D 374 -49.70 14.66 -12.83
C GLN D 374 -48.91 13.48 -12.19
N ALA D 375 -48.04 12.80 -12.96
CA ALA D 375 -47.24 11.72 -12.39
C ALA D 375 -46.27 12.26 -11.36
N ALA D 376 -45.67 13.44 -11.63
CA ALA D 376 -44.73 14.03 -10.68
C ALA D 376 -45.45 14.34 -9.33
N ARG D 377 -46.72 14.71 -9.40
CA ARG D 377 -47.49 14.96 -8.21
C ARG D 377 -47.86 13.65 -7.50
N GLN D 378 -48.37 12.68 -8.25
CA GLN D 378 -48.82 11.41 -7.70
C GLN D 378 -47.73 10.51 -7.11
N VAL D 379 -46.47 10.60 -7.59
CA VAL D 379 -45.43 9.72 -7.04
C VAL D 379 -45.06 10.06 -5.60
N HIS D 380 -45.57 11.19 -5.06
CA HIS D 380 -45.39 11.54 -3.66
C HIS D 380 -46.06 10.47 -2.75
N LEU D 381 -47.02 9.67 -3.29
CA LEU D 381 -47.65 8.61 -2.53
C LEU D 381 -46.66 7.48 -2.20
N CYS D 382 -45.56 7.35 -2.97
CA CYS D 382 -44.59 6.27 -2.80
C CYS D 382 -43.40 6.70 -2.03
N ARG D 383 -43.14 6.02 -0.90
CA ARG D 383 -42.02 6.41 -0.05
C ARG D 383 -40.68 6.37 -0.79
N GLY D 384 -39.90 7.43 -0.59
CA GLY D 384 -38.57 7.51 -1.16
C GLY D 384 -38.51 7.97 -2.59
N VAL D 385 -39.64 8.39 -3.17
CA VAL D 385 -39.64 8.88 -4.54
C VAL D 385 -39.63 10.41 -4.51
N PHE D 386 -38.61 11.00 -5.13
CA PHE D 386 -38.42 12.44 -5.23
C PHE D 386 -38.68 12.82 -6.70
N PRO D 387 -39.85 13.40 -7.00
CA PRO D 387 -40.17 13.74 -8.39
C PRO D 387 -39.55 15.01 -8.93
N LEU D 388 -39.05 14.94 -10.17
CA LEU D 388 -38.51 16.09 -10.87
C LEU D 388 -39.33 16.26 -12.13
N LEU D 389 -39.95 17.43 -12.31
CA LEU D 389 -40.70 17.71 -13.53
C LEU D 389 -39.80 18.30 -14.59
N TYR D 390 -39.66 17.64 -15.71
CA TYR D 390 -38.78 18.08 -16.79
C TYR D 390 -39.65 18.80 -17.80
N ARG D 391 -39.27 20.04 -18.15
CA ARG D 391 -40.14 20.84 -18.98
C ARG D 391 -39.69 21.04 -20.42
N GLU D 392 -38.48 20.63 -20.79
CA GLU D 392 -37.99 20.80 -22.15
C GLU D 392 -38.71 19.92 -23.19
N PRO D 393 -38.88 20.44 -24.42
CA PRO D 393 -39.51 19.62 -25.46
C PRO D 393 -38.59 18.44 -25.85
N PRO D 394 -39.17 17.30 -26.23
CA PRO D 394 -38.34 16.15 -26.60
C PRO D 394 -37.35 16.40 -27.72
N GLU D 395 -36.10 15.97 -27.58
CA GLU D 395 -35.00 16.04 -28.55
C GLU D 395 -35.37 15.19 -29.77
N ALA D 396 -34.72 15.46 -30.91
CA ALA D 396 -34.99 14.68 -32.14
C ALA D 396 -34.46 13.25 -31.95
N ILE D 397 -33.28 13.11 -31.33
CA ILE D 397 -32.69 11.82 -31.06
C ILE D 397 -33.14 11.31 -29.68
N TRP D 398 -33.89 10.19 -29.62
CA TRP D 398 -34.46 9.70 -28.37
C TRP D 398 -33.40 9.37 -27.30
N ALA D 399 -32.26 8.81 -27.70
CA ALA D 399 -31.16 8.54 -26.77
C ALA D 399 -30.65 9.86 -26.13
N ASP D 400 -30.60 10.94 -26.88
CA ASP D 400 -30.16 12.24 -26.34
C ASP D 400 -31.18 12.80 -25.39
N ASP D 401 -32.48 12.60 -25.68
CA ASP D 401 -33.54 13.07 -24.82
C ASP D 401 -33.44 12.38 -23.44
N VAL D 402 -33.20 11.06 -23.47
CA VAL D 402 -33.00 10.20 -22.33
C VAL D 402 -31.82 10.68 -21.50
N ASP D 403 -30.66 10.90 -22.11
CA ASP D 403 -29.45 11.38 -21.41
C ASP D 403 -29.69 12.75 -20.80
N ARG D 404 -30.38 13.66 -21.51
CA ARG D 404 -30.67 14.99 -21.00
C ARG D 404 -31.49 14.94 -19.71
N ARG D 405 -32.51 14.07 -19.64
CA ARG D 405 -33.30 13.89 -18.46
C ARG D 405 -32.51 13.31 -17.30
N VAL D 406 -31.58 12.35 -17.53
CA VAL D 406 -30.70 11.76 -16.53
C VAL D 406 -29.76 12.85 -15.98
N GLN D 407 -29.23 13.74 -16.86
CA GLN D 407 -28.42 14.86 -16.40
C GLN D 407 -29.26 15.87 -15.60
N PHE D 408 -30.53 16.05 -15.94
CA PHE D 408 -31.43 16.89 -15.15
C PHE D 408 -31.59 16.34 -13.72
N GLY D 409 -31.77 15.02 -13.61
CA GLY D 409 -31.85 14.32 -12.34
C GLY D 409 -30.57 14.44 -11.54
N ILE D 410 -29.42 14.42 -12.22
CA ILE D 410 -28.13 14.58 -11.55
C ILE D 410 -27.93 16.01 -11.06
N GLU D 411 -28.16 17.02 -11.93
CA GLU D 411 -28.04 18.42 -11.58
C GLU D 411 -29.00 18.82 -10.46
N SER D 412 -30.27 18.36 -10.49
CA SER D 412 -31.18 18.68 -9.38
C SER D 412 -30.70 18.01 -8.10
N GLY D 413 -30.18 16.79 -8.21
CA GLY D 413 -29.69 16.03 -7.09
C GLY D 413 -28.48 16.67 -6.45
N LYS D 414 -27.61 17.28 -7.25
CA LYS D 414 -26.43 17.96 -6.73
C LYS D 414 -26.88 19.25 -6.03
N LEU D 415 -27.74 20.04 -6.67
CA LEU D 415 -28.23 21.29 -6.08
C LEU D 415 -28.95 21.05 -4.75
N ARG D 416 -29.77 20.00 -4.67
CA ARG D 416 -30.56 19.71 -3.47
C ARG D 416 -29.82 18.93 -2.37
N GLY D 417 -28.59 18.50 -2.63
CA GLY D 417 -27.81 17.78 -1.64
C GLY D 417 -27.91 16.26 -1.69
N PHE D 418 -28.70 15.69 -2.61
CA PHE D 418 -28.80 14.23 -2.77
C PHE D 418 -27.47 13.59 -3.21
N LEU D 419 -26.76 14.26 -4.14
CA LEU D 419 -25.56 13.72 -4.78
C LEU D 419 -24.37 14.63 -4.67
N ARG D 420 -23.20 14.02 -4.71
CA ARG D 420 -21.93 14.71 -4.76
C ARG D 420 -21.05 14.02 -5.81
N VAL D 421 -20.01 14.72 -6.29
CA VAL D 421 -19.02 14.14 -7.21
C VAL D 421 -18.34 12.94 -6.52
N GLY D 422 -18.21 11.83 -7.23
CA GLY D 422 -17.66 10.62 -6.66
C GLY D 422 -18.70 9.60 -6.23
N ASP D 423 -19.97 10.01 -6.09
CA ASP D 423 -21.04 9.10 -5.73
C ASP D 423 -21.36 8.11 -6.88
N LEU D 424 -21.93 6.97 -6.53
CA LEU D 424 -22.42 6.03 -7.51
C LEU D 424 -23.93 6.18 -7.55
N VAL D 425 -24.48 6.19 -8.73
CA VAL D 425 -25.91 6.30 -8.95
C VAL D 425 -26.35 5.10 -9.83
N ILE D 426 -27.57 4.60 -9.64
CA ILE D 426 -28.13 3.56 -10.51
C ILE D 426 -29.13 4.27 -11.41
N VAL D 427 -29.05 4.11 -12.73
CA VAL D 427 -29.97 4.78 -13.66
C VAL D 427 -30.90 3.75 -14.29
N VAL D 428 -32.21 3.98 -14.23
CA VAL D 428 -33.20 3.06 -14.71
C VAL D 428 -33.98 3.67 -15.86
N THR D 429 -33.84 3.03 -17.03
CA THR D 429 -34.48 3.46 -18.28
C THR D 429 -35.18 2.25 -18.97
N GLY D 430 -35.81 2.53 -20.10
CA GLY D 430 -36.51 1.60 -20.97
C GLY D 430 -35.88 1.58 -22.36
N TRP D 431 -36.28 0.62 -23.18
CA TRP D 431 -35.67 0.41 -24.49
C TRP D 431 -36.36 1.17 -25.63
N ARG D 432 -37.56 1.69 -25.41
CA ARG D 432 -38.30 2.48 -26.39
C ARG D 432 -39.13 3.54 -25.66
N PRO D 433 -39.52 4.62 -26.35
CA PRO D 433 -40.36 5.64 -25.69
C PRO D 433 -41.74 5.06 -25.28
N GLY D 434 -42.45 5.78 -24.41
CA GLY D 434 -43.77 5.34 -23.96
C GLY D 434 -43.69 4.56 -22.66
N SER D 435 -44.77 4.59 -21.91
CA SER D 435 -44.86 3.92 -20.62
CA SER D 435 -44.84 3.92 -20.62
C SER D 435 -44.88 2.39 -20.77
N GLY D 436 -44.33 1.71 -19.80
CA GLY D 436 -44.36 0.27 -19.72
C GLY D 436 -43.19 -0.51 -20.26
N TYR D 437 -42.12 0.17 -20.70
CA TYR D 437 -40.98 -0.52 -21.32
C TYR D 437 -39.67 -0.41 -20.54
N THR D 438 -39.73 -0.06 -19.22
CA THR D 438 -38.50 -0.04 -18.40
C THR D 438 -37.87 -1.45 -18.39
N ASN D 439 -36.58 -1.53 -18.67
CA ASN D 439 -35.89 -2.82 -18.73
C ASN D 439 -34.37 -2.69 -18.55
N ILE D 440 -33.83 -1.47 -18.35
CA ILE D 440 -32.40 -1.26 -18.27
C ILE D 440 -32.06 -0.66 -16.95
N MET D 441 -30.93 -1.07 -16.38
CA MET D 441 -30.34 -0.59 -15.14
C MET D 441 -28.82 -0.34 -15.41
N ARG D 442 -28.29 0.88 -15.12
CA ARG D 442 -26.86 1.07 -15.30
C ARG D 442 -26.19 1.77 -14.13
N VAL D 443 -24.95 1.35 -13.83
CA VAL D 443 -24.17 1.91 -12.72
C VAL D 443 -23.44 3.14 -13.23
N LEU D 444 -23.66 4.30 -12.61
CA LEU D 444 -23.07 5.54 -13.08
C LEU D 444 -22.27 6.29 -12.00
N SER D 445 -21.09 6.77 -12.36
CA SER D 445 -20.27 7.51 -11.41
C SER D 445 -20.53 9.00 -11.60
N ILE D 446 -20.78 9.73 -10.51
CA ILE D 446 -21.04 11.16 -10.60
C ILE D 446 -19.75 11.97 -10.82
N SER D 447 -19.70 12.71 -11.92
CA SER D 447 -18.53 13.54 -12.20
C SER D 447 -18.82 15.06 -12.05
N ALA E 25 6.61 33.36 -9.36
CA ALA E 25 7.77 33.50 -8.48
C ALA E 25 9.06 33.69 -9.27
N PHE E 26 9.99 34.49 -8.70
CA PHE E 26 11.29 34.75 -9.31
C PHE E 26 12.05 33.44 -9.56
N PHE E 27 12.01 32.53 -8.57
CA PHE E 27 12.72 31.26 -8.66
C PHE E 27 11.99 30.18 -9.47
N GLN E 28 10.76 30.45 -9.94
CA GLN E 28 10.07 29.49 -10.80
C GLN E 28 10.36 29.78 -12.30
N GLN E 29 10.64 31.05 -12.64
CA GLN E 29 10.97 31.49 -14.00
C GLN E 29 12.42 31.13 -14.38
N GLN E 30 12.77 31.35 -15.68
CA GLN E 30 14.05 31.14 -16.34
C GLN E 30 14.79 29.86 -15.91
N GLN E 31 14.02 28.76 -15.77
CA GLN E 31 14.50 27.43 -15.40
C GLN E 31 15.35 27.44 -14.14
N LEU E 32 15.03 28.31 -13.17
CA LEU E 32 15.80 28.38 -11.94
C LEU E 32 15.72 27.08 -11.11
N PRO E 33 14.58 26.33 -11.04
CA PRO E 33 14.63 25.02 -10.36
C PRO E 33 15.64 24.09 -11.02
N ALA E 34 15.70 24.05 -12.37
CA ALA E 34 16.68 23.22 -13.08
C ALA E 34 18.12 23.73 -12.90
N ALA E 35 18.29 25.05 -12.72
CA ALA E 35 19.59 25.67 -12.52
C ALA E 35 20.17 25.32 -11.13
N MET E 36 19.31 25.09 -10.12
CA MET E 36 19.74 24.72 -8.78
C MET E 36 20.06 23.22 -8.60
N ALA E 37 19.82 22.40 -9.63
CA ALA E 37 20.06 20.97 -9.53
C ALA E 37 21.50 20.59 -9.25
N ASP E 38 21.70 19.48 -8.52
CA ASP E 38 23.04 19.04 -8.13
C ASP E 38 23.75 18.19 -9.19
N THR E 39 23.01 17.62 -10.14
CA THR E 39 23.60 16.87 -11.24
C THR E 39 22.98 17.34 -12.54
N PHE E 40 23.65 17.08 -13.66
CA PHE E 40 23.15 17.42 -14.98
C PHE E 40 21.88 16.60 -15.28
N LEU E 41 21.83 15.33 -14.85
CA LEU E 41 20.66 14.48 -15.03
C LEU E 41 19.45 15.08 -14.29
N GLU E 42 19.63 15.54 -13.04
CA GLU E 42 18.55 16.18 -12.28
CA GLU E 42 18.53 16.18 -12.30
C GLU E 42 18.14 17.51 -12.93
N HIS E 43 19.11 18.22 -13.52
CA HIS E 43 18.90 19.49 -14.21
C HIS E 43 17.95 19.24 -15.39
N LEU E 44 18.21 18.18 -16.16
CA LEU E 44 17.35 17.82 -17.30
C LEU E 44 15.94 17.49 -16.81
N CYS E 45 15.83 16.70 -15.73
CA CYS E 45 14.56 16.30 -15.14
C CYS E 45 13.71 17.47 -14.70
N LEU E 46 14.35 18.57 -14.28
CA LEU E 46 13.67 19.74 -13.78
C LEU E 46 13.33 20.78 -14.82
N LEU E 47 13.67 20.57 -16.11
CA LEU E 47 13.34 21.53 -17.17
C LEU E 47 11.82 21.61 -17.31
N ASP E 48 11.28 22.81 -17.37
CA ASP E 48 9.86 23.03 -17.36
C ASP E 48 9.43 23.90 -18.51
N ILE E 49 8.52 23.37 -19.35
CA ILE E 49 7.99 24.15 -20.47
C ILE E 49 7.16 25.37 -19.98
N ASP E 50 6.68 25.36 -18.72
CA ASP E 50 5.95 26.49 -18.16
C ASP E 50 6.84 27.52 -17.44
N SER E 51 8.14 27.28 -17.34
CA SER E 51 9.06 28.21 -16.70
C SER E 51 9.49 29.17 -17.79
N GLU E 52 8.91 30.39 -17.78
CA GLU E 52 9.16 31.36 -18.84
C GLU E 52 10.49 32.07 -18.78
N PRO E 53 11.14 32.26 -19.95
CA PRO E 53 12.42 32.97 -19.95
C PRO E 53 12.21 34.45 -19.66
N VAL E 54 13.08 35.06 -18.84
CA VAL E 54 12.92 36.47 -18.50
C VAL E 54 14.11 37.30 -18.99
N ALA E 55 15.31 36.73 -18.98
CA ALA E 55 16.50 37.43 -19.44
C ALA E 55 16.46 37.75 -20.94
N ALA E 56 17.19 38.81 -21.33
CA ALA E 56 17.30 39.20 -22.72
C ALA E 56 18.08 38.12 -23.50
N ARG E 57 17.75 37.93 -24.79
CA ARG E 57 18.41 36.94 -25.63
C ARG E 57 19.87 37.30 -25.83
N SER E 58 20.77 36.41 -25.42
CA SER E 58 22.19 36.66 -25.42
C SER E 58 22.97 36.11 -26.63
N THR E 59 22.44 35.10 -27.35
CA THR E 59 23.12 34.56 -28.52
C THR E 59 22.74 35.44 -29.71
N SER E 60 23.72 36.06 -30.37
CA SER E 60 23.41 36.94 -31.50
C SER E 60 22.93 36.20 -32.73
N ILE E 61 22.07 36.88 -33.50
CA ILE E 61 21.55 36.32 -34.74
C ILE E 61 22.22 37.02 -35.91
N ILE E 62 22.85 36.24 -36.80
CA ILE E 62 23.44 36.78 -38.01
C ILE E 62 22.46 36.45 -39.14
N ALA E 63 22.00 37.47 -39.90
CA ALA E 63 21.08 37.21 -41.00
C ALA E 63 21.76 37.59 -42.31
N THR E 64 21.70 36.70 -43.31
CA THR E 64 22.31 36.97 -44.60
C THR E 64 21.38 37.84 -45.42
N ILE E 65 21.91 38.96 -45.94
CA ILE E 65 21.15 39.90 -46.74
C ILE E 65 21.13 39.48 -48.19
N GLY E 66 19.96 39.45 -48.78
CA GLY E 66 19.75 39.11 -50.18
C GLY E 66 18.46 39.69 -50.70
N PRO E 67 17.97 39.19 -51.86
CA PRO E 67 16.72 39.75 -52.43
C PRO E 67 15.51 39.78 -51.50
N ALA E 68 15.39 38.78 -50.61
CA ALA E 68 14.28 38.72 -49.67
C ALA E 68 14.41 39.63 -48.47
N SER E 69 15.59 40.22 -48.23
CA SER E 69 15.82 41.03 -47.05
C SER E 69 16.63 42.31 -47.32
N ARG E 70 16.54 42.88 -48.52
CA ARG E 70 17.33 44.05 -48.87
C ARG E 70 16.68 45.41 -48.67
N SER E 71 15.35 45.47 -48.74
CA SER E 71 14.66 46.75 -48.61
C SER E 71 14.80 47.32 -47.20
N VAL E 72 14.91 48.66 -47.10
CA VAL E 72 15.05 49.36 -45.83
C VAL E 72 13.88 49.02 -44.89
N GLU E 73 12.67 48.90 -45.42
CA GLU E 73 11.48 48.58 -44.63
C GLU E 73 11.56 47.14 -44.08
N ARG E 74 12.03 46.19 -44.90
CA ARG E 74 12.19 44.80 -44.51
C ARG E 74 13.30 44.67 -43.46
N LEU E 75 14.42 45.38 -43.67
CA LEU E 75 15.54 45.43 -42.75
C LEU E 75 15.14 45.99 -41.38
N LYS E 76 14.23 46.96 -41.32
CA LYS E 76 13.74 47.49 -40.05
C LYS E 76 12.96 46.42 -39.31
N GLU E 77 12.15 45.63 -40.03
CA GLU E 77 11.41 44.54 -39.41
C GLU E 77 12.35 43.45 -38.86
N MET E 78 13.47 43.20 -39.58
CA MET E 78 14.45 42.21 -39.16
CA MET E 78 14.45 42.21 -39.16
C MET E 78 15.26 42.66 -37.95
N ILE E 79 15.50 43.98 -37.81
CA ILE E 79 16.19 44.52 -36.66
C ILE E 79 15.26 44.37 -35.46
N LYS E 80 13.98 44.68 -35.61
CA LYS E 80 13.00 44.54 -34.54
C LYS E 80 12.81 43.06 -34.11
N ALA E 81 12.89 42.14 -35.09
CA ALA E 81 12.77 40.72 -34.84
C ALA E 81 14.01 40.16 -34.08
N GLY E 82 15.17 40.82 -34.16
CA GLY E 82 16.35 40.43 -33.44
C GLY E 82 17.67 40.29 -34.19
N MET E 83 17.74 40.68 -35.47
CA MET E 83 19.00 40.61 -36.22
C MET E 83 20.05 41.53 -35.58
N ASN E 84 21.25 40.99 -35.31
CA ASN E 84 22.35 41.76 -34.68
C ASN E 84 23.49 41.99 -35.66
N ILE E 85 23.68 41.05 -36.61
CA ILE E 85 24.74 41.11 -37.60
C ILE E 85 24.15 40.86 -38.98
N ALA E 86 24.50 41.70 -39.95
CA ALA E 86 24.05 41.54 -41.32
C ALA E 86 25.18 40.93 -42.12
N ARG E 87 24.97 39.77 -42.73
CA ARG E 87 25.99 39.09 -43.53
C ARG E 87 25.83 39.38 -45.03
N LEU E 88 26.91 39.79 -45.70
CA LEU E 88 26.90 40.04 -47.14
C LEU E 88 27.68 38.92 -47.78
N ASN E 89 27.00 38.05 -48.54
CA ASN E 89 27.68 36.91 -49.16
C ASN E 89 28.30 37.34 -50.48
N PHE E 90 29.63 37.50 -50.49
CA PHE E 90 30.35 37.92 -51.69
C PHE E 90 30.53 36.83 -52.73
N SER E 91 29.93 35.66 -52.52
CA SER E 91 29.92 34.62 -53.55
C SER E 91 28.91 34.98 -54.68
N HIS E 92 27.97 35.91 -54.40
CA HIS E 92 26.94 36.35 -55.32
C HIS E 92 26.83 37.88 -55.28
N GLY E 93 26.51 38.47 -56.43
CA GLY E 93 26.34 39.91 -56.51
C GLY E 93 27.62 40.68 -56.76
N SER E 94 27.46 41.88 -57.27
CA SER E 94 28.57 42.77 -57.58
C SER E 94 28.88 43.69 -56.39
N HIS E 95 29.98 44.46 -56.47
CA HIS E 95 30.32 45.44 -55.45
C HIS E 95 29.22 46.50 -55.33
N GLU E 96 28.60 46.87 -56.46
CA GLU E 96 27.51 47.84 -56.49
C GLU E 96 26.30 47.31 -55.72
N TYR E 97 26.00 46.01 -55.90
CA TYR E 97 24.90 45.35 -55.21
C TYR E 97 25.15 45.36 -53.68
N HIS E 98 26.36 45.00 -53.27
CA HIS E 98 26.70 44.95 -51.84
C HIS E 98 26.78 46.33 -51.20
N ALA E 99 27.26 47.35 -51.93
CA ALA E 99 27.29 48.71 -51.40
C ALA E 99 25.87 49.21 -51.15
N GLU E 100 24.92 48.83 -52.01
CA GLU E 100 23.52 49.20 -51.83
C GLU E 100 22.92 48.50 -50.60
N SER E 101 23.28 47.22 -50.41
CA SER E 101 22.86 46.42 -49.26
C SER E 101 23.35 47.08 -47.97
N ILE E 102 24.65 47.45 -47.92
CA ILE E 102 25.28 48.14 -46.79
C ILE E 102 24.55 49.43 -46.45
N ALA E 103 24.27 50.25 -47.48
CA ALA E 103 23.60 51.52 -47.30
C ALA E 103 22.18 51.33 -46.76
N ASN E 104 21.48 50.27 -47.20
CA ASN E 104 20.13 49.99 -46.73
C ASN E 104 20.14 49.52 -45.29
N VAL E 105 21.16 48.71 -44.91
CA VAL E 105 21.31 48.25 -43.52
C VAL E 105 21.53 49.46 -42.62
N ARG E 106 22.50 50.30 -42.96
CA ARG E 106 22.80 51.53 -42.21
C ARG E 106 21.59 52.47 -42.09
N GLU E 107 20.78 52.58 -43.16
CA GLU E 107 19.60 53.42 -43.12
C GLU E 107 18.56 52.84 -42.17
N ALA E 108 18.33 51.52 -42.22
CA ALA E 108 17.39 50.87 -41.31
C ALA E 108 17.87 50.97 -39.85
N VAL E 109 19.19 50.84 -39.61
CA VAL E 109 19.77 50.95 -38.26
C VAL E 109 19.61 52.37 -37.71
N GLU E 110 19.94 53.38 -38.55
CA GLU E 110 19.85 54.77 -38.11
C GLU E 110 18.43 55.29 -37.98
N SER E 111 17.42 54.59 -38.51
CA SER E 111 16.04 55.00 -38.33
C SER E 111 15.58 54.94 -36.85
N PHE E 112 16.34 54.24 -35.99
CA PHE E 112 16.04 54.11 -34.56
C PHE E 112 16.97 54.99 -33.68
N ALA E 113 17.97 55.70 -34.30
CA ALA E 113 18.95 56.54 -33.60
C ALA E 113 18.35 57.73 -32.85
N GLY E 114 17.09 58.04 -33.12
CA GLY E 114 16.37 59.12 -32.45
C GLY E 114 16.16 58.88 -30.97
N SER E 115 16.22 57.61 -30.54
CA SER E 115 16.06 57.24 -29.14
C SER E 115 17.37 56.58 -28.69
N PRO E 116 18.40 57.36 -28.29
CA PRO E 116 19.71 56.75 -27.93
C PRO E 116 19.71 55.71 -26.80
N LEU E 117 18.73 55.78 -25.86
CA LEU E 117 18.59 54.84 -24.74
C LEU E 117 18.00 53.48 -25.16
N SER E 118 17.61 53.31 -26.47
CA SER E 118 17.10 52.05 -27.02
C SER E 118 17.69 51.70 -28.44
N TYR E 119 18.64 52.53 -28.93
CA TYR E 119 19.31 52.33 -30.22
C TYR E 119 20.11 51.03 -30.20
N ARG E 120 19.93 50.24 -31.24
CA ARG E 120 20.64 48.97 -31.33
C ARG E 120 21.65 48.98 -32.48
N PRO E 121 22.96 48.92 -32.15
CA PRO E 121 23.95 48.81 -33.23
C PRO E 121 23.83 47.46 -33.98
N VAL E 122 24.10 47.43 -35.28
CA VAL E 122 24.05 46.20 -36.08
C VAL E 122 25.38 46.08 -36.82
N ALA E 123 26.11 44.99 -36.63
CA ALA E 123 27.38 44.81 -37.31
C ALA E 123 27.19 44.43 -38.79
N ILE E 124 28.20 44.70 -39.62
CA ILE E 124 28.15 44.33 -41.02
C ILE E 124 29.32 43.41 -41.29
N ALA E 125 29.03 42.18 -41.72
CA ALA E 125 30.03 41.18 -41.98
C ALA E 125 30.12 40.86 -43.46
N LEU E 126 31.34 40.74 -43.97
CA LEU E 126 31.57 40.41 -45.36
C LEU E 126 32.01 38.95 -45.41
N ASP E 127 31.23 38.09 -46.07
CA ASP E 127 31.59 36.69 -46.21
C ASP E 127 32.29 36.54 -47.57
N THR E 128 33.60 36.23 -47.59
CA THR E 128 34.37 36.16 -48.84
C THR E 128 33.95 34.98 -49.75
N LYS E 129 34.36 35.00 -51.02
CA LYS E 129 34.00 33.97 -51.97
C LYS E 129 34.80 32.67 -51.76
N GLY E 130 36.08 32.80 -51.46
CA GLY E 130 36.92 31.63 -51.23
C GLY E 130 38.11 31.52 -52.15
N PRO E 131 39.13 30.74 -51.75
CA PRO E 131 40.34 30.59 -52.57
C PRO E 131 40.16 29.86 -53.91
N GLY E 132 39.11 29.05 -54.02
CA GLY E 132 38.83 28.31 -55.24
C GLY E 132 39.70 27.10 -55.50
N SER E 133 40.29 27.03 -56.71
CA SER E 133 41.10 25.90 -57.17
C SER E 133 42.50 25.78 -56.52
N GLY E 134 42.87 26.73 -55.66
CA GLY E 134 44.15 26.66 -54.98
C GLY E 134 45.04 27.86 -55.14
N PRO E 135 46.31 27.71 -54.72
CA PRO E 135 47.39 28.71 -54.67
C PRO E 135 47.20 29.79 -53.56
N GLY E 136 46.30 29.53 -52.61
CA GLY E 136 46.04 30.46 -51.51
C GLY E 136 45.00 31.52 -51.82
N LEU E 137 45.22 32.76 -51.35
CA LEU E 137 44.30 33.90 -51.51
C LEU E 137 44.12 34.32 -52.97
N SER E 138 42.87 34.32 -53.45
CA SER E 138 42.53 34.65 -54.83
C SER E 138 42.49 36.17 -55.15
N GLU E 139 42.40 36.56 -56.44
CA GLU E 139 42.39 37.96 -56.89
C GLU E 139 41.07 38.64 -56.52
N GLN E 140 39.94 37.92 -56.66
CA GLN E 140 38.62 38.47 -56.32
C GLN E 140 38.50 38.72 -54.83
N ASP E 141 39.10 37.84 -54.01
CA ASP E 141 39.08 38.02 -52.56
C ASP E 141 39.87 39.24 -52.15
N VAL E 142 41.00 39.53 -52.83
CA VAL E 142 41.79 40.73 -52.53
C VAL E 142 40.96 42.00 -52.84
N ARG E 143 40.25 42.00 -53.97
CA ARG E 143 39.40 43.11 -54.35
C ARG E 143 38.21 43.29 -53.41
N ASP E 144 37.56 42.19 -53.02
CA ASP E 144 36.42 42.20 -52.11
C ASP E 144 36.82 42.63 -50.71
N LEU E 145 38.00 42.19 -50.24
CA LEU E 145 38.50 42.61 -48.93
C LEU E 145 38.80 44.10 -48.92
N ARG E 146 39.35 44.62 -50.03
CA ARG E 146 39.61 46.05 -50.20
C ARG E 146 38.29 46.85 -50.14
N PHE E 147 37.23 46.30 -50.78
CA PHE E 147 35.90 46.88 -50.77
C PHE E 147 35.37 46.97 -49.34
N GLY E 148 35.57 45.91 -48.55
CA GLY E 148 35.13 45.84 -47.16
C GLY E 148 35.76 46.91 -46.31
N VAL E 149 37.07 47.11 -46.47
CA VAL E 149 37.79 48.15 -45.74
C VAL E 149 37.23 49.53 -46.12
N GLU E 150 37.05 49.77 -47.43
CA GLU E 150 36.54 51.04 -47.94
C GLU E 150 35.11 51.33 -47.53
N HIS E 151 34.32 50.28 -47.30
CA HIS E 151 32.94 50.46 -46.85
C HIS E 151 32.74 50.30 -45.34
N GLY E 152 33.83 50.21 -44.58
CA GLY E 152 33.79 50.12 -43.13
C GLY E 152 33.09 48.90 -42.54
N VAL E 153 33.35 47.71 -43.12
CA VAL E 153 32.75 46.49 -42.56
C VAL E 153 33.39 46.18 -41.22
N ASP E 154 32.65 45.54 -40.32
CA ASP E 154 33.14 45.23 -38.99
C ASP E 154 33.84 43.89 -38.92
N ILE E 155 33.34 42.92 -39.67
CA ILE E 155 33.80 41.55 -39.60
C ILE E 155 34.01 40.97 -41.00
N VAL E 156 34.97 40.05 -41.12
CA VAL E 156 35.19 39.29 -42.31
C VAL E 156 34.97 37.82 -41.93
N PHE E 157 34.07 37.12 -42.64
CA PHE E 157 33.90 35.69 -42.46
C PHE E 157 34.78 35.12 -43.58
N ALA E 158 36.01 34.70 -43.25
CA ALA E 158 36.94 34.20 -44.27
C ALA E 158 36.63 32.76 -44.69
N SER E 159 36.19 32.57 -45.94
CA SER E 159 35.85 31.24 -46.44
C SER E 159 37.04 30.33 -46.62
N PHE E 160 36.80 29.03 -46.40
CA PHE E 160 37.73 27.94 -46.59
C PHE E 160 39.12 28.18 -45.99
N VAL E 161 39.17 28.55 -44.70
CA VAL E 161 40.46 28.73 -44.03
C VAL E 161 40.99 27.32 -43.71
N ARG E 162 42.19 27.01 -44.20
CA ARG E 162 42.79 25.70 -44.02
C ARG E 162 44.05 25.69 -43.15
N LYS E 163 44.65 26.87 -42.91
CA LYS E 163 45.88 26.99 -42.13
C LYS E 163 46.07 28.44 -41.65
N ALA E 164 47.01 28.67 -40.72
CA ALA E 164 47.28 30.00 -40.20
C ALA E 164 47.70 31.00 -41.29
N SER E 165 48.43 30.55 -42.32
CA SER E 165 48.86 31.45 -43.39
C SER E 165 47.68 32.00 -44.22
N ASP E 166 46.55 31.28 -44.26
CA ASP E 166 45.34 31.77 -44.93
C ASP E 166 44.79 32.99 -44.18
N VAL E 167 44.83 32.96 -42.84
CA VAL E 167 44.37 34.07 -42.01
C VAL E 167 45.31 35.27 -42.17
N ALA E 168 46.62 35.01 -42.21
CA ALA E 168 47.62 36.06 -42.39
C ALA E 168 47.44 36.77 -43.73
N ALA E 169 47.09 36.00 -44.79
CA ALA E 169 46.84 36.58 -46.12
C ALA E 169 45.59 37.47 -46.12
N VAL E 170 44.53 37.09 -45.38
CA VAL E 170 43.32 37.90 -45.27
C VAL E 170 43.66 39.20 -44.51
N ARG E 171 44.43 39.07 -43.44
CA ARG E 171 44.85 40.20 -42.63
C ARG E 171 45.69 41.19 -43.45
N ALA E 172 46.63 40.68 -44.28
CA ALA E 172 47.46 41.51 -45.16
C ALA E 172 46.63 42.22 -46.22
N ALA E 173 45.65 41.52 -46.82
CA ALA E 173 44.77 42.12 -47.83
C ALA E 173 43.86 43.23 -47.25
N LEU E 174 43.60 43.20 -45.94
CA LEU E 174 42.83 44.28 -45.30
C LEU E 174 43.69 45.56 -45.12
N GLY E 175 45.02 45.40 -45.11
CA GLY E 175 45.97 46.51 -45.00
C GLY E 175 46.03 47.18 -43.65
N PRO E 176 46.74 48.32 -43.59
CA PRO E 176 46.86 49.05 -42.32
C PRO E 176 45.57 49.74 -41.87
N GLU E 177 44.67 50.06 -42.81
CA GLU E 177 43.39 50.70 -42.47
C GLU E 177 42.37 49.73 -41.88
N GLY E 178 42.48 48.43 -42.21
CA GLY E 178 41.54 47.42 -41.74
C GLY E 178 42.05 46.57 -40.60
N HIS E 179 42.91 47.15 -39.73
CA HIS E 179 43.43 46.41 -38.58
C HIS E 179 42.37 46.14 -37.50
N GLY E 180 41.32 46.97 -37.47
CA GLY E 180 40.25 46.81 -36.49
C GLY E 180 39.20 45.79 -36.85
N ILE E 181 39.16 45.35 -38.13
CA ILE E 181 38.18 44.38 -38.60
C ILE E 181 38.42 43.00 -38.00
N LYS E 182 37.38 42.36 -37.49
CA LYS E 182 37.51 41.03 -36.89
C LYS E 182 37.52 39.98 -37.96
N ILE E 183 38.45 39.04 -37.90
CA ILE E 183 38.50 37.95 -38.86
C ILE E 183 37.97 36.69 -38.21
N ILE E 184 36.82 36.22 -38.68
CA ILE E 184 36.18 34.99 -38.22
C ILE E 184 36.49 33.93 -39.26
N SER E 185 37.31 32.95 -38.92
CA SER E 185 37.69 31.91 -39.90
C SER E 185 36.61 30.85 -40.06
N LYS E 186 36.21 30.61 -41.31
CA LYS E 186 35.22 29.59 -41.62
C LYS E 186 35.91 28.26 -41.81
N ILE E 187 35.53 27.27 -41.00
CA ILE E 187 36.11 25.94 -41.12
C ILE E 187 35.14 25.13 -41.95
N GLU E 188 35.55 24.77 -43.18
CA GLU E 188 34.64 24.11 -44.12
C GLU E 188 35.18 22.81 -44.71
N ASN E 189 36.34 22.32 -44.28
CA ASN E 189 36.89 21.09 -44.85
C ASN E 189 37.74 20.30 -43.84
N HIS E 190 38.19 19.08 -44.22
CA HIS E 190 38.99 18.24 -43.34
C HIS E 190 40.25 18.94 -42.81
N GLU E 191 41.01 19.61 -43.69
CA GLU E 191 42.24 20.30 -43.28
C GLU E 191 42.01 21.39 -42.25
N GLY E 192 40.96 22.19 -42.43
CA GLY E 192 40.59 23.23 -41.48
C GLY E 192 40.31 22.68 -40.09
N VAL E 193 39.62 21.52 -40.04
CA VAL E 193 39.32 20.86 -38.77
C VAL E 193 40.61 20.33 -38.13
N LYS E 194 41.49 19.70 -38.93
CA LYS E 194 42.74 19.13 -38.41
C LYS E 194 43.73 20.20 -37.95
N ARG E 195 43.80 21.32 -38.67
CA ARG E 195 44.68 22.43 -38.29
C ARG E 195 43.97 23.50 -37.48
N PHE E 196 42.83 23.15 -36.84
CA PHE E 196 41.98 24.05 -36.05
C PHE E 196 42.74 24.91 -35.04
N ASP E 197 43.57 24.31 -34.18
CA ASP E 197 44.29 25.05 -33.15
C ASP E 197 45.16 26.16 -33.69
N GLU E 198 45.87 25.88 -34.79
CA GLU E 198 46.73 26.91 -35.41
C GLU E 198 45.89 28.04 -36.04
N ILE E 199 44.70 27.71 -36.55
CA ILE E 199 43.79 28.67 -37.15
C ILE E 199 43.16 29.54 -36.06
N LEU E 200 42.66 28.93 -35.00
CA LEU E 200 42.03 29.65 -33.89
C LEU E 200 43.01 30.62 -33.22
N GLU E 201 44.28 30.20 -33.07
CA GLU E 201 45.31 31.02 -32.45
C GLU E 201 45.48 32.39 -33.11
N VAL E 202 45.44 32.44 -34.45
CA VAL E 202 45.60 33.70 -35.19
C VAL E 202 44.29 34.36 -35.63
N SER E 203 43.14 33.74 -35.36
CA SER E 203 41.85 34.30 -35.75
C SER E 203 41.20 35.00 -34.56
N ASP E 204 40.25 35.87 -34.83
CA ASP E 204 39.47 36.51 -33.77
C ASP E 204 38.32 35.59 -33.31
N GLY E 205 37.91 34.66 -34.17
CA GLY E 205 36.84 33.71 -33.91
C GLY E 205 36.69 32.70 -35.02
N ILE E 206 35.68 31.84 -34.89
CA ILE E 206 35.46 30.75 -35.84
C ILE E 206 34.01 30.65 -36.27
N MET E 207 33.79 30.18 -37.50
CA MET E 207 32.46 29.86 -37.97
C MET E 207 32.49 28.38 -38.38
N VAL E 208 31.57 27.59 -37.82
CA VAL E 208 31.41 26.19 -38.20
C VAL E 208 30.49 26.26 -39.43
N ALA E 209 31.10 26.28 -40.62
CA ALA E 209 30.39 26.40 -41.90
C ALA E 209 29.96 24.99 -42.33
N ARG E 210 28.82 24.53 -41.76
CA ARG E 210 28.31 23.17 -41.94
C ARG E 210 27.90 22.76 -43.35
N GLY E 211 27.55 23.71 -44.20
CA GLY E 211 27.18 23.44 -45.58
C GLY E 211 28.30 22.75 -46.36
N ASP E 212 29.46 23.43 -46.50
CA ASP E 212 30.60 22.83 -47.17
C ASP E 212 31.19 21.72 -46.34
N LEU E 213 31.26 21.90 -45.01
CA LEU E 213 31.82 20.89 -44.14
C LEU E 213 31.12 19.53 -44.30
N GLY E 214 29.80 19.55 -44.46
CA GLY E 214 28.97 18.36 -44.65
C GLY E 214 29.18 17.65 -45.98
N ILE E 215 29.84 18.31 -46.93
CA ILE E 215 30.18 17.76 -48.25
C ILE E 215 31.66 17.30 -48.24
N GLU E 216 32.53 18.03 -47.51
CA GLU E 216 33.98 17.74 -47.44
C GLU E 216 34.31 16.55 -46.55
N ILE E 217 33.53 16.36 -45.48
CA ILE E 217 33.67 15.24 -44.55
C ILE E 217 32.30 14.49 -44.51
N PRO E 218 32.26 13.22 -44.04
CA PRO E 218 30.96 12.52 -43.97
C PRO E 218 29.94 13.31 -43.14
N ALA E 219 28.71 13.40 -43.66
CA ALA E 219 27.64 14.17 -43.05
C ALA E 219 27.41 13.78 -41.56
N GLU E 220 27.53 12.50 -41.25
CA GLU E 220 27.32 12.01 -39.89
C GLU E 220 28.41 12.43 -38.90
N LYS E 221 29.51 13.05 -39.38
CA LYS E 221 30.61 13.50 -38.53
C LYS E 221 30.59 15.00 -38.26
N VAL E 222 29.76 15.77 -38.97
CA VAL E 222 29.71 17.23 -38.79
C VAL E 222 29.42 17.66 -37.33
N PHE E 223 28.50 16.95 -36.63
CA PHE E 223 28.19 17.30 -35.25
C PHE E 223 29.42 17.17 -34.33
N LEU E 224 30.35 16.23 -34.65
CA LEU E 224 31.57 16.07 -33.86
C LEU E 224 32.48 17.27 -34.06
N ALA E 225 32.61 17.73 -35.31
CA ALA E 225 33.40 18.90 -35.64
C ALA E 225 32.80 20.15 -35.00
N GLN E 226 31.47 20.31 -35.05
CA GLN E 226 30.79 21.46 -34.44
C GLN E 226 31.02 21.49 -32.93
N LYS E 227 30.75 20.40 -32.22
CA LYS E 227 30.90 20.35 -30.77
C LYS E 227 32.36 20.54 -30.32
N MET E 228 33.33 19.97 -31.07
CA MET E 228 34.75 20.14 -30.77
C MET E 228 35.14 21.62 -30.94
N MET E 229 34.74 22.25 -32.05
CA MET E 229 35.11 23.63 -32.33
C MET E 229 34.46 24.61 -31.37
N ILE E 230 33.19 24.38 -31.02
CA ILE E 230 32.52 25.24 -30.05
C ILE E 230 33.22 25.14 -28.69
N GLY E 231 33.50 23.90 -28.24
CA GLY E 231 34.22 23.67 -27.00
C GLY E 231 35.59 24.34 -26.94
N ARG E 232 36.40 24.19 -28.00
CA ARG E 232 37.71 24.82 -28.04
C ARG E 232 37.65 26.35 -28.08
N CYS E 233 36.63 26.91 -28.75
CA CYS E 233 36.44 28.36 -28.79
C CYS E 233 36.02 28.88 -27.42
N ASN E 234 35.17 28.13 -26.72
CA ASN E 234 34.71 28.51 -25.38
C ASN E 234 35.90 28.51 -24.41
N LEU E 235 36.77 27.51 -24.55
CA LEU E 235 37.95 27.39 -23.71
C LEU E 235 38.91 28.55 -24.02
N ALA E 236 39.07 28.92 -25.31
CA ALA E 236 39.93 30.04 -25.71
C ALA E 236 39.34 31.43 -25.45
N GLY E 237 38.03 31.50 -25.19
CA GLY E 237 37.36 32.77 -24.98
C GLY E 237 37.19 33.54 -26.28
N LYS E 238 37.03 32.82 -27.41
CA LYS E 238 36.87 33.48 -28.72
C LYS E 238 35.52 33.17 -29.32
N PRO E 239 34.88 34.15 -30.01
CA PRO E 239 33.56 33.88 -30.59
C PRO E 239 33.49 32.69 -31.54
N VAL E 240 32.40 31.94 -31.47
CA VAL E 240 32.13 30.84 -32.38
C VAL E 240 30.70 30.98 -32.94
N VAL E 241 30.57 30.87 -34.25
CA VAL E 241 29.30 30.98 -34.92
C VAL E 241 28.85 29.60 -35.44
N CYS E 242 27.60 29.23 -35.20
CA CYS E 242 27.06 27.99 -35.78
C CYS E 242 26.29 28.41 -37.01
N ALA E 243 26.61 27.82 -38.15
CA ALA E 243 26.00 28.26 -39.42
C ALA E 243 25.49 27.12 -40.30
N THR E 244 24.52 27.45 -41.19
CA THR E 244 23.95 26.72 -42.31
C THR E 244 22.90 25.67 -41.98
N GLN E 245 21.74 25.81 -42.67
CA GLN E 245 20.58 24.94 -42.64
C GLN E 245 19.93 24.79 -41.26
N MET E 246 20.12 25.80 -40.40
CA MET E 246 19.54 25.77 -39.06
C MET E 246 18.02 25.75 -39.11
N LEU E 247 17.42 26.52 -40.01
CA LEU E 247 15.97 26.56 -40.20
C LEU E 247 15.64 26.44 -41.70
N GLU E 248 16.39 25.60 -42.44
CA GLU E 248 16.28 25.43 -43.88
C GLU E 248 14.87 25.36 -44.44
N SER E 249 14.00 24.51 -43.88
CA SER E 249 12.61 24.36 -44.34
C SER E 249 11.84 25.69 -44.35
N MET E 250 12.24 26.65 -43.49
CA MET E 250 11.58 27.96 -43.44
C MET E 250 11.83 28.83 -44.70
N ILE E 251 12.65 28.34 -45.66
CA ILE E 251 12.86 29.05 -46.92
C ILE E 251 11.50 29.06 -47.68
N THR E 252 10.71 27.99 -47.59
CA THR E 252 9.39 27.92 -48.22
C THR E 252 8.21 27.78 -47.22
N LYS E 253 8.47 27.32 -45.97
CA LYS E 253 7.39 27.10 -45.00
C LYS E 253 7.40 28.07 -43.83
N PRO E 254 6.22 28.47 -43.30
CA PRO E 254 6.20 29.45 -42.21
C PRO E 254 6.64 28.91 -40.84
N ARG E 255 6.70 27.58 -40.68
CA ARG E 255 7.10 26.96 -39.42
C ARG E 255 8.23 25.98 -39.70
N PRO E 256 9.23 25.91 -38.80
CA PRO E 256 10.32 24.96 -39.01
C PRO E 256 9.97 23.53 -38.59
N THR E 257 10.82 22.57 -38.97
CA THR E 257 10.63 21.19 -38.57
C THR E 257 11.10 21.01 -37.11
N ARG E 258 10.78 19.86 -36.50
CA ARG E 258 11.23 19.56 -35.13
C ARG E 258 12.75 19.42 -35.06
N ALA E 259 13.39 18.97 -36.14
CA ALA E 259 14.84 18.85 -36.15
C ALA E 259 15.53 20.23 -36.19
N GLU E 260 14.89 21.19 -36.84
CA GLU E 260 15.40 22.55 -36.96
C GLU E 260 15.37 23.35 -35.68
N THR E 261 14.27 23.30 -34.91
CA THR E 261 14.21 23.99 -33.63
C THR E 261 15.21 23.34 -32.63
N SER E 262 15.32 22.00 -32.70
CA SER E 262 16.23 21.23 -31.87
C SER E 262 17.66 21.65 -32.19
N ASP E 263 18.00 21.81 -33.50
CA ASP E 263 19.32 22.21 -33.96
C ASP E 263 19.70 23.59 -33.41
N VAL E 264 18.77 24.56 -33.45
CA VAL E 264 19.05 25.90 -32.94
C VAL E 264 19.27 25.85 -31.43
N ALA E 265 18.40 25.13 -30.70
CA ALA E 265 18.53 25.01 -29.26
C ALA E 265 19.84 24.34 -28.86
N ASN E 266 20.22 23.28 -29.60
CA ASN E 266 21.43 22.55 -29.32
C ASN E 266 22.68 23.32 -29.68
N ALA E 267 22.64 24.25 -30.66
CA ALA E 267 23.79 25.07 -30.98
C ALA E 267 24.08 26.01 -29.77
N VAL E 268 23.03 26.59 -29.18
CA VAL E 268 23.11 27.44 -27.99
C VAL E 268 23.60 26.62 -26.80
N LEU E 269 23.00 25.42 -26.57
CA LEU E 269 23.42 24.56 -25.47
C LEU E 269 24.84 24.07 -25.65
N ASP E 270 25.33 23.88 -26.90
CA ASP E 270 26.72 23.47 -27.19
C ASP E 270 27.70 24.56 -26.75
N GLY E 271 27.28 25.83 -26.81
CA GLY E 271 28.10 26.96 -26.42
C GLY E 271 28.34 28.00 -27.51
N ALA E 272 27.55 27.97 -28.60
CA ALA E 272 27.74 28.95 -29.68
C ALA E 272 27.45 30.38 -29.24
N ASP E 273 28.30 31.31 -29.68
CA ASP E 273 28.10 32.72 -29.40
C ASP E 273 27.05 33.29 -30.33
N CYS E 274 27.04 32.84 -31.59
CA CYS E 274 26.15 33.32 -32.64
C CYS E 274 25.51 32.17 -33.38
N ILE E 275 24.31 32.40 -33.86
CA ILE E 275 23.60 31.49 -34.74
C ILE E 275 23.31 32.25 -36.05
N MET E 276 23.33 31.56 -37.19
CA MET E 276 23.19 32.22 -38.48
C MET E 276 22.00 31.74 -39.30
N LEU E 277 21.54 32.60 -40.21
CA LEU E 277 20.50 32.29 -41.18
C LEU E 277 21.11 32.66 -42.55
N SER E 278 21.07 31.74 -43.52
CA SER E 278 21.60 32.01 -44.85
C SER E 278 20.44 32.19 -45.83
N GLY E 279 20.03 31.14 -46.53
CA GLY E 279 18.92 31.19 -47.48
C GLY E 279 17.61 31.58 -46.84
N GLU E 280 17.44 31.24 -45.54
CA GLU E 280 16.23 31.57 -44.79
C GLU E 280 15.95 33.07 -44.81
N THR E 281 17.00 33.92 -44.82
CA THR E 281 16.80 35.37 -44.86
C THR E 281 17.20 35.98 -46.20
N ALA E 282 18.17 35.39 -46.90
CA ALA E 282 18.65 35.93 -48.17
C ALA E 282 17.66 35.74 -49.31
N LYS E 283 17.06 34.55 -49.44
CA LYS E 283 16.16 34.26 -50.55
C LYS E 283 14.80 33.67 -50.18
N GLY E 284 14.56 33.38 -48.90
CA GLY E 284 13.33 32.74 -48.48
C GLY E 284 12.09 33.59 -48.41
N ASN E 285 10.94 32.95 -48.22
CA ASN E 285 9.66 33.63 -48.14
C ASN E 285 9.29 34.11 -46.76
N PHE E 286 10.05 33.71 -45.71
CA PHE E 286 9.77 34.13 -44.35
C PHE E 286 11.05 34.65 -43.63
N PRO E 287 11.77 35.68 -44.16
CA PRO E 287 13.01 36.12 -43.50
C PRO E 287 12.82 36.65 -42.09
N VAL E 288 11.75 37.41 -41.86
CA VAL E 288 11.47 37.97 -40.55
C VAL E 288 11.06 36.87 -39.58
N GLU E 289 10.23 35.93 -40.05
CA GLU E 289 9.77 34.83 -39.21
C GLU E 289 10.93 33.90 -38.83
N ALA E 290 11.94 33.74 -39.71
CA ALA E 290 13.10 32.94 -39.42
C ALA E 290 13.91 33.59 -38.28
N VAL E 291 14.04 34.92 -38.29
CA VAL E 291 14.73 35.67 -37.24
C VAL E 291 13.96 35.54 -35.93
N LYS E 292 12.63 35.67 -35.98
CA LYS E 292 11.79 35.55 -34.79
C LYS E 292 11.89 34.17 -34.17
N MET E 293 11.97 33.13 -35.01
CA MET E 293 12.05 31.78 -34.54
C MET E 293 13.39 31.55 -33.83
N GLN E 294 14.50 32.02 -34.43
CA GLN E 294 15.81 31.89 -33.79
C GLN E 294 15.86 32.65 -32.48
N HIS E 295 15.22 33.83 -32.41
CA HIS E 295 15.17 34.63 -31.18
C HIS E 295 14.42 33.86 -30.08
N ALA E 296 13.25 33.30 -30.40
CA ALA E 296 12.41 32.58 -29.46
C ALA E 296 13.10 31.34 -28.91
N ILE E 297 13.77 30.55 -29.80
CA ILE E 297 14.48 29.34 -29.40
C ILE E 297 15.68 29.68 -28.56
N ALA E 298 16.49 30.66 -28.99
CA ALA E 298 17.71 31.03 -28.23
C ALA E 298 17.41 31.45 -26.82
N ARG E 299 16.33 32.23 -26.62
CA ARG E 299 15.91 32.67 -25.28
C ARG E 299 15.57 31.46 -24.40
N GLU E 300 14.82 30.49 -24.95
CA GLU E 300 14.46 29.28 -24.22
C GLU E 300 15.69 28.44 -23.89
N ALA E 301 16.60 28.27 -24.87
CA ALA E 301 17.81 27.47 -24.70
C ALA E 301 18.80 28.09 -23.72
N GLU E 302 18.93 29.41 -23.68
CA GLU E 302 19.84 30.08 -22.75
C GLU E 302 19.40 29.90 -21.29
N ALA E 303 18.08 29.89 -21.03
CA ALA E 303 17.60 29.65 -19.66
C ALA E 303 17.86 28.18 -19.24
N ALA E 304 17.87 27.23 -20.20
CA ALA E 304 18.13 25.82 -19.97
C ALA E 304 19.61 25.47 -19.86
N VAL E 305 20.52 26.46 -19.96
CA VAL E 305 21.95 26.19 -19.80
C VAL E 305 22.21 25.82 -18.33
N TYR E 306 22.98 24.75 -18.08
CA TYR E 306 23.28 24.31 -16.72
C TYR E 306 24.52 25.10 -16.22
N HIS E 307 24.31 26.36 -15.79
CA HIS E 307 25.39 27.25 -15.38
C HIS E 307 26.27 26.72 -14.26
N ARG E 308 25.71 25.93 -13.34
CA ARG E 308 26.49 25.38 -12.23
C ARG E 308 27.70 24.57 -12.73
N GLN E 309 27.49 23.71 -13.73
CA GLN E 309 28.59 22.94 -14.28
C GLN E 309 29.41 23.75 -15.26
N LEU E 310 28.75 24.51 -16.11
CA LEU E 310 29.41 25.33 -17.11
C LEU E 310 30.40 26.33 -16.49
N PHE E 311 29.96 27.09 -15.48
CA PHE E 311 30.81 28.06 -14.81
C PHE E 311 31.99 27.39 -14.16
N GLU E 312 31.74 26.29 -13.42
CA GLU E 312 32.82 25.55 -12.76
C GLU E 312 33.84 25.04 -13.74
N GLU E 313 33.40 24.47 -14.86
CA GLU E 313 34.31 23.93 -15.86
C GLU E 313 35.09 25.02 -16.60
N LEU E 314 34.46 26.17 -16.87
CA LEU E 314 35.16 27.29 -17.52
C LEU E 314 36.17 27.89 -16.56
N ARG E 315 35.79 28.05 -15.28
CA ARG E 315 36.64 28.51 -14.20
C ARG E 315 37.90 27.59 -14.12
N ARG E 316 37.67 26.28 -13.97
CA ARG E 316 38.66 25.21 -13.82
C ARG E 316 39.60 25.10 -15.00
N ALA E 317 39.10 25.33 -16.22
CA ALA E 317 39.89 25.20 -17.44
C ALA E 317 40.66 26.46 -17.79
N ALA E 318 40.13 27.67 -17.43
CA ALA E 318 40.80 28.93 -17.75
C ALA E 318 42.06 29.02 -16.94
N PRO E 319 43.19 29.37 -17.55
CA PRO E 319 44.46 29.37 -16.82
C PRO E 319 44.56 30.46 -15.78
N LEU E 320 45.51 30.33 -14.86
CA LEU E 320 45.80 31.38 -13.88
C LEU E 320 46.30 32.60 -14.65
N SER E 321 46.01 33.79 -14.13
CA SER E 321 46.36 34.99 -14.87
C SER E 321 46.80 36.10 -13.98
N ARG E 322 47.77 36.87 -14.44
CA ARG E 322 48.20 38.07 -13.76
C ARG E 322 47.72 39.35 -14.52
N ASP E 323 46.78 39.21 -15.46
CA ASP E 323 46.20 40.32 -16.18
C ASP E 323 45.05 40.80 -15.33
N PRO E 324 45.07 42.05 -14.85
CA PRO E 324 43.98 42.54 -13.99
C PRO E 324 42.61 42.51 -14.65
N THR E 325 42.50 42.63 -15.99
CA THR E 325 41.19 42.55 -16.65
C THR E 325 40.62 41.15 -16.49
N GLU E 326 41.45 40.14 -16.71
CA GLU E 326 41.09 38.73 -16.58
C GLU E 326 40.72 38.38 -15.12
N VAL E 327 41.50 38.89 -14.16
CA VAL E 327 41.25 38.69 -12.75
C VAL E 327 39.94 39.36 -12.31
N THR E 328 39.69 40.58 -12.79
CA THR E 328 38.48 41.32 -12.44
C THR E 328 37.26 40.64 -13.04
N ALA E 329 37.38 40.13 -14.29
CA ALA E 329 36.28 39.45 -14.99
C ALA E 329 35.75 38.24 -14.23
N ILE E 330 36.65 37.39 -13.73
CA ILE E 330 36.20 36.20 -13.02
C ILE E 330 35.62 36.56 -11.63
N GLY E 331 36.19 37.55 -10.97
CA GLY E 331 35.68 38.02 -9.70
C GLY E 331 34.29 38.62 -9.86
N ALA E 332 34.07 39.39 -10.95
CA ALA E 332 32.79 40.02 -11.27
C ALA E 332 31.72 38.97 -11.61
N VAL E 333 32.09 37.93 -12.38
CA VAL E 333 31.12 36.89 -12.74
C VAL E 333 30.76 36.06 -11.50
N GLU E 334 31.75 35.78 -10.63
CA GLU E 334 31.51 35.08 -9.38
C GLU E 334 30.55 35.88 -8.50
N ALA E 335 30.79 37.21 -8.40
CA ALA E 335 29.95 38.12 -7.62
C ALA E 335 28.53 38.17 -8.18
N ALA E 336 28.38 38.21 -9.53
CA ALA E 336 27.09 38.23 -10.19
C ALA E 336 26.26 36.99 -9.86
N PHE E 337 26.88 35.80 -9.87
CA PHE E 337 26.20 34.54 -9.52
C PHE E 337 25.80 34.51 -8.04
N LYS E 338 26.65 35.04 -7.16
CA LYS E 338 26.38 35.05 -5.74
C LYS E 338 25.12 35.83 -5.36
N CYS E 339 24.83 36.93 -6.07
CA CYS E 339 23.68 37.76 -5.75
C CYS E 339 22.57 37.72 -6.80
N CYS E 340 22.66 36.85 -7.83
CA CYS E 340 21.68 36.83 -8.93
C CYS E 340 21.58 38.22 -9.58
N ALA E 341 22.74 38.87 -9.78
CA ALA E 341 22.79 40.21 -10.37
C ALA E 341 22.08 40.26 -11.72
N ALA E 342 21.25 41.28 -11.94
CA ALA E 342 20.52 41.41 -13.19
C ALA E 342 21.47 41.68 -14.35
N ALA E 343 22.60 42.38 -14.09
CA ALA E 343 23.56 42.71 -15.13
C ALA E 343 24.95 43.03 -14.57
N ILE E 344 25.94 42.98 -15.45
CA ILE E 344 27.30 43.39 -15.20
C ILE E 344 27.47 44.55 -16.18
N ILE E 345 27.67 45.77 -15.68
CA ILE E 345 27.87 46.93 -16.52
C ILE E 345 29.35 47.16 -16.65
N VAL E 346 29.90 47.09 -17.86
CA VAL E 346 31.33 47.25 -18.07
C VAL E 346 31.65 48.41 -19.04
N LEU E 347 32.68 49.19 -18.74
CA LEU E 347 33.13 50.26 -19.64
C LEU E 347 34.23 49.63 -20.49
N THR E 348 34.15 49.74 -21.81
CA THR E 348 35.15 49.15 -22.70
C THR E 348 35.46 50.05 -23.91
N THR E 349 36.71 50.05 -24.38
CA THR E 349 37.12 50.84 -25.54
C THR E 349 37.16 49.93 -26.79
N THR E 350 37.81 48.76 -26.66
CA THR E 350 37.95 47.79 -27.75
C THR E 350 36.89 46.65 -27.68
N GLY E 351 36.20 46.51 -26.56
CA GLY E 351 35.27 45.41 -26.32
C GLY E 351 35.91 44.28 -25.50
N ARG E 352 37.26 44.31 -25.29
CA ARG E 352 37.98 43.23 -24.61
C ARG E 352 37.50 42.94 -23.16
N SER E 353 37.22 43.96 -22.35
CA SER E 353 36.73 43.72 -20.99
C SER E 353 35.39 43.01 -21.00
N ALA E 354 34.52 43.31 -21.96
CA ALA E 354 33.22 42.67 -22.11
C ALA E 354 33.40 41.22 -22.57
N GLN E 355 34.35 40.98 -23.48
CA GLN E 355 34.68 39.66 -24.00
C GLN E 355 35.21 38.74 -22.88
N LEU E 356 36.08 39.24 -22.00
CA LEU E 356 36.60 38.46 -20.88
C LEU E 356 35.51 38.10 -19.89
N LEU E 357 34.48 38.97 -19.74
CA LEU E 357 33.37 38.66 -18.85
C LEU E 357 32.50 37.55 -19.51
N SER E 358 32.24 37.71 -20.82
CA SER E 358 31.43 36.80 -21.64
CA SER E 358 31.42 36.78 -21.61
C SER E 358 31.98 35.35 -21.66
N ARG E 359 33.30 35.18 -21.61
CA ARG E 359 33.91 33.86 -21.64
C ARG E 359 33.53 33.00 -20.41
N TYR E 360 33.15 33.63 -19.28
CA TYR E 360 32.72 32.87 -18.09
C TYR E 360 31.23 32.55 -18.10
N ARG E 361 30.51 32.91 -19.17
CA ARG E 361 29.09 32.67 -19.37
C ARG E 361 28.22 33.02 -18.16
N PRO E 362 28.25 34.30 -17.73
CA PRO E 362 27.38 34.70 -16.61
C PRO E 362 25.91 34.62 -17.01
N ARG E 363 25.04 34.38 -16.04
CA ARG E 363 23.60 34.45 -16.27
C ARG E 363 23.21 35.93 -16.41
N ALA E 364 23.91 36.85 -15.71
CA ALA E 364 23.69 38.29 -15.77
C ALA E 364 24.04 38.83 -17.17
N ALA E 365 23.27 39.82 -17.66
CA ALA E 365 23.56 40.42 -18.97
C ALA E 365 24.81 41.27 -18.86
N VAL E 366 25.69 41.25 -19.86
CA VAL E 366 26.88 42.10 -19.83
C VAL E 366 26.56 43.37 -20.64
N ILE E 367 26.22 44.46 -19.96
CA ILE E 367 25.92 45.72 -20.63
C ILE E 367 27.24 46.47 -20.87
N ALA E 368 27.69 46.51 -22.12
CA ALA E 368 28.97 47.11 -22.44
C ALA E 368 28.80 48.55 -22.97
N VAL E 369 29.30 49.53 -22.20
CA VAL E 369 29.21 50.92 -22.58
C VAL E 369 30.52 51.34 -23.25
N THR E 370 30.46 51.68 -24.54
CA THR E 370 31.64 52.04 -25.31
C THR E 370 31.42 53.29 -26.14
N ARG E 371 32.47 54.07 -26.37
CA ARG E 371 32.40 55.22 -27.27
C ARG E 371 32.70 54.79 -28.71
N SER E 372 33.35 53.63 -28.91
CA SER E 372 33.70 53.16 -30.24
C SER E 372 32.47 52.53 -30.91
N ALA E 373 32.00 53.14 -32.02
CA ALA E 373 30.86 52.61 -32.79
C ALA E 373 31.19 51.21 -33.33
N GLN E 374 32.43 51.03 -33.78
CA GLN E 374 32.87 49.76 -34.30
C GLN E 374 32.89 48.67 -33.19
N ALA E 375 33.40 48.99 -31.97
CA ALA E 375 33.41 48.02 -30.87
C ALA E 375 31.98 47.66 -30.49
N ALA E 376 31.06 48.63 -30.46
CA ALA E 376 29.65 48.35 -30.14
C ALA E 376 29.04 47.36 -31.15
N ARG E 377 29.42 47.47 -32.44
CA ARG E 377 28.92 46.55 -33.44
C ARG E 377 29.60 45.17 -33.30
N GLN E 378 30.92 45.15 -33.10
CA GLN E 378 31.68 43.90 -33.02
C GLN E 378 31.43 43.06 -31.76
N VAL E 379 31.00 43.67 -30.63
CA VAL E 379 30.77 42.89 -29.42
C VAL E 379 29.54 41.98 -29.54
N HIS E 380 28.74 42.12 -30.62
CA HIS E 380 27.64 41.21 -30.90
C HIS E 380 28.19 39.78 -31.12
N LEU E 381 29.48 39.63 -31.47
CA LEU E 381 30.11 38.32 -31.63
C LEU E 381 30.23 37.56 -30.28
N CYS E 382 30.23 38.27 -29.14
CA CYS E 382 30.35 37.68 -27.81
C CYS E 382 29.03 37.45 -27.15
N ARG E 383 28.72 36.20 -26.82
CA ARG E 383 27.45 35.88 -26.18
C ARG E 383 27.20 36.65 -24.90
N GLY E 384 26.00 37.20 -24.75
CA GLY E 384 25.59 37.90 -23.55
C GLY E 384 26.09 39.32 -23.41
N VAL E 385 26.69 39.88 -24.48
CA VAL E 385 27.16 41.27 -24.43
C VAL E 385 26.16 42.14 -25.17
N PHE E 386 25.59 43.12 -24.47
CA PHE E 386 24.61 44.06 -24.98
C PHE E 386 25.29 45.42 -25.10
N PRO E 387 25.63 45.82 -26.34
CA PRO E 387 26.35 47.08 -26.52
C PRO E 387 25.52 48.36 -26.45
N LEU E 388 26.07 49.39 -25.78
CA LEU E 388 25.47 50.70 -25.70
C LEU E 388 26.48 51.67 -26.24
N LEU E 389 26.14 52.36 -27.34
CA LEU E 389 27.05 53.34 -27.91
C LEU E 389 26.84 54.68 -27.20
N TYR E 390 27.89 55.17 -26.54
CA TYR E 390 27.85 56.41 -25.78
C TYR E 390 28.30 57.57 -26.66
N ARG E 391 27.42 58.53 -26.91
CA ARG E 391 27.72 59.67 -27.77
C ARG E 391 27.79 61.01 -27.01
N GLU E 392 27.66 61.00 -25.67
CA GLU E 392 27.64 62.21 -24.86
C GLU E 392 28.99 62.90 -24.77
N PRO E 393 28.98 64.23 -24.56
CA PRO E 393 30.27 64.95 -24.48
C PRO E 393 31.08 64.56 -23.26
N PRO E 394 32.42 64.53 -23.39
CA PRO E 394 33.26 64.14 -22.26
C PRO E 394 33.23 65.14 -21.11
N GLU E 395 33.37 64.65 -19.89
CA GLU E 395 33.43 65.51 -18.72
C GLU E 395 34.88 65.98 -18.52
N ALA E 396 35.07 67.09 -17.80
CA ALA E 396 36.42 67.60 -17.53
C ALA E 396 37.13 66.63 -16.57
N ILE E 397 36.41 66.14 -15.54
CA ILE E 397 36.96 65.18 -14.59
C ILE E 397 36.67 63.75 -15.07
N TRP E 398 37.74 62.97 -15.36
CA TRP E 398 37.62 61.59 -15.86
C TRP E 398 36.77 60.68 -14.96
N ALA E 399 36.90 60.80 -13.63
CA ALA E 399 36.11 60.02 -12.71
C ALA E 399 34.60 60.30 -12.89
N ASP E 400 34.24 61.56 -13.15
CA ASP E 400 32.83 61.95 -13.37
C ASP E 400 32.33 61.41 -14.71
N ASP E 401 33.19 61.37 -15.73
CA ASP E 401 32.86 60.82 -17.04
C ASP E 401 32.58 59.32 -16.90
N VAL E 402 33.39 58.62 -16.09
CA VAL E 402 33.21 57.19 -15.83
C VAL E 402 31.84 56.97 -15.18
N ASP E 403 31.54 57.71 -14.11
CA ASP E 403 30.26 57.61 -13.42
C ASP E 403 29.08 57.89 -14.34
N ARG E 404 29.22 58.88 -15.24
CA ARG E 404 28.16 59.20 -16.19
C ARG E 404 27.91 58.04 -17.15
N ARG E 405 29.00 57.39 -17.60
CA ARG E 405 28.95 56.26 -18.50
C ARG E 405 28.29 55.02 -17.86
N VAL E 406 28.46 54.85 -16.53
CA VAL E 406 27.86 53.79 -15.69
C VAL E 406 26.36 54.08 -15.54
N GLN E 407 26.00 55.33 -15.25
CA GLN E 407 24.60 55.73 -15.14
C GLN E 407 23.85 55.59 -16.46
N PHE E 408 24.51 55.87 -17.60
CA PHE E 408 23.92 55.70 -18.93
C PHE E 408 23.52 54.23 -19.14
N GLY E 409 24.38 53.31 -18.69
CA GLY E 409 24.15 51.88 -18.74
C GLY E 409 23.04 51.44 -17.82
N ILE E 410 22.93 52.03 -16.62
CA ILE E 410 21.84 51.71 -15.68
C ILE E 410 20.49 52.19 -16.24
N GLU E 411 20.44 53.45 -16.72
CA GLU E 411 19.22 54.02 -17.27
C GLU E 411 18.80 53.27 -18.53
N SER E 412 19.74 52.83 -19.38
CA SER E 412 19.35 52.06 -20.58
C SER E 412 18.85 50.65 -20.21
N GLY E 413 19.38 50.09 -19.13
CA GLY E 413 18.95 48.81 -18.63
C GLY E 413 17.54 48.91 -18.09
N LYS E 414 17.26 49.98 -17.34
CA LYS E 414 15.91 50.20 -16.80
C LYS E 414 14.90 50.39 -17.91
N LEU E 415 15.23 51.21 -18.90
CA LEU E 415 14.35 51.49 -20.04
C LEU E 415 14.06 50.23 -20.86
N ARG E 416 15.09 49.41 -21.09
CA ARG E 416 14.93 48.20 -21.90
C ARG E 416 14.38 46.98 -21.15
N GLY E 417 14.21 47.08 -19.84
CA GLY E 417 13.67 45.98 -19.05
C GLY E 417 14.71 45.06 -18.42
N PHE E 418 16.01 45.32 -18.63
CA PHE E 418 17.11 44.53 -18.06
C PHE E 418 17.14 44.65 -16.55
N LEU E 419 16.91 45.85 -16.02
CA LEU E 419 17.05 46.09 -14.60
C LEU E 419 15.83 46.80 -14.05
N ARG E 420 15.55 46.56 -12.78
CA ARG E 420 14.48 47.24 -12.10
C ARG E 420 15.05 47.79 -10.78
N VAL E 421 14.30 48.70 -10.13
CA VAL E 421 14.69 49.25 -8.82
C VAL E 421 14.74 48.08 -7.81
N GLY E 422 15.80 48.02 -7.03
CA GLY E 422 15.99 46.93 -6.08
C GLY E 422 16.94 45.86 -6.55
N ASP E 423 17.21 45.80 -7.86
CA ASP E 423 18.16 44.83 -8.41
C ASP E 423 19.60 45.12 -7.99
N LEU E 424 20.46 44.10 -8.01
CA LEU E 424 21.89 44.31 -7.77
C LEU E 424 22.61 44.22 -9.11
N VAL E 425 23.60 45.07 -9.34
CA VAL E 425 24.42 45.00 -10.54
C VAL E 425 25.90 45.01 -10.15
N ILE E 426 26.71 44.46 -11.01
CA ILE E 426 28.14 44.47 -10.83
C ILE E 426 28.68 45.48 -11.83
N VAL E 427 29.49 46.44 -11.40
CA VAL E 427 30.03 47.44 -12.28
C VAL E 427 31.53 47.22 -12.45
N VAL E 428 32.00 47.16 -13.69
CA VAL E 428 33.41 46.86 -13.97
C VAL E 428 34.05 48.02 -14.69
N THR E 429 35.07 48.63 -14.08
CA THR E 429 35.75 49.81 -14.62
C THR E 429 37.30 49.65 -14.47
N GLY E 430 38.05 50.63 -14.95
CA GLY E 430 39.50 50.69 -14.83
C GLY E 430 39.97 51.85 -13.95
N TRP E 431 41.27 51.89 -13.66
CA TRP E 431 41.84 52.91 -12.78
C TRP E 431 42.35 54.17 -13.50
N ARG E 432 42.53 54.10 -14.83
CA ARG E 432 42.99 55.21 -15.64
C ARG E 432 42.35 55.11 -17.05
N PRO E 433 42.27 56.23 -17.81
CA PRO E 433 41.70 56.16 -19.16
C PRO E 433 42.53 55.30 -20.11
N GLY E 434 41.93 54.89 -21.22
CA GLY E 434 42.61 54.07 -22.20
C GLY E 434 42.31 52.60 -22.02
N SER E 435 42.40 51.87 -23.11
CA SER E 435 42.17 50.44 -23.15
C SER E 435 43.26 49.65 -22.36
N GLY E 436 42.83 48.58 -21.69
CA GLY E 436 43.75 47.68 -21.00
C GLY E 436 43.94 47.86 -19.51
N TYR E 437 43.19 48.78 -18.88
CA TYR E 437 43.39 49.06 -17.45
C TYR E 437 42.20 48.69 -16.55
N THR E 438 41.26 47.85 -17.00
CA THR E 438 40.15 47.38 -16.15
C THR E 438 40.74 46.63 -14.92
N ASN E 439 40.28 46.98 -13.73
CA ASN E 439 40.79 46.36 -12.50
C ASN E 439 39.81 46.51 -11.31
N ILE E 440 38.58 47.02 -11.52
CA ILE E 440 37.66 47.30 -10.41
C ILE E 440 36.31 46.65 -10.59
N MET E 441 35.80 46.04 -9.53
CA MET E 441 34.47 45.47 -9.56
CA MET E 441 34.48 45.40 -9.52
C MET E 441 33.68 46.04 -8.36
N ARG E 442 32.48 46.55 -8.64
CA ARG E 442 31.67 47.16 -7.57
C ARG E 442 30.29 46.57 -7.54
N VAL E 443 29.72 46.40 -6.34
CA VAL E 443 28.36 45.89 -6.22
C VAL E 443 27.45 47.09 -5.96
N LEU E 444 26.52 47.34 -6.88
CA LEU E 444 25.65 48.50 -6.84
C LEU E 444 24.19 48.12 -6.77
N SER E 445 23.43 48.78 -5.88
CA SER E 445 22.00 48.55 -5.78
CA SER E 445 22.00 48.55 -5.77
C SER E 445 21.27 49.54 -6.69
N ILE E 446 20.31 49.05 -7.49
CA ILE E 446 19.58 49.92 -8.40
C ILE E 446 18.53 50.75 -7.66
N SER E 447 18.66 52.08 -7.73
CA SER E 447 17.71 52.97 -7.06
C SER E 447 16.80 53.70 -8.08
N ALA F 13 48.52 23.25 -18.65
CA ALA F 13 48.12 24.39 -19.48
C ALA F 13 47.41 25.47 -18.66
N ASP F 14 46.68 25.07 -17.60
CA ASP F 14 45.99 26.02 -16.73
C ASP F 14 46.99 26.82 -15.83
N VAL F 15 48.27 26.41 -15.78
CA VAL F 15 49.31 27.07 -14.99
C VAL F 15 50.55 27.38 -15.84
N ALA F 16 50.56 27.12 -17.17
CA ALA F 16 51.76 27.28 -18.01
C ALA F 16 52.27 28.72 -18.15
N GLN F 17 51.42 29.70 -18.51
CA GLN F 17 51.84 31.09 -18.63
C GLN F 17 52.36 31.62 -17.27
N LEU F 18 51.64 31.31 -16.18
CA LEU F 18 52.08 31.74 -14.87
C LEU F 18 53.34 31.01 -14.41
N THR F 19 53.59 29.78 -14.90
CA THR F 19 54.82 29.04 -14.57
C THR F 19 56.00 29.72 -15.29
N GLN F 20 55.82 30.16 -16.54
CA GLN F 20 56.86 30.88 -17.27
C GLN F 20 57.18 32.21 -16.57
N GLU F 21 56.14 32.91 -16.09
CA GLU F 21 56.26 34.20 -15.42
C GLU F 21 56.87 34.16 -14.05
N LEU F 22 56.29 33.34 -13.17
CA LEU F 22 56.72 33.22 -11.77
C LEU F 22 57.83 32.23 -11.55
N GLY F 23 58.04 31.32 -12.50
CA GLY F 23 59.08 30.32 -12.43
C GLY F 23 58.62 29.02 -11.82
N THR F 24 59.37 27.95 -12.11
CA THR F 24 59.09 26.64 -11.59
C THR F 24 59.30 26.60 -10.09
N ALA F 25 60.33 27.30 -9.55
CA ALA F 25 60.56 27.30 -8.10
C ALA F 25 59.34 27.82 -7.33
N PHE F 26 58.64 28.85 -7.84
CA PHE F 26 57.43 29.37 -7.19
C PHE F 26 56.38 28.25 -7.03
N PHE F 27 56.18 27.47 -8.08
CA PHE F 27 55.18 26.41 -8.09
C PHE F 27 55.63 25.12 -7.39
N GLN F 28 56.89 25.04 -6.92
CA GLN F 28 57.34 23.88 -6.15
C GLN F 28 57.10 24.13 -4.64
N GLN F 29 57.11 25.41 -4.19
CA GLN F 29 56.92 25.79 -2.81
C GLN F 29 55.43 25.74 -2.41
N GLN F 30 55.17 25.91 -1.09
CA GLN F 30 53.86 25.95 -0.41
C GLN F 30 52.85 24.92 -0.92
N GLN F 31 53.34 23.69 -1.16
CA GLN F 31 52.55 22.56 -1.65
C GLN F 31 51.73 22.88 -2.88
N LEU F 32 52.24 23.74 -3.76
CA LEU F 32 51.50 24.11 -4.98
C LEU F 32 51.29 22.93 -5.92
N PRO F 33 52.22 21.96 -6.10
CA PRO F 33 51.89 20.80 -6.93
C PRO F 33 50.70 20.04 -6.36
N ALA F 34 50.63 19.87 -5.04
CA ALA F 34 49.52 19.18 -4.37
C ALA F 34 48.23 20.00 -4.46
N ALA F 35 48.35 21.34 -4.45
CA ALA F 35 47.22 22.24 -4.53
C ALA F 35 46.56 22.21 -5.90
N MET F 36 47.32 21.94 -6.97
CA MET F 36 46.80 21.88 -8.32
C MET F 36 46.19 20.51 -8.68
N ALA F 37 46.27 19.51 -7.80
CA ALA F 37 45.77 18.18 -8.09
C ALA F 37 44.28 18.15 -8.37
N ASP F 38 43.87 17.21 -9.23
CA ASP F 38 42.47 17.09 -9.64
C ASP F 38 41.59 16.29 -8.69
N THR F 39 42.20 15.48 -7.81
CA THR F 39 41.47 14.72 -6.79
C THR F 39 42.19 14.88 -5.45
N PHE F 40 41.49 14.64 -4.35
CA PHE F 40 42.06 14.68 -3.02
C PHE F 40 43.12 13.59 -2.85
N LEU F 41 42.90 12.40 -3.44
CA LEU F 41 43.86 11.30 -3.39
C LEU F 41 45.18 11.73 -4.06
N GLU F 42 45.11 12.35 -5.23
CA GLU F 42 46.29 12.84 -5.94
C GLU F 42 46.96 13.98 -5.17
N HIS F 43 46.16 14.81 -4.47
CA HIS F 43 46.62 15.91 -3.64
C HIS F 43 47.49 15.33 -2.52
N LEU F 44 47.02 14.24 -1.87
CA LEU F 44 47.81 13.58 -0.82
C LEU F 44 49.09 13.03 -1.38
N CYS F 45 49.03 12.38 -2.54
CA CYS F 45 50.21 11.80 -3.20
C CYS F 45 51.27 12.82 -3.53
N LEU F 46 50.86 14.07 -3.81
CA LEU F 46 51.78 15.14 -4.19
C LEU F 46 52.33 15.94 -3.03
N LEU F 47 51.95 15.65 -1.78
CA LEU F 47 52.50 16.39 -0.63
C LEU F 47 54.01 16.13 -0.54
N ASP F 48 54.80 17.18 -0.37
CA ASP F 48 56.25 17.08 -0.42
C ASP F 48 56.88 17.70 0.82
N ILE F 49 57.68 16.92 1.56
CA ILE F 49 58.40 17.45 2.72
C ILE F 49 59.43 18.54 2.33
N ASP F 50 59.87 18.58 1.06
CA ASP F 50 60.81 19.59 0.58
C ASP F 50 60.12 20.85 0.03
N SER F 51 58.80 20.87 -0.06
CA SER F 51 58.06 22.02 -0.51
C SER F 51 57.88 22.93 0.69
N GLU F 52 58.71 23.99 0.77
CA GLU F 52 58.70 24.89 1.93
C GLU F 52 57.53 25.85 1.99
N PRO F 53 56.94 26.02 3.20
CA PRO F 53 55.85 26.99 3.33
C PRO F 53 56.38 28.42 3.17
N VAL F 54 55.66 29.23 2.38
CA VAL F 54 56.04 30.60 2.08
C VAL F 54 55.19 31.62 2.83
N ALA F 55 53.86 31.39 2.88
CA ALA F 55 52.88 32.31 3.48
C ALA F 55 53.02 32.49 5.00
N ALA F 56 52.53 33.61 5.53
CA ALA F 56 52.53 33.83 6.97
C ALA F 56 51.53 32.86 7.62
N ARG F 57 51.80 32.46 8.88
CA ARG F 57 50.94 31.53 9.59
C ARG F 57 49.59 32.18 9.87
N SER F 58 48.55 31.55 9.38
CA SER F 58 47.21 32.07 9.46
C SER F 58 46.33 31.55 10.64
N THR F 59 46.62 30.37 11.21
CA THR F 59 45.84 29.84 12.35
C THR F 59 46.41 30.48 13.60
N SER F 60 45.57 31.18 14.38
CA SER F 60 46.03 31.84 15.59
C SER F 60 46.35 30.88 16.71
N ILE F 61 47.31 31.28 17.54
CA ILE F 61 47.75 30.50 18.67
C ILE F 61 47.25 31.16 19.93
N ILE F 62 46.50 30.42 20.73
CA ILE F 62 46.03 30.92 22.02
C ILE F 62 46.94 30.29 23.06
N ALA F 63 47.58 31.10 23.91
CA ALA F 63 48.46 30.56 24.94
C ALA F 63 47.88 30.89 26.31
N THR F 64 47.80 29.90 27.20
CA THR F 64 47.27 30.11 28.53
C THR F 64 48.34 30.68 29.40
N ILE F 65 48.03 31.80 30.07
CA ILE F 65 48.98 32.50 30.93
C ILE F 65 48.94 31.89 32.32
N GLY F 66 50.10 31.60 32.86
CA GLY F 66 50.25 31.06 34.21
C GLY F 66 51.63 31.33 34.75
N PRO F 67 52.03 30.61 35.81
CA PRO F 67 53.36 30.84 36.41
C PRO F 67 54.56 30.76 35.46
N ALA F 68 54.49 29.90 34.45
CA ALA F 68 55.59 29.75 33.47
C ALA F 68 55.60 30.82 32.38
N SER F 69 54.54 31.64 32.27
CA SER F 69 54.44 32.60 31.20
C SER F 69 53.88 33.96 31.65
N ARG F 70 54.11 34.34 32.91
CA ARG F 70 53.55 35.59 33.44
C ARG F 70 54.45 36.80 33.40
N SER F 71 55.77 36.60 33.44
CA SER F 71 56.69 37.71 33.44
C SER F 71 56.63 38.47 32.11
N VAL F 72 56.79 39.80 32.17
CA VAL F 72 56.79 40.68 31.01
C VAL F 72 57.84 40.24 29.99
N GLU F 73 59.02 39.82 30.47
CA GLU F 73 60.08 39.37 29.57
C GLU F 73 59.73 38.08 28.87
N ARG F 74 59.08 37.15 29.58
CA ARG F 74 58.66 35.87 29.02
C ARG F 74 57.53 36.09 28.01
N LEU F 75 56.58 36.98 28.35
CA LEU F 75 55.48 37.34 27.47
C LEU F 75 55.97 37.98 26.17
N LYS F 76 57.08 38.75 26.21
CA LYS F 76 57.64 39.34 25.01
C LYS F 76 58.17 38.23 24.11
N GLU F 77 58.83 37.22 24.69
CA GLU F 77 59.36 36.06 23.97
CA GLU F 77 59.34 36.11 23.91
C GLU F 77 58.20 35.31 23.28
N MET F 78 57.06 35.17 23.99
CA MET F 78 55.89 34.46 23.48
CA MET F 78 55.90 34.45 23.48
C MET F 78 55.19 35.19 22.35
N ILE F 79 55.20 36.53 22.40
CA ILE F 79 54.62 37.35 21.34
C ILE F 79 55.50 37.18 20.11
N LYS F 80 56.84 37.21 20.26
CA LYS F 80 57.78 37.01 19.16
C LYS F 80 57.66 35.61 18.55
N ALA F 81 57.42 34.59 19.41
CA ALA F 81 57.23 33.21 18.98
C ALA F 81 55.92 32.98 18.20
N GLY F 82 54.92 33.86 18.39
CA GLY F 82 53.66 33.77 17.66
C GLY F 82 52.35 33.77 18.44
N MET F 83 52.37 34.01 19.74
CA MET F 83 51.12 34.06 20.51
C MET F 83 50.24 35.21 20.03
N ASN F 84 48.97 34.93 19.71
CA ASN F 84 48.05 35.95 19.22
C ASN F 84 46.98 36.28 20.26
N ILE F 85 46.61 35.29 21.10
CA ILE F 85 45.59 35.43 22.13
C ILE F 85 46.14 34.91 23.47
N ALA F 86 45.99 35.67 24.56
CA ALA F 86 46.44 35.22 25.89
C ALA F 86 45.21 34.80 26.62
N ARG F 87 45.19 33.57 27.12
CA ARG F 87 44.06 33.03 27.84
C ARG F 87 44.28 33.09 29.36
N LEU F 88 43.31 33.63 30.09
CA LEU F 88 43.36 33.69 31.55
C LEU F 88 42.36 32.66 32.06
N ASN F 89 42.85 31.59 32.69
CA ASN F 89 41.97 30.56 33.19
C ASN F 89 41.44 30.93 34.58
N PHE F 90 40.18 31.35 34.65
CA PHE F 90 39.58 31.76 35.91
C PHE F 90 39.18 30.60 36.83
N SER F 91 39.56 29.36 36.49
CA SER F 91 39.39 28.21 37.39
C SER F 91 40.48 28.27 38.50
N HIS F 92 41.59 28.99 38.26
CA HIS F 92 42.69 29.11 39.18
C HIS F 92 43.07 30.59 39.34
N GLY F 93 43.53 30.97 40.53
CA GLY F 93 43.97 32.32 40.78
C GLY F 93 42.87 33.30 41.18
N SER F 94 43.28 34.39 41.83
CA SER F 94 42.35 35.41 42.27
C SER F 94 42.21 36.53 41.22
N HIS F 95 41.28 37.47 41.42
CA HIS F 95 41.13 38.62 40.54
C HIS F 95 42.41 39.45 40.51
N GLU F 96 43.09 39.56 41.65
CA GLU F 96 44.35 40.29 41.79
C GLU F 96 45.43 39.64 40.91
N TYR F 97 45.47 38.30 40.91
CA TYR F 97 46.43 37.53 40.11
C TYR F 97 46.16 37.77 38.62
N HIS F 98 44.90 37.71 38.18
CA HIS F 98 44.54 37.89 36.79
C HIS F 98 44.72 39.32 36.31
N ALA F 99 44.45 40.31 37.17
CA ALA F 99 44.67 41.72 36.81
C ALA F 99 46.17 41.96 36.57
N GLU F 100 47.04 41.30 37.36
CA GLU F 100 48.47 41.44 37.18
C GLU F 100 48.92 40.79 35.88
N SER F 101 48.33 39.63 35.52
CA SER F 101 48.59 38.91 34.28
C SER F 101 48.21 39.81 33.10
N ILE F 102 47.00 40.42 33.14
CA ILE F 102 46.52 41.33 32.11
C ILE F 102 47.48 42.51 31.91
N ALA F 103 47.92 43.11 33.03
CA ALA F 103 48.82 44.25 32.99
C ALA F 103 50.17 43.87 32.39
N ASN F 104 50.66 42.66 32.69
CA ASN F 104 51.93 42.19 32.15
C ASN F 104 51.81 41.90 30.66
N VAL F 105 50.66 41.35 30.21
CA VAL F 105 50.40 41.10 28.80
C VAL F 105 50.43 42.42 28.06
N ARG F 106 49.62 43.39 28.50
CA ARG F 106 49.58 44.74 27.92
C ARG F 106 50.93 45.45 27.91
N GLU F 107 51.74 45.29 28.95
CA GLU F 107 53.06 45.89 28.99
C GLU F 107 53.96 45.24 27.92
N ALA F 108 53.93 43.90 27.80
CA ALA F 108 54.72 43.18 26.79
C ALA F 108 54.25 43.56 25.38
N VAL F 109 52.91 43.73 25.20
CA VAL F 109 52.30 44.10 23.92
C VAL F 109 52.70 45.51 23.51
N GLU F 110 52.64 46.46 24.46
CA GLU F 110 52.96 47.84 24.15
C GLU F 110 54.46 48.09 24.06
N SER F 111 55.32 47.13 24.43
CA SER F 111 56.77 47.29 24.22
C SER F 111 57.13 47.25 22.71
N PHE F 112 56.20 46.82 21.83
CA PHE F 112 56.44 46.80 20.39
C PHE F 112 55.57 47.86 19.68
N ALA F 113 55.08 48.90 20.39
CA ALA F 113 54.16 49.88 19.80
C ALA F 113 54.80 51.02 18.99
N GLY F 114 56.13 51.10 18.98
CA GLY F 114 56.78 52.17 18.23
C GLY F 114 56.54 52.18 16.73
N SER F 115 56.14 51.04 16.13
CA SER F 115 55.97 50.95 14.68
C SER F 115 54.95 49.88 14.26
N PRO F 116 54.32 50.03 13.09
CA PRO F 116 53.43 48.96 12.61
C PRO F 116 54.16 47.68 12.22
N LEU F 117 55.50 47.76 11.93
CA LEU F 117 56.33 46.61 11.55
C LEU F 117 56.65 45.68 12.71
N SER F 118 56.55 46.18 13.95
CA SER F 118 56.83 45.36 15.12
C SER F 118 55.58 45.13 15.98
N TYR F 119 54.59 46.04 15.94
CA TYR F 119 53.42 45.91 16.79
C TYR F 119 52.58 44.74 16.47
N ARG F 120 52.15 44.01 17.48
CA ARG F 120 51.26 42.87 17.29
C ARG F 120 50.13 42.95 18.33
N PRO F 121 48.90 43.28 17.89
CA PRO F 121 47.78 43.31 18.84
C PRO F 121 47.54 41.91 19.37
N VAL F 122 47.53 41.74 20.70
CA VAL F 122 47.30 40.43 21.28
C VAL F 122 45.96 40.50 22.00
N ALA F 123 45.00 39.65 21.65
CA ALA F 123 43.72 39.63 22.32
C ALA F 123 43.84 39.02 23.72
N ILE F 124 42.97 39.43 24.66
CA ILE F 124 42.95 38.87 26.02
C ILE F 124 41.63 38.18 26.20
N ALA F 125 41.69 36.86 26.46
CA ALA F 125 40.51 36.03 26.63
C ALA F 125 40.35 35.57 28.07
N LEU F 126 39.14 35.63 28.60
CA LEU F 126 38.84 35.19 29.95
C LEU F 126 38.12 33.85 29.84
N ASP F 127 38.71 32.78 30.38
CA ASP F 127 38.08 31.46 30.35
C ASP F 127 37.39 31.27 31.70
N THR F 128 36.05 31.18 31.70
CA THR F 128 35.30 31.08 32.95
C THR F 128 35.49 29.75 33.70
N LYS F 129 35.29 29.80 35.03
CA LYS F 129 35.37 28.64 35.91
C LYS F 129 34.23 27.65 35.59
N GLY F 130 33.06 28.17 35.29
CA GLY F 130 31.91 27.37 34.91
C GLY F 130 30.93 27.12 36.05
N PRO F 131 29.81 26.47 35.74
CA PRO F 131 28.84 26.14 36.80
C PRO F 131 29.25 24.89 37.60
N GLY F 132 28.84 24.79 38.86
CA GLY F 132 29.13 23.61 39.65
C GLY F 132 28.20 22.51 39.23
N SER F 133 26.95 22.60 39.70
CA SER F 133 25.85 21.69 39.33
C SER F 133 24.50 22.46 39.24
N GLY F 134 24.45 23.71 39.72
CA GLY F 134 23.28 24.56 39.74
C GLY F 134 22.63 24.81 38.39
N PRO F 135 21.43 25.43 38.42
CA PRO F 135 20.72 25.68 37.15
C PRO F 135 21.15 26.94 36.38
N GLY F 136 22.40 26.95 35.89
CA GLY F 136 22.89 28.07 35.11
C GLY F 136 24.14 28.73 35.63
N LEU F 137 24.27 30.04 35.36
CA LEU F 137 25.43 30.84 35.71
C LEU F 137 25.69 30.91 37.20
N SER F 138 26.90 30.52 37.61
CA SER F 138 27.28 30.57 39.02
C SER F 138 27.54 32.01 39.47
N GLU F 139 27.54 32.26 40.79
CA GLU F 139 27.80 33.59 41.32
C GLU F 139 29.25 34.01 41.06
N GLN F 140 30.19 33.06 41.07
CA GLN F 140 31.59 33.37 40.77
C GLN F 140 31.75 33.75 39.31
N ASP F 141 31.00 33.11 38.40
CA ASP F 141 31.05 33.45 36.99
C ASP F 141 30.54 34.86 36.77
N VAL F 142 29.47 35.27 37.48
CA VAL F 142 28.95 36.64 37.36
C VAL F 142 30.01 37.66 37.79
N ARG F 143 30.71 37.39 38.90
CA ARG F 143 31.77 38.28 39.37
C ARG F 143 32.95 38.32 38.42
N ASP F 144 33.37 37.17 37.90
CA ASP F 144 34.49 37.07 36.97
C ASP F 144 34.17 37.74 35.64
N LEU F 145 32.93 37.60 35.15
CA LEU F 145 32.53 38.25 33.91
C LEU F 145 32.52 39.77 34.08
N ARG F 146 32.09 40.24 35.25
CA ARG F 146 32.09 41.67 35.59
C ARG F 146 33.55 42.18 35.59
N PHE F 147 34.49 41.37 36.14
CA PHE F 147 35.92 41.67 36.17
C PHE F 147 36.44 41.85 34.74
N GLY F 148 36.03 40.95 33.84
CA GLY F 148 36.44 40.98 32.44
C GLY F 148 36.03 42.24 31.74
N VAL F 149 34.79 42.69 31.96
CA VAL F 149 34.29 43.93 31.39
C VAL F 149 35.10 45.11 31.92
N GLU F 150 35.32 45.15 33.24
CA GLU F 150 36.06 46.22 33.91
C GLU F 150 37.52 46.27 33.48
N HIS F 151 38.10 45.13 33.10
CA HIS F 151 39.49 45.10 32.65
C HIS F 151 39.64 45.09 31.12
N GLY F 152 38.56 45.29 30.38
CA GLY F 152 38.56 45.36 28.93
C GLY F 152 39.01 44.12 28.17
N VAL F 153 38.54 42.94 28.61
CA VAL F 153 38.88 41.70 27.90
C VAL F 153 38.19 41.71 26.53
N ASP F 154 38.79 41.04 25.56
CA ASP F 154 38.26 41.01 24.20
C ASP F 154 37.31 39.84 23.99
N ILE F 155 37.61 38.70 24.62
CA ILE F 155 36.89 37.45 24.40
C ILE F 155 36.56 36.76 25.74
N VAL F 156 35.44 36.07 25.77
CA VAL F 156 35.07 35.22 26.88
C VAL F 156 34.99 33.78 26.32
N PHE F 157 35.72 32.84 26.93
CA PHE F 157 35.61 31.44 26.57
C PHE F 157 34.64 30.93 27.64
N ALA F 158 33.34 30.82 27.30
CA ALA F 158 32.34 30.40 28.27
C ALA F 158 32.35 28.90 28.48
N SER F 159 32.80 28.44 29.65
CA SER F 159 32.85 27.01 29.94
C SER F 159 31.47 26.37 30.05
N PHE F 160 31.41 25.09 29.74
CA PHE F 160 30.26 24.22 29.84
C PHE F 160 28.95 24.82 29.32
N VAL F 161 28.97 25.33 28.07
CA VAL F 161 27.75 25.84 27.46
C VAL F 161 26.95 24.62 27.01
N ARG F 162 25.71 24.49 27.47
CA ARG F 162 24.85 23.35 27.14
C ARG F 162 23.62 23.71 26.29
N LYS F 163 23.27 25.00 26.22
CA LYS F 163 22.09 25.46 25.49
C LYS F 163 22.20 26.96 25.19
N ALA F 164 21.33 27.48 24.32
CA ALA F 164 21.33 28.90 23.96
C ALA F 164 21.12 29.82 25.17
N SER F 165 20.31 29.39 26.17
CA SER F 165 20.07 30.24 27.35
C SER F 165 21.33 30.44 28.19
N ASP F 166 22.30 29.51 28.12
CA ASP F 166 23.57 29.66 28.83
C ASP F 166 24.35 30.83 28.22
N VAL F 167 24.32 30.97 26.89
CA VAL F 167 25.00 32.07 26.19
C VAL F 167 24.31 33.39 26.51
N ALA F 168 22.97 33.40 26.57
CA ALA F 168 22.20 34.60 26.92
C ALA F 168 22.55 35.08 28.34
N ALA F 169 22.74 34.13 29.29
CA ALA F 169 23.11 34.47 30.66
C ALA F 169 24.50 35.09 30.73
N VAL F 170 25.46 34.59 29.91
CA VAL F 170 26.81 35.15 29.86
C VAL F 170 26.72 36.58 29.28
N ARG F 171 25.94 36.76 28.22
CA ARG F 171 25.75 38.04 27.58
CA ARG F 171 25.76 38.05 27.57
C ARG F 171 25.15 39.06 28.56
N ALA F 172 24.13 38.64 29.34
CA ALA F 172 23.50 39.51 30.35
C ALA F 172 24.49 39.87 31.47
N ALA F 173 25.29 38.90 31.96
CA ALA F 173 26.28 39.16 33.01
C ALA F 173 27.42 40.08 32.55
N LEU F 174 27.62 40.27 31.23
CA LEU F 174 28.59 41.22 30.69
C LEU F 174 28.02 42.67 30.67
N GLY F 175 26.70 42.81 30.74
CA GLY F 175 26.02 44.10 30.79
C GLY F 175 26.06 44.93 29.54
N PRO F 176 25.69 46.22 29.67
CA PRO F 176 25.69 47.11 28.50
C PRO F 176 27.08 47.51 28.02
N GLU F 177 28.08 47.54 28.93
CA GLU F 177 29.44 47.89 28.54
C GLU F 177 30.20 46.76 27.85
N GLY F 178 29.77 45.51 28.04
CA GLY F 178 30.42 44.36 27.43
C GLY F 178 29.73 43.81 26.20
N HIS F 179 29.05 44.68 25.44
CA HIS F 179 28.36 44.26 24.22
C HIS F 179 29.35 43.90 23.08
N GLY F 180 30.55 44.48 23.11
CA GLY F 180 31.58 44.25 22.10
C GLY F 180 32.44 43.02 22.31
N ILE F 181 32.39 42.43 23.52
CA ILE F 181 33.16 41.24 23.85
C ILE F 181 32.63 40.01 23.08
N LYS F 182 33.55 39.24 22.47
CA LYS F 182 33.15 38.04 21.74
C LYS F 182 32.93 36.88 22.70
N ILE F 183 31.83 36.16 22.55
CA ILE F 183 31.55 35.01 23.38
C ILE F 183 31.81 33.73 22.57
N ILE F 184 32.85 32.99 22.95
CA ILE F 184 33.21 31.73 22.32
C ILE F 184 32.71 30.64 23.25
N SER F 185 31.69 29.88 22.82
CA SER F 185 31.12 28.85 23.66
C SER F 185 31.94 27.59 23.68
N LYS F 186 32.31 27.12 24.88
CA LYS F 186 33.05 25.89 25.04
C LYS F 186 32.09 24.72 25.10
N ILE F 187 32.25 23.76 24.18
CA ILE F 187 31.40 22.57 24.14
C ILE F 187 32.20 21.50 24.86
N GLU F 188 31.72 21.09 26.04
CA GLU F 188 32.47 20.15 26.86
C GLU F 188 31.69 18.92 27.32
N ASN F 189 30.48 18.72 26.84
CA ASN F 189 29.68 17.56 27.27
C ASN F 189 28.69 17.09 26.18
N HIS F 190 27.99 15.98 26.44
CA HIS F 190 27.03 15.42 25.49
C HIS F 190 25.95 16.42 25.07
N GLU F 191 25.37 17.14 26.05
CA GLU F 191 24.30 18.09 25.76
C GLU F 191 24.75 19.22 24.85
N GLY F 192 25.93 19.77 25.10
CA GLY F 192 26.51 20.82 24.27
C GLY F 192 26.67 20.38 22.82
N VAL F 193 27.08 19.11 22.60
CA VAL F 193 27.23 18.55 21.25
C VAL F 193 25.87 18.38 20.59
N LYS F 194 24.89 17.87 21.33
CA LYS F 194 23.54 17.66 20.80
C LYS F 194 22.79 18.97 20.51
N ARG F 195 22.96 19.97 21.37
CA ARG F 195 22.31 21.27 21.18
C ARG F 195 23.23 22.26 20.41
N PHE F 196 24.28 21.76 19.72
CA PHE F 196 25.27 22.55 19.01
C PHE F 196 24.71 23.67 18.14
N ASP F 197 23.75 23.35 17.25
CA ASP F 197 23.21 24.33 16.33
C ASP F 197 22.60 25.53 17.02
N GLU F 198 21.84 25.30 18.10
CA GLU F 198 21.23 26.39 18.85
C GLU F 198 22.27 27.21 19.59
N ILE F 199 23.38 26.59 20.03
CA ILE F 199 24.46 27.27 20.72
C ILE F 199 25.25 28.13 19.73
N LEU F 200 25.62 27.56 18.58
CA LEU F 200 26.38 28.28 17.56
C LEU F 200 25.61 29.49 17.05
N GLU F 201 24.29 29.34 16.87
CA GLU F 201 23.44 30.42 16.37
C GLU F 201 23.55 31.71 17.18
N VAL F 202 23.61 31.60 18.52
CA VAL F 202 23.70 32.77 19.40
C VAL F 202 25.11 33.11 19.89
N SER F 203 26.12 32.28 19.54
CA SER F 203 27.49 32.53 19.96
C SER F 203 28.28 33.21 18.85
N ASP F 204 29.40 33.83 19.21
CA ASP F 204 30.29 34.40 18.21
C ASP F 204 31.23 33.32 17.59
N GLY F 205 31.43 32.23 18.32
CA GLY F 205 32.27 31.13 17.91
C GLY F 205 32.23 29.99 18.90
N ILE F 206 33.00 28.94 18.63
CA ILE F 206 32.99 27.74 19.44
C ILE F 206 34.40 27.28 19.81
N MET F 207 34.53 26.64 20.98
CA MET F 207 35.77 26.01 21.38
C MET F 207 35.45 24.53 21.60
N VAL F 208 36.18 23.64 20.92
CA VAL F 208 36.05 22.20 21.13
C VAL F 208 36.98 21.93 22.33
N ALA F 209 36.38 21.91 23.53
CA ALA F 209 37.10 21.75 24.78
C ALA F 209 37.24 20.26 25.05
N ARG F 210 38.27 19.65 24.42
CA ARG F 210 38.50 18.20 24.41
C ARG F 210 38.81 17.56 25.75
N GLY F 211 39.36 18.31 26.70
CA GLY F 211 39.65 17.81 28.04
C GLY F 211 38.41 17.27 28.73
N ASP F 212 37.44 18.15 28.99
CA ASP F 212 36.18 17.72 29.61
C ASP F 212 35.36 16.87 28.68
N LEU F 213 35.34 17.21 27.38
CA LEU F 213 34.57 16.46 26.41
C LEU F 213 34.99 14.96 26.37
N GLY F 214 36.29 14.71 26.50
CA GLY F 214 36.85 13.37 26.53
C GLY F 214 36.53 12.55 27.77
N ILE F 215 36.00 13.19 28.81
CA ILE F 215 35.56 12.58 30.06
C ILE F 215 34.01 12.43 30.04
N GLU F 216 33.30 13.39 29.43
CA GLU F 216 31.84 13.41 29.36
C GLU F 216 31.26 12.46 28.33
N ILE F 217 32.00 12.20 27.25
CA ILE F 217 31.64 11.26 26.18
C ILE F 217 32.82 10.28 26.03
N PRO F 218 32.61 9.09 25.42
CA PRO F 218 33.73 8.16 25.23
C PRO F 218 34.89 8.81 24.49
N ALA F 219 36.11 8.61 24.95
CA ALA F 219 37.30 9.22 24.38
C ALA F 219 37.45 8.95 22.88
N GLU F 220 37.07 7.75 22.44
CA GLU F 220 37.15 7.38 21.02
C GLU F 220 36.13 8.12 20.14
N LYS F 221 35.20 8.91 20.72
CA LYS F 221 34.20 9.68 19.97
C LYS F 221 34.52 11.18 19.89
N VAL F 222 35.52 11.67 20.64
CA VAL F 222 35.87 13.09 20.62
C VAL F 222 36.24 13.61 19.24
N PHE F 223 36.99 12.84 18.44
CA PHE F 223 37.37 13.28 17.10
C PHE F 223 36.13 13.52 16.21
N LEU F 224 35.04 12.77 16.43
CA LEU F 224 33.81 12.94 15.65
C LEU F 224 33.18 14.27 16.01
N ALA F 225 33.16 14.62 17.31
CA ALA F 225 32.64 15.88 17.80
C ALA F 225 33.49 17.04 17.28
N GLN F 226 34.82 16.90 17.32
CA GLN F 226 35.72 17.95 16.82
C GLN F 226 35.50 18.21 15.31
N LYS F 227 35.53 17.19 14.50
CA LYS F 227 35.34 17.32 13.05
C LYS F 227 33.96 17.86 12.67
N MET F 228 32.90 17.43 13.37
CA MET F 228 31.54 17.92 13.14
C MET F 228 31.44 19.42 13.50
N MET F 229 31.99 19.81 14.66
CA MET F 229 31.91 21.20 15.11
C MET F 229 32.72 22.14 14.25
N ILE F 230 33.91 21.70 13.82
CA ILE F 230 34.73 22.51 12.95
C ILE F 230 34.03 22.70 11.60
N GLY F 231 33.51 21.63 11.02
CA GLY F 231 32.77 21.69 9.78
C GLY F 231 31.57 22.61 9.84
N ARG F 232 30.74 22.53 10.91
CA ARG F 232 29.58 23.40 11.06
C ARG F 232 29.97 24.85 11.27
N CYS F 233 31.07 25.12 11.98
CA CYS F 233 31.54 26.49 12.18
C CYS F 233 32.05 27.08 10.88
N ASN F 234 32.75 26.28 10.07
CA ASN F 234 33.26 26.71 8.78
C ASN F 234 32.09 27.05 7.85
N LEU F 235 31.04 26.23 7.87
CA LEU F 235 29.86 26.44 7.07
C LEU F 235 29.15 27.74 7.53
N ALA F 236 29.09 27.98 8.85
CA ALA F 236 28.46 29.19 9.40
C ALA F 236 29.31 30.45 9.29
N GLY F 237 30.61 30.30 9.01
CA GLY F 237 31.52 31.43 8.94
C GLY F 237 31.85 31.98 10.32
N LYS F 238 31.87 31.12 11.36
CA LYS F 238 32.18 31.55 12.72
C LYS F 238 33.45 30.91 13.25
N PRO F 239 34.26 31.65 14.04
CA PRO F 239 35.52 31.05 14.55
C PRO F 239 35.35 29.77 15.37
N VAL F 240 36.28 28.83 15.18
CA VAL F 240 36.28 27.59 15.93
C VAL F 240 37.71 27.36 16.46
N VAL F 241 37.82 27.05 17.75
CA VAL F 241 39.09 26.82 18.41
C VAL F 241 39.23 25.32 18.72
N CYS F 242 40.39 24.74 18.42
CA CYS F 242 40.67 23.37 18.85
C CYS F 242 41.53 23.50 20.11
N ALA F 243 41.12 22.83 21.18
CA ALA F 243 41.81 22.98 22.45
C ALA F 243 42.10 21.66 23.17
N THR F 244 43.12 21.70 24.07
CA THR F 244 43.54 20.73 25.09
C THR F 244 44.39 19.57 24.60
N GLN F 245 45.57 19.40 25.26
CA GLN F 245 46.57 18.35 25.09
C GLN F 245 47.15 18.26 23.70
N MET F 246 47.13 19.37 22.95
CA MET F 246 47.67 19.35 21.61
C MET F 246 49.16 19.04 21.57
N LEU F 247 49.93 19.59 22.55
CA LEU F 247 51.37 19.32 22.66
C LEU F 247 51.71 18.98 24.13
N GLU F 248 50.81 18.23 24.81
CA GLU F 248 50.92 17.88 26.22
C GLU F 248 52.35 17.48 26.70
N SER F 249 53.03 16.56 26.00
CA SER F 249 54.36 16.12 26.39
C SER F 249 55.40 17.25 26.48
N MET F 250 55.16 18.37 25.77
CA MET F 250 56.05 19.52 25.84
C MET F 250 56.00 20.27 27.18
N ILE F 251 55.12 19.83 28.13
CA ILE F 251 55.10 20.40 29.46
C ILE F 251 56.47 20.12 30.14
N THR F 252 57.05 18.92 29.90
CA THR F 252 58.36 18.58 30.45
C THR F 252 59.45 18.30 29.41
N LYS F 253 59.08 18.05 28.14
CA LYS F 253 60.06 17.73 27.10
C LYS F 253 60.21 18.83 26.04
N PRO F 254 61.43 19.07 25.50
CA PRO F 254 61.59 20.14 24.50
C PRO F 254 61.03 19.81 23.11
N ARG F 255 60.71 18.53 22.84
CA ARG F 255 60.16 18.10 21.57
C ARG F 255 58.85 17.33 21.80
N PRO F 256 57.85 17.51 20.95
CA PRO F 256 56.59 16.76 21.13
C PRO F 256 56.63 15.32 20.58
N THR F 257 55.60 14.52 20.89
CA THR F 257 55.49 13.18 20.33
C THR F 257 54.95 13.26 18.88
N ARG F 258 55.04 12.15 18.12
CA ARG F 258 54.55 12.10 16.76
C ARG F 258 53.02 12.28 16.70
N ALA F 259 52.28 11.82 17.73
CA ALA F 259 50.84 11.99 17.80
C ALA F 259 50.45 13.47 18.00
N GLU F 260 51.26 14.20 18.75
CA GLU F 260 51.03 15.61 19.04
C GLU F 260 51.19 16.51 17.83
N THR F 261 52.27 16.33 17.03
CA THR F 261 52.44 17.15 15.82
C THR F 261 51.33 16.84 14.82
N SER F 262 50.95 15.57 14.73
CA SER F 262 49.89 15.08 13.86
C SER F 262 48.56 15.72 14.29
N ASP F 263 48.28 15.78 15.60
CA ASP F 263 47.08 16.39 16.15
C ASP F 263 46.96 17.87 15.77
N VAL F 264 48.06 18.64 15.91
CA VAL F 264 48.06 20.06 15.57
C VAL F 264 47.81 20.22 14.07
N ALA F 265 48.50 19.43 13.24
CA ALA F 265 48.35 19.52 11.80
C ALA F 265 46.92 19.18 11.37
N ASN F 266 46.35 18.14 11.98
CA ASN F 266 45.00 17.70 11.65
C ASN F 266 43.95 18.67 12.14
N ALA F 267 44.19 19.42 13.22
CA ALA F 267 43.22 20.44 13.67
C ALA F 267 43.12 21.55 12.60
N VAL F 268 44.26 21.97 12.06
CA VAL F 268 44.35 22.97 10.98
C VAL F 268 43.69 22.42 9.71
N LEU F 269 44.04 21.17 9.32
CA LEU F 269 43.46 20.56 8.12
C LEU F 269 41.94 20.35 8.28
N ASP F 270 41.46 20.12 9.52
CA ASP F 270 40.02 19.97 9.79
C ASP F 270 39.30 21.29 9.51
N GLY F 271 39.97 22.44 9.73
CA GLY F 271 39.40 23.75 9.48
C GLY F 271 39.40 24.68 10.69
N ALA F 272 40.15 24.36 11.74
CA ALA F 272 40.18 25.20 12.94
C ALA F 272 40.76 26.59 12.65
N ASP F 273 40.13 27.62 13.21
CA ASP F 273 40.62 28.99 13.09
C ASP F 273 41.76 29.20 14.08
N CYS F 274 41.66 28.60 15.28
CA CYS F 274 42.62 28.76 16.35
C CYS F 274 43.02 27.43 16.93
N ILE F 275 44.25 27.37 17.44
CA ILE F 275 44.76 26.21 18.18
C ILE F 275 45.20 26.73 19.55
N MET F 276 45.05 25.92 20.61
CA MET F 276 45.36 26.37 21.95
C MET F 276 46.44 25.57 22.66
N LEU F 277 47.09 26.21 23.64
CA LEU F 277 48.09 25.64 24.53
C LEU F 277 47.60 25.95 25.96
N SER F 278 47.46 24.93 26.80
CA SER F 278 47.01 25.13 28.18
C SER F 278 48.22 24.97 29.12
N GLY F 279 48.45 23.78 29.70
CA GLY F 279 49.58 23.50 30.58
C GLY F 279 50.93 23.72 29.93
N GLU F 280 50.99 23.52 28.60
CA GLU F 280 52.22 23.71 27.81
C GLU F 280 52.80 25.12 28.00
N THR F 281 51.93 26.13 28.16
CA THR F 281 52.39 27.51 28.36
C THR F 281 52.12 28.02 29.77
N ALA F 282 51.08 27.53 30.44
CA ALA F 282 50.75 27.99 31.77
C ALA F 282 51.72 27.49 32.83
N LYS F 283 52.10 26.20 32.81
CA LYS F 283 52.96 25.65 33.83
C LYS F 283 54.19 24.87 33.33
N GLY F 284 54.35 24.71 32.03
CA GLY F 284 55.44 23.90 31.49
C GLY F 284 56.82 24.50 31.50
N ASN F 285 57.81 23.70 31.16
CA ASN F 285 59.20 24.14 31.12
C ASN F 285 59.61 24.73 29.80
N PHE F 286 58.77 24.63 28.76
CA PHE F 286 59.12 25.16 27.45
C PHE F 286 57.93 25.96 26.84
N PRO F 287 57.41 27.02 27.52
CA PRO F 287 56.24 27.74 26.96
C PRO F 287 56.51 28.36 25.60
N VAL F 288 57.69 28.94 25.42
CA VAL F 288 58.07 29.59 24.18
C VAL F 288 58.26 28.56 23.08
N GLU F 289 58.91 27.43 23.42
CA GLU F 289 59.13 26.36 22.46
C GLU F 289 57.82 25.71 22.02
N ALA F 290 56.82 25.65 22.91
CA ALA F 290 55.51 25.10 22.57
C ALA F 290 54.80 26.01 21.55
N VAL F 291 54.93 27.34 21.73
CA VAL F 291 54.38 28.32 20.80
C VAL F 291 55.11 28.19 19.45
N LYS F 292 56.44 28.08 19.46
CA LYS F 292 57.21 27.92 18.22
C LYS F 292 56.83 26.64 17.47
N MET F 293 56.55 25.56 18.22
CA MET F 293 56.17 24.29 17.61
C MET F 293 54.81 24.39 16.95
N GLN F 294 53.82 25.01 17.62
CA GLN F 294 52.51 25.20 17.02
C GLN F 294 52.59 26.09 15.80
N HIS F 295 53.46 27.13 15.84
CA HIS F 295 53.64 28.03 14.72
C HIS F 295 54.19 27.24 13.51
N ALA F 296 55.25 26.41 13.73
CA ALA F 296 55.87 25.64 12.67
C ALA F 296 54.91 24.63 12.04
N ILE F 297 54.13 23.92 12.87
CA ILE F 297 53.21 22.92 12.36
C ILE F 297 52.06 23.56 11.61
N ALA F 298 51.47 24.65 12.17
CA ALA F 298 50.35 25.32 11.51
C ALA F 298 50.75 25.84 10.14
N ARG F 299 51.96 26.41 9.99
CA ARG F 299 52.45 26.90 8.69
C ARG F 299 52.53 25.74 7.66
N GLU F 300 53.04 24.58 8.08
CA GLU F 300 53.14 23.42 7.21
C GLU F 300 51.75 22.90 6.84
N ALA F 301 50.84 22.83 7.83
CA ALA F 301 49.49 22.31 7.62
C ALA F 301 48.63 23.19 6.75
N GLU F 302 48.77 24.52 6.86
CA GLU F 302 48.00 25.45 6.06
C GLU F 302 48.34 25.31 4.58
N ALA F 303 49.63 25.08 4.23
CA ALA F 303 50.03 24.90 2.85
C ALA F 303 49.45 23.59 2.28
N ALA F 304 49.26 22.57 3.13
CA ALA F 304 48.73 21.25 2.76
C ALA F 304 47.19 21.21 2.65
N VAL F 305 46.51 22.33 2.92
CA VAL F 305 45.04 22.37 2.78
C VAL F 305 44.69 22.24 1.28
N TYR F 306 43.68 21.42 0.93
CA TYR F 306 43.31 21.21 -0.45
C TYR F 306 42.29 22.29 -0.82
N HIS F 307 42.76 23.53 -1.08
CA HIS F 307 41.91 24.70 -1.36
C HIS F 307 40.95 24.51 -2.52
N ARG F 308 41.32 23.71 -3.55
CA ARG F 308 40.44 23.48 -4.69
C ARG F 308 39.11 22.90 -4.25
N GLN F 309 39.13 21.89 -3.37
CA GLN F 309 37.88 21.30 -2.92
C GLN F 309 37.24 22.15 -1.83
N LEU F 310 38.04 22.66 -0.91
CA LEU F 310 37.54 23.48 0.18
C LEU F 310 36.80 24.71 -0.31
N PHE F 311 37.40 25.49 -1.24
CA PHE F 311 36.75 26.67 -1.79
C PHE F 311 35.46 26.32 -2.54
N GLU F 312 35.48 25.29 -3.41
CA GLU F 312 34.29 24.86 -4.12
C GLU F 312 33.18 24.43 -3.18
N GLU F 313 33.49 23.68 -2.11
CA GLU F 313 32.49 23.22 -1.16
C GLU F 313 31.94 24.38 -0.33
N LEU F 314 32.80 25.33 0.09
CA LEU F 314 32.33 26.51 0.84
C LEU F 314 31.43 27.35 -0.04
N ARG F 315 31.82 27.56 -1.30
CA ARG F 315 30.99 28.30 -2.24
C ARG F 315 29.62 27.57 -2.46
N ARG F 316 29.63 26.28 -2.78
CA ARG F 316 28.41 25.47 -3.00
C ARG F 316 27.47 25.50 -1.78
N ALA F 317 28.03 25.33 -0.58
CA ALA F 317 27.24 25.29 0.64
C ALA F 317 26.72 26.64 1.09
N ALA F 318 27.40 27.72 0.72
CA ALA F 318 26.96 29.06 1.13
C ALA F 318 25.76 29.50 0.29
N PRO F 319 24.73 30.04 0.95
CA PRO F 319 23.54 30.47 0.20
C PRO F 319 23.80 31.74 -0.59
N LEU F 320 22.92 32.04 -1.56
CA LEU F 320 22.99 33.28 -2.33
C LEU F 320 22.80 34.45 -1.37
N SER F 321 23.42 35.58 -1.68
CA SER F 321 23.36 36.71 -0.77
C SER F 321 23.17 38.00 -1.48
N ARG F 322 22.40 38.89 -0.88
CA ARG F 322 22.23 40.23 -1.41
C ARG F 322 22.97 41.28 -0.56
N ASP F 323 23.86 40.84 0.34
CA ASP F 323 24.67 41.71 1.17
C ASP F 323 25.92 41.99 0.37
N PRO F 324 26.16 43.27 0.03
CA PRO F 324 27.33 43.60 -0.79
C PRO F 324 28.67 43.20 -0.18
N THR F 325 28.79 43.14 1.17
CA THR F 325 30.04 42.73 1.81
C THR F 325 30.30 41.26 1.48
N GLU F 326 29.26 40.43 1.59
CA GLU F 326 29.33 39.00 1.31
C GLU F 326 29.62 38.76 -0.17
N VAL F 327 28.98 39.51 -1.06
CA VAL F 327 29.20 39.42 -2.51
C VAL F 327 30.61 39.87 -2.90
N THR F 328 31.12 40.94 -2.27
CA THR F 328 32.46 41.43 -2.55
C THR F 328 33.50 40.43 -2.04
N ALA F 329 33.28 39.86 -0.85
CA ALA F 329 34.17 38.87 -0.25
C ALA F 329 34.43 37.64 -1.16
N ILE F 330 33.38 37.07 -1.77
CA ILE F 330 33.56 35.91 -2.62
C ILE F 330 34.21 36.30 -3.96
N GLY F 331 33.89 37.49 -4.48
CA GLY F 331 34.51 38.00 -5.69
C GLY F 331 36.00 38.23 -5.49
N ALA F 332 36.37 38.81 -4.31
CA ALA F 332 37.74 39.08 -3.95
C ALA F 332 38.57 37.80 -3.74
N VAL F 333 37.98 36.78 -3.10
CA VAL F 333 38.67 35.52 -2.88
C VAL F 333 38.85 34.78 -4.22
N GLU F 334 37.83 34.82 -5.09
CA GLU F 334 37.93 34.21 -6.42
CA GLU F 334 37.93 34.21 -6.42
C GLU F 334 39.05 34.89 -7.21
N ALA F 335 39.13 36.26 -7.16
CA ALA F 335 40.15 37.04 -7.84
C ALA F 335 41.54 36.71 -7.30
N ALA F 336 41.67 36.56 -5.97
CA ALA F 336 42.95 36.21 -5.34
C ALA F 336 43.47 34.84 -5.83
N PHE F 337 42.58 33.83 -5.93
CA PHE F 337 42.98 32.51 -6.43
C PHE F 337 43.36 32.56 -7.92
N LYS F 338 42.67 33.36 -8.72
CA LYS F 338 42.92 33.47 -10.15
C LYS F 338 44.34 33.95 -10.48
N CYS F 339 44.87 34.87 -9.66
CA CYS F 339 46.21 35.41 -9.91
C CYS F 339 47.25 35.02 -8.90
N CYS F 340 46.96 34.07 -7.97
CA CYS F 340 47.87 33.70 -6.86
C CYS F 340 48.28 34.97 -6.08
N ALA F 341 47.28 35.78 -5.69
CA ALA F 341 47.51 37.05 -5.01
C ALA F 341 48.23 36.81 -3.70
N ALA F 342 49.15 37.70 -3.38
CA ALA F 342 49.92 37.60 -2.14
C ALA F 342 49.05 37.96 -0.93
N ALA F 343 48.14 38.93 -1.10
CA ALA F 343 47.30 39.40 -0.02
C ALA F 343 45.97 39.97 -0.52
N ILE F 344 45.00 40.05 0.37
CA ILE F 344 43.74 40.73 0.18
C ILE F 344 43.79 41.80 1.28
N ILE F 345 43.82 43.08 0.92
CA ILE F 345 43.90 44.16 1.89
C ILE F 345 42.51 44.68 2.07
N VAL F 346 41.96 44.60 3.27
CA VAL F 346 40.59 45.05 3.52
C VAL F 346 40.52 46.14 4.59
N LEU F 347 39.66 47.13 4.40
CA LEU F 347 39.44 48.18 5.40
C LEU F 347 38.25 47.71 6.23
N THR F 348 38.38 47.70 7.56
CA THR F 348 37.28 47.23 8.40
C THR F 348 37.17 48.00 9.71
N THR F 349 35.93 48.22 10.19
CA THR F 349 35.68 48.95 11.43
C THR F 349 35.46 47.94 12.58
N THR F 350 34.60 46.98 12.34
CA THR F 350 34.25 45.94 13.32
C THR F 350 35.00 44.62 13.11
N GLY F 351 35.67 44.45 11.97
CA GLY F 351 36.34 43.21 11.60
C GLY F 351 35.48 42.34 10.68
N ARG F 352 34.18 42.69 10.49
CA ARG F 352 33.25 41.87 9.72
C ARG F 352 33.65 41.63 8.25
N SER F 353 34.13 42.66 7.53
CA SER F 353 34.57 42.48 6.15
C SER F 353 35.75 41.48 6.06
N ALA F 354 36.64 41.49 7.04
CA ALA F 354 37.78 40.56 7.07
C ALA F 354 37.28 39.13 7.39
N GLN F 355 36.28 39.01 8.29
CA GLN F 355 35.68 37.75 8.67
C GLN F 355 34.98 37.10 7.48
N LEU F 356 34.25 37.86 6.67
CA LEU F 356 33.58 37.31 5.48
C LEU F 356 34.59 36.87 4.42
N LEU F 357 35.76 37.50 4.35
CA LEU F 357 36.80 37.08 3.42
C LEU F 357 37.39 35.73 3.94
N SER F 358 37.68 35.67 5.25
CA SER F 358 38.24 34.53 5.95
C SER F 358 37.38 33.24 5.83
N ARG F 359 36.04 33.38 5.78
CA ARG F 359 35.17 32.23 5.67
C ARG F 359 35.35 31.45 4.34
N TYR F 360 35.87 32.09 3.29
CA TYR F 360 36.12 31.40 2.02
C TYR F 360 37.49 30.76 1.94
N ARG F 361 38.26 30.83 3.04
CA ARG F 361 39.59 30.26 3.18
C ARG F 361 40.53 30.58 2.03
N PRO F 362 40.81 31.87 1.76
CA PRO F 362 41.76 32.19 0.70
C PRO F 362 43.18 31.75 1.07
N ARG F 363 43.97 31.43 0.07
CA ARG F 363 45.38 31.14 0.29
C ARG F 363 46.11 32.49 0.60
N ALA F 364 45.65 33.61 0.00
CA ALA F 364 46.19 34.95 0.22
C ALA F 364 45.96 35.43 1.67
N ALA F 365 46.93 36.14 2.26
CA ALA F 365 46.78 36.70 3.60
C ALA F 365 45.73 37.79 3.58
N VAL F 366 44.87 37.89 4.59
CA VAL F 366 43.86 38.95 4.66
C VAL F 366 44.42 40.02 5.60
N ILE F 367 44.97 41.10 5.03
CA ILE F 367 45.52 42.19 5.83
C ILE F 367 44.38 43.16 6.16
N ALA F 368 43.95 43.16 7.43
CA ALA F 368 42.81 43.99 7.84
C ALA F 368 43.29 45.30 8.49
N VAL F 369 43.04 46.42 7.79
CA VAL F 369 43.43 47.75 8.26
C VAL F 369 42.27 48.36 9.03
N THR F 370 42.48 48.63 10.30
CA THR F 370 41.42 49.12 11.15
C THR F 370 41.90 50.14 12.13
N ARG F 371 40.98 51.02 12.54
CA ARG F 371 41.25 52.02 13.57
C ARG F 371 40.82 51.54 14.96
N SER F 372 39.99 50.48 15.04
CA SER F 372 39.53 49.92 16.29
C SER F 372 40.59 48.95 16.89
N ALA F 373 41.15 49.29 18.05
CA ALA F 373 42.12 48.44 18.73
C ALA F 373 41.47 47.11 19.15
N GLN F 374 40.21 47.15 19.60
CA GLN F 374 39.50 45.94 19.99
C GLN F 374 39.26 45.03 18.78
N ALA F 375 38.85 45.57 17.62
CA ALA F 375 38.65 44.76 16.41
C ALA F 375 39.97 44.14 15.99
N ALA F 376 41.09 44.89 16.10
CA ALA F 376 42.44 44.41 15.78
C ALA F 376 42.89 43.24 16.68
N ARG F 377 42.39 43.19 17.90
CA ARG F 377 42.66 42.08 18.79
C ARG F 377 41.72 40.90 18.49
N GLN F 378 40.43 41.17 18.31
CA GLN F 378 39.44 40.13 18.08
C GLN F 378 39.51 39.43 16.73
N VAL F 379 40.04 40.08 15.66
CA VAL F 379 40.12 39.42 14.35
C VAL F 379 41.13 38.27 14.33
N HIS F 380 41.94 38.10 15.41
CA HIS F 380 42.81 36.95 15.57
C HIS F 380 41.97 35.65 15.64
N LEU F 381 40.66 35.74 15.97
CA LEU F 381 39.80 34.57 15.99
C LEU F 381 39.54 34.01 14.58
N CYS F 382 39.73 34.82 13.53
CA CYS F 382 39.47 34.44 12.14
C CYS F 382 40.73 34.04 11.45
N ARG F 383 40.77 32.78 10.96
CA ARG F 383 41.93 32.29 10.25
C ARG F 383 42.35 33.16 9.06
N GLY F 384 43.64 33.47 8.99
CA GLY F 384 44.20 34.21 7.89
C GLY F 384 44.03 35.72 7.93
N VAL F 385 43.55 36.26 9.05
CA VAL F 385 43.38 37.70 9.18
C VAL F 385 44.53 38.27 9.99
N PHE F 386 45.28 39.19 9.39
CA PHE F 386 46.44 39.85 9.96
C PHE F 386 46.05 41.30 10.25
N PRO F 387 45.82 41.64 11.53
CA PRO F 387 45.36 42.99 11.84
C PRO F 387 46.45 44.08 11.85
N LEU F 388 46.15 45.24 11.26
CA LEU F 388 47.05 46.40 11.30
C LEU F 388 46.29 47.50 11.96
N LEU F 389 46.79 47.97 13.12
CA LEU F 389 46.14 49.06 13.83
C LEU F 389 46.61 50.39 13.26
N TYR F 390 45.69 51.14 12.66
CA TYR F 390 45.97 52.42 12.02
C TYR F 390 45.84 53.56 13.02
N ARG F 391 46.97 54.22 13.29
CA ARG F 391 47.04 55.36 14.20
C ARG F 391 47.46 56.66 13.51
N GLU F 392 47.50 56.71 12.18
CA GLU F 392 47.87 57.93 11.45
C GLU F 392 46.77 58.99 11.53
N PRO F 393 47.16 60.28 11.46
CA PRO F 393 46.15 61.35 11.51
C PRO F 393 45.17 61.32 10.32
N PRO F 394 43.90 61.64 10.57
CA PRO F 394 42.92 61.56 9.49
C PRO F 394 43.13 62.60 8.41
N GLU F 395 42.72 62.27 7.17
CA GLU F 395 42.75 63.20 6.05
C GLU F 395 41.41 63.94 6.03
N ALA F 396 41.39 65.16 5.48
CA ALA F 396 40.16 65.96 5.40
C ALA F 396 39.18 65.29 4.40
N ILE F 397 39.69 64.83 3.27
CA ILE F 397 38.89 64.15 2.27
C ILE F 397 38.86 62.64 2.54
N TRP F 398 37.66 62.08 2.77
CA TRP F 398 37.46 60.67 3.06
C TRP F 398 38.10 59.74 2.03
N ALA F 399 37.96 60.04 0.73
CA ALA F 399 38.54 59.21 -0.33
C ALA F 399 40.06 59.15 -0.21
N ASP F 400 40.70 60.28 0.14
CA ASP F 400 42.15 60.35 0.34
C ASP F 400 42.55 59.56 1.58
N ASP F 401 41.72 59.60 2.63
CA ASP F 401 41.99 58.88 3.88
C ASP F 401 42.00 57.34 3.64
N VAL F 402 41.04 56.88 2.84
CA VAL F 402 40.84 55.51 2.42
C VAL F 402 42.07 55.07 1.63
N ASP F 403 42.48 55.85 0.63
CA ASP F 403 43.67 55.54 -0.16
C ASP F 403 44.91 55.49 0.72
N ARG F 404 44.99 56.35 1.73
CA ARG F 404 46.13 56.36 2.66
C ARG F 404 46.17 55.09 3.48
N ARG F 405 45.01 54.61 3.94
CA ARG F 405 44.94 53.39 4.73
C ARG F 405 45.35 52.17 3.89
N VAL F 406 44.94 52.14 2.60
CA VAL F 406 45.30 51.09 1.68
C VAL F 406 46.83 51.09 1.47
N GLN F 407 47.41 52.28 1.24
CA GLN F 407 48.85 52.43 1.06
C GLN F 407 49.62 52.06 2.31
N PHE F 408 49.03 52.31 3.48
CA PHE F 408 49.62 51.93 4.76
C PHE F 408 49.75 50.40 4.82
N GLY F 409 48.68 49.70 4.40
CA GLY F 409 48.63 48.24 4.33
C GLY F 409 49.65 47.69 3.34
N ILE F 410 49.80 48.35 2.20
CA ILE F 410 50.76 47.93 1.19
C ILE F 410 52.19 48.12 1.68
N GLU F 411 52.52 49.29 2.22
CA GLU F 411 53.86 49.55 2.74
C GLU F 411 54.19 48.65 3.93
N SER F 412 53.23 48.42 4.85
CA SER F 412 53.47 47.50 5.97
C SER F 412 53.67 46.06 5.46
N GLY F 413 52.89 45.67 4.46
CA GLY F 413 52.99 44.35 3.86
C GLY F 413 54.32 44.15 3.16
N LYS F 414 54.87 45.20 2.54
CA LYS F 414 56.16 45.10 1.85
C LYS F 414 57.29 45.04 2.85
N LEU F 415 57.22 45.84 3.91
CA LEU F 415 58.28 45.86 4.91
C LEU F 415 58.26 44.68 5.86
N ARG F 416 57.13 43.94 5.92
CA ARG F 416 56.95 42.73 6.71
C ARG F 416 57.09 41.44 5.85
N GLY F 417 57.47 41.56 4.58
CA GLY F 417 57.63 40.42 3.69
C GLY F 417 56.37 39.78 3.14
N PHE F 418 55.18 40.30 3.50
CA PHE F 418 53.90 39.79 3.00
C PHE F 418 53.77 40.04 1.50
N LEU F 419 54.24 41.19 1.05
CA LEU F 419 54.15 41.65 -0.32
C LEU F 419 55.53 41.87 -0.86
N ARG F 420 55.62 41.69 -2.14
CA ARG F 420 56.85 41.85 -2.89
C ARG F 420 56.48 42.69 -4.13
N VAL F 421 57.42 43.52 -4.63
CA VAL F 421 57.16 44.29 -5.84
C VAL F 421 56.89 43.30 -7.00
N GLY F 422 55.86 43.58 -7.79
CA GLY F 422 55.47 42.68 -8.86
C GLY F 422 54.27 41.81 -8.51
N ASP F 423 53.96 41.69 -7.21
CA ASP F 423 52.82 40.91 -6.74
C ASP F 423 51.52 41.59 -7.07
N LEU F 424 50.45 40.79 -7.14
CA LEU F 424 49.11 41.32 -7.33
C LEU F 424 48.43 41.23 -5.99
N VAL F 425 47.70 42.30 -5.66
CA VAL F 425 46.98 42.39 -4.40
C VAL F 425 45.52 42.72 -4.67
N ILE F 426 44.61 42.17 -3.86
CA ILE F 426 43.20 42.47 -4.02
C ILE F 426 42.84 43.43 -2.91
N VAL F 427 42.24 44.58 -3.22
CA VAL F 427 41.91 45.59 -2.22
C VAL F 427 40.40 45.68 -2.05
N VAL F 428 39.92 45.54 -0.84
CA VAL F 428 38.51 45.55 -0.55
C VAL F 428 38.14 46.76 0.32
N THR F 429 37.27 47.63 -0.23
CA THR F 429 36.84 48.86 0.44
C THR F 429 35.29 49.04 0.28
N GLY F 430 34.74 50.14 0.82
CA GLY F 430 33.33 50.51 0.73
C GLY F 430 33.14 51.85 0.03
N TRP F 431 31.89 52.19 -0.24
CA TRP F 431 31.55 53.41 -0.99
C TRP F 431 31.30 54.66 -0.12
N ARG F 432 31.11 54.48 1.19
CA ARG F 432 30.88 55.57 2.13
C ARG F 432 31.47 55.19 3.49
N PRO F 433 31.77 56.18 4.36
CA PRO F 433 32.30 55.85 5.69
C PRO F 433 31.33 55.06 6.55
N GLY F 434 31.84 54.45 7.61
CA GLY F 434 31.04 53.66 8.52
C GLY F 434 31.02 52.19 8.17
N SER F 435 30.76 51.39 9.17
CA SER F 435 30.68 49.95 9.05
C SER F 435 29.47 49.50 8.19
N GLY F 436 29.63 48.42 7.44
CA GLY F 436 28.54 47.85 6.66
C GLY F 436 28.42 48.20 5.20
N TYR F 437 29.34 49.00 4.66
CA TYR F 437 29.21 49.46 3.28
C TYR F 437 30.30 48.96 2.31
N THR F 438 31.03 47.88 2.68
CA THR F 438 32.03 47.26 1.78
C THR F 438 31.33 46.81 0.50
N ASN F 439 31.81 47.21 -0.68
CA ASN F 439 31.20 46.85 -1.96
C ASN F 439 32.20 46.92 -3.14
N ILE F 440 33.49 47.18 -2.88
CA ILE F 440 34.47 47.35 -3.93
C ILE F 440 35.63 46.37 -3.83
N MET F 441 36.04 45.84 -4.98
CA MET F 441 37.19 44.96 -5.04
CA MET F 441 37.17 44.90 -5.09
C MET F 441 38.08 45.47 -6.19
N ARG F 442 39.37 45.73 -5.88
CA ARG F 442 40.29 46.25 -6.89
C ARG F 442 41.50 45.34 -7.03
N VAL F 443 42.03 45.22 -8.23
CA VAL F 443 43.22 44.43 -8.48
C VAL F 443 44.35 45.44 -8.64
N LEU F 444 45.32 45.38 -7.73
CA LEU F 444 46.44 46.31 -7.77
CA LEU F 444 46.43 46.32 -7.75
C LEU F 444 47.76 45.61 -7.96
N SER F 445 48.64 46.18 -8.78
CA SER F 445 49.97 45.61 -9.00
C SER F 445 50.90 46.34 -8.04
N ILE F 446 51.70 45.60 -7.26
CA ILE F 446 52.58 46.24 -6.27
CA ILE F 446 52.58 46.23 -6.27
C ILE F 446 53.83 46.81 -6.91
N SER F 447 54.04 48.11 -6.74
CA SER F 447 55.15 48.81 -7.34
C SER F 447 56.28 49.15 -6.37
N ALA G 25 46.62 2.37 -31.07
CA ALA G 25 45.53 2.51 -32.04
C ALA G 25 44.17 2.27 -31.39
N PHE G 26 44.11 1.31 -30.45
CA PHE G 26 42.88 0.98 -29.72
C PHE G 26 42.33 2.22 -29.00
N PHE G 27 43.21 2.97 -28.33
CA PHE G 27 42.82 4.14 -27.58
C PHE G 27 42.61 5.40 -28.43
N GLN G 28 42.88 5.35 -29.74
CA GLN G 28 42.62 6.50 -30.61
C GLN G 28 41.20 6.41 -31.22
N GLN G 29 40.66 5.17 -31.38
CA GLN G 29 39.33 4.90 -31.92
C GLN G 29 38.23 5.14 -30.89
N GLN G 30 36.95 5.11 -31.34
CA GLN G 30 35.70 5.28 -30.60
C GLN G 30 35.73 6.41 -29.55
N GLN G 31 36.35 7.54 -29.91
CA GLN G 31 36.48 8.73 -29.08
C GLN G 31 37.04 8.43 -27.70
N LEU G 32 37.97 7.46 -27.59
CA LEU G 32 38.54 7.11 -26.29
C LEU G 32 39.35 8.26 -25.66
N PRO G 33 40.10 9.10 -26.41
CA PRO G 33 40.74 10.27 -25.76
C PRO G 33 39.69 11.21 -25.14
N ALA G 34 38.55 11.46 -25.84
CA ALA G 34 37.47 12.29 -25.30
C ALA G 34 36.75 11.63 -24.11
N ALA G 35 36.69 10.29 -24.12
CA ALA G 35 36.06 9.51 -23.05
C ALA G 35 36.86 9.56 -21.75
N MET G 36 38.19 9.68 -21.85
CA MET G 36 39.07 9.76 -20.68
C MET G 36 39.16 11.18 -20.07
N ALA G 37 38.52 12.20 -20.69
CA ALA G 37 38.62 13.57 -20.20
C ALA G 37 38.07 13.78 -18.81
N ASP G 38 38.63 14.73 -18.06
CA ASP G 38 38.25 14.98 -16.68
C ASP G 38 37.06 15.90 -16.52
N THR G 39 36.73 16.69 -17.55
CA THR G 39 35.55 17.55 -17.54
C THR G 39 34.78 17.36 -18.86
N PHE G 40 33.49 17.73 -18.86
CA PHE G 40 32.67 17.67 -20.07
C PHE G 40 33.21 18.62 -21.14
N LEU G 41 33.70 19.80 -20.73
CA LEU G 41 34.28 20.79 -21.63
C LEU G 41 35.50 20.19 -22.33
N GLU G 42 36.41 19.54 -21.58
CA GLU G 42 37.59 18.88 -22.17
CA GLU G 42 37.58 18.90 -22.18
C GLU G 42 37.18 17.72 -23.06
N HIS G 43 36.10 17.02 -22.71
CA HIS G 43 35.56 15.90 -23.49
C HIS G 43 35.16 16.41 -24.87
N LEU G 44 34.45 17.57 -24.91
CA LEU G 44 34.05 18.19 -26.17
C LEU G 44 35.27 18.58 -27.00
N CYS G 45 36.27 19.21 -26.36
CA CYS G 45 37.51 19.63 -27.00
C CYS G 45 38.28 18.48 -27.63
N LEU G 46 38.17 17.27 -27.06
CA LEU G 46 38.89 16.10 -27.55
C LEU G 46 38.16 15.27 -28.60
N LEU G 47 36.93 15.66 -28.99
CA LEU G 47 36.19 14.91 -30.01
C LEU G 47 36.93 15.00 -31.34
N ASP G 48 37.11 13.86 -32.00
CA ASP G 48 37.91 13.79 -33.21
C ASP G 48 37.13 13.18 -34.36
N ILE G 49 37.00 13.91 -35.48
CA ILE G 49 36.32 13.37 -36.66
C ILE G 49 37.08 12.16 -37.28
N ASP G 50 38.38 12.01 -36.97
CA ASP G 50 39.17 10.88 -37.46
C ASP G 50 39.15 9.67 -36.51
N SER G 51 38.52 9.80 -35.33
CA SER G 51 38.41 8.70 -34.39
C SER G 51 37.21 7.89 -34.81
N GLU G 52 37.46 6.76 -35.48
CA GLU G 52 36.38 5.94 -36.03
C GLU G 52 35.61 5.13 -35.00
N PRO G 53 34.26 5.10 -35.13
CA PRO G 53 33.48 4.26 -34.21
C PRO G 53 33.72 2.78 -34.51
N VAL G 54 33.88 1.98 -33.46
CA VAL G 54 34.13 0.55 -33.64
C VAL G 54 32.99 -0.28 -33.05
N ALA G 55 32.37 0.20 -31.97
CA ALA G 55 31.26 -0.51 -31.35
C ALA G 55 30.05 -0.61 -32.27
N ALA G 56 29.24 -1.65 -32.07
CA ALA G 56 28.01 -1.80 -32.83
C ALA G 56 27.02 -0.66 -32.41
N ARG G 57 26.16 -0.25 -33.35
CA ARG G 57 25.18 0.81 -33.10
C ARG G 57 24.16 0.35 -32.07
N SER G 58 24.07 1.05 -30.95
CA SER G 58 23.26 0.66 -29.83
C SER G 58 21.85 1.31 -29.74
N THR G 59 21.63 2.46 -30.35
CA THR G 59 20.31 3.12 -30.34
C THR G 59 19.48 2.46 -31.42
N SER G 60 18.34 1.85 -31.07
CA SER G 60 17.53 1.16 -32.07
C SER G 60 16.84 2.12 -33.01
N ILE G 61 16.63 1.66 -34.26
CA ILE G 61 15.96 2.45 -35.27
C ILE G 61 14.56 1.88 -35.47
N ILE G 62 13.55 2.72 -35.29
CA ILE G 62 12.18 2.31 -35.56
C ILE G 62 11.84 2.88 -36.94
N ALA G 63 11.40 2.04 -37.88
CA ALA G 63 11.02 2.53 -39.20
C ALA G 63 9.53 2.29 -39.40
N THR G 64 8.81 3.31 -39.88
CA THR G 64 7.38 3.18 -40.13
C THR G 64 7.15 2.49 -41.46
N ILE G 65 6.34 1.44 -41.49
CA ILE G 65 6.03 0.69 -42.68
C ILE G 65 4.86 1.30 -43.41
N GLY G 66 5.02 1.52 -44.71
CA GLY G 66 3.99 2.08 -45.56
C GLY G 66 4.21 1.71 -47.02
N PRO G 67 3.56 2.43 -47.97
CA PRO G 67 3.72 2.11 -49.41
C PRO G 67 5.17 2.08 -49.92
N ALA G 68 6.06 2.93 -49.37
CA ALA G 68 7.46 2.95 -49.77
C ALA G 68 8.31 1.82 -49.17
N SER G 69 7.79 1.09 -48.17
CA SER G 69 8.59 0.09 -47.47
C SER G 69 7.84 -1.21 -47.14
N ARG G 70 6.88 -1.59 -47.95
CA ARG G 70 6.05 -2.76 -47.67
C ARG G 70 6.45 -4.04 -48.35
N SER G 71 7.14 -3.97 -49.50
CA SER G 71 7.53 -5.19 -50.21
C SER G 71 8.57 -5.98 -49.41
N VAL G 72 8.48 -7.30 -49.47
CA VAL G 72 9.40 -8.21 -48.80
C VAL G 72 10.86 -7.92 -49.19
N GLU G 73 11.10 -7.60 -50.46
CA GLU G 73 12.45 -7.28 -50.91
C GLU G 73 13.00 -5.97 -50.34
N ARG G 74 12.13 -4.96 -50.25
CA ARG G 74 12.48 -3.67 -49.69
C ARG G 74 12.72 -3.82 -48.17
N LEU G 75 11.85 -4.59 -47.49
CA LEU G 75 11.98 -4.88 -46.07
C LEU G 75 13.29 -5.60 -45.74
N LYS G 76 13.77 -6.50 -46.63
CA LYS G 76 15.06 -7.18 -46.44
C LYS G 76 16.19 -6.17 -46.47
N GLU G 77 16.12 -5.19 -47.39
CA GLU G 77 17.12 -4.14 -47.49
C GLU G 77 17.11 -3.27 -46.24
N MET G 78 15.92 -2.98 -45.69
CA MET G 78 15.79 -2.17 -44.48
CA MET G 78 15.80 -2.16 -44.48
C MET G 78 16.30 -2.88 -43.21
N ILE G 79 16.16 -4.22 -43.16
CA ILE G 79 16.67 -4.99 -42.05
C ILE G 79 18.20 -4.96 -42.11
N LYS G 80 18.78 -5.13 -43.34
CA LYS G 80 20.23 -5.06 -43.53
C LYS G 80 20.78 -3.68 -43.20
N ALA G 81 20.03 -2.61 -43.55
CA ALA G 81 20.38 -1.22 -43.26
C ALA G 81 20.38 -0.88 -41.75
N GLY G 82 19.62 -1.64 -40.95
CA GLY G 82 19.59 -1.44 -39.51
C GLY G 82 18.24 -1.27 -38.82
N MET G 83 17.12 -1.48 -39.53
CA MET G 83 15.81 -1.36 -38.90
C MET G 83 15.68 -2.44 -37.80
N ASN G 84 15.31 -2.04 -36.58
CA ASN G 84 15.14 -2.99 -35.49
C ASN G 84 13.67 -3.18 -35.13
N ILE G 85 12.85 -2.12 -35.32
CA ILE G 85 11.44 -2.13 -34.98
C ILE G 85 10.67 -1.63 -36.17
N ALA G 86 9.63 -2.35 -36.56
CA ALA G 86 8.75 -1.94 -37.66
C ALA G 86 7.51 -1.32 -37.04
N ARG G 87 7.24 -0.06 -37.36
CA ARG G 87 6.07 0.64 -36.81
C ARG G 87 4.88 0.61 -37.81
N LEU G 88 3.72 0.18 -37.35
CA LEU G 88 2.51 0.19 -38.19
C LEU G 88 1.65 1.35 -37.70
N ASN G 89 1.48 2.38 -38.52
CA ASN G 89 0.68 3.55 -38.15
C ASN G 89 -0.78 3.28 -38.43
N PHE G 90 -1.56 3.03 -37.37
CA PHE G 90 -2.97 2.74 -37.51
C PHE G 90 -3.85 3.98 -37.75
N SER G 91 -3.24 5.15 -37.97
CA SER G 91 -3.97 6.32 -38.39
C SER G 91 -4.36 6.17 -39.90
N HIS G 92 -3.65 5.33 -40.67
CA HIS G 92 -3.89 5.10 -42.09
C HIS G 92 -3.96 3.61 -42.36
N GLY G 93 -4.79 3.21 -43.30
CA GLY G 93 -4.89 1.82 -43.71
C GLY G 93 -5.85 0.98 -42.92
N SER G 94 -6.30 -0.10 -43.53
CA SER G 94 -7.23 -1.01 -42.90
C SER G 94 -6.49 -2.14 -42.13
N HIS G 95 -7.25 -2.96 -41.38
CA HIS G 95 -6.68 -4.10 -40.69
C HIS G 95 -6.08 -5.09 -41.71
N GLU G 96 -6.72 -5.25 -42.87
CA GLU G 96 -6.24 -6.12 -43.92
C GLU G 96 -4.88 -5.61 -44.45
N TYR G 97 -4.74 -4.30 -44.59
CA TYR G 97 -3.52 -3.68 -45.07
C TYR G 97 -2.39 -3.94 -44.05
N HIS G 98 -2.66 -3.73 -42.75
CA HIS G 98 -1.66 -3.93 -41.70
C HIS G 98 -1.30 -5.39 -41.50
N ALA G 99 -2.25 -6.32 -41.66
CA ALA G 99 -1.96 -7.75 -41.56
C ALA G 99 -1.00 -8.16 -42.68
N GLU G 100 -1.15 -7.58 -43.89
CA GLU G 100 -0.25 -7.89 -44.98
CA GLU G 100 -0.24 -7.90 -44.98
C GLU G 100 1.14 -7.31 -44.70
N SER G 101 1.21 -6.11 -44.10
CA SER G 101 2.46 -5.46 -43.75
C SER G 101 3.22 -6.35 -42.74
N ILE G 102 2.50 -6.84 -41.68
CA ILE G 102 3.05 -7.72 -40.66
C ILE G 102 3.62 -8.98 -41.29
N ALA G 103 2.85 -9.60 -42.19
CA ALA G 103 3.25 -10.83 -42.86
C ALA G 103 4.50 -10.63 -43.72
N ASN G 104 4.61 -9.46 -44.37
CA ASN G 104 5.77 -9.16 -45.20
C ASN G 104 7.00 -8.90 -44.34
N VAL G 105 6.84 -8.24 -43.18
CA VAL G 105 7.93 -8.01 -42.24
C VAL G 105 8.45 -9.38 -41.76
N ARG G 106 7.55 -10.24 -41.24
CA ARG G 106 7.91 -11.56 -40.79
C ARG G 106 8.58 -12.42 -41.87
N GLU G 107 8.14 -12.31 -43.12
CA GLU G 107 8.74 -13.06 -44.21
C GLU G 107 10.18 -12.56 -44.46
N ALA G 108 10.37 -11.23 -44.49
CA ALA G 108 11.71 -10.65 -44.68
C ALA G 108 12.63 -11.03 -43.51
N VAL G 109 12.12 -11.00 -42.28
CA VAL G 109 12.90 -11.34 -41.07
C VAL G 109 13.30 -12.82 -41.07
N GLU G 110 12.35 -13.70 -41.41
CA GLU G 110 12.64 -15.14 -41.42
C GLU G 110 13.49 -15.59 -42.61
N SER G 111 13.66 -14.75 -43.65
CA SER G 111 14.54 -15.10 -44.77
C SER G 111 16.01 -15.24 -44.33
N PHE G 112 16.38 -14.71 -43.15
CA PHE G 112 17.74 -14.78 -42.62
C PHE G 112 17.90 -15.82 -41.49
N ALA G 113 16.79 -16.50 -41.09
CA ALA G 113 16.81 -17.47 -39.99
C ALA G 113 17.68 -18.72 -40.24
N GLY G 114 18.07 -18.94 -41.51
CA GLY G 114 18.93 -20.04 -41.93
C GLY G 114 20.35 -19.92 -41.41
N SER G 115 20.77 -18.71 -40.97
CA SER G 115 22.08 -18.49 -40.36
C SER G 115 21.81 -18.00 -38.91
N PRO G 116 21.62 -18.93 -37.96
CA PRO G 116 21.27 -18.51 -36.59
C PRO G 116 22.26 -17.61 -35.89
N LEU G 117 23.56 -17.71 -36.23
CA LEU G 117 24.58 -16.88 -35.60
C LEU G 117 24.47 -15.40 -36.03
N SER G 118 23.80 -15.08 -37.17
CA SER G 118 23.65 -13.71 -37.63
C SER G 118 22.17 -13.21 -37.69
N TYR G 119 21.20 -14.08 -37.36
CA TYR G 119 19.77 -13.73 -37.39
C TYR G 119 19.44 -12.48 -36.52
N ARG G 120 18.74 -11.53 -37.11
CA ARG G 120 18.35 -10.32 -36.43
C ARG G 120 16.83 -10.26 -36.20
N PRO G 121 16.38 -10.39 -34.93
CA PRO G 121 14.92 -10.25 -34.65
C PRO G 121 14.47 -8.81 -34.90
N VAL G 122 13.22 -8.63 -35.36
CA VAL G 122 12.69 -7.30 -35.62
C VAL G 122 11.34 -7.21 -34.90
N ALA G 123 11.19 -6.22 -34.03
CA ALA G 123 9.94 -6.08 -33.30
C ALA G 123 8.86 -5.45 -34.17
N ILE G 124 7.60 -5.69 -33.85
CA ILE G 124 6.49 -5.07 -34.56
C ILE G 124 5.73 -4.21 -33.57
N ALA G 125 5.67 -2.91 -33.82
CA ALA G 125 4.98 -1.96 -32.96
C ALA G 125 3.72 -1.43 -33.64
N LEU G 126 2.64 -1.33 -32.90
CA LEU G 126 1.37 -0.80 -33.40
C LEU G 126 1.21 0.61 -32.84
N ASP G 127 1.15 1.63 -33.72
CA ASP G 127 0.97 2.99 -33.28
C ASP G 127 -0.53 3.32 -33.43
N THR G 128 -1.20 3.62 -32.31
CA THR G 128 -2.63 3.84 -32.35
C THR G 128 -3.05 5.17 -33.02
N LYS G 129 -4.30 5.23 -33.51
CA LYS G 129 -4.87 6.42 -34.13
C LYS G 129 -5.04 7.52 -33.10
N GLY G 130 -5.47 7.18 -31.90
CA GLY G 130 -5.64 8.15 -30.83
C GLY G 130 -7.08 8.43 -30.44
N PRO G 131 -7.24 9.24 -29.39
CA PRO G 131 -8.58 9.52 -28.89
C PRO G 131 -9.43 10.48 -29.73
N GLY G 132 -8.78 11.23 -30.62
CA GLY G 132 -9.48 12.21 -31.44
C GLY G 132 -9.99 13.34 -30.58
N SER G 133 -11.24 13.76 -30.80
CA SER G 133 -11.84 14.83 -29.99
C SER G 133 -12.32 14.35 -28.61
N GLY G 134 -12.57 13.06 -28.46
CA GLY G 134 -13.10 12.52 -27.22
C GLY G 134 -12.10 12.30 -26.11
N PRO G 135 -12.58 11.81 -24.95
CA PRO G 135 -11.65 11.52 -23.83
C PRO G 135 -11.27 10.02 -23.77
N GLY G 136 -10.10 9.69 -23.20
CA GLY G 136 -9.68 8.30 -23.07
C GLY G 136 -9.64 7.48 -24.35
N LEU G 137 -9.73 6.16 -24.23
CA LEU G 137 -9.61 5.27 -25.40
C LEU G 137 -10.80 5.31 -26.42
N SER G 138 -10.50 5.62 -27.69
CA SER G 138 -11.49 5.63 -28.76
C SER G 138 -11.93 4.18 -29.07
N GLU G 139 -13.10 4.04 -29.75
CA GLU G 139 -13.66 2.73 -30.14
C GLU G 139 -12.79 2.02 -31.21
N GLN G 140 -12.20 2.81 -32.10
CA GLN G 140 -11.30 2.28 -33.11
C GLN G 140 -10.00 1.81 -32.48
N ASP G 141 -9.54 2.50 -31.40
CA ASP G 141 -8.34 2.06 -30.69
C ASP G 141 -8.56 0.74 -30.04
N VAL G 142 -9.76 0.48 -29.47
CA VAL G 142 -10.05 -0.81 -28.87
C VAL G 142 -9.98 -1.93 -29.91
N ARG G 143 -10.55 -1.66 -31.09
CA ARG G 143 -10.51 -2.65 -32.17
C ARG G 143 -9.09 -2.90 -32.69
N ASP G 144 -8.32 -1.84 -32.87
CA ASP G 144 -6.95 -1.91 -33.34
C ASP G 144 -6.03 -2.59 -32.33
N LEU G 145 -6.19 -2.31 -31.02
CA LEU G 145 -5.39 -2.96 -29.99
C LEU G 145 -5.71 -4.45 -29.98
N ARG G 146 -7.01 -4.85 -30.21
CA ARG G 146 -7.45 -6.26 -30.29
C ARG G 146 -6.75 -6.95 -31.47
N PHE G 147 -6.66 -6.24 -32.61
CA PHE G 147 -5.99 -6.70 -33.81
C PHE G 147 -4.51 -6.99 -33.49
N GLY G 148 -3.86 -6.08 -32.75
CA GLY G 148 -2.46 -6.19 -32.37
C GLY G 148 -2.19 -7.44 -31.55
N VAL G 149 -3.07 -7.72 -30.58
CA VAL G 149 -2.95 -8.90 -29.76
C VAL G 149 -3.09 -10.15 -30.63
N GLU G 150 -4.10 -10.17 -31.52
CA GLU G 150 -4.34 -11.30 -32.40
C GLU G 150 -3.23 -11.55 -33.40
N HIS G 151 -2.51 -10.50 -33.79
CA HIS G 151 -1.41 -10.63 -34.72
C HIS G 151 -0.02 -10.69 -34.04
N GLY G 152 0.01 -10.80 -32.72
CA GLY G 152 1.24 -10.94 -31.94
C GLY G 152 2.20 -9.77 -32.01
N VAL G 153 1.70 -8.53 -31.94
CA VAL G 153 2.57 -7.37 -31.92
C VAL G 153 3.36 -7.36 -30.59
N ASP G 154 4.54 -6.75 -30.62
CA ASP G 154 5.39 -6.71 -29.45
C ASP G 154 5.17 -5.46 -28.62
N ILE G 155 4.89 -4.34 -29.28
CA ILE G 155 4.80 -3.04 -28.65
C ILE G 155 3.58 -2.26 -29.12
N VAL G 156 3.04 -1.40 -28.24
CA VAL G 156 1.99 -0.47 -28.57
C VAL G 156 2.53 0.93 -28.33
N PHE G 157 2.49 1.80 -29.35
CA PHE G 157 2.85 3.20 -29.16
C PHE G 157 1.48 3.88 -28.96
N ALA G 158 1.10 4.13 -27.70
CA ALA G 158 -0.23 4.69 -27.41
C ALA G 158 -0.30 6.20 -27.64
N SER G 159 -1.07 6.63 -28.64
CA SER G 159 -1.20 8.05 -28.96
C SER G 159 -1.94 8.86 -27.92
N PHE G 160 -1.51 10.13 -27.77
CA PHE G 160 -2.11 11.13 -26.90
C PHE G 160 -2.41 10.68 -25.48
N VAL G 161 -1.40 10.12 -24.79
CA VAL G 161 -1.59 9.72 -23.40
C VAL G 161 -1.51 11.01 -22.58
N ARG G 162 -2.57 11.26 -21.78
CA ARG G 162 -2.66 12.49 -20.99
C ARG G 162 -2.55 12.28 -19.50
N LYS G 163 -2.86 11.05 -19.03
CA LYS G 163 -2.88 10.71 -17.62
C LYS G 163 -2.70 9.20 -17.42
N ALA G 164 -2.47 8.75 -16.18
CA ALA G 164 -2.31 7.34 -15.86
C ALA G 164 -3.50 6.48 -16.26
N SER G 165 -4.73 7.04 -16.15
CA SER G 165 -5.92 6.27 -16.51
C SER G 165 -5.99 5.94 -18.00
N ASP G 166 -5.35 6.74 -18.86
CA ASP G 166 -5.27 6.47 -20.29
C ASP G 166 -4.43 5.20 -20.53
N VAL G 167 -3.34 5.03 -19.77
CA VAL G 167 -2.49 3.84 -19.89
C VAL G 167 -3.22 2.62 -19.35
N ALA G 168 -3.97 2.81 -18.25
CA ALA G 168 -4.74 1.72 -17.65
C ALA G 168 -5.84 1.27 -18.60
N ALA G 169 -6.43 2.20 -19.38
CA ALA G 169 -7.41 1.86 -20.40
C ALA G 169 -6.71 1.00 -21.46
N VAL G 170 -5.50 1.38 -21.88
CA VAL G 170 -4.72 0.55 -22.82
C VAL G 170 -4.36 -0.84 -22.28
N ARG G 171 -3.87 -0.97 -21.02
CA ARG G 171 -3.53 -2.26 -20.44
C ARG G 171 -4.72 -3.19 -20.43
N ALA G 172 -5.90 -2.67 -20.01
CA ALA G 172 -7.15 -3.44 -19.94
C ALA G 172 -7.54 -3.90 -21.34
N ALA G 173 -7.35 -3.01 -22.36
CA ALA G 173 -7.66 -3.37 -23.73
C ALA G 173 -6.70 -4.43 -24.34
N LEU G 174 -5.51 -4.67 -23.73
CA LEU G 174 -4.62 -5.71 -24.25
C LEU G 174 -5.04 -7.13 -23.79
N GLY G 175 -6.34 -7.24 -23.47
CA GLY G 175 -7.14 -8.43 -23.26
C GLY G 175 -6.48 -9.42 -22.40
N PRO G 176 -6.97 -10.66 -22.44
CA PRO G 176 -6.35 -11.67 -21.58
C PRO G 176 -5.01 -12.17 -22.13
N GLU G 177 -4.69 -11.90 -23.43
CA GLU G 177 -3.51 -12.50 -24.00
C GLU G 177 -2.43 -11.55 -24.47
N GLY G 178 -2.56 -10.26 -24.18
CA GLY G 178 -1.54 -9.28 -24.59
C GLY G 178 -0.90 -8.52 -23.43
N HIS G 179 -0.90 -9.13 -22.25
CA HIS G 179 -0.32 -8.51 -21.06
C HIS G 179 1.21 -8.30 -21.14
N GLY G 180 1.91 -9.10 -21.94
CA GLY G 180 3.35 -8.99 -22.14
C GLY G 180 3.73 -8.00 -23.22
N ILE G 181 2.76 -7.39 -23.89
CA ILE G 181 3.02 -6.37 -24.91
C ILE G 181 3.48 -5.10 -24.17
N LYS G 182 4.53 -4.47 -24.66
CA LYS G 182 5.04 -3.26 -24.01
C LYS G 182 4.22 -2.05 -24.42
N ILE G 183 3.85 -1.21 -23.46
CA ILE G 183 3.09 0.00 -23.76
C ILE G 183 4.00 1.19 -23.66
N ILE G 184 4.27 1.85 -24.77
CA ILE G 184 5.10 3.04 -24.84
C ILE G 184 4.13 4.23 -24.99
N SER G 185 4.04 5.07 -23.97
CA SER G 185 3.10 6.18 -23.99
C SER G 185 3.63 7.35 -24.78
N LYS G 186 2.87 7.81 -25.78
CA LYS G 186 3.24 8.96 -26.58
C LYS G 186 2.79 10.25 -25.87
N ILE G 187 3.73 11.13 -25.56
CA ILE G 187 3.43 12.40 -24.93
C ILE G 187 3.36 13.43 -26.05
N GLU G 188 2.16 13.95 -26.31
CA GLU G 188 1.95 14.83 -27.47
C GLU G 188 1.27 16.16 -27.15
N ASN G 189 1.03 16.49 -25.88
CA ASN G 189 0.36 17.74 -25.53
C ASN G 189 0.81 18.28 -24.16
N HIS G 190 0.35 19.48 -23.79
CA HIS G 190 0.67 20.12 -22.52
C HIS G 190 0.33 19.26 -21.30
N GLU G 191 -0.87 18.66 -21.27
CA GLU G 191 -1.29 17.82 -20.14
C GLU G 191 -0.40 16.58 -19.96
N GLY G 192 -0.03 15.92 -21.07
CA GLY G 192 0.88 14.77 -21.03
C GLY G 192 2.21 15.11 -20.40
N VAL G 193 2.76 16.31 -20.73
CA VAL G 193 4.02 16.79 -20.19
C VAL G 193 3.87 17.09 -18.71
N LYS G 194 2.77 17.76 -18.31
CA LYS G 194 2.56 18.11 -16.92
C LYS G 194 2.27 16.91 -16.02
N ARG G 195 1.56 15.92 -16.54
CA ARG G 195 1.28 14.70 -15.80
C ARG G 195 2.25 13.56 -16.12
N PHE G 196 3.46 13.91 -16.66
CA PHE G 196 4.50 12.96 -17.05
C PHE G 196 4.83 11.91 -16.02
N ASP G 197 5.13 12.30 -14.76
CA ASP G 197 5.51 11.33 -13.74
C ASP G 197 4.49 10.24 -13.51
N GLU G 198 3.21 10.60 -13.46
CA GLU G 198 2.15 9.62 -13.26
C GLU G 198 2.01 8.70 -14.48
N ILE G 199 2.30 9.22 -15.69
CA ILE G 199 2.22 8.43 -16.90
C ILE G 199 3.40 7.44 -16.96
N LEU G 200 4.62 7.94 -16.70
CA LEU G 200 5.82 7.11 -16.74
C LEU G 200 5.76 5.97 -15.74
N GLU G 201 5.22 6.25 -14.54
CA GLU G 201 5.09 5.26 -13.49
C GLU G 201 4.35 4.00 -13.93
N VAL G 202 3.27 4.15 -14.70
CA VAL G 202 2.47 3.01 -15.14
C VAL G 202 2.79 2.54 -16.58
N SER G 203 3.66 3.24 -17.30
CA SER G 203 4.01 2.84 -18.67
C SER G 203 5.29 2.02 -18.71
N ASP G 204 5.50 1.29 -19.80
CA ASP G 204 6.78 0.57 -19.98
C ASP G 204 7.86 1.52 -20.50
N GLY G 205 7.47 2.62 -21.13
CA GLY G 205 8.36 3.58 -21.71
C GLY G 205 7.61 4.75 -22.30
N ILE G 206 8.34 5.68 -22.91
CA ILE G 206 7.77 6.91 -23.42
C ILE G 206 8.22 7.22 -24.83
N MET G 207 7.36 7.88 -25.61
CA MET G 207 7.74 8.40 -26.90
C MET G 207 7.52 9.91 -26.84
N VAL G 208 8.56 10.68 -27.16
CA VAL G 208 8.45 12.14 -27.28
C VAL G 208 7.94 12.33 -28.71
N ALA G 209 6.62 12.45 -28.86
CA ALA G 209 5.94 12.57 -30.15
C ALA G 209 5.94 14.04 -30.54
N ARG G 210 7.06 14.50 -31.11
CA ARG G 210 7.33 15.91 -31.41
C ARG G 210 6.40 16.57 -32.43
N GLY G 211 5.79 15.79 -33.33
CA GLY G 211 4.89 16.33 -34.33
C GLY G 211 3.69 17.03 -33.72
N ASP G 212 2.88 16.28 -32.95
CA ASP G 212 1.75 16.89 -32.27
C ASP G 212 2.19 17.79 -31.14
N LEU G 213 3.26 17.42 -30.42
CA LEU G 213 3.76 18.22 -29.32
C LEU G 213 4.13 19.64 -29.78
N GLY G 214 4.73 19.74 -30.95
CA GLY G 214 5.11 21.02 -31.55
C GLY G 214 3.95 21.90 -32.01
N ILE G 215 2.74 21.36 -32.05
CA ILE G 215 1.50 22.07 -32.40
C ILE G 215 0.71 22.39 -31.09
N GLU G 216 0.78 21.49 -30.09
CA GLU G 216 0.10 21.64 -28.80
C GLU G 216 0.75 22.61 -27.84
N ILE G 217 2.08 22.73 -27.90
CA ILE G 217 2.87 23.69 -27.12
C ILE G 217 3.70 24.53 -28.12
N PRO G 218 4.23 25.70 -27.73
CA PRO G 218 5.05 26.48 -28.66
C PRO G 218 6.23 25.67 -29.18
N ALA G 219 6.49 25.74 -30.48
CA ALA G 219 7.56 24.99 -31.13
C ALA G 219 8.92 25.19 -30.48
N GLU G 220 9.22 26.39 -30.01
CA GLU G 220 10.50 26.67 -29.37
C GLU G 220 10.65 26.01 -27.98
N LYS G 221 9.58 25.39 -27.43
CA LYS G 221 9.65 24.72 -26.14
C LYS G 221 9.76 23.19 -26.28
N VAL G 222 9.61 22.61 -27.49
CA VAL G 222 9.66 21.16 -27.66
C VAL G 222 10.98 20.54 -27.19
N PHE G 223 12.13 21.20 -27.44
CA PHE G 223 13.41 20.66 -26.98
C PHE G 223 13.49 20.53 -25.45
N LEU G 224 12.79 21.41 -24.69
CA LEU G 224 12.77 21.34 -23.24
C LEU G 224 12.00 20.11 -22.82
N ALA G 225 10.84 19.84 -23.45
CA ALA G 225 10.03 18.69 -23.14
C ALA G 225 10.79 17.38 -23.51
N GLN G 226 11.49 17.37 -24.65
CA GLN G 226 12.28 16.20 -25.06
C GLN G 226 13.39 15.89 -24.05
N LYS G 227 14.22 16.90 -23.72
CA LYS G 227 15.31 16.72 -22.77
C LYS G 227 14.83 16.31 -21.36
N MET G 228 13.72 16.90 -20.89
CA MET G 228 13.18 16.57 -19.58
C MET G 228 12.68 15.12 -19.56
N MET G 229 11.95 14.70 -20.60
CA MET G 229 11.42 13.34 -20.67
C MET G 229 12.48 12.28 -20.83
N ILE G 230 13.51 12.58 -21.63
CA ILE G 230 14.60 11.63 -21.82
C ILE G 230 15.36 11.46 -20.50
N GLY G 231 15.68 12.58 -19.84
CA GLY G 231 16.31 12.55 -18.53
C GLY G 231 15.54 11.75 -17.50
N ARG G 232 14.23 11.97 -17.38
CA ARG G 232 13.39 11.25 -16.40
C ARG G 232 13.29 9.76 -16.71
N CYS G 233 13.26 9.42 -18.03
CA CYS G 233 13.22 8.01 -18.42
C CYS G 233 14.53 7.32 -18.11
N ASN G 234 15.64 8.01 -18.31
CA ASN G 234 16.96 7.46 -18.03
C ASN G 234 17.11 7.22 -16.50
N LEU G 235 16.61 8.15 -15.70
CA LEU G 235 16.65 8.04 -14.27
C LEU G 235 15.74 6.85 -13.82
N ALA G 236 14.59 6.67 -14.47
CA ALA G 236 13.68 5.58 -14.14
C ALA G 236 14.10 4.21 -14.72
N GLY G 237 15.04 4.19 -15.66
CA GLY G 237 15.43 2.95 -16.31
C GLY G 237 14.37 2.42 -17.26
N LYS G 238 13.64 3.35 -17.92
CA LYS G 238 12.61 2.94 -18.87
C LYS G 238 12.89 3.45 -20.27
N PRO G 239 12.62 2.66 -21.31
CA PRO G 239 12.90 3.13 -22.69
C PRO G 239 12.23 4.46 -23.08
N VAL G 240 12.98 5.28 -23.82
CA VAL G 240 12.47 6.53 -24.32
C VAL G 240 12.79 6.60 -25.83
N VAL G 241 11.78 6.95 -26.64
CA VAL G 241 11.91 7.07 -28.07
C VAL G 241 11.87 8.53 -28.46
N CYS G 242 12.81 8.98 -29.32
CA CYS G 242 12.72 10.33 -29.86
C CYS G 242 12.10 10.16 -31.27
N ALA G 243 11.02 10.89 -31.53
CA ALA G 243 10.28 10.71 -32.77
C ALA G 243 9.93 11.99 -33.47
N THR G 244 9.70 11.87 -34.81
CA THR G 244 9.14 12.82 -35.76
C THR G 244 10.08 13.87 -36.30
N GLN G 245 10.11 13.95 -37.65
CA GLN G 245 10.88 14.91 -38.46
C GLN G 245 12.36 14.89 -38.22
N MET G 246 12.90 13.74 -37.76
CA MET G 246 14.33 13.64 -37.52
C MET G 246 15.13 13.80 -38.81
N LEU G 247 14.65 13.23 -39.92
CA LEU G 247 15.30 13.34 -41.23
C LEU G 247 14.23 13.71 -42.29
N GLU G 248 13.28 14.59 -41.92
CA GLU G 248 12.14 14.98 -42.76
C GLU G 248 12.46 15.24 -44.24
N SER G 249 13.49 16.04 -44.53
CA SER G 249 13.87 16.36 -45.90
C SER G 249 14.17 15.12 -46.74
N MET G 250 14.56 14.03 -46.12
CA MET G 250 14.85 12.78 -46.86
C MET G 250 13.59 12.11 -47.44
N ILE G 251 12.39 12.66 -47.20
CA ILE G 251 11.18 12.14 -47.81
C ILE G 251 11.28 12.34 -49.35
N THR G 252 11.88 13.48 -49.79
CA THR G 252 12.07 13.76 -51.20
C THR G 252 13.53 13.84 -51.62
N LYS G 253 14.48 14.08 -50.70
CA LYS G 253 15.90 14.22 -51.04
C LYS G 253 16.79 13.07 -50.54
N PRO G 254 17.83 12.66 -51.30
CA PRO G 254 18.68 11.54 -50.84
C PRO G 254 19.67 11.88 -49.71
N ARG G 255 19.83 13.16 -49.38
CA ARG G 255 20.72 13.56 -48.28
C ARG G 255 19.96 14.46 -47.31
N PRO G 256 20.21 14.33 -45.99
CA PRO G 256 19.51 15.19 -45.04
C PRO G 256 20.17 16.58 -44.89
N THR G 257 19.46 17.50 -44.22
CA THR G 257 20.02 18.81 -43.94
C THR G 257 20.99 18.71 -42.73
N ARG G 258 21.77 19.77 -42.49
CA ARG G 258 22.68 19.81 -41.37
C ARG G 258 21.95 19.79 -40.04
N ALA G 259 20.75 20.38 -39.96
CA ALA G 259 19.94 20.38 -38.74
C ALA G 259 19.43 18.97 -38.42
N GLU G 260 19.11 18.19 -39.44
CA GLU G 260 18.61 16.83 -39.30
C GLU G 260 19.64 15.85 -38.76
N THR G 261 20.89 15.89 -39.27
CA THR G 261 21.93 15.01 -38.74
C THR G 261 22.27 15.40 -37.28
N SER G 262 22.29 16.69 -37.00
CA SER G 262 22.53 17.25 -35.69
C SER G 262 21.43 16.79 -34.73
N ASP G 263 20.16 16.81 -35.17
CA ASP G 263 19.01 16.36 -34.39
C ASP G 263 19.13 14.88 -34.01
N VAL G 264 19.52 14.02 -34.95
CA VAL G 264 19.68 12.60 -34.67
C VAL G 264 20.80 12.39 -33.66
N ALA G 265 21.94 13.09 -33.85
CA ALA G 265 23.06 12.95 -32.95
C ALA G 265 22.71 13.43 -31.55
N ASN G 266 22.00 14.56 -31.46
CA ASN G 266 21.60 15.12 -30.18
C ASN G 266 20.53 14.32 -29.46
N ALA G 267 19.66 13.61 -30.17
CA ALA G 267 18.69 12.72 -29.52
C ALA G 267 19.45 11.58 -28.77
N VAL G 268 20.48 11.00 -29.43
CA VAL G 268 21.36 9.98 -28.86
C VAL G 268 22.14 10.56 -27.66
N LEU G 269 22.75 11.74 -27.84
CA LEU G 269 23.49 12.38 -26.77
C LEU G 269 22.61 12.77 -25.60
N ASP G 270 21.32 13.06 -25.84
CA ASP G 270 20.35 13.41 -24.79
C ASP G 270 20.07 12.18 -23.91
N GLY G 271 20.15 10.97 -24.48
CA GLY G 271 19.93 9.73 -23.78
C GLY G 271 18.82 8.88 -24.34
N ALA G 272 18.34 9.16 -25.59
CA ALA G 272 17.28 8.36 -26.17
C ALA G 272 17.68 6.91 -26.43
N ASP G 273 16.79 5.98 -26.13
CA ASP G 273 17.01 4.58 -26.39
C ASP G 273 16.77 4.25 -27.84
N CYS G 274 15.75 4.89 -28.44
CA CYS G 274 15.36 4.66 -29.83
C CYS G 274 15.20 5.95 -30.57
N ILE G 275 15.42 5.90 -31.88
CA ILE G 275 15.18 7.00 -32.79
C ILE G 275 14.20 6.48 -33.86
N MET G 276 13.31 7.34 -34.34
CA MET G 276 12.28 6.90 -35.26
C MET G 276 12.31 7.60 -36.62
N LEU G 277 11.74 6.93 -37.62
CA LEU G 277 11.52 7.45 -38.96
C LEU G 277 10.05 7.20 -39.25
N SER G 278 9.34 8.25 -39.66
CA SER G 278 7.92 8.12 -39.98
CA SER G 278 7.92 8.13 -39.97
C SER G 278 7.73 8.20 -41.50
N GLY G 279 7.44 9.40 -42.05
CA GLY G 279 7.26 9.59 -43.48
C GLY G 279 8.49 9.22 -44.27
N GLU G 280 9.68 9.37 -43.68
CA GLU G 280 10.96 9.04 -44.31
C GLU G 280 11.00 7.60 -44.80
N THR G 281 10.35 6.67 -44.08
CA THR G 281 10.32 5.28 -44.51
C THR G 281 8.95 4.81 -45.00
N ALA G 282 7.87 5.41 -44.49
CA ALA G 282 6.53 5.01 -44.86
C ALA G 282 6.13 5.46 -46.27
N LYS G 283 6.44 6.71 -46.62
CA LYS G 283 6.03 7.26 -47.91
C LYS G 283 7.15 7.94 -48.67
N GLY G 284 8.37 7.92 -48.15
CA GLY G 284 9.48 8.61 -48.79
C GLY G 284 10.12 7.94 -49.98
N ASN G 285 10.93 8.71 -50.72
CA ASN G 285 11.63 8.19 -51.89
C ASN G 285 12.90 7.43 -51.55
N PHE G 286 13.42 7.57 -50.30
CA PHE G 286 14.67 6.95 -49.89
C PHE G 286 14.54 6.26 -48.52
N PRO G 287 13.64 5.27 -48.37
CA PRO G 287 13.46 4.63 -47.06
C PRO G 287 14.69 3.91 -46.52
N VAL G 288 15.43 3.20 -47.42
CA VAL G 288 16.63 2.49 -47.05
C VAL G 288 17.75 3.45 -46.69
N GLU G 289 17.90 4.51 -47.47
CA GLU G 289 18.91 5.53 -47.23
C GLU G 289 18.66 6.27 -45.92
N ALA G 290 17.37 6.47 -45.54
CA ALA G 290 17.02 7.14 -44.28
C ALA G 290 17.47 6.25 -43.10
N VAL G 291 17.27 4.92 -43.21
CA VAL G 291 17.71 3.97 -42.19
C VAL G 291 19.23 3.97 -42.09
N LYS G 292 19.92 3.95 -43.24
CA LYS G 292 21.38 3.97 -43.25
C LYS G 292 21.93 5.24 -42.61
N MET G 293 21.27 6.38 -42.86
CA MET G 293 21.69 7.65 -42.30
C MET G 293 21.56 7.67 -40.79
N GLN G 294 20.43 7.18 -40.27
CA GLN G 294 20.24 7.11 -38.82
C GLN G 294 21.25 6.19 -38.17
N HIS G 295 21.56 5.07 -38.84
CA HIS G 295 22.56 4.11 -38.37
C HIS G 295 23.92 4.78 -38.26
N ALA G 296 24.35 5.47 -39.34
CA ALA G 296 25.65 6.13 -39.38
C ALA G 296 25.82 7.22 -38.30
N ILE G 297 24.78 8.05 -38.12
CA ILE G 297 24.82 9.13 -37.12
C ILE G 297 24.80 8.57 -35.71
N ALA G 298 23.92 7.59 -35.43
CA ALA G 298 23.84 7.02 -34.10
C ALA G 298 25.15 6.40 -33.66
N ARG G 299 25.86 5.68 -34.56
CA ARG G 299 27.17 5.08 -34.26
C ARG G 299 28.19 6.14 -33.85
N GLU G 300 28.23 7.25 -34.60
CA GLU G 300 29.12 8.35 -34.29
C GLU G 300 28.78 9.01 -32.95
N ALA G 301 27.47 9.21 -32.69
CA ALA G 301 27.00 9.89 -31.47
C ALA G 301 27.20 9.06 -30.24
N GLU G 302 27.03 7.73 -30.36
CA GLU G 302 27.24 6.86 -29.19
C GLU G 302 28.68 6.85 -28.72
N ALA G 303 29.66 6.92 -29.63
CA ALA G 303 31.07 6.99 -29.23
C ALA G 303 31.38 8.32 -28.55
N ALA G 304 30.66 9.39 -28.91
CA ALA G 304 30.83 10.73 -28.34
C ALA G 304 30.11 10.94 -27.01
N VAL G 305 29.42 9.91 -26.49
CA VAL G 305 28.75 10.02 -25.19
C VAL G 305 29.83 10.13 -24.09
N TYR G 306 29.66 11.05 -23.13
CA TYR G 306 30.60 11.22 -22.04
C TYR G 306 30.21 10.28 -20.87
N HIS G 307 30.54 8.99 -21.03
CA HIS G 307 30.23 7.93 -20.08
C HIS G 307 30.71 8.18 -18.65
N ARG G 308 31.84 8.86 -18.48
CA ARG G 308 32.36 9.13 -17.14
C ARG G 308 31.37 9.87 -16.28
N GLN G 309 30.72 10.91 -16.83
CA GLN G 309 29.74 11.65 -16.07
C GLN G 309 28.38 10.94 -16.05
N LEU G 310 27.99 10.39 -17.20
CA LEU G 310 26.72 9.68 -17.32
C LEU G 310 26.62 8.49 -16.34
N PHE G 311 27.65 7.63 -16.30
CA PHE G 311 27.66 6.49 -15.38
C PHE G 311 27.62 6.94 -13.93
N GLU G 312 28.45 7.94 -13.55
CA GLU G 312 28.48 8.45 -12.20
C GLU G 312 27.12 9.02 -11.77
N GLU G 313 26.47 9.78 -12.65
CA GLU G 313 25.18 10.37 -12.35
C GLU G 313 24.07 9.34 -12.26
N LEU G 314 24.07 8.32 -13.14
CA LEU G 314 23.07 7.25 -13.08
C LEU G 314 23.25 6.44 -11.80
N ARG G 315 24.52 6.15 -11.44
CA ARG G 315 24.90 5.42 -10.25
C ARG G 315 24.41 6.18 -9.01
N ARG G 316 24.72 7.50 -8.93
CA ARG G 316 24.35 8.35 -7.81
C ARG G 316 22.85 8.51 -7.66
N ALA G 317 22.13 8.68 -8.76
CA ALA G 317 20.69 8.88 -8.73
C ALA G 317 19.91 7.62 -8.44
N ALA G 318 20.46 6.45 -8.75
CA ALA G 318 19.77 5.19 -8.50
C ALA G 318 19.85 4.82 -7.01
N PRO G 319 18.71 4.43 -6.41
CA PRO G 319 18.73 4.09 -4.99
C PRO G 319 19.39 2.74 -4.71
N LEU G 320 19.66 2.47 -3.42
CA LEU G 320 20.16 1.18 -2.98
C LEU G 320 19.14 0.10 -3.33
N SER G 321 19.62 -1.11 -3.60
CA SER G 321 18.72 -2.18 -3.98
C SER G 321 19.09 -3.49 -3.37
N ARG G 322 18.11 -4.27 -3.01
CA ARG G 322 18.32 -5.61 -2.49
C ARG G 322 17.93 -6.67 -3.54
N ASP G 323 17.65 -6.25 -4.80
CA ASP G 323 17.30 -7.16 -5.86
C ASP G 323 18.62 -7.63 -6.47
N PRO G 324 18.89 -8.94 -6.44
CA PRO G 324 20.17 -9.43 -6.98
C PRO G 324 20.40 -9.12 -8.44
N THR G 325 19.34 -9.01 -9.25
CA THR G 325 19.50 -8.67 -10.68
C THR G 325 20.05 -7.25 -10.80
N GLU G 326 19.47 -6.31 -10.06
CA GLU G 326 19.87 -4.90 -10.03
CA GLU G 326 19.89 -4.91 -10.03
C GLU G 326 21.32 -4.77 -9.48
N VAL G 327 21.65 -5.52 -8.42
CA VAL G 327 22.98 -5.49 -7.83
C VAL G 327 24.02 -6.08 -8.82
N THR G 328 23.68 -7.18 -9.49
CA THR G 328 24.57 -7.83 -10.45
C THR G 328 24.82 -6.94 -11.63
N ALA G 329 23.75 -6.26 -12.12
CA ALA G 329 23.82 -5.35 -13.26
C ALA G 329 24.82 -4.20 -13.06
N ILE G 330 24.79 -3.54 -11.90
CA ILE G 330 25.70 -2.42 -11.67
C ILE G 330 27.17 -2.91 -11.48
N GLY G 331 27.32 -4.09 -10.88
CA GLY G 331 28.63 -4.72 -10.70
C GLY G 331 29.23 -5.07 -12.04
N ALA G 332 28.40 -5.63 -12.94
CA ALA G 332 28.81 -6.04 -14.30
C ALA G 332 29.17 -4.83 -15.16
N VAL G 333 28.43 -3.73 -15.06
CA VAL G 333 28.72 -2.52 -15.84
C VAL G 333 30.02 -1.88 -15.31
N GLU G 334 30.22 -1.85 -13.98
CA GLU G 334 31.45 -1.33 -13.39
CA GLU G 334 31.45 -1.35 -13.38
C GLU G 334 32.66 -2.18 -13.88
N ALA G 335 32.52 -3.52 -13.88
CA ALA G 335 33.53 -4.46 -14.37
C ALA G 335 33.82 -4.25 -15.84
N ALA G 336 32.78 -4.04 -16.66
CA ALA G 336 32.94 -3.81 -18.10
C ALA G 336 33.75 -2.54 -18.38
N PHE G 337 33.49 -1.46 -17.64
CA PHE G 337 34.25 -0.20 -17.80
C PHE G 337 35.71 -0.38 -17.37
N LYS G 338 35.95 -1.16 -16.30
CA LYS G 338 37.30 -1.37 -15.80
C LYS G 338 38.24 -2.00 -16.84
N CYS G 339 37.73 -2.94 -17.64
CA CYS G 339 38.54 -3.62 -18.62
C CYS G 339 38.23 -3.29 -20.08
N CYS G 340 37.37 -2.30 -20.35
CA CYS G 340 36.90 -2.00 -21.70
C CYS G 340 36.31 -3.24 -22.38
N ALA G 341 35.42 -3.97 -21.68
CA ALA G 341 34.88 -5.22 -22.23
C ALA G 341 34.20 -4.99 -23.58
N ALA G 342 34.46 -5.90 -24.53
CA ALA G 342 33.84 -5.78 -25.86
C ALA G 342 32.30 -5.93 -25.72
N ALA G 343 31.87 -6.76 -24.76
CA ALA G 343 30.47 -7.04 -24.54
C ALA G 343 30.21 -7.55 -23.12
N ILE G 344 28.95 -7.44 -22.70
CA ILE G 344 28.37 -8.03 -21.52
C ILE G 344 27.37 -9.02 -22.11
N ILE G 345 27.59 -10.32 -21.92
CA ILE G 345 26.68 -11.34 -22.45
C ILE G 345 25.74 -11.73 -21.34
N VAL G 346 24.43 -11.53 -21.51
CA VAL G 346 23.46 -11.82 -20.47
C VAL G 346 22.42 -12.83 -20.92
N LEU G 347 22.08 -13.76 -20.04
CA LEU G 347 21.03 -14.71 -20.31
C LEU G 347 19.73 -14.11 -19.71
N THR G 348 18.66 -14.07 -20.53
CA THR G 348 17.41 -13.46 -20.13
C THR G 348 16.18 -14.14 -20.77
N THR G 349 15.15 -14.41 -19.97
CA THR G 349 13.94 -14.99 -20.54
C THR G 349 12.92 -13.90 -20.85
N THR G 350 12.80 -12.91 -19.96
CA THR G 350 11.84 -11.82 -20.16
C THR G 350 12.48 -10.55 -20.73
N GLY G 351 13.81 -10.45 -20.72
CA GLY G 351 14.50 -9.24 -21.13
C GLY G 351 14.94 -8.37 -19.97
N ARG G 352 14.40 -8.62 -18.77
CA ARG G 352 14.64 -7.74 -17.62
C ARG G 352 16.11 -7.59 -17.19
N SER G 353 16.89 -8.66 -17.19
CA SER G 353 18.31 -8.60 -16.82
C SER G 353 19.09 -7.75 -17.81
N ALA G 354 18.72 -7.77 -19.10
CA ALA G 354 19.35 -6.95 -20.11
C ALA G 354 18.96 -5.49 -19.93
N GLN G 355 17.70 -5.22 -19.58
CA GLN G 355 17.19 -3.87 -19.32
C GLN G 355 17.90 -3.23 -18.13
N LEU G 356 18.09 -3.96 -17.02
CA LEU G 356 18.78 -3.41 -15.87
C LEU G 356 20.25 -3.11 -16.19
N LEU G 357 20.89 -3.86 -17.10
CA LEU G 357 22.26 -3.59 -17.51
C LEU G 357 22.25 -2.29 -18.36
N SER G 358 21.31 -2.18 -19.29
CA SER G 358 21.12 -1.06 -20.20
C SER G 358 20.92 0.29 -19.50
N ARG G 359 20.22 0.28 -18.34
CA ARG G 359 19.96 1.52 -17.62
C ARG G 359 21.25 2.22 -17.10
N TYR G 360 22.36 1.45 -16.91
CA TYR G 360 23.63 2.05 -16.49
C TYR G 360 24.48 2.54 -17.65
N ARG G 361 23.98 2.43 -18.88
CA ARG G 361 24.62 2.91 -20.07
C ARG G 361 26.08 2.45 -20.24
N PRO G 362 26.31 1.13 -20.30
CA PRO G 362 27.67 0.66 -20.52
C PRO G 362 28.16 0.99 -21.91
N ARG G 363 29.47 1.18 -22.06
CA ARG G 363 30.06 1.32 -23.38
C ARG G 363 30.06 -0.05 -24.08
N ALA G 364 30.20 -1.15 -23.32
CA ALA G 364 30.18 -2.51 -23.87
C ALA G 364 28.80 -2.86 -24.43
N ALA G 365 28.74 -3.60 -25.52
CA ALA G 365 27.46 -4.06 -26.07
C ALA G 365 26.83 -5.06 -25.08
N VAL G 366 25.51 -5.01 -24.87
CA VAL G 366 24.83 -5.98 -24.06
C VAL G 366 24.26 -7.04 -25.00
N ILE G 367 24.92 -8.19 -25.11
CA ILE G 367 24.46 -9.27 -25.96
C ILE G 367 23.49 -10.11 -25.16
N ALA G 368 22.19 -10.05 -25.47
CA ALA G 368 21.19 -10.77 -24.70
C ALA G 368 20.82 -12.07 -25.40
N VAL G 369 21.04 -13.18 -24.76
CA VAL G 369 20.73 -14.48 -25.33
C VAL G 369 19.43 -15.00 -24.70
N THR G 370 18.41 -15.25 -25.53
CA THR G 370 17.13 -15.70 -25.03
C THR G 370 16.52 -16.73 -25.91
N ARG G 371 15.66 -17.57 -25.31
CA ARG G 371 14.84 -18.53 -26.03
C ARG G 371 13.45 -17.92 -26.37
N SER G 372 13.11 -16.76 -25.75
CA SER G 372 11.85 -16.09 -26.00
C SER G 372 11.99 -15.19 -27.22
N ALA G 373 11.26 -15.53 -28.29
CA ALA G 373 11.22 -14.73 -29.52
C ALA G 373 10.67 -13.34 -29.22
N GLN G 374 9.64 -13.26 -28.37
CA GLN G 374 9.06 -11.97 -28.01
C GLN G 374 10.03 -11.08 -27.23
N ALA G 375 10.77 -11.64 -26.24
CA ALA G 375 11.74 -10.87 -25.49
C ALA G 375 12.86 -10.37 -26.42
N ALA G 376 13.32 -11.23 -27.35
CA ALA G 376 14.36 -10.85 -28.30
C ALA G 376 13.92 -9.65 -29.13
N ARG G 377 12.64 -9.61 -29.52
CA ARG G 377 12.13 -8.47 -30.25
C ARG G 377 11.98 -7.22 -29.35
N GLN G 378 11.43 -7.40 -28.15
CA GLN G 378 11.15 -6.28 -27.25
C GLN G 378 12.38 -5.60 -26.63
N VAL G 379 13.51 -6.33 -26.50
CA VAL G 379 14.70 -5.71 -25.91
C VAL G 379 15.33 -4.68 -26.81
N HIS G 380 14.88 -4.56 -28.10
CA HIS G 380 15.33 -3.51 -29.00
C HIS G 380 14.93 -2.10 -28.41
N LEU G 381 13.96 -2.05 -27.48
CA LEU G 381 13.58 -0.79 -26.84
C LEU G 381 14.69 -0.25 -25.92
N CYS G 382 15.59 -1.12 -25.44
CA CYS G 382 16.65 -0.73 -24.51
C CYS G 382 17.94 -0.51 -25.23
N ARG G 383 18.49 0.71 -25.10
CA ARG G 383 19.75 1.05 -25.75
C ARG G 383 20.91 0.09 -25.40
N GLY G 384 21.60 -0.34 -26.43
CA GLY G 384 22.76 -1.18 -26.29
C GLY G 384 22.47 -2.65 -26.10
N VAL G 385 21.22 -3.07 -26.25
CA VAL G 385 20.88 -4.48 -26.12
C VAL G 385 20.76 -5.10 -27.50
N PHE G 386 21.59 -6.13 -27.77
CA PHE G 386 21.65 -6.84 -29.03
C PHE G 386 21.09 -8.21 -28.79
N PRO G 387 19.87 -8.47 -29.23
CA PRO G 387 19.25 -9.78 -28.94
C PRO G 387 19.67 -10.91 -29.86
N LEU G 388 19.87 -12.11 -29.29
CA LEU G 388 20.19 -13.30 -30.04
C LEU G 388 19.14 -14.31 -29.67
N LEU G 389 18.36 -14.78 -30.64
CA LEU G 389 17.37 -15.81 -30.39
C LEU G 389 17.98 -17.20 -30.47
N TYR G 390 17.92 -17.95 -29.37
CA TYR G 390 18.52 -19.27 -29.26
C TYR G 390 17.49 -20.36 -29.58
N ARG G 391 17.75 -21.13 -30.63
CA ARG G 391 16.83 -22.16 -31.09
C ARG G 391 17.35 -23.58 -30.97
N GLU G 392 18.47 -23.79 -30.29
CA GLU G 392 19.04 -25.11 -30.13
C GLU G 392 18.24 -25.98 -29.16
N PRO G 393 18.24 -27.31 -29.37
CA PRO G 393 17.58 -28.19 -28.41
C PRO G 393 18.26 -28.17 -27.03
N PRO G 394 17.47 -28.39 -25.96
CA PRO G 394 18.02 -28.29 -24.61
C PRO G 394 19.00 -29.39 -24.25
N GLU G 395 19.90 -29.05 -23.34
CA GLU G 395 20.85 -29.99 -22.79
C GLU G 395 20.21 -30.62 -21.54
N ALA G 396 20.64 -31.86 -21.21
CA ALA G 396 20.11 -32.56 -20.04
C ALA G 396 20.58 -31.85 -18.76
N ILE G 397 21.84 -31.41 -18.73
CA ILE G 397 22.42 -30.69 -17.60
C ILE G 397 22.25 -29.16 -17.79
N TRP G 398 21.55 -28.51 -16.86
CA TRP G 398 21.30 -27.08 -16.92
C TRP G 398 22.58 -26.25 -17.05
N ALA G 399 23.62 -26.54 -16.29
CA ALA G 399 24.89 -25.79 -16.37
C ALA G 399 25.48 -25.85 -17.76
N ASP G 400 25.35 -27.01 -18.44
CA ASP G 400 25.84 -27.17 -19.82
C ASP G 400 25.04 -26.37 -20.79
N ASP G 401 23.74 -26.27 -20.59
CA ASP G 401 22.83 -25.48 -21.38
C ASP G 401 23.13 -23.95 -21.24
N VAL G 402 23.50 -23.53 -20.03
CA VAL G 402 23.88 -22.16 -19.75
C VAL G 402 25.20 -21.85 -20.48
N ASP G 403 26.19 -22.77 -20.43
CA ASP G 403 27.47 -22.57 -21.11
C ASP G 403 27.31 -22.53 -22.61
N ARG G 404 26.42 -23.37 -23.15
CA ARG G 404 26.14 -23.41 -24.57
C ARG G 404 25.52 -22.10 -25.04
N ARG G 405 24.64 -21.48 -24.22
CA ARG G 405 24.02 -20.22 -24.59
C ARG G 405 25.01 -19.09 -24.53
N VAL G 406 25.87 -19.05 -23.48
CA VAL G 406 26.93 -18.05 -23.35
C VAL G 406 27.88 -18.13 -24.59
N GLN G 407 28.25 -19.33 -25.00
CA GLN G 407 29.14 -19.57 -26.12
C GLN G 407 28.50 -19.19 -27.44
N PHE G 408 27.17 -19.35 -27.58
CA PHE G 408 26.38 -18.89 -28.72
C PHE G 408 26.45 -17.35 -28.82
N GLY G 409 26.51 -16.66 -27.68
CA GLY G 409 26.65 -15.22 -27.68
C GLY G 409 28.02 -14.83 -28.18
N ILE G 410 29.06 -15.52 -27.68
CA ILE G 410 30.45 -15.30 -28.10
C ILE G 410 30.62 -15.55 -29.60
N GLU G 411 30.17 -16.74 -30.10
CA GLU G 411 30.22 -17.14 -31.50
C GLU G 411 29.48 -16.17 -32.43
N SER G 412 28.25 -15.73 -32.05
CA SER G 412 27.50 -14.73 -32.83
C SER G 412 28.31 -13.42 -32.86
N GLY G 413 28.83 -13.00 -31.70
CA GLY G 413 29.60 -11.78 -31.58
C GLY G 413 30.84 -11.79 -32.44
N LYS G 414 31.55 -12.93 -32.50
CA LYS G 414 32.72 -13.10 -33.35
C LYS G 414 32.32 -13.00 -34.81
N LEU G 415 31.25 -13.68 -35.22
CA LEU G 415 30.78 -13.64 -36.61
C LEU G 415 30.38 -12.22 -37.07
N ARG G 416 29.63 -11.48 -36.24
CA ARG G 416 29.16 -10.12 -36.52
C ARG G 416 30.25 -9.04 -36.36
N GLY G 417 31.39 -9.34 -35.74
CA GLY G 417 32.43 -8.33 -35.54
C GLY G 417 32.49 -7.67 -34.17
N PHE G 418 31.57 -8.00 -33.24
CA PHE G 418 31.58 -7.46 -31.88
C PHE G 418 32.85 -7.91 -31.10
N LEU G 419 33.28 -9.20 -31.27
CA LEU G 419 34.35 -9.79 -30.48
C LEU G 419 35.46 -10.40 -31.30
N ARG G 420 36.65 -10.46 -30.70
CA ARG G 420 37.85 -11.05 -31.25
C ARG G 420 38.50 -11.90 -30.13
N VAL G 421 39.35 -12.86 -30.52
CA VAL G 421 40.11 -13.68 -29.58
C VAL G 421 41.03 -12.75 -28.76
N GLY G 422 41.05 -12.93 -27.45
CA GLY G 422 41.83 -12.06 -26.59
C GLY G 422 41.00 -10.97 -25.92
N ASP G 423 39.76 -10.73 -26.39
CA ASP G 423 38.89 -9.74 -25.75
C ASP G 423 38.41 -10.25 -24.36
N LEU G 424 38.00 -9.33 -23.51
CA LEU G 424 37.37 -9.67 -22.24
C LEU G 424 35.87 -9.38 -22.38
N VAL G 425 35.04 -10.29 -21.89
CA VAL G 425 33.59 -10.12 -21.87
C VAL G 425 33.13 -10.38 -20.45
N ILE G 426 32.06 -9.72 -20.05
CA ILE G 426 31.45 -9.92 -18.76
C ILE G 426 30.25 -10.83 -19.04
N VAL G 427 30.05 -11.90 -18.29
CA VAL G 427 28.93 -12.80 -18.51
C VAL G 427 27.99 -12.70 -17.33
N VAL G 428 26.70 -12.48 -17.58
CA VAL G 428 25.71 -12.33 -16.52
C VAL G 428 24.70 -13.42 -16.60
N THR G 429 24.59 -14.21 -15.51
CA THR G 429 23.67 -15.34 -15.41
C THR G 429 23.01 -15.37 -13.98
N GLY G 430 22.18 -16.38 -13.74
CA GLY G 430 21.57 -16.60 -12.45
C GLY G 430 21.98 -17.95 -11.91
N TRP G 431 21.61 -18.23 -10.66
CA TRP G 431 22.01 -19.46 -9.98
C TRP G 431 21.17 -20.70 -10.23
N ARG G 432 20.01 -20.55 -10.83
CA ARG G 432 19.10 -21.67 -11.11
C ARG G 432 18.21 -21.25 -12.29
N PRO G 433 17.54 -22.21 -12.98
CA PRO G 433 16.71 -21.83 -14.13
C PRO G 433 15.49 -21.02 -13.73
N GLY G 434 14.91 -20.37 -14.72
CA GLY G 434 13.75 -19.53 -14.55
C GLY G 434 14.13 -18.07 -14.48
N SER G 435 13.23 -17.22 -14.91
CA SER G 435 13.37 -15.79 -14.83
C SER G 435 13.40 -15.36 -13.35
N GLY G 436 14.05 -14.24 -13.06
CA GLY G 436 14.10 -13.63 -11.75
C GLY G 436 15.26 -13.95 -10.83
N TYR G 437 16.20 -14.80 -11.25
CA TYR G 437 17.29 -15.20 -10.37
C TYR G 437 18.67 -14.78 -10.82
N THR G 438 18.81 -13.79 -11.71
CA THR G 438 20.13 -13.27 -12.10
C THR G 438 20.94 -12.84 -10.88
N ASN G 439 22.14 -13.36 -10.70
CA ASN G 439 22.94 -13.03 -9.51
C ASN G 439 24.45 -13.27 -9.69
N ILE G 440 24.88 -13.62 -10.92
CA ILE G 440 26.28 -13.93 -11.16
C ILE G 440 26.86 -13.03 -12.25
N MET G 441 28.10 -12.63 -12.06
CA MET G 441 28.83 -11.84 -13.03
C MET G 441 30.20 -12.55 -13.16
N ARG G 442 30.64 -12.86 -14.37
CA ARG G 442 31.91 -13.53 -14.58
C ARG G 442 32.74 -12.77 -15.58
N VAL G 443 34.05 -12.81 -15.44
CA VAL G 443 34.97 -12.19 -16.38
C VAL G 443 35.54 -13.32 -17.24
N LEU G 444 35.26 -13.32 -18.52
CA LEU G 444 35.68 -14.34 -19.43
C LEU G 444 36.63 -13.79 -20.49
N SER G 445 37.69 -14.52 -20.78
CA SER G 445 38.61 -14.15 -21.84
C SER G 445 38.19 -14.91 -23.08
N ILE G 446 38.06 -14.24 -24.22
CA ILE G 446 37.63 -14.87 -25.46
C ILE G 446 38.73 -15.73 -26.09
N SER G 447 38.45 -16.99 -26.30
CA SER G 447 39.41 -17.91 -26.90
C SER G 447 38.98 -18.33 -28.30
N GLY H 23 14.94 -0.77 7.81
CA GLY H 23 14.50 0.09 8.89
C GLY H 23 15.25 1.41 9.01
N THR H 24 14.63 2.38 9.70
CA THR H 24 15.22 3.69 9.92
C THR H 24 16.46 3.59 10.84
N ALA H 25 16.40 2.70 11.84
CA ALA H 25 17.50 2.51 12.78
C ALA H 25 18.77 2.09 12.05
N PHE H 26 18.66 1.24 11.00
CA PHE H 26 19.80 0.80 10.21
C PHE H 26 20.54 2.00 9.60
N PHE H 27 19.78 2.95 9.05
CA PHE H 27 20.36 4.13 8.41
C PHE H 27 20.82 5.23 9.38
N GLN H 28 20.56 5.09 10.68
CA GLN H 28 21.05 6.05 11.66
C GLN H 28 22.44 5.63 12.21
N GLN H 29 22.73 4.31 12.22
CA GLN H 29 23.99 3.74 12.67
C GLN H 29 25.11 3.91 11.62
N GLN H 30 26.37 3.58 12.03
CA GLN H 30 27.61 3.59 11.26
C GLN H 30 27.78 4.82 10.35
N GLN H 31 27.40 6.00 10.87
CA GLN H 31 27.50 7.29 10.19
C GLN H 31 26.87 7.29 8.80
N LEU H 32 25.76 6.52 8.61
CA LEU H 32 25.11 6.45 7.30
C LEU H 32 24.54 7.80 6.85
N PRO H 33 23.97 8.66 7.73
CA PRO H 33 23.58 10.01 7.28
C PRO H 33 24.78 10.80 6.71
N ALA H 34 25.97 10.72 7.38
CA ALA H 34 27.19 11.40 6.90
C ALA H 34 27.72 10.75 5.61
N ALA H 35 27.51 9.45 5.45
CA ALA H 35 27.94 8.72 4.27
C ALA H 35 27.13 9.10 3.03
N MET H 36 25.87 9.49 3.21
CA MET H 36 25.01 9.90 2.09
C MET H 36 25.21 11.36 1.64
N ALA H 37 26.06 12.15 2.35
CA ALA H 37 26.27 13.55 2.02
C ALA H 37 26.87 13.77 0.63
N ASP H 38 26.52 14.90 0.00
CA ASP H 38 26.96 15.21 -1.36
C ASP H 38 28.31 15.90 -1.40
N THR H 39 28.77 16.47 -0.28
CA THR H 39 30.09 17.07 -0.20
C THR H 39 30.80 16.56 1.05
N PHE H 40 32.14 16.65 1.07
CA PHE H 40 32.94 16.29 2.23
C PHE H 40 32.62 17.21 3.42
N LEU H 41 32.38 18.49 3.16
CA LEU H 41 32.03 19.45 4.21
C LEU H 41 30.71 19.06 4.86
N GLU H 42 29.70 18.68 4.06
CA GLU H 42 28.41 18.25 4.58
C GLU H 42 28.54 16.92 5.33
N HIS H 43 29.45 16.04 4.87
CA HIS H 43 29.77 14.75 5.47
C HIS H 43 30.27 15.01 6.89
N LEU H 44 31.20 15.98 7.06
CA LEU H 44 31.71 16.33 8.38
C LEU H 44 30.60 16.85 9.27
N CYS H 45 29.76 17.74 8.74
CA CYS H 45 28.65 18.33 9.49
C CYS H 45 27.65 17.29 9.99
N LEU H 46 27.51 16.17 9.27
CA LEU H 46 26.58 15.11 9.62
C LEU H 46 27.14 14.02 10.56
N LEU H 47 28.44 14.12 10.95
CA LEU H 47 29.04 13.14 11.86
C LEU H 47 28.35 13.22 13.20
N ASP H 48 27.95 12.07 13.73
CA ASP H 48 27.14 12.01 14.95
C ASP H 48 27.80 11.13 15.97
N ILE H 49 28.10 11.65 17.16
CA ILE H 49 28.68 10.83 18.23
C ILE H 49 27.71 9.74 18.71
N ASP H 50 26.40 9.88 18.46
CA ASP H 50 25.40 8.88 18.83
C ASP H 50 25.15 7.83 17.75
N SER H 51 25.79 7.97 16.59
CA SER H 51 25.66 7.00 15.52
C SER H 51 26.70 5.91 15.81
N GLU H 52 26.25 4.76 16.34
CA GLU H 52 27.13 3.69 16.75
C GLU H 52 27.72 2.87 15.61
N PRO H 53 29.03 2.55 15.69
CA PRO H 53 29.62 1.71 14.65
C PRO H 53 29.08 0.26 14.74
N VAL H 54 28.81 -0.37 13.62
CA VAL H 54 28.24 -1.72 13.58
C VAL H 54 29.20 -2.70 12.88
N ALA H 55 29.91 -2.21 11.86
CA ALA H 55 30.85 -3.04 11.12
C ALA H 55 32.04 -3.47 12.01
N ALA H 56 32.63 -4.60 11.66
CA ALA H 56 33.80 -5.10 12.34
C ALA H 56 34.98 -4.17 12.04
N ARG H 57 35.90 -4.02 13.01
CA ARG H 57 37.07 -3.17 12.86
C ARG H 57 37.97 -3.69 11.76
N SER H 58 38.21 -2.88 10.75
CA SER H 58 38.94 -3.30 9.59
C SER H 58 40.45 -2.94 9.55
N THR H 59 40.90 -1.93 10.29
CA THR H 59 42.33 -1.57 10.33
C THR H 59 43.03 -2.51 11.30
N SER H 60 44.05 -3.24 10.84
CA SER H 60 44.74 -4.20 11.73
C SER H 60 45.59 -3.52 12.75
N ILE H 61 45.72 -4.16 13.92
CA ILE H 61 46.54 -3.67 15.01
C ILE H 61 47.79 -4.53 15.09
N ILE H 62 48.95 -3.88 15.00
CA ILE H 62 50.22 -4.56 15.15
C ILE H 62 50.68 -4.25 16.56
N ALA H 63 50.95 -5.27 17.39
CA ALA H 63 51.42 -5.06 18.75
C ALA H 63 52.82 -5.60 18.87
N THR H 64 53.74 -4.78 19.40
CA THR H 64 55.12 -5.20 19.61
C THR H 64 55.18 -6.07 20.85
N ILE H 65 55.79 -7.25 20.74
CA ILE H 65 55.88 -8.22 21.84
C ILE H 65 57.13 -7.93 22.63
N GLY H 66 56.98 -7.88 23.94
CA GLY H 66 58.08 -7.66 24.86
C GLY H 66 57.75 -8.19 26.25
N PRO H 67 58.52 -7.75 27.27
CA PRO H 67 58.28 -8.24 28.64
C PRO H 67 56.87 -8.07 29.19
N ALA H 68 56.15 -7.05 28.77
CA ALA H 68 54.77 -6.80 29.21
C ALA H 68 53.71 -7.66 28.47
N SER H 69 54.10 -8.31 27.37
CA SER H 69 53.14 -9.02 26.55
C SER H 69 53.65 -10.38 26.05
N ARG H 70 54.54 -11.01 26.81
CA ARG H 70 55.11 -12.29 26.37
C ARG H 70 54.41 -13.53 26.90
N SER H 71 53.71 -13.43 28.04
CA SER H 71 53.08 -14.61 28.59
C SER H 71 51.96 -15.12 27.70
N VAL H 72 51.82 -16.44 27.58
CA VAL H 72 50.78 -17.08 26.80
C VAL H 72 49.37 -16.59 27.21
N GLU H 73 49.15 -16.40 28.51
CA GLU H 73 47.86 -15.91 29.03
C GLU H 73 47.59 -14.47 28.66
N ARG H 74 48.62 -13.63 28.69
CA ARG H 74 48.51 -12.22 28.33
C ARG H 74 48.27 -12.12 26.81
N LEU H 75 48.98 -12.93 26.01
CA LEU H 75 48.84 -12.99 24.57
C LEU H 75 47.42 -13.42 24.16
N LYS H 76 46.78 -14.31 24.93
CA LYS H 76 45.40 -14.71 24.64
C LYS H 76 44.48 -13.53 24.84
N GLU H 77 44.70 -12.75 25.90
CA GLU H 77 43.89 -11.55 26.14
C GLU H 77 44.08 -10.51 25.02
N MET H 78 45.31 -10.37 24.50
CA MET H 78 45.62 -9.44 23.43
CA MET H 78 45.62 -9.43 23.43
C MET H 78 45.00 -9.85 22.10
N ILE H 79 44.87 -11.17 21.85
CA ILE H 79 44.24 -11.68 20.65
C ILE H 79 42.76 -11.36 20.74
N LYS H 80 42.15 -11.59 21.92
CA LYS H 80 40.73 -11.26 22.15
C LYS H 80 40.45 -9.76 22.04
N ALA H 81 41.40 -8.91 22.50
CA ALA H 81 41.27 -7.43 22.44
C ALA H 81 41.39 -6.90 21.01
N GLY H 82 42.00 -7.69 20.09
CA GLY H 82 42.12 -7.28 18.71
C GLY H 82 43.48 -7.30 18.04
N MET H 83 44.54 -7.82 18.68
CA MET H 83 45.86 -7.88 18.05
C MET H 83 45.81 -8.81 16.84
N ASN H 84 46.31 -8.32 15.70
CA ASN H 84 46.32 -9.12 14.47
C ASN H 84 47.71 -9.53 14.06
N ILE H 85 48.71 -8.69 14.35
CA ILE H 85 50.10 -8.94 13.99
C ILE H 85 50.98 -8.74 15.23
N ALA H 86 51.86 -9.70 15.49
CA ALA H 86 52.79 -9.63 16.60
C ALA H 86 54.15 -9.19 16.02
N ARG H 87 54.67 -8.07 16.49
CA ARG H 87 55.93 -7.55 16.01
C ARG H 87 57.08 -7.93 16.96
N LEU H 88 58.14 -8.50 16.41
CA LEU H 88 59.34 -8.84 17.17
C LEU H 88 60.40 -7.83 16.79
N ASN H 89 60.76 -6.94 17.71
CA ASN H 89 61.74 -5.91 17.44
C ASN H 89 63.15 -6.48 17.64
N PHE H 90 63.86 -6.77 16.53
CA PHE H 90 65.21 -7.33 16.61
C PHE H 90 66.29 -6.33 17.00
N SER H 91 65.90 -5.09 17.39
CA SER H 91 66.82 -4.12 17.95
C SER H 91 67.14 -4.46 19.43
N HIS H 92 66.29 -5.28 20.09
CA HIS H 92 66.42 -5.72 21.46
C HIS H 92 66.28 -7.24 21.52
N GLY H 93 67.02 -7.87 22.41
CA GLY H 93 66.89 -9.30 22.65
C GLY H 93 67.71 -10.17 21.73
N SER H 94 67.92 -11.39 22.16
CA SER H 94 68.69 -12.38 21.40
C SER H 94 67.76 -13.25 20.54
N HIS H 95 68.33 -14.11 19.70
CA HIS H 95 67.56 -15.06 18.89
C HIS H 95 66.77 -16.00 19.80
N GLU H 96 67.34 -16.40 20.94
CA GLU H 96 66.69 -17.27 21.92
C GLU H 96 65.46 -16.57 22.49
N TYR H 97 65.59 -15.26 22.77
CA TYR H 97 64.48 -14.48 23.31
C TYR H 97 63.32 -14.41 22.25
N HIS H 98 63.67 -14.13 21.00
CA HIS H 98 62.65 -14.03 19.94
C HIS H 98 62.01 -15.37 19.58
N ALA H 99 62.77 -16.47 19.64
CA ALA H 99 62.22 -17.81 19.41
C ALA H 99 61.19 -18.15 20.49
N GLU H 100 61.44 -17.72 21.75
CA GLU H 100 60.52 -17.94 22.86
C GLU H 100 59.24 -17.13 22.65
N SER H 101 59.38 -15.88 22.16
CA SER H 101 58.27 -14.97 21.87
C SER H 101 57.37 -15.62 20.81
N ILE H 102 57.99 -16.12 19.70
CA ILE H 102 57.31 -16.77 18.62
C ILE H 102 56.52 -17.98 19.12
N ALA H 103 57.16 -18.80 19.96
CA ALA H 103 56.53 -20.00 20.50
C ALA H 103 55.34 -19.64 21.39
N ASN H 104 55.44 -18.55 22.17
CA ASN H 104 54.34 -18.12 23.04
C ASN H 104 53.19 -17.58 22.24
N VAL H 105 53.49 -16.82 21.16
CA VAL H 105 52.45 -16.30 20.27
C VAL H 105 51.68 -17.48 19.66
N ARG H 106 52.40 -18.40 19.01
CA ARG H 106 51.82 -19.58 18.41
C ARG H 106 51.00 -20.43 19.41
N GLU H 107 51.47 -20.57 20.66
CA GLU H 107 50.73 -21.31 21.66
C GLU H 107 49.42 -20.61 22.00
N ALA H 108 49.44 -19.26 22.18
CA ALA H 108 48.23 -18.49 22.43
C ALA H 108 47.25 -18.52 21.25
N VAL H 109 47.77 -18.36 20.03
CA VAL H 109 46.96 -18.40 18.83
C VAL H 109 46.32 -19.79 18.66
N GLU H 110 47.08 -20.89 18.85
CA GLU H 110 46.55 -22.25 18.67
C GLU H 110 45.63 -22.72 19.79
N SER H 111 45.61 -22.02 20.93
CA SER H 111 44.70 -22.37 22.03
C SER H 111 43.23 -22.18 21.64
N PHE H 112 42.95 -21.45 20.57
CA PHE H 112 41.59 -21.25 20.09
C PHE H 112 41.27 -22.12 18.86
N ALA H 113 42.24 -22.87 18.32
CA ALA H 113 42.10 -23.74 17.14
C ALA H 113 40.98 -24.81 17.27
N GLY H 114 40.68 -25.20 18.51
CA GLY H 114 39.63 -26.15 18.82
C GLY H 114 38.23 -25.70 18.46
N SER H 115 38.04 -24.40 18.22
CA SER H 115 36.77 -23.81 17.76
C SER H 115 37.06 -23.11 16.41
N PRO H 116 37.02 -23.84 15.30
CA PRO H 116 37.45 -23.28 14.00
C PRO H 116 36.67 -22.07 13.45
N LEU H 117 35.40 -21.94 13.83
CA LEU H 117 34.55 -20.84 13.41
C LEU H 117 34.94 -19.51 14.07
N SER H 118 35.70 -19.54 15.16
CA SER H 118 36.10 -18.30 15.84
C SER H 118 37.65 -18.13 15.96
N TYR H 119 38.42 -19.09 15.44
CA TYR H 119 39.88 -19.04 15.42
C TYR H 119 40.38 -17.78 14.70
N ARG H 120 41.31 -17.07 15.32
CA ARG H 120 41.88 -15.86 14.72
C ARG H 120 43.35 -16.07 14.34
N PRO H 121 43.73 -16.07 13.06
CA PRO H 121 45.15 -16.17 12.73
C PRO H 121 45.89 -14.91 13.21
N VAL H 122 47.14 -15.01 13.64
CA VAL H 122 47.92 -13.83 14.05
C VAL H 122 49.25 -13.88 13.33
N ALA H 123 49.60 -12.84 12.56
CA ALA H 123 50.86 -12.86 11.81
C ALA H 123 52.03 -12.55 12.73
N ILE H 124 53.23 -12.99 12.34
CA ILE H 124 54.44 -12.73 13.10
C ILE H 124 55.37 -11.96 12.19
N ALA H 125 55.68 -10.72 12.59
CA ALA H 125 56.53 -9.85 11.82
C ALA H 125 57.87 -9.65 12.52
N LEU H 126 58.97 -9.72 11.76
CA LEU H 126 60.29 -9.51 12.29
C LEU H 126 60.73 -8.09 11.90
N ASP H 127 60.96 -7.22 12.86
CA ASP H 127 61.40 -5.85 12.58
C ASP H 127 62.94 -5.86 12.71
N THR H 128 63.66 -5.59 11.63
CA THR H 128 65.12 -5.67 11.65
C THR H 128 65.79 -4.52 12.43
N LYS H 129 67.03 -4.75 12.89
CA LYS H 129 67.82 -3.79 13.64
C LYS H 129 68.20 -2.62 12.74
N GLY H 130 68.59 -2.91 11.51
CA GLY H 130 68.92 -1.87 10.55
C GLY H 130 70.37 -1.84 10.13
N PRO H 131 70.67 -0.96 9.13
CA PRO H 131 72.04 -0.88 8.61
C PRO H 131 73.04 -0.14 9.49
N GLY H 132 72.54 0.72 10.39
CA GLY H 132 73.39 1.51 11.26
C GLY H 132 74.24 2.48 10.45
N SER H 133 75.54 2.54 10.75
CA SER H 133 76.49 3.39 10.04
C SER H 133 76.88 2.87 8.64
N GLY H 134 76.70 1.58 8.41
CA GLY H 134 77.04 0.96 7.14
C GLY H 134 76.15 1.33 5.97
N PRO H 135 76.65 1.06 4.75
CA PRO H 135 75.89 1.42 3.55
C PRO H 135 74.68 0.52 3.23
N GLY H 136 74.84 -0.79 3.39
CA GLY H 136 73.78 -1.74 3.07
C GLY H 136 73.43 -2.67 4.20
N LEU H 137 73.16 -3.94 3.85
CA LEU H 137 72.74 -4.95 4.81
C LEU H 137 73.85 -5.34 5.77
N SER H 138 73.60 -5.15 7.06
CA SER H 138 74.57 -5.50 8.09
C SER H 138 74.65 -7.01 8.25
N GLU H 139 75.73 -7.50 8.87
CA GLU H 139 75.88 -8.93 9.11
C GLU H 139 74.88 -9.44 10.13
N GLN H 140 74.47 -8.61 11.09
CA GLN H 140 73.46 -9.01 12.06
C GLN H 140 72.09 -9.12 11.37
N ASP H 141 71.80 -8.25 10.39
CA ASP H 141 70.54 -8.34 9.67
C ASP H 141 70.50 -9.62 8.85
N VAL H 142 71.63 -10.03 8.22
CA VAL H 142 71.67 -11.30 7.49
C VAL H 142 71.36 -12.49 8.41
N ARG H 143 71.94 -12.49 9.60
CA ARG H 143 71.70 -13.55 10.58
C ARG H 143 70.25 -13.55 11.07
N ASP H 144 69.71 -12.36 11.38
CA ASP H 144 68.33 -12.21 11.85
C ASP H 144 67.31 -12.59 10.78
N LEU H 145 67.58 -12.25 9.50
CA LEU H 145 66.70 -12.62 8.40
C LEU H 145 66.70 -14.14 8.20
N ARG H 146 67.89 -14.78 8.35
CA ARG H 146 68.00 -16.23 8.26
C ARG H 146 67.18 -16.88 9.40
N PHE H 147 67.23 -16.29 10.61
CA PHE H 147 66.45 -16.75 11.75
C PHE H 147 64.94 -16.69 11.42
N GLY H 148 64.51 -15.60 10.80
CA GLY H 148 63.12 -15.40 10.44
C GLY H 148 62.60 -16.46 9.49
N VAL H 149 63.40 -16.78 8.48
CA VAL H 149 63.05 -17.84 7.54
C VAL H 149 62.95 -19.20 8.26
N GLU H 150 63.95 -19.51 9.11
CA GLU H 150 63.98 -20.75 9.87
C GLU H 150 62.84 -20.88 10.86
N HIS H 151 62.31 -19.76 11.37
CA HIS H 151 61.20 -19.78 12.31
C HIS H 151 59.85 -19.48 11.67
N GLY H 152 59.79 -19.44 10.33
CA GLY H 152 58.56 -19.20 9.58
C GLY H 152 57.84 -17.87 9.84
N VAL H 153 58.59 -16.75 9.92
CA VAL H 153 57.93 -15.46 10.10
C VAL H 153 57.16 -15.10 8.82
N ASP H 154 56.09 -14.33 8.96
CA ASP H 154 55.25 -13.99 7.81
C ASP H 154 55.68 -12.74 7.12
N ILE H 155 56.17 -11.77 7.88
CA ILE H 155 56.49 -10.45 7.40
C ILE H 155 57.86 -10.01 7.93
N VAL H 156 58.53 -9.17 7.15
CA VAL H 156 59.75 -8.53 7.58
C VAL H 156 59.46 -7.01 7.51
N PHE H 157 59.67 -6.28 8.61
CA PHE H 157 59.59 -4.83 8.60
C PHE H 157 61.05 -4.44 8.43
N ALA H 158 61.47 -4.12 7.21
CA ALA H 158 62.88 -3.79 6.95
C ALA H 158 63.22 -2.36 7.35
N SER H 159 64.06 -2.20 8.39
CA SER H 159 64.45 -0.89 8.87
C SER H 159 65.33 -0.10 7.91
N PHE H 160 65.16 1.22 7.94
CA PHE H 160 65.92 2.20 7.19
C PHE H 160 66.11 1.87 5.70
N VAL H 161 65.01 1.60 4.99
CA VAL H 161 65.11 1.32 3.55
C VAL H 161 65.28 2.67 2.87
N ARG H 162 66.34 2.82 2.07
CA ARG H 162 66.65 4.09 1.40
C ARG H 162 66.56 4.02 -0.13
N LYS H 163 66.55 2.81 -0.70
CA LYS H 163 66.51 2.63 -2.14
C LYS H 163 66.06 1.20 -2.49
N ALA H 164 65.72 0.95 -3.74
CA ALA H 164 65.28 -0.37 -4.20
C ALA H 164 66.32 -1.48 -3.95
N SER H 165 67.64 -1.15 -4.04
CA SER H 165 68.66 -2.17 -3.82
C SER H 165 68.70 -2.66 -2.35
N ASP H 166 68.23 -1.85 -1.39
CA ASP H 166 68.11 -2.25 0.01
C ASP H 166 67.05 -3.37 0.13
N VAL H 167 65.94 -3.25 -0.62
CA VAL H 167 64.87 -4.25 -0.62
C VAL H 167 65.37 -5.55 -1.27
N ALA H 168 66.15 -5.43 -2.35
CA ALA H 168 66.72 -6.58 -3.07
C ALA H 168 67.68 -7.34 -2.18
N ALA H 169 68.47 -6.63 -1.35
CA ALA H 169 69.40 -7.26 -0.39
C ALA H 169 68.63 -8.03 0.70
N VAL H 170 67.50 -7.48 1.20
CA VAL H 170 66.68 -8.18 2.19
C VAL H 170 66.07 -9.44 1.55
N ARG H 171 65.60 -9.32 0.31
N ARG H 171 65.59 -9.32 0.31
CA ARG H 171 65.00 -10.43 -0.43
CA ARG H 171 65.00 -10.44 -0.41
C ARG H 171 66.03 -11.55 -0.63
C ARG H 171 66.04 -11.56 -0.63
N ALA H 172 67.27 -11.19 -1.02
CA ALA H 172 68.34 -12.17 -1.23
C ALA H 172 68.73 -12.86 0.09
N ALA H 173 68.79 -12.10 1.22
CA ALA H 173 69.11 -12.68 2.54
C ALA H 173 68.04 -13.66 3.04
N LEU H 174 66.81 -13.51 2.57
CA LEU H 174 65.75 -14.45 2.93
C LEU H 174 65.90 -15.78 2.16
N GLY H 175 66.62 -15.78 1.04
CA GLY H 175 66.91 -16.98 0.27
C GLY H 175 65.72 -17.58 -0.49
N PRO H 176 65.92 -18.79 -1.03
CA PRO H 176 64.82 -19.41 -1.79
C PRO H 176 63.67 -19.91 -0.91
N GLU H 177 63.94 -20.25 0.36
CA GLU H 177 62.86 -20.71 1.24
C GLU H 177 62.01 -19.50 1.80
N GLY H 178 62.52 -18.27 1.69
CA GLY H 178 61.81 -17.09 2.16
C GLY H 178 61.14 -16.25 1.09
N HIS H 179 60.81 -16.86 -0.07
CA HIS H 179 60.16 -16.17 -1.19
CA HIS H 179 60.14 -16.20 -1.20
C HIS H 179 58.73 -15.67 -0.84
N GLY H 180 58.05 -16.37 0.08
CA GLY H 180 56.70 -16.04 0.49
C GLY H 180 56.55 -14.99 1.57
N ILE H 181 57.64 -14.62 2.22
CA ILE H 181 57.62 -13.62 3.28
C ILE H 181 57.38 -12.23 2.68
N LYS H 182 56.46 -11.46 3.28
CA LYS H 182 56.18 -10.10 2.80
C LYS H 182 57.21 -9.14 3.33
N ILE H 183 57.75 -8.28 2.47
CA ILE H 183 58.72 -7.28 2.89
C ILE H 183 58.05 -5.93 2.96
N ILE H 184 57.89 -5.38 4.15
CA ILE H 184 57.31 -4.06 4.38
C ILE H 184 58.47 -3.13 4.63
N SER H 185 58.72 -2.20 3.72
CA SER H 185 59.84 -1.28 3.86
C SER H 185 59.54 -0.13 4.80
N LYS H 186 60.38 0.04 5.82
CA LYS H 186 60.23 1.13 6.76
C LYS H 186 60.94 2.38 6.20
N ILE H 187 60.18 3.47 6.06
CA ILE H 187 60.71 4.73 5.57
C ILE H 187 60.98 5.54 6.78
N GLU H 188 62.26 5.77 7.09
CA GLU H 188 62.66 6.45 8.33
C GLU H 188 63.57 7.65 8.14
N ASN H 189 63.86 8.05 6.89
CA ASN H 189 64.76 9.19 6.68
C ASN H 189 64.43 9.95 5.40
N HIS H 190 65.13 11.08 5.15
CA HIS H 190 64.90 11.90 3.98
C HIS H 190 65.05 11.11 2.68
N GLU H 191 66.12 10.31 2.53
CA GLU H 191 66.34 9.56 1.29
C GLU H 191 65.21 8.57 0.97
N GLY H 192 64.73 7.87 1.99
CA GLY H 192 63.62 6.93 1.84
C GLY H 192 62.36 7.61 1.32
N VAL H 193 62.07 8.87 1.83
CA VAL H 193 60.94 9.67 1.36
C VAL H 193 61.15 10.11 -0.08
N LYS H 194 62.36 10.54 -0.43
CA LYS H 194 62.64 10.99 -1.80
C LYS H 194 62.66 9.87 -2.83
N ARG H 195 63.15 8.71 -2.46
CA ARG H 195 63.17 7.55 -3.33
C ARG H 195 62.01 6.60 -3.08
N PHE H 196 60.91 7.11 -2.48
CA PHE H 196 59.69 6.37 -2.16
C PHE H 196 59.14 5.50 -3.29
N ASP H 197 58.92 6.08 -4.47
CA ASP H 197 58.32 5.35 -5.58
C ASP H 197 59.11 4.12 -5.98
N GLU H 198 60.45 4.25 -6.04
CA GLU H 198 61.30 3.12 -6.41
C GLU H 198 61.28 2.03 -5.32
N ILE H 199 61.15 2.43 -4.04
CA ILE H 199 61.08 1.51 -2.92
C ILE H 199 59.72 0.77 -2.93
N LEU H 200 58.62 1.52 -3.06
CA LEU H 200 57.27 0.95 -3.08
C LEU H 200 57.12 -0.06 -4.22
N GLU H 201 57.67 0.25 -5.39
CA GLU H 201 57.59 -0.61 -6.56
C GLU H 201 58.07 -2.03 -6.30
N VAL H 202 59.19 -2.19 -5.57
CA VAL H 202 59.77 -3.52 -5.27
C VAL H 202 59.39 -4.08 -3.91
N SER H 203 58.65 -3.35 -3.09
CA SER H 203 58.27 -3.80 -1.75
C SER H 203 56.84 -4.33 -1.77
N ASP H 204 56.48 -5.10 -0.77
CA ASP H 204 55.10 -5.55 -0.62
C ASP H 204 54.21 -4.48 0.04
N GLY H 205 54.84 -3.56 0.76
CA GLY H 205 54.15 -2.49 1.47
C GLY H 205 55.14 -1.58 2.16
N ILE H 206 54.59 -0.63 2.94
CA ILE H 206 55.41 0.38 3.57
C ILE H 206 55.01 0.60 5.02
N MET H 207 55.99 0.98 5.83
CA MET H 207 55.72 1.40 7.19
C MET H 207 56.24 2.83 7.33
N VAL H 208 55.37 3.75 7.79
CA VAL H 208 55.73 5.14 8.06
C VAL H 208 56.30 5.06 9.47
N ALA H 209 57.62 4.92 9.57
CA ALA H 209 58.31 4.77 10.84
C ALA H 209 58.61 6.16 11.39
N ARG H 210 57.60 6.77 12.05
CA ARG H 210 57.61 8.15 12.52
C ARG H 210 58.65 8.49 13.59
N GLY H 211 59.08 7.50 14.38
CA GLY H 211 60.11 7.72 15.40
C GLY H 211 61.41 8.25 14.83
N ASP H 212 62.06 7.46 13.97
CA ASP H 212 63.27 7.89 13.32
C ASP H 212 63.00 8.99 12.31
N LEU H 213 61.90 8.89 11.57
CA LEU H 213 61.57 9.92 10.58
C LEU H 213 61.47 11.32 11.21
N GLY H 214 60.91 11.41 12.41
CA GLY H 214 60.78 12.66 13.15
C GLY H 214 62.09 13.24 13.67
N ILE H 215 63.18 12.44 13.63
CA ILE H 215 64.50 12.92 13.99
C ILE H 215 65.36 13.15 12.76
N GLU H 216 65.10 12.46 11.64
CA GLU H 216 65.81 12.62 10.38
C GLU H 216 65.37 13.82 9.57
N ILE H 217 64.08 14.20 9.70
CA ILE H 217 63.48 15.35 9.04
C ILE H 217 62.83 16.23 10.13
N PRO H 218 62.53 17.52 9.89
CA PRO H 218 61.89 18.35 10.92
C PRO H 218 60.59 17.73 11.40
N ALA H 219 60.38 17.70 12.71
CA ALA H 219 59.21 17.10 13.34
C ALA H 219 57.88 17.57 12.75
N GLU H 220 57.79 18.87 12.43
CA GLU H 220 56.59 19.46 11.86
C GLU H 220 56.30 19.02 10.43
N LYS H 221 57.21 18.28 9.77
CA LYS H 221 57.02 17.78 8.40
C LYS H 221 56.62 16.30 8.35
N VAL H 222 56.66 15.57 9.47
CA VAL H 222 56.33 14.15 9.48
C VAL H 222 54.89 13.87 8.97
N PHE H 223 53.92 14.70 9.34
CA PHE H 223 52.55 14.49 8.88
C PHE H 223 52.42 14.55 7.33
N LEU H 224 53.28 15.37 6.68
CA LEU H 224 53.26 15.47 5.24
C LEU H 224 53.77 14.15 4.63
N ALA H 225 54.84 13.59 5.22
CA ALA H 225 55.42 12.32 4.74
C ALA H 225 54.40 11.19 4.97
N GLN H 226 53.73 11.16 6.13
CA GLN H 226 52.74 10.14 6.44
C GLN H 226 51.58 10.17 5.41
N LYS H 227 50.96 11.36 5.21
CA LYS H 227 49.84 11.50 4.30
C LYS H 227 50.21 11.20 2.85
N MET H 228 51.42 11.61 2.41
CA MET H 228 51.90 11.33 1.07
C MET H 228 52.07 9.82 0.88
N MET H 229 52.73 9.13 1.85
CA MET H 229 52.99 7.70 1.73
C MET H 229 51.74 6.86 1.81
N ILE H 230 50.81 7.23 2.67
CA ILE H 230 49.54 6.52 2.76
C ILE H 230 48.77 6.66 1.45
N GLY H 231 48.65 7.91 0.93
CA GLY H 231 48.01 8.17 -0.35
C GLY H 231 48.59 7.37 -1.49
N ARG H 232 49.94 7.34 -1.61
CA ARG H 232 50.61 6.60 -2.70
C ARG H 232 50.43 5.10 -2.56
N CYS H 233 50.42 4.58 -1.33
CA CYS H 233 50.21 3.16 -1.10
C CYS H 233 48.77 2.78 -1.45
N ASN H 234 47.80 3.64 -1.12
CA ASN H 234 46.40 3.41 -1.44
C ASN H 234 46.20 3.37 -2.97
N LEU H 235 46.87 4.28 -3.67
CA LEU H 235 46.82 4.34 -5.11
C LEU H 235 47.45 3.07 -5.71
N ALA H 236 48.59 2.61 -5.14
CA ALA H 236 49.26 1.39 -5.61
C ALA H 236 48.59 0.07 -5.19
N GLY H 237 47.67 0.14 -4.23
CA GLY H 237 47.01 -1.05 -3.70
C GLY H 237 47.94 -1.88 -2.85
N LYS H 238 48.86 -1.22 -2.12
CA LYS H 238 49.82 -1.94 -1.26
C LYS H 238 49.65 -1.56 0.18
N PRO H 239 49.78 -2.50 1.11
CA PRO H 239 49.60 -2.14 2.54
C PRO H 239 50.51 -1.02 3.06
N VAL H 240 49.96 -0.16 3.91
CA VAL H 240 50.72 0.88 4.57
C VAL H 240 50.41 0.85 6.05
N VAL H 241 51.47 0.88 6.87
CA VAL H 241 51.37 0.84 8.33
C VAL H 241 51.72 2.21 8.91
N CYS H 242 50.88 2.73 9.84
CA CYS H 242 51.24 3.95 10.53
C CYS H 242 51.82 3.50 11.88
N ALA H 243 53.02 3.99 12.20
CA ALA H 243 53.71 3.54 13.39
C ALA H 243 54.29 4.65 14.24
N THR H 244 54.49 4.34 15.55
CA THR H 244 55.23 5.03 16.60
C THR H 244 54.49 6.19 17.30
N GLN H 245 54.44 6.09 18.65
CA GLN H 245 53.88 7.01 19.61
C GLN H 245 52.44 7.32 19.42
N MET H 246 51.68 6.40 18.82
CA MET H 246 50.25 6.62 18.58
C MET H 246 49.48 6.74 19.89
N LEU H 247 49.83 5.95 20.90
CA LEU H 247 49.19 6.02 22.23
C LEU H 247 50.30 6.01 23.31
N GLU H 248 51.41 6.72 23.06
CA GLU H 248 52.59 6.74 23.93
C GLU H 248 52.31 6.88 25.43
N SER H 249 51.45 7.83 25.82
CA SER H 249 51.11 8.04 27.21
C SER H 249 50.52 6.78 27.90
N MET H 250 49.91 5.85 27.15
CA MET H 250 49.37 4.59 27.71
C MET H 250 50.46 3.59 28.14
N ILE H 251 51.74 3.94 28.00
CA ILE H 251 52.80 3.11 28.55
C ILE H 251 52.68 3.12 30.11
N THR H 252 52.32 4.29 30.67
CA THR H 252 52.18 4.45 32.12
C THR H 252 50.78 4.85 32.57
N LYS H 253 49.94 5.43 31.66
CA LYS H 253 48.61 5.87 32.05
C LYS H 253 47.44 5.04 31.49
N PRO H 254 46.34 4.92 32.25
CA PRO H 254 45.21 4.08 31.83
C PRO H 254 44.38 4.59 30.64
N ARG H 255 44.44 5.90 30.38
CA ARG H 255 43.71 6.55 29.28
C ARG H 255 44.68 7.43 28.46
N PRO H 256 44.51 7.48 27.13
CA PRO H 256 45.41 8.28 26.31
C PRO H 256 45.07 9.79 26.32
N THR H 257 45.95 10.61 25.75
CA THR H 257 45.70 12.03 25.63
C THR H 257 44.76 12.30 24.43
N ARG H 258 44.19 13.50 24.34
CA ARG H 258 43.31 13.88 23.25
C ARG H 258 44.05 13.89 21.92
N ALA H 259 45.35 14.21 21.90
CA ALA H 259 46.16 14.17 20.69
C ALA H 259 46.37 12.73 20.19
N GLU H 260 46.49 11.78 21.11
CA GLU H 260 46.70 10.38 20.79
C GLU H 260 45.48 9.71 20.16
N THR H 261 44.28 9.93 20.70
CA THR H 261 43.08 9.37 20.08
C THR H 261 42.85 9.98 18.69
N SER H 262 43.12 11.27 18.56
CA SER H 262 43.00 12.01 17.34
C SER H 262 43.97 11.45 16.30
N ASP H 263 45.22 11.15 16.72
CA ASP H 263 46.26 10.60 15.86
C ASP H 263 45.84 9.25 15.30
N VAL H 264 45.28 8.36 16.15
CA VAL H 264 44.84 7.05 15.69
C VAL H 264 43.67 7.21 14.70
N ALA H 265 42.69 8.05 15.02
CA ALA H 265 41.54 8.27 14.13
C ALA H 265 41.98 8.85 12.79
N ASN H 266 42.90 9.82 12.81
CA ASN H 266 43.41 10.43 11.61
C ASN H 266 44.28 9.50 10.78
N ALA H 267 44.97 8.54 11.38
CA ALA H 267 45.77 7.57 10.61
C ALA H 267 44.80 6.69 9.77
N VAL H 268 43.68 6.25 10.37
CA VAL H 268 42.64 5.49 9.70
C VAL H 268 41.97 6.35 8.61
N LEU H 269 41.60 7.60 8.92
CA LEU H 269 40.99 8.48 7.96
C LEU H 269 41.96 8.82 6.82
N ASP H 270 43.28 8.85 7.06
CA ASP H 270 44.29 9.10 6.04
C ASP H 270 44.32 7.93 5.03
N GLY H 271 44.02 6.71 5.48
CA GLY H 271 44.00 5.54 4.62
C GLY H 271 44.91 4.41 5.05
N ALA H 272 45.44 4.46 6.29
CA ALA H 272 46.34 3.40 6.76
C ALA H 272 45.66 2.05 6.82
N ASP H 273 46.36 1.02 6.38
CA ASP H 273 45.84 -0.34 6.48
C ASP H 273 46.04 -0.86 7.90
N CYS H 274 47.18 -0.52 8.53
CA CYS H 274 47.53 -0.99 9.85
C CYS H 274 47.94 0.16 10.74
N ILE H 275 47.71 -0.01 12.03
CA ILE H 275 48.16 0.91 13.06
C ILE H 275 49.02 0.08 14.03
N MET H 276 50.07 0.69 14.60
CA MET H 276 51.01 -0.03 15.44
C MET H 276 51.11 0.47 16.86
N LEU H 277 51.49 -0.43 17.77
CA LEU H 277 51.78 -0.16 19.17
C LEU H 277 53.20 -0.69 19.41
N SER H 278 54.11 0.14 19.96
CA SER H 278 55.48 -0.27 20.24
C SER H 278 55.62 -0.46 21.75
N GLY H 279 56.10 0.56 22.48
CA GLY H 279 56.27 0.47 23.92
C GLY H 279 54.98 0.25 24.66
N GLU H 280 53.86 0.68 24.09
CA GLU H 280 52.51 0.54 24.67
C GLU H 280 52.18 -0.93 24.93
N THR H 281 52.68 -1.86 24.08
CA THR H 281 52.44 -3.29 24.30
C THR H 281 53.71 -4.04 24.73
N ALA H 282 54.89 -3.57 24.28
CA ALA H 282 56.13 -4.25 24.60
C ALA H 282 56.56 -4.09 26.05
N LYS H 283 56.49 -2.88 26.60
CA LYS H 283 56.99 -2.66 27.95
C LYS H 283 56.05 -1.92 28.91
N GLY H 284 54.93 -1.39 28.46
CA GLY H 284 54.08 -0.58 29.33
C GLY H 284 53.26 -1.38 30.31
N ASN H 285 52.42 -0.70 31.05
CA ASN H 285 51.56 -1.30 32.07
C ASN H 285 50.15 -1.60 31.58
N PHE H 286 49.78 -1.21 30.34
CA PHE H 286 48.42 -1.42 29.85
C PHE H 286 48.45 -2.04 28.45
N PRO H 287 49.18 -3.16 28.17
CA PRO H 287 49.23 -3.67 26.80
C PRO H 287 47.86 -4.04 26.22
N VAL H 288 46.98 -4.63 27.03
CA VAL H 288 45.67 -5.07 26.58
C VAL H 288 44.80 -3.86 26.37
N GLU H 289 44.85 -2.90 27.29
CA GLU H 289 44.06 -1.67 27.18
C GLU H 289 44.52 -0.88 25.95
N ALA H 290 45.83 -0.86 25.63
CA ALA H 290 46.32 -0.14 24.47
C ALA H 290 45.72 -0.72 23.18
N VAL H 291 45.59 -2.05 23.11
CA VAL H 291 44.97 -2.74 21.99
C VAL H 291 43.49 -2.41 21.94
N LYS H 292 42.80 -2.45 23.09
CA LYS H 292 41.37 -2.11 23.16
C LYS H 292 41.09 -0.67 22.73
N MET H 293 41.97 0.26 23.08
CA MET H 293 41.82 1.66 22.72
C MET H 293 41.95 1.84 21.22
N GLN H 294 42.97 1.22 20.60
CA GLN H 294 43.15 1.31 19.15
C GLN H 294 41.98 0.68 18.44
N HIS H 295 41.44 -0.43 18.96
CA HIS H 295 40.29 -1.12 18.37
C HIS H 295 39.07 -0.18 18.42
N ALA H 296 38.79 0.45 19.56
CA ALA H 296 37.65 1.33 19.72
C ALA H 296 37.71 2.54 18.80
N ILE H 297 38.88 3.19 18.71
CA ILE H 297 39.05 4.36 17.85
C ILE H 297 38.97 3.99 16.37
N ALA H 298 39.64 2.90 15.96
CA ALA H 298 39.61 2.49 14.55
C ALA H 298 38.19 2.19 14.08
N ARG H 299 37.35 1.54 14.91
CA ARG H 299 35.96 1.24 14.57
C ARG H 299 35.18 2.53 14.34
N GLU H 300 35.38 3.53 15.22
CA GLU H 300 34.71 4.81 15.08
C GLU H 300 35.15 5.52 13.80
N ALA H 301 36.48 5.53 13.55
CA ALA H 301 37.06 6.23 12.43
C ALA H 301 36.70 5.61 11.09
N GLU H 302 36.59 4.27 11.03
CA GLU H 302 36.20 3.60 9.80
C GLU H 302 34.77 3.94 9.36
N ALA H 303 33.84 4.07 10.31
CA ALA H 303 32.47 4.47 9.98
C ALA H 303 32.43 5.92 9.47
N ALA H 304 33.37 6.78 9.94
CA ALA H 304 33.45 8.19 9.54
C ALA H 304 34.19 8.39 8.19
N VAL H 305 34.66 7.32 7.53
CA VAL H 305 35.33 7.45 6.24
C VAL H 305 34.26 7.87 5.20
N TYR H 306 34.59 8.84 4.35
CA TYR H 306 33.67 9.33 3.33
C TYR H 306 33.83 8.47 2.08
N HIS H 307 33.22 7.26 2.10
CA HIS H 307 33.35 6.27 1.03
C HIS H 307 32.93 6.78 -0.34
N ARG H 308 31.93 7.68 -0.41
CA ARG H 308 31.48 8.22 -1.71
C ARG H 308 32.64 8.87 -2.48
N GLN H 309 33.46 9.69 -1.81
CA GLN H 309 34.59 10.31 -2.47
C GLN H 309 35.76 9.35 -2.62
N LEU H 310 36.02 8.58 -1.58
CA LEU H 310 37.12 7.62 -1.58
C LEU H 310 36.99 6.59 -2.72
N PHE H 311 35.82 5.96 -2.85
CA PHE H 311 35.59 4.96 -3.89
C PHE H 311 35.73 5.58 -5.28
N GLU H 312 35.11 6.76 -5.51
CA GLU H 312 35.20 7.47 -6.79
C GLU H 312 36.64 7.82 -7.14
N GLU H 313 37.42 8.33 -6.17
CA GLU H 313 38.82 8.68 -6.39
C GLU H 313 39.71 7.46 -6.63
N LEU H 314 39.48 6.35 -5.92
CA LEU H 314 40.25 5.13 -6.16
C LEU H 314 39.93 4.57 -7.55
N ARG H 315 38.64 4.59 -8.01
CA ARG H 315 38.38 4.09 -9.36
C ARG H 315 38.89 5.08 -10.42
N ARG H 316 38.80 6.40 -10.20
CA ARG H 316 39.31 7.39 -11.17
C ARG H 316 40.83 7.23 -11.32
N ALA H 317 41.56 7.09 -10.21
CA ALA H 317 43.01 6.98 -10.22
C ALA H 317 43.52 5.66 -10.74
N ALA H 318 42.76 4.58 -10.55
CA ALA H 318 43.20 3.26 -10.98
C ALA H 318 43.13 3.13 -12.50
N PRO H 319 44.18 2.60 -13.12
CA PRO H 319 44.15 2.44 -14.59
C PRO H 319 43.26 1.27 -15.03
N LEU H 320 42.93 1.22 -16.32
CA LEU H 320 42.18 0.10 -16.86
C LEU H 320 42.99 -1.19 -16.68
N SER H 321 42.30 -2.31 -16.53
CA SER H 321 42.99 -3.56 -16.27
C SER H 321 42.40 -4.68 -17.05
N ARG H 322 43.25 -5.57 -17.51
CA ARG H 322 42.80 -6.77 -18.20
C ARG H 322 42.95 -8.03 -17.30
N ASP H 323 43.22 -7.83 -15.99
CA ASP H 323 43.39 -8.94 -15.08
C ASP H 323 42.00 -9.24 -14.53
N PRO H 324 41.51 -10.47 -14.73
CA PRO H 324 40.16 -10.79 -14.26
C PRO H 324 39.96 -10.65 -12.76
N THR H 325 41.01 -10.83 -11.94
CA THR H 325 40.89 -10.68 -10.50
C THR H 325 40.59 -9.23 -10.17
N GLU H 326 41.32 -8.31 -10.81
CA GLU H 326 41.16 -6.86 -10.64
C GLU H 326 39.79 -6.40 -11.14
N VAL H 327 39.34 -6.92 -12.30
CA VAL H 327 38.04 -6.61 -12.84
C VAL H 327 36.91 -7.13 -11.94
N THR H 328 37.05 -8.36 -11.42
CA THR H 328 36.04 -8.93 -10.53
C THR H 328 35.97 -8.16 -9.23
N ALA H 329 37.13 -7.77 -8.67
CA ALA H 329 37.22 -7.02 -7.42
C ALA H 329 36.44 -5.69 -7.44
N ILE H 330 36.57 -4.90 -8.54
CA ILE H 330 35.85 -3.63 -8.60
C ILE H 330 34.33 -3.85 -8.81
N GLY H 331 33.97 -4.89 -9.57
CA GLY H 331 32.56 -5.24 -9.76
C GLY H 331 31.95 -5.68 -8.45
N ALA H 332 32.68 -6.49 -7.65
CA ALA H 332 32.21 -6.97 -6.35
C ALA H 332 32.06 -5.82 -5.33
N VAL H 333 32.99 -4.86 -5.32
CA VAL H 333 32.91 -3.73 -4.40
C VAL H 333 31.75 -2.83 -4.77
N GLU H 334 31.53 -2.62 -6.08
CA GLU H 334 30.39 -1.84 -6.57
C GLU H 334 29.09 -2.51 -6.16
N ALA H 335 29.00 -3.82 -6.32
CA ALA H 335 27.83 -4.62 -5.96
C ALA H 335 27.58 -4.56 -4.45
N ALA H 336 28.63 -4.65 -3.63
CA ALA H 336 28.52 -4.55 -2.18
C ALA H 336 27.93 -3.19 -1.72
N PHE H 337 28.40 -2.07 -2.32
CA PHE H 337 27.87 -0.75 -2.03
C PHE H 337 26.41 -0.62 -2.48
N LYS H 338 26.05 -1.20 -3.63
CA LYS H 338 24.70 -1.09 -4.15
C LYS H 338 23.64 -1.65 -3.20
N CYS H 339 23.97 -2.76 -2.51
CA CYS H 339 23.00 -3.41 -1.63
C CYS H 339 23.32 -3.29 -0.18
N CYS H 340 24.36 -2.49 0.24
CA CYS H 340 24.80 -2.42 1.64
C CYS H 340 25.13 -3.82 2.16
N ALA H 341 25.87 -4.62 1.35
CA ALA H 341 26.22 -6.00 1.70
C ALA H 341 26.93 -6.03 3.06
N ALA H 342 26.60 -7.02 3.91
CA ALA H 342 27.26 -7.19 5.20
C ALA H 342 28.75 -7.62 5.00
N ALA H 343 29.03 -8.33 3.91
CA ALA H 343 30.39 -8.84 3.65
C ALA H 343 30.56 -9.22 2.18
N ILE H 344 31.83 -9.37 1.77
CA ILE H 344 32.29 -9.93 0.52
C ILE H 344 33.10 -11.17 0.98
N ILE H 345 32.64 -12.37 0.67
CA ILE H 345 33.32 -13.59 1.04
C ILE H 345 34.17 -14.01 -0.14
N VAL H 346 35.49 -14.10 0.02
CA VAL H 346 36.39 -14.42 -1.08
C VAL H 346 37.25 -15.66 -0.75
N LEU H 347 37.46 -16.51 -1.75
CA LEU H 347 38.33 -17.68 -1.61
C LEU H 347 39.68 -17.22 -2.11
N THR H 348 40.72 -17.47 -1.33
CA THR H 348 42.07 -17.04 -1.76
C THR H 348 43.12 -18.06 -1.35
N THR H 349 44.17 -18.22 -2.16
CA THR H 349 45.25 -19.13 -1.87
C THR H 349 46.46 -18.31 -1.36
N THR H 350 46.78 -17.21 -2.03
CA THR H 350 47.89 -16.33 -1.70
C THR H 350 47.46 -15.07 -0.95
N GLY H 351 46.17 -14.77 -0.92
CA GLY H 351 45.63 -13.56 -0.33
C GLY H 351 45.39 -12.45 -1.35
N ARG H 352 45.89 -12.62 -2.59
CA ARG H 352 45.80 -11.59 -3.61
C ARG H 352 44.39 -11.15 -3.98
N SER H 353 43.44 -12.09 -4.11
CA SER H 353 42.05 -11.72 -4.42
C SER H 353 41.44 -10.85 -3.33
N ALA H 354 41.79 -11.11 -2.06
CA ALA H 354 41.29 -10.33 -0.95
C ALA H 354 41.94 -8.93 -0.97
N GLN H 355 43.23 -8.84 -1.31
CA GLN H 355 43.98 -7.59 -1.38
C GLN H 355 43.41 -6.67 -2.47
N LEU H 356 43.05 -7.23 -3.65
CA LEU H 356 42.47 -6.41 -4.70
C LEU H 356 41.08 -5.91 -4.32
N LEU H 357 40.33 -6.66 -3.49
CA LEU H 357 39.04 -6.20 -3.01
C LEU H 357 39.27 -5.01 -2.04
N SER H 358 40.21 -5.19 -1.10
CA SER H 358 40.62 -4.26 -0.07
C SER H 358 41.07 -2.89 -0.62
N ARG H 359 41.74 -2.86 -1.79
CA ARG H 359 42.22 -1.61 -2.37
C ARG H 359 41.07 -0.65 -2.77
N TYR H 360 39.84 -1.17 -2.98
CA TYR H 360 38.70 -0.28 -3.29
C TYR H 360 37.97 0.21 -2.04
N ARG H 361 38.46 -0.16 -0.85
CA ARG H 361 37.93 0.25 0.44
C ARG H 361 36.43 0.04 0.59
N PRO H 362 35.94 -1.20 0.44
CA PRO H 362 34.51 -1.43 0.63
C PRO H 362 34.09 -1.20 2.06
N ARG H 363 32.83 -0.82 2.25
CA ARG H 363 32.29 -0.73 3.58
C ARG H 363 32.05 -2.17 4.12
N ALA H 364 31.71 -3.13 3.25
CA ALA H 364 31.46 -4.52 3.61
C ALA H 364 32.75 -5.18 4.06
N ALA H 365 32.67 -6.08 5.04
CA ALA H 365 33.86 -6.80 5.51
C ALA H 365 34.32 -7.78 4.43
N VAL H 366 35.63 -7.93 4.22
CA VAL H 366 36.13 -8.92 3.23
C VAL H 366 36.51 -10.18 4.00
N ILE H 367 35.64 -11.18 4.03
CA ILE H 367 35.92 -12.42 4.73
C ILE H 367 36.71 -13.33 3.80
N ALA H 368 38.00 -13.52 4.08
CA ALA H 368 38.86 -14.30 3.20
C ALA H 368 39.03 -15.72 3.71
N VAL H 369 38.55 -16.70 2.95
CA VAL H 369 38.64 -18.09 3.32
C VAL H 369 39.80 -18.73 2.60
N THR H 370 40.76 -19.22 3.38
CA THR H 370 41.96 -19.80 2.80
C THR H 370 42.38 -21.06 3.52
N ARG H 371 43.07 -21.96 2.80
CA ARG H 371 43.70 -23.14 3.38
C ARG H 371 45.16 -22.84 3.77
N SER H 372 45.75 -21.75 3.25
CA SER H 372 47.13 -21.41 3.55
C SER H 372 47.18 -20.66 4.88
N ALA H 373 47.82 -21.26 5.90
CA ALA H 373 47.99 -20.64 7.20
C ALA H 373 48.80 -19.34 7.06
N GLN H 374 49.84 -19.33 6.22
CA GLN H 374 50.62 -18.14 5.97
C GLN H 374 49.81 -17.02 5.31
N ALA H 375 48.97 -17.32 4.31
CA ALA H 375 48.15 -16.29 3.67
C ALA H 375 47.16 -15.73 4.66
N ALA H 376 46.55 -16.57 5.49
CA ALA H 376 45.59 -16.12 6.51
C ALA H 376 46.26 -15.12 7.47
N ARG H 377 47.55 -15.35 7.80
CA ARG H 377 48.28 -14.44 8.64
C ARG H 377 48.63 -13.15 7.91
N GLN H 378 49.15 -13.27 6.69
CA GLN H 378 49.59 -12.12 5.91
C GLN H 378 48.48 -11.17 5.44
N VAL H 379 47.25 -11.65 5.24
CA VAL H 379 46.18 -10.77 4.77
C VAL H 379 45.74 -9.74 5.80
N HIS H 380 46.23 -9.84 7.05
CA HIS H 380 46.01 -8.84 8.09
C HIS H 380 46.66 -7.50 7.68
N LEU H 381 47.62 -7.49 6.75
CA LEU H 381 48.22 -6.27 6.25
C LEU H 381 47.23 -5.43 5.43
N CYS H 382 46.16 -6.05 4.87
CA CYS H 382 45.19 -5.37 4.03
C CYS H 382 43.98 -5.00 4.79
N ARG H 383 43.67 -3.69 4.85
CA ARG H 383 42.50 -3.21 5.57
C ARG H 383 41.20 -3.89 5.15
N GLY H 384 40.43 -4.29 6.13
CA GLY H 384 39.12 -4.87 5.92
C GLY H 384 39.10 -6.32 5.55
N VAL H 385 40.26 -7.00 5.62
CA VAL H 385 40.30 -8.42 5.31
C VAL H 385 40.30 -9.21 6.61
N PHE H 386 39.30 -10.06 6.81
CA PHE H 386 39.14 -10.90 7.98
C PHE H 386 39.43 -12.32 7.56
N PRO H 387 40.61 -12.84 7.90
CA PRO H 387 40.98 -14.17 7.42
C PRO H 387 40.39 -15.33 8.22
N LEU H 388 39.95 -16.37 7.54
CA LEU H 388 39.44 -17.58 8.15
C LEU H 388 40.30 -18.72 7.61
N LEU H 389 40.94 -19.47 8.51
CA LEU H 389 41.75 -20.60 8.09
C LEU H 389 40.83 -21.83 8.00
N TYR H 390 40.73 -22.42 6.81
CA TYR H 390 39.90 -23.59 6.55
C TYR H 390 40.78 -24.80 6.66
N ARG H 391 40.43 -25.75 7.54
CA ARG H 391 41.33 -26.87 7.79
C ARG H 391 40.93 -28.19 7.15
N GLU H 392 39.74 -28.28 6.56
CA GLU H 392 39.31 -29.51 5.92
C GLU H 392 40.07 -29.86 4.65
N PRO H 393 40.34 -31.16 4.42
CA PRO H 393 41.02 -31.54 3.17
C PRO H 393 40.06 -31.29 1.98
N PRO H 394 40.61 -30.98 0.80
CA PRO H 394 39.76 -30.73 -0.37
C PRO H 394 38.78 -31.85 -0.71
N GLU H 395 37.51 -31.53 -0.98
CA GLU H 395 36.44 -32.41 -1.39
C GLU H 395 36.79 -33.04 -2.76
N ALA H 396 36.15 -34.16 -3.11
CA ALA H 396 36.38 -34.81 -4.40
C ALA H 396 35.84 -33.93 -5.52
N ILE H 397 34.66 -33.33 -5.31
CA ILE H 397 34.06 -32.45 -6.29
C ILE H 397 34.45 -31.00 -5.98
N TRP H 398 35.19 -30.35 -6.89
CA TRP H 398 35.70 -29.00 -6.65
C TRP H 398 34.61 -27.96 -6.38
N ALA H 399 33.47 -28.07 -7.06
CA ALA H 399 32.35 -27.17 -6.80
C ALA H 399 31.84 -27.30 -5.37
N ASP H 400 31.80 -28.52 -4.82
CA ASP H 400 31.37 -28.77 -3.44
C ASP H 400 32.39 -28.23 -2.47
N ASP H 401 33.69 -28.36 -2.77
CA ASP H 401 34.74 -27.84 -1.91
C ASP H 401 34.62 -26.28 -1.86
N VAL H 402 34.31 -25.64 -2.98
CA VAL H 402 34.08 -24.20 -3.00
C VAL H 402 32.88 -23.83 -2.14
N ASP H 403 31.73 -24.51 -2.32
CA ASP H 403 30.53 -24.22 -1.56
C ASP H 403 30.74 -24.42 -0.07
N ARG H 404 31.52 -25.44 0.31
CA ARG H 404 31.83 -25.71 1.71
C ARG H 404 32.63 -24.59 2.33
N ARG H 405 33.62 -24.05 1.61
CA ARG H 405 34.41 -22.93 2.12
C ARG H 405 33.59 -21.67 2.26
N VAL H 406 32.67 -21.44 1.30
CA VAL H 406 31.73 -20.31 1.33
C VAL H 406 30.81 -20.44 2.56
N GLN H 407 30.26 -21.63 2.82
CA GLN H 407 29.42 -21.86 4.00
C GLN H 407 30.23 -21.72 5.27
N PHE H 408 31.51 -22.13 5.26
CA PHE H 408 32.38 -21.91 6.39
C PHE H 408 32.51 -20.41 6.70
N GLY H 409 32.69 -19.57 5.67
CA GLY H 409 32.75 -18.13 5.82
C GLY H 409 31.45 -17.54 6.36
N ILE H 410 30.28 -18.07 5.91
CA ILE H 410 28.98 -17.62 6.39
C ILE H 410 28.75 -18.00 7.87
N GLU H 411 29.05 -19.25 8.23
CA GLU H 411 28.88 -19.70 9.60
C GLU H 411 29.81 -18.97 10.57
N SER H 412 31.07 -18.71 10.17
CA SER H 412 32.00 -17.91 10.99
C SER H 412 31.46 -16.47 11.14
N GLY H 413 30.92 -15.92 10.07
CA GLY H 413 30.37 -14.59 10.07
C GLY H 413 29.21 -14.47 11.03
N LYS H 414 28.30 -15.47 11.00
CA LYS H 414 27.12 -15.50 11.86
C LYS H 414 27.54 -15.61 13.32
N LEU H 415 28.49 -16.52 13.62
CA LEU H 415 28.98 -16.71 14.99
C LEU H 415 29.62 -15.44 15.56
N ARG H 416 30.43 -14.75 14.73
CA ARG H 416 31.16 -13.56 15.15
C ARG H 416 30.37 -12.27 15.11
N GLY H 417 29.14 -12.28 14.61
CA GLY H 417 28.33 -11.09 14.54
C GLY H 417 28.39 -10.29 13.24
N PHE H 418 29.22 -10.72 12.25
CA PHE H 418 29.31 -10.05 10.96
C PHE H 418 27.98 -10.16 10.17
N LEU H 419 27.32 -11.33 10.20
CA LEU H 419 26.16 -11.65 9.36
C LEU H 419 24.99 -12.14 10.15
N ARG H 420 23.81 -11.99 9.58
CA ARG H 420 22.57 -12.44 10.18
C ARG H 420 21.65 -12.84 9.04
N VAL H 421 20.69 -13.74 9.29
CA VAL H 421 19.70 -14.20 8.30
C VAL H 421 19.01 -12.99 7.67
N GLY H 422 18.93 -12.97 6.35
CA GLY H 422 18.35 -11.84 5.64
C GLY H 422 19.38 -10.93 5.02
N ASP H 423 20.63 -11.00 5.46
CA ASP H 423 21.70 -10.16 4.90
C ASP H 423 22.04 -10.56 3.46
N LEU H 424 22.59 -9.62 2.69
CA LEU H 424 23.10 -9.92 1.36
C LEU H 424 24.65 -9.94 1.47
N VAL H 425 25.30 -10.89 0.83
CA VAL H 425 26.77 -10.94 0.77
C VAL H 425 27.14 -11.12 -0.70
N ILE H 426 28.34 -10.70 -1.03
CA ILE H 426 28.90 -10.89 -2.34
C ILE H 426 29.92 -12.02 -2.20
N VAL H 427 29.89 -13.03 -3.06
CA VAL H 427 30.83 -14.15 -2.99
C VAL H 427 31.77 -14.08 -4.19
N VAL H 428 33.09 -14.13 -3.95
CA VAL H 428 34.08 -14.02 -5.00
C VAL H 428 34.88 -15.30 -5.10
N THR H 429 34.84 -15.94 -6.29
CA THR H 429 35.53 -17.20 -6.56
C THR H 429 36.22 -17.14 -7.97
N GLY H 430 36.90 -18.20 -8.33
CA GLY H 430 37.53 -18.36 -9.62
C GLY H 430 36.86 -19.50 -10.39
N TRP H 431 37.32 -19.75 -11.62
CA TRP H 431 36.72 -20.75 -12.48
C TRP H 431 37.43 -22.11 -12.43
N ARG H 432 38.62 -22.19 -11.82
CA ARG H 432 39.36 -23.43 -11.69
C ARG H 432 40.17 -23.39 -10.38
N PRO H 433 40.56 -24.55 -9.84
CA PRO H 433 41.42 -24.54 -8.65
C PRO H 433 42.78 -23.89 -8.94
N GLY H 434 43.47 -23.50 -7.88
CA GLY H 434 44.77 -22.88 -7.98
C GLY H 434 44.64 -21.37 -7.99
N SER H 435 45.70 -20.71 -7.54
CA SER H 435 45.82 -19.27 -7.41
C SER H 435 45.83 -18.58 -8.77
N GLY H 436 45.29 -17.37 -8.83
CA GLY H 436 45.29 -16.51 -10.01
C GLY H 436 44.14 -16.57 -10.98
N TYR H 437 43.08 -17.32 -10.65
CA TYR H 437 41.95 -17.49 -11.55
C TYR H 437 40.63 -16.92 -11.06
N THR H 438 40.65 -15.96 -10.08
CA THR H 438 39.43 -15.33 -9.63
C THR H 438 38.77 -14.59 -10.81
N ASN H 439 37.48 -14.78 -11.02
CA ASN H 439 36.76 -14.16 -12.13
C ASN H 439 35.25 -14.16 -11.90
N ILE H 440 34.74 -14.60 -10.74
CA ILE H 440 33.29 -14.66 -10.52
C ILE H 440 32.88 -13.89 -9.29
N MET H 441 31.76 -13.17 -9.38
CA MET H 441 31.13 -12.56 -8.23
C MET H 441 29.63 -12.98 -8.22
N ARG H 442 29.13 -13.43 -7.04
CA ARG H 442 27.73 -13.85 -6.88
CA ARG H 442 27.73 -13.80 -6.94
C ARG H 442 27.05 -13.08 -5.78
N VAL H 443 25.76 -12.74 -5.96
CA VAL H 443 24.98 -12.06 -4.91
C VAL H 443 24.22 -13.16 -4.18
N LEU H 444 24.43 -13.29 -2.88
CA LEU H 444 23.86 -14.37 -2.09
C LEU H 444 23.03 -13.84 -0.92
N SER H 445 21.88 -14.44 -0.66
CA SER H 445 21.04 -14.04 0.46
C SER H 445 21.33 -15.01 1.62
N ILE H 446 21.55 -14.48 2.82
CA ILE H 446 21.87 -15.32 3.98
C ILE H 446 20.64 -15.99 4.54
N SER H 447 20.63 -17.32 4.55
CA SER H 447 19.51 -18.09 5.08
C SER H 447 19.88 -18.77 6.44
#